data_5Y5S
#
_entry.id   5Y5S
#
_cell.length_a   145.280
_cell.length_b   143.810
_cell.length_c   210.280
_cell.angle_alpha   90.000
_cell.angle_beta   90.740
_cell.angle_gamma   90.000
#
_symmetry.space_group_name_H-M   'C 1 2 1'
#
loop_
_entity.id
_entity.type
_entity.pdbx_description
1 polymer 'Photosynthetic reaction center cytochrome c subunit'
2 polymer 'Photosynthetic reaction center L subunit'
3 polymer 'Photosynthetic reaction center M subunit'
4 polymer 'Photosynthetic reaction center H subunit'
5 polymer 'LH1 alpha polypeptide'
6 polymer 'LH1 beta polypeptide'
7 non-polymer 'HEME C'
8 non-polymer 'MAGNESIUM ION'
9 non-polymer GLYCEROL
10 non-polymer 'SULFATE ION'
11 non-polymer 1,2-DIPALMITOYL-PHOSPHATIDYL-GLYCEROLE
12 non-polymer '(1R)-2-{[{[(2S)-2,3-DIHYDROXYPROPYL]OXY}(HYDROXY)PHOSPHORYL]OXY}-1-[(PALMITOYLOXY)METHYL]ETHYL (11E)-OCTADEC-11-ENOATE'
13 non-polymer 'BACTERIOCHLOROPHYLL A'
14 non-polymer 'BACTERIOPHEOPHYTIN A'
15 non-polymer Ubiquinone-8
16 non-polymer 'UNKNOWN LIGAND'
17 non-polymer 'FE (III) ION'
18 non-polymer 'MENAQUINONE 8'
19 non-polymer SPIRILLOXANTHIN
20 non-polymer DI-PALMITOYL-3-SN-PHOSPHATIDYLETHANOLAMINE
21 non-polymer 'LAURYL DIMETHYLAMINE-N-OXIDE'
22 non-polymer CARDIOLIPIN
23 non-polymer DODECYL-BETA-D-MALTOSIDE
24 non-polymer 'CALCIUM ION'
25 water water
#
loop_
_entity_poly.entity_id
_entity_poly.type
_entity_poly.pdbx_seq_one_letter_code
_entity_poly.pdbx_strand_id
1 'polypeptide(L)'
;MSPAQQLTLPAVIVVASVMLLGCEGPPPGTEQIGYRGVGMENYYNKRQRALSIQANQPVESLPAADSTGPKASEVYQNVQ
VLKDLSVGEFTRTMVAVTTWVSPKEGCNYCHVPGNWASDDIYTKVVSRRMFELVRAANSDWKAHVAETGVTCYTCHRGNP
VPKYAWVTDPGPKYPSGLKPTGQNYGSKTVAYASLPFDPLTPFLDQANEIRITGNAALAGSNPASLKQAEWTFGLMMNIS
DSLGVGCTFCHNTRAFNDWTQSTPKRTTAWYAIRHVRDINQNYIWPLNDVLPASRKGPYGDPLRVSCMTCHQAVNKPLYG
AQMAKDYPGLYKTAVTQEALAGSAPASEAAPAAATEAAPEAPAQEVPAAEAVPAAAEPGAAEAAGSVEPAPVEEVAPAPA
AQRL
;
C
2 'polypeptide(L)'
;MAMLSFEKKYRVRGGTLIGGDLFDFWVGPFYVGFFGVVGFCFTLLGVLLIVWGATIGPTGPTSDLQTYNLWRISIAPPDL
SYGLRMAPLTEGGLWQIITICAAGAFISWALREVEICRKLGIGFHVPFAFSFAIGAYLVLVFVRPLLMGAWGHGFPYGIL
SHLDWVSNVGYQFLHFHYNPAHMLAISFFFTNCLALSMHGSLILSVTNPQKGEPVKTSEHENTFFRDIVGYSIGALAIHR
LGLFLALSAAFWSAVCILISGPFWTRGWPEWWNWWLELPLW
;
L
3 'polypeptide(L)'
;MPEYQNIFTAVQVRAPAYPGVPLPKGNLPRIGRPIFSYWLGKIGDAQIGPIYLGLTGTLSIFFGLVAISIIGFNMLASVH
WDVFQFLKHFFWLGLEPPPPQYGLRIPPLSEGGWWLMAGLFLTLSILLWWVRTYKRAEALGMSQHLSWAFAAAIFFYLVL
GFIRPVMMGSWAKAVPFGIFPHLDWTAAFSIRYGNLYYNPFHMLSIAFLYGSALLFAMHGATILSVSRFGGDREIDQITH
RGTAAERAALFWRWTMGFNVTMESIHRWAWWCAVLTVITAGIGILLSGTVVDNWYLWAVKHGMAPAYPEVVTAVNPYETA
AEVMQ
;
M
4 'polypeptide(L)'
;MSAGITHYIDAAQITIWAFWLFFFGLIIYLRREDKREGYPLDSDRTERSGGRVKVVGFPDLPDPKTFVLPHNGGTVVAPR
VEAPVAVNATPFSPAPGSPLVPNGDPMLSGFGPAASPDRPKHCDLTFEGLPKIVPMRVAKEFSIAEGDPDPRGMTVVGLD
GEVAGTVSDVWVDRSEPQIRYLEVEVAANKKKVLLPIGFSRFDKKARKVKVDAIKAAHFANVPTLSNPDQVTLYEEDKVC
AYYAGGKLYATAERAGPLL
;
H
5 'polypeptide(L)' MFTMNANLYKIWLILDPRRVLVSIVAFQIVLGLLIHMIVLSTDLNWLDDNIPVSYQALGKK A,D,F,I,K,O,Q,S,U,W,Y,1,3,5,7,9
6 'polypeptide(L)' MAEQKSLTGLTDDEAKEFHAIFMQSMYAWFGLVVIAHLLAWLYRPWL B,E,G,J,N,P,R,T,V,X,Z,2,4,6,8,0
#
# COMPACT_ATOMS: atom_id res chain seq x y z
N CYS A 23 6.34 11.61 -20.53
CA CYS A 23 6.62 12.58 -19.49
C CYS A 23 6.35 14.01 -19.94
N GLU A 24 5.75 14.82 -19.08
CA GLU A 24 5.58 16.24 -19.35
C GLU A 24 6.24 17.07 -18.26
N GLY A 25 6.41 18.36 -18.52
CA GLY A 25 7.05 19.25 -17.59
C GLY A 25 6.10 20.27 -17.00
N PRO A 26 6.30 20.61 -15.71
CA PRO A 26 5.44 21.60 -15.06
C PRO A 26 5.83 23.01 -15.50
N PRO A 27 4.91 23.98 -15.36
CA PRO A 27 3.58 23.76 -14.80
C PRO A 27 2.53 23.46 -15.87
N PRO A 28 1.51 22.68 -15.51
CA PRO A 28 0.37 22.49 -16.41
C PRO A 28 -0.58 23.68 -16.33
N GLY A 29 -1.40 23.82 -17.37
CA GLY A 29 -2.56 24.68 -17.25
C GLY A 29 -3.60 24.03 -16.36
N THR A 30 -4.34 24.86 -15.61
CA THR A 30 -5.31 24.33 -14.66
C THR A 30 -6.62 25.10 -14.74
N GLU A 31 -7.72 24.42 -14.44
CA GLU A 31 -9.01 25.11 -14.30
C GLU A 31 -9.78 24.46 -13.17
N GLN A 32 -10.40 25.28 -12.34
CA GLN A 32 -11.28 24.80 -11.28
C GLN A 32 -12.69 24.60 -11.86
N ILE A 33 -13.29 23.44 -11.62
CA ILE A 33 -14.63 23.10 -12.12
C ILE A 33 -15.68 23.12 -11.00
N GLY A 34 -15.37 22.46 -9.88
CA GLY A 34 -16.30 22.32 -8.79
C GLY A 34 -15.97 23.22 -7.62
N TYR A 35 -16.59 22.92 -6.48
CA TYR A 35 -16.35 23.67 -5.25
C TYR A 35 -14.94 23.37 -4.70
N ARG A 36 -14.34 24.37 -4.06
CA ARG A 36 -12.98 24.24 -3.55
C ARG A 36 -12.86 23.02 -2.64
N GLY A 37 -11.81 22.24 -2.86
CA GLY A 37 -11.56 21.01 -2.11
C GLY A 37 -12.28 19.78 -2.62
N VAL A 38 -13.28 19.92 -3.48
CA VAL A 38 -13.96 18.73 -4.00
C VAL A 38 -13.08 18.02 -5.01
N GLY A 39 -12.07 18.70 -5.54
CA GLY A 39 -11.14 18.04 -6.45
C GLY A 39 -11.60 17.97 -7.89
N MET A 40 -12.68 18.64 -8.24
CA MET A 40 -13.09 18.73 -9.64
C MET A 40 -12.28 19.84 -10.29
N GLU A 41 -11.23 19.43 -10.99
CA GLU A 41 -10.23 20.33 -11.59
C GLU A 41 -9.80 19.71 -12.90
N ASN A 42 -9.43 20.55 -13.85
CA ASN A 42 -8.89 20.08 -15.12
C ASN A 42 -7.42 20.45 -15.23
N TYR A 43 -6.57 19.55 -15.75
CA TYR A 43 -5.19 19.89 -16.05
C TYR A 43 -4.90 19.63 -17.51
N TYR A 44 -4.11 20.51 -18.13
CA TYR A 44 -3.72 20.30 -19.52
C TYR A 44 -2.29 20.79 -19.74
N ASN A 45 -1.69 20.30 -20.81
CA ASN A 45 -0.35 20.70 -21.22
C ASN A 45 -0.44 21.97 -22.06
N LYS A 46 0.24 23.04 -21.63
CA LYS A 46 0.08 24.32 -22.31
C LYS A 46 0.62 24.29 -23.73
N ARG A 47 1.79 23.65 -23.93
CA ARG A 47 2.39 23.64 -25.26
C ARG A 47 1.56 22.80 -26.23
N GLN A 48 0.99 21.68 -25.77
CA GLN A 48 0.12 20.91 -26.64
C GLN A 48 -1.18 21.64 -26.93
N ARG A 49 -1.71 22.40 -25.95
CA ARG A 49 -2.92 23.17 -26.22
C ARG A 49 -2.68 24.19 -27.32
N ALA A 50 -1.56 24.92 -27.27
CA ALA A 50 -1.30 25.96 -28.27
C ALA A 50 -1.15 25.36 -29.66
N LEU A 51 -0.46 24.22 -29.77
CA LEU A 51 -0.31 23.53 -31.05
C LEU A 51 -1.63 22.91 -31.53
N SER A 52 -2.49 22.50 -30.60
CA SER A 52 -3.81 22.00 -30.99
C SER A 52 -4.64 23.13 -31.59
N ILE A 53 -4.60 24.31 -30.96
CA ILE A 53 -5.33 25.47 -31.46
C ILE A 53 -4.89 25.81 -32.88
N GLN A 54 -3.58 25.75 -33.15
CA GLN A 54 -3.09 25.98 -34.49
C GLN A 54 -3.60 24.91 -35.46
N ALA A 55 -3.70 23.67 -35.00
CA ALA A 55 -4.14 22.58 -35.85
C ALA A 55 -5.66 22.49 -35.97
N ASN A 56 -6.40 23.36 -35.31
CA ASN A 56 -7.85 23.38 -35.36
C ASN A 56 -8.35 24.75 -35.77
N GLN A 57 -7.69 25.32 -36.77
CA GLN A 57 -8.05 26.62 -37.32
C GLN A 57 -9.26 26.48 -38.24
N PRO A 58 -10.21 27.41 -38.17
CA PRO A 58 -11.34 27.41 -39.12
C PRO A 58 -11.04 28.24 -40.35
N VAL A 59 -11.46 27.73 -41.51
CA VAL A 59 -11.22 28.45 -42.76
C VAL A 59 -12.09 29.70 -42.79
N GLU A 60 -11.48 30.83 -43.15
CA GLU A 60 -12.18 32.11 -43.17
C GLU A 60 -13.40 32.04 -44.10
N SER A 61 -14.51 32.64 -43.64
CA SER A 61 -15.74 32.60 -44.41
C SER A 61 -15.60 33.38 -45.70
N LEU A 62 -16.30 32.91 -46.74
CA LEU A 62 -16.31 33.60 -48.03
C LEU A 62 -16.97 34.96 -47.89
N PRO A 63 -16.62 35.92 -48.75
CA PRO A 63 -17.34 37.20 -48.75
C PRO A 63 -18.84 37.00 -48.94
N ALA A 64 -19.62 37.88 -48.32
CA ALA A 64 -21.07 37.81 -48.46
C ALA A 64 -21.46 37.94 -49.93
N ALA A 65 -22.51 37.25 -50.31
CA ALA A 65 -22.98 37.24 -51.69
C ALA A 65 -24.25 38.07 -51.82
N ASP A 66 -24.59 38.38 -53.07
CA ASP A 66 -25.85 39.04 -53.37
C ASP A 66 -27.01 38.12 -53.01
N SER A 67 -27.90 38.61 -52.16
CA SER A 67 -29.01 37.80 -51.65
C SER A 67 -30.32 38.07 -52.38
N THR A 68 -30.27 38.63 -53.58
CA THR A 68 -31.46 39.04 -54.31
C THR A 68 -31.61 38.22 -55.60
N GLY A 69 -32.63 38.57 -56.39
CA GLY A 69 -32.90 37.88 -57.63
C GLY A 69 -33.73 36.63 -57.43
N PRO A 70 -33.88 35.83 -58.48
CA PRO A 70 -34.68 34.61 -58.37
C PRO A 70 -34.03 33.59 -57.42
N LYS A 71 -34.90 32.81 -56.78
CA LYS A 71 -34.45 31.75 -55.89
C LYS A 71 -33.90 30.58 -56.70
N ALA A 72 -32.99 29.83 -56.08
CA ALA A 72 -32.43 28.64 -56.72
C ALA A 72 -33.52 27.64 -57.08
N SER A 73 -34.61 27.62 -56.32
CA SER A 73 -35.72 26.71 -56.58
C SER A 73 -36.30 26.91 -57.97
N GLU A 74 -36.20 28.12 -58.50
CA GLU A 74 -36.80 28.46 -59.79
C GLU A 74 -35.77 28.72 -60.88
N VAL A 75 -34.48 28.68 -60.56
CA VAL A 75 -33.43 28.91 -61.55
C VAL A 75 -32.77 27.60 -61.99
N TYR A 76 -32.58 26.67 -61.07
CA TYR A 76 -31.90 25.42 -61.37
C TYR A 76 -32.90 24.29 -61.62
N GLN A 77 -32.39 23.17 -62.12
CA GLN A 77 -33.21 22.07 -62.61
C GLN A 77 -33.52 21.01 -61.55
N ASN A 78 -32.61 20.75 -60.62
CA ASN A 78 -32.78 19.64 -59.69
C ASN A 78 -32.25 20.01 -58.30
N VAL A 79 -32.65 21.18 -57.81
CA VAL A 79 -32.33 21.60 -56.46
C VAL A 79 -33.46 21.14 -55.55
N GLN A 80 -33.17 20.19 -54.67
CA GLN A 80 -34.18 19.62 -53.79
C GLN A 80 -34.08 20.08 -52.35
N VAL A 81 -32.94 20.63 -51.93
CA VAL A 81 -32.71 21.02 -50.54
C VAL A 81 -32.49 22.52 -50.41
N LEU A 82 -31.57 23.07 -51.20
CA LEU A 82 -31.21 24.48 -51.09
C LEU A 82 -32.14 25.39 -51.90
N LYS A 83 -33.44 25.12 -51.84
CA LYS A 83 -34.39 25.72 -52.76
C LYS A 83 -34.43 27.25 -52.65
N ASP A 84 -34.35 27.78 -51.43
CA ASP A 84 -34.69 29.18 -51.20
C ASP A 84 -33.48 30.12 -51.24
N LEU A 85 -32.28 29.60 -51.48
CA LEU A 85 -31.14 30.49 -51.66
C LEU A 85 -31.24 31.25 -52.97
N SER A 86 -30.77 32.50 -52.96
CA SER A 86 -30.53 33.21 -54.20
C SER A 86 -29.43 32.52 -55.00
N VAL A 87 -29.35 32.86 -56.28
CA VAL A 87 -28.32 32.28 -57.13
C VAL A 87 -26.93 32.59 -56.59
N GLY A 88 -26.75 33.81 -56.06
CA GLY A 88 -25.47 34.16 -55.49
C GLY A 88 -25.13 33.32 -54.27
N GLU A 89 -26.08 33.22 -53.33
CA GLU A 89 -25.83 32.42 -52.13
C GLU A 89 -25.62 30.97 -52.48
N PHE A 90 -26.30 30.49 -53.52
CA PHE A 90 -26.17 29.09 -53.93
C PHE A 90 -24.78 28.82 -54.49
N THR A 91 -24.29 29.71 -55.36
CA THR A 91 -22.93 29.57 -55.87
C THR A 91 -21.92 29.62 -54.73
N ARG A 92 -22.08 30.61 -53.85
CA ARG A 92 -21.22 30.70 -52.67
C ARG A 92 -21.23 29.42 -51.85
N THR A 93 -22.42 28.79 -51.70
CA THR A 93 -22.47 27.55 -50.94
C THR A 93 -21.69 26.44 -51.63
N MET A 94 -21.81 26.35 -52.95
CA MET A 94 -21.07 25.34 -53.70
C MET A 94 -19.56 25.59 -53.62
N VAL A 95 -19.13 26.85 -53.67
CA VAL A 95 -17.71 27.14 -53.49
C VAL A 95 -17.26 26.70 -52.11
N ALA A 96 -18.05 26.99 -51.08
CA ALA A 96 -17.67 26.68 -49.70
C ALA A 96 -17.52 25.17 -49.49
N VAL A 97 -18.50 24.38 -49.94
CA VAL A 97 -18.42 22.95 -49.68
C VAL A 97 -17.25 22.32 -50.44
N THR A 98 -16.89 22.89 -51.59
CA THR A 98 -15.74 22.38 -52.34
C THR A 98 -14.45 22.53 -51.54
N THR A 99 -14.22 23.70 -50.91
CA THR A 99 -13.04 23.81 -50.07
C THR A 99 -13.13 22.92 -48.84
N TRP A 100 -14.35 22.70 -48.31
CA TRP A 100 -14.47 21.96 -47.04
C TRP A 100 -14.32 20.45 -47.22
N VAL A 101 -14.66 19.93 -48.40
CA VAL A 101 -14.82 18.50 -48.61
C VAL A 101 -13.83 17.95 -49.63
N SER A 102 -13.73 18.60 -50.80
CA SER A 102 -12.94 18.06 -51.91
C SER A 102 -12.13 19.15 -52.59
N PRO A 103 -11.24 19.84 -51.84
CA PRO A 103 -10.50 20.95 -52.46
C PRO A 103 -9.50 20.52 -53.51
N LYS A 104 -8.87 19.36 -53.34
CA LYS A 104 -7.94 18.89 -54.37
C LYS A 104 -8.66 18.54 -55.66
N GLU A 105 -9.88 18.00 -55.56
CA GLU A 105 -10.59 17.55 -56.76
C GLU A 105 -11.44 18.64 -57.39
N GLY A 106 -12.08 19.49 -56.59
CA GLY A 106 -12.86 20.58 -57.14
C GLY A 106 -14.33 20.27 -57.26
N CYS A 107 -15.01 21.08 -58.09
CA CYS A 107 -16.46 21.01 -58.19
C CYS A 107 -16.94 19.62 -58.62
N ASN A 108 -16.21 18.99 -59.53
CA ASN A 108 -16.69 17.75 -60.15
C ASN A 108 -16.44 16.53 -59.27
N TYR A 109 -16.03 16.71 -58.01
CA TYR A 109 -16.05 15.59 -57.08
C TYR A 109 -17.47 15.10 -56.88
N CYS A 110 -18.45 16.02 -56.96
CA CYS A 110 -19.84 15.69 -56.71
C CYS A 110 -20.71 15.84 -57.95
N HIS A 111 -20.14 16.12 -59.11
CA HIS A 111 -20.93 16.51 -60.27
C HIS A 111 -20.48 15.80 -61.53
N VAL A 112 -21.44 15.33 -62.31
CA VAL A 112 -21.15 14.70 -63.60
C VAL A 112 -20.64 15.76 -64.57
N PRO A 113 -19.50 15.55 -65.23
CA PRO A 113 -18.96 16.58 -66.13
C PRO A 113 -19.98 17.02 -67.16
N GLY A 114 -20.15 18.32 -67.30
CA GLY A 114 -21.04 18.85 -68.30
C GLY A 114 -22.51 18.77 -67.97
N ASN A 115 -22.87 18.50 -66.71
CA ASN A 115 -24.29 18.34 -66.34
C ASN A 115 -24.39 18.48 -64.82
N TRP A 116 -24.61 19.71 -64.35
CA TRP A 116 -24.65 19.96 -62.91
C TRP A 116 -25.89 19.36 -62.27
N ALA A 117 -26.98 19.23 -63.03
CA ALA A 117 -28.25 18.77 -62.47
C ALA A 117 -28.25 17.27 -62.24
N SER A 118 -27.48 16.53 -63.01
CA SER A 118 -27.46 15.07 -62.91
C SER A 118 -27.11 14.60 -61.50
N ASP A 119 -27.84 13.58 -61.04
CA ASP A 119 -27.56 12.86 -59.81
C ASP A 119 -26.81 11.55 -60.05
N ASP A 120 -26.28 11.34 -61.24
CA ASP A 120 -25.63 10.07 -61.58
C ASP A 120 -24.18 10.03 -61.11
N ILE A 121 -23.96 10.31 -59.84
CA ILE A 121 -22.66 10.11 -59.21
C ILE A 121 -22.96 9.98 -57.73
N TYR A 122 -22.36 8.98 -57.06
CA TYR A 122 -22.77 8.66 -55.70
C TYR A 122 -22.44 9.80 -54.75
N THR A 123 -21.42 10.59 -55.07
CA THR A 123 -21.02 11.67 -54.19
C THR A 123 -22.08 12.75 -54.09
N LYS A 124 -22.84 12.96 -55.17
CA LYS A 124 -23.89 13.98 -55.12
C LYS A 124 -25.06 13.52 -54.27
N VAL A 125 -25.47 12.26 -54.43
CA VAL A 125 -26.53 11.70 -53.60
C VAL A 125 -26.15 11.75 -52.13
N VAL A 126 -24.91 11.37 -51.82
CA VAL A 126 -24.46 11.46 -50.43
C VAL A 126 -24.48 12.90 -49.94
N SER A 127 -23.95 13.82 -50.76
CA SER A 127 -23.86 15.23 -50.37
C SER A 127 -25.24 15.84 -50.11
N ARG A 128 -26.25 15.47 -50.93
CA ARG A 128 -27.60 15.98 -50.71
C ARG A 128 -28.07 15.62 -49.30
N ARG A 129 -27.89 14.37 -48.90
CA ARG A 129 -28.26 13.96 -47.55
C ARG A 129 -27.36 14.62 -46.49
N MET A 130 -26.10 14.90 -46.83
CA MET A 130 -25.21 15.60 -45.88
C MET A 130 -25.70 17.02 -45.62
N PHE A 131 -26.23 17.70 -46.65
CA PHE A 131 -26.83 19.01 -46.44
C PHE A 131 -27.99 18.92 -45.45
N GLU A 132 -28.83 17.90 -45.57
CA GLU A 132 -29.95 17.74 -44.65
C GLU A 132 -29.45 17.44 -43.24
N LEU A 133 -28.37 16.65 -43.13
CA LEU A 133 -27.77 16.39 -41.83
C LEU A 133 -27.37 17.69 -41.13
N VAL A 134 -26.65 18.56 -41.84
CA VAL A 134 -26.13 19.79 -41.25
C VAL A 134 -27.27 20.74 -40.90
N ARG A 135 -28.25 20.89 -41.81
CA ARG A 135 -29.40 21.75 -41.54
C ARG A 135 -30.19 21.26 -40.32
N ALA A 136 -30.36 19.93 -40.20
CA ALA A 136 -30.99 19.34 -39.02
C ALA A 136 -30.18 19.58 -37.74
N ALA A 137 -28.85 19.48 -37.82
CA ALA A 137 -28.06 19.74 -36.62
C ALA A 137 -28.19 21.20 -36.20
N ASN A 138 -28.01 22.12 -37.15
CA ASN A 138 -27.99 23.55 -36.81
C ASN A 138 -29.36 24.07 -36.38
N SER A 139 -30.44 23.55 -36.96
CA SER A 139 -31.77 24.03 -36.59
C SER A 139 -32.41 23.24 -35.46
N ASP A 140 -32.21 21.92 -35.40
CA ASP A 140 -33.02 21.11 -34.51
C ASP A 140 -32.28 20.58 -33.30
N TRP A 141 -30.96 20.69 -33.25
CA TRP A 141 -30.16 20.08 -32.20
C TRP A 141 -29.35 21.13 -31.43
N LYS A 142 -29.93 22.32 -31.25
CA LYS A 142 -29.23 23.37 -30.53
C LYS A 142 -29.00 23.01 -29.06
N ALA A 143 -29.82 22.14 -28.48
CA ALA A 143 -29.50 21.62 -27.16
C ALA A 143 -28.08 21.04 -27.09
N HIS A 144 -27.52 20.65 -28.24
CA HIS A 144 -26.14 20.18 -28.32
C HIS A 144 -25.22 21.24 -28.91
N VAL A 145 -25.40 21.60 -30.18
CA VAL A 145 -24.45 22.47 -30.88
C VAL A 145 -24.73 23.96 -30.68
N ALA A 146 -25.73 24.32 -29.85
CA ALA A 146 -26.02 25.72 -29.53
C ALA A 146 -26.10 26.59 -30.78
N GLU A 147 -25.55 27.80 -30.73
CA GLU A 147 -25.52 28.69 -31.90
C GLU A 147 -24.24 28.53 -32.72
N THR A 148 -23.28 27.77 -32.21
CA THR A 148 -22.04 27.52 -32.95
C THR A 148 -22.32 26.72 -34.22
N GLY A 149 -22.99 25.59 -34.07
CA GLY A 149 -23.38 24.80 -35.22
C GLY A 149 -22.20 24.09 -35.88
N VAL A 150 -22.52 23.49 -37.02
CA VAL A 150 -21.56 22.68 -37.77
C VAL A 150 -21.61 23.08 -39.23
N THR A 151 -20.48 22.94 -39.90
CA THR A 151 -20.38 22.94 -41.36
C THR A 151 -19.82 21.59 -41.81
N CYS A 152 -19.78 21.39 -43.14
CA CYS A 152 -19.08 20.21 -43.68
C CYS A 152 -17.67 20.11 -43.13
N TYR A 153 -17.03 21.26 -42.92
CA TYR A 153 -15.65 21.29 -42.49
C TYR A 153 -15.48 20.62 -41.12
N THR A 154 -16.50 20.71 -40.27
CA THR A 154 -16.38 20.20 -38.90
C THR A 154 -15.91 18.75 -38.90
N CYS A 155 -16.44 17.95 -39.81
CA CYS A 155 -16.09 16.54 -39.94
C CYS A 155 -15.01 16.29 -40.99
N HIS A 156 -15.20 16.84 -42.20
CA HIS A 156 -14.35 16.48 -43.34
C HIS A 156 -12.97 17.15 -43.27
N ARG A 157 -12.89 18.39 -42.80
CA ARG A 157 -11.60 19.09 -42.66
C ARG A 157 -10.82 19.12 -43.98
N GLY A 158 -11.52 19.31 -45.09
CA GLY A 158 -10.83 19.32 -46.37
C GLY A 158 -10.54 17.97 -46.97
N ASN A 159 -11.07 16.87 -46.40
CA ASN A 159 -10.91 15.54 -46.96
C ASN A 159 -12.25 14.95 -47.35
N PRO A 160 -12.37 14.34 -48.53
CA PRO A 160 -13.62 13.66 -48.88
C PRO A 160 -14.05 12.62 -47.85
N VAL A 161 -13.12 11.86 -47.28
CA VAL A 161 -13.44 10.85 -46.26
C VAL A 161 -13.02 11.43 -44.92
N PRO A 162 -13.95 11.67 -43.99
CA PRO A 162 -13.57 12.25 -42.69
C PRO A 162 -12.56 11.36 -41.99
N LYS A 163 -11.52 12.00 -41.46
CA LYS A 163 -10.41 11.28 -40.86
C LYS A 163 -10.85 10.48 -39.64
N TYR A 164 -11.86 10.96 -38.91
CA TYR A 164 -12.22 10.35 -37.63
C TYR A 164 -13.61 9.72 -37.63
N ALA A 165 -14.05 9.19 -38.79
CA ALA A 165 -15.18 8.27 -38.86
C ALA A 165 -14.76 6.89 -38.36
N TRP A 166 -15.75 6.03 -38.10
CA TRP A 166 -15.49 4.72 -37.50
C TRP A 166 -16.38 3.64 -38.10
N VAL A 167 -15.92 2.39 -37.98
CA VAL A 167 -16.70 1.21 -38.30
C VAL A 167 -16.63 0.24 -37.11
N THR A 168 -17.55 -0.72 -37.11
CA THR A 168 -17.57 -1.72 -36.05
C THR A 168 -16.25 -2.50 -36.05
N ASP A 169 -15.63 -2.59 -34.88
CA ASP A 169 -14.27 -3.12 -34.74
C ASP A 169 -14.32 -4.60 -34.39
N PRO A 170 -13.74 -5.49 -35.20
CA PRO A 170 -13.79 -6.92 -34.87
C PRO A 170 -12.78 -7.36 -33.81
N GLY A 171 -11.76 -6.55 -33.51
CA GLY A 171 -10.80 -6.88 -32.49
C GLY A 171 -9.78 -7.89 -33.02
N PRO A 172 -8.94 -8.42 -32.13
CA PRO A 172 -7.93 -9.39 -32.59
C PRO A 172 -8.54 -10.73 -32.98
N LYS A 173 -7.83 -11.45 -33.83
CA LYS A 173 -8.28 -12.79 -34.20
C LYS A 173 -8.17 -13.75 -33.03
N TYR A 174 -9.16 -14.63 -32.89
CA TYR A 174 -9.16 -15.78 -32.00
C TYR A 174 -9.14 -17.06 -32.81
N PRO A 175 -8.69 -18.18 -32.24
CA PRO A 175 -8.92 -19.47 -32.91
C PRO A 175 -10.41 -19.77 -32.99
N SER A 176 -10.79 -20.69 -33.90
CA SER A 176 -12.21 -20.87 -34.18
C SER A 176 -12.97 -21.44 -32.98
N GLY A 177 -12.30 -22.08 -32.03
CA GLY A 177 -13.03 -22.66 -30.92
C GLY A 177 -13.13 -21.80 -29.68
N LEU A 178 -12.79 -20.52 -29.76
CA LEU A 178 -12.89 -19.60 -28.63
C LEU A 178 -13.57 -18.31 -29.09
N LYS A 179 -14.62 -17.92 -28.37
CA LYS A 179 -15.39 -16.73 -28.79
C LYS A 179 -14.71 -15.45 -28.33
N PRO A 180 -14.46 -14.51 -29.23
CA PRO A 180 -13.92 -13.21 -28.82
C PRO A 180 -14.72 -12.61 -27.67
N THR A 181 -14.00 -11.96 -26.74
CA THR A 181 -14.61 -11.32 -25.58
C THR A 181 -15.01 -9.87 -25.83
N GLY A 182 -14.46 -9.22 -26.85
CA GLY A 182 -14.72 -7.81 -27.03
C GLY A 182 -13.99 -6.88 -26.08
N GLN A 183 -12.99 -7.37 -25.35
CA GLN A 183 -12.27 -6.54 -24.36
C GLN A 183 -10.92 -7.18 -24.11
N ASN A 184 -10.21 -6.71 -23.08
CA ASN A 184 -8.90 -7.25 -22.69
C ASN A 184 -7.88 -7.13 -23.81
N TYR A 185 -7.71 -5.92 -24.31
CA TYR A 185 -6.83 -5.67 -25.45
C TYR A 185 -6.45 -4.20 -25.42
N GLY A 186 -5.22 -3.87 -25.81
CA GLY A 186 -4.82 -2.48 -25.76
C GLY A 186 -5.42 -1.67 -26.89
N SER A 187 -6.48 -0.88 -26.64
CA SER A 187 -7.20 -0.26 -27.74
C SER A 187 -7.30 1.25 -27.58
N LYS A 188 -6.90 1.98 -28.63
CA LYS A 188 -7.02 3.44 -28.60
C LYS A 188 -8.49 3.89 -28.42
N THR A 189 -9.46 3.06 -28.82
CA THR A 189 -10.85 3.51 -28.81
C THR A 189 -11.35 3.80 -27.40
N VAL A 190 -10.87 3.05 -26.40
CA VAL A 190 -11.21 3.35 -25.01
C VAL A 190 -9.96 3.89 -24.31
N ALA A 191 -9.16 4.65 -25.05
CA ALA A 191 -8.05 5.43 -24.50
C ALA A 191 -7.00 4.54 -23.82
N TYR A 192 -6.82 3.33 -24.39
CA TYR A 192 -5.82 2.32 -24.06
C TYR A 192 -6.11 1.59 -22.75
N ALA A 193 -7.34 1.62 -22.26
CA ALA A 193 -7.75 0.68 -21.23
C ALA A 193 -8.04 -0.70 -21.85
N SER A 194 -8.14 -1.72 -20.99
CA SER A 194 -8.56 -3.05 -21.44
C SER A 194 -10.05 -3.26 -21.32
N LEU A 195 -10.82 -2.15 -21.23
CA LEU A 195 -12.26 -2.18 -21.17
C LEU A 195 -12.84 -2.59 -22.53
N PRO A 196 -14.14 -2.98 -22.59
CA PRO A 196 -14.75 -3.34 -23.89
C PRO A 196 -14.46 -2.30 -24.95
N PHE A 197 -13.74 -2.72 -25.99
CA PHE A 197 -13.09 -1.75 -26.87
C PHE A 197 -13.99 -1.24 -28.01
N ASP A 198 -15.22 -1.74 -28.17
CA ASP A 198 -16.15 -1.13 -29.13
C ASP A 198 -17.42 -0.69 -28.42
N PRO A 199 -17.40 0.45 -27.72
CA PRO A 199 -18.65 1.03 -27.20
C PRO A 199 -19.38 1.82 -28.26
N LEU A 200 -18.76 2.09 -29.40
CA LEU A 200 -19.42 2.87 -30.42
C LEU A 200 -20.64 2.15 -30.99
N THR A 201 -20.48 0.87 -31.36
CA THR A 201 -21.61 0.14 -31.94
C THR A 201 -22.79 0.00 -30.99
N PRO A 202 -22.63 -0.43 -29.73
CA PRO A 202 -23.82 -0.57 -28.87
C PRO A 202 -24.42 0.74 -28.38
N PHE A 203 -23.66 1.85 -28.31
CA PHE A 203 -24.19 3.04 -27.66
C PHE A 203 -24.35 4.26 -28.55
N LEU A 204 -23.53 4.42 -29.59
CA LEU A 204 -23.62 5.60 -30.44
C LEU A 204 -24.21 5.27 -31.80
N ASP A 205 -24.75 4.08 -31.94
CA ASP A 205 -25.34 3.65 -33.18
C ASP A 205 -26.66 3.00 -32.79
N GLN A 206 -26.57 1.83 -32.15
CA GLN A 206 -27.66 1.31 -31.36
C GLN A 206 -27.81 2.14 -30.08
N ALA A 207 -28.86 1.84 -29.31
CA ALA A 207 -29.21 2.70 -28.19
C ALA A 207 -29.29 1.93 -26.88
N ASN A 208 -28.23 1.21 -26.53
CA ASN A 208 -28.26 0.42 -25.30
C ASN A 208 -28.26 1.32 -24.07
N GLU A 209 -28.82 0.79 -22.98
CA GLU A 209 -28.97 1.59 -21.77
C GLU A 209 -27.59 1.87 -21.14
N ILE A 210 -27.33 3.13 -20.84
CA ILE A 210 -26.04 3.50 -20.23
C ILE A 210 -26.09 3.49 -18.70
N ARG A 211 -27.26 3.69 -18.10
CA ARG A 211 -27.36 3.78 -16.65
C ARG A 211 -27.16 2.41 -15.99
N ILE A 212 -26.37 2.37 -14.91
CA ILE A 212 -26.32 1.19 -14.05
C ILE A 212 -26.48 1.51 -12.58
N THR A 213 -26.33 2.77 -12.16
CA THR A 213 -26.34 3.13 -10.75
C THR A 213 -27.76 3.08 -10.17
N GLY A 214 -27.88 2.50 -8.97
CA GLY A 214 -29.19 2.41 -8.31
C GLY A 214 -29.69 3.72 -7.72
N ASN A 215 -31.01 3.84 -7.61
CA ASN A 215 -31.63 5.02 -6.99
C ASN A 215 -32.09 4.77 -5.56
N ALA A 216 -31.85 3.59 -5.00
CA ALA A 216 -32.16 3.27 -3.62
C ALA A 216 -30.90 2.73 -2.95
N ALA A 217 -30.74 3.03 -1.66
CA ALA A 217 -29.57 2.55 -0.93
C ALA A 217 -29.51 1.03 -0.94
N LEU A 218 -30.63 0.38 -0.63
CA LEU A 218 -30.66 -1.06 -0.38
C LEU A 218 -30.98 -1.84 -1.64
N ALA A 219 -30.46 -3.06 -1.70
CA ALA A 219 -30.68 -3.97 -2.80
C ALA A 219 -32.15 -4.35 -2.92
N GLY A 220 -32.58 -4.64 -4.13
CA GLY A 220 -33.91 -5.15 -4.30
C GLY A 220 -34.54 -4.72 -5.61
N SER A 221 -34.00 -3.67 -6.23
CA SER A 221 -34.65 -3.18 -7.44
C SER A 221 -33.67 -2.72 -8.53
N ASN A 222 -32.40 -3.14 -8.49
CA ASN A 222 -31.48 -2.75 -9.55
C ASN A 222 -30.81 -4.00 -10.13
N PRO A 223 -31.29 -4.50 -11.26
CA PRO A 223 -30.71 -5.70 -11.86
C PRO A 223 -29.49 -5.45 -12.74
N ALA A 224 -29.05 -4.19 -12.90
CA ALA A 224 -27.89 -3.90 -13.73
C ALA A 224 -26.67 -4.65 -13.19
N SER A 225 -25.69 -4.88 -14.07
CA SER A 225 -24.58 -5.78 -13.77
C SER A 225 -23.24 -5.06 -13.79
N LEU A 226 -22.22 -5.73 -13.23
CA LEU A 226 -20.87 -5.19 -13.27
C LEU A 226 -20.35 -5.10 -14.70
N LYS A 227 -20.68 -6.08 -15.55
CA LYS A 227 -20.19 -6.01 -16.92
C LYS A 227 -20.83 -4.85 -17.68
N GLN A 228 -22.10 -4.57 -17.41
CA GLN A 228 -22.73 -3.36 -17.96
C GLN A 228 -21.99 -2.12 -17.47
N ALA A 229 -21.58 -2.11 -16.20
CA ALA A 229 -20.77 -0.99 -15.72
C ALA A 229 -19.52 -0.83 -16.56
N GLU A 230 -18.89 -1.94 -16.93
CA GLU A 230 -17.65 -1.87 -17.73
C GLU A 230 -17.90 -1.36 -19.13
N TRP A 231 -19.00 -1.80 -19.77
CA TRP A 231 -19.33 -1.25 -21.08
C TRP A 231 -19.58 0.25 -21.00
N THR A 232 -20.34 0.70 -19.99
CA THR A 232 -20.53 2.13 -19.78
C THR A 232 -19.20 2.85 -19.54
N PHE A 233 -18.32 2.28 -18.70
CA PHE A 233 -17.02 2.90 -18.43
C PHE A 233 -16.23 3.03 -19.73
N GLY A 234 -16.31 2.02 -20.60
CA GLY A 234 -15.61 2.08 -21.88
C GLY A 234 -16.12 3.21 -22.76
N LEU A 235 -17.45 3.35 -22.86
CA LEU A 235 -18.03 4.49 -23.57
C LEU A 235 -17.56 5.81 -22.96
N MET A 236 -17.50 5.89 -21.64
CA MET A 236 -17.09 7.15 -21.01
C MET A 236 -15.62 7.46 -21.25
N MET A 237 -14.76 6.44 -21.32
CA MET A 237 -13.37 6.68 -21.74
C MET A 237 -13.32 7.27 -23.15
N ASN A 238 -14.11 6.70 -24.07
CA ASN A 238 -14.11 7.18 -25.44
C ASN A 238 -14.59 8.62 -25.51
N ILE A 239 -15.65 8.93 -24.78
CA ILE A 239 -16.21 10.30 -24.78
C ILE A 239 -15.17 11.29 -24.25
N SER A 240 -14.58 10.98 -23.10
CA SER A 240 -13.57 11.87 -22.52
C SER A 240 -12.41 12.09 -23.50
N ASP A 241 -11.91 11.00 -24.10
CA ASP A 241 -10.78 11.14 -25.01
C ASP A 241 -11.16 11.94 -26.25
N SER A 242 -12.41 11.78 -26.72
CA SER A 242 -12.88 12.51 -27.90
C SER A 242 -12.99 14.01 -27.64
N LEU A 243 -13.24 14.40 -26.40
CA LEU A 243 -13.35 15.82 -26.07
C LEU A 243 -12.09 16.38 -25.42
N GLY A 244 -11.07 15.56 -25.19
CA GLY A 244 -9.86 15.99 -24.53
C GLY A 244 -10.05 16.43 -23.09
N VAL A 245 -10.91 15.72 -22.34
CA VAL A 245 -11.29 16.16 -21.00
C VAL A 245 -11.20 14.95 -20.07
N GLY A 246 -11.28 15.23 -18.77
CA GLY A 246 -11.46 14.21 -17.74
C GLY A 246 -12.91 14.05 -17.36
N CYS A 247 -13.16 13.06 -16.47
CA CYS A 247 -14.56 12.73 -16.14
C CYS A 247 -15.25 13.87 -15.43
N THR A 248 -14.49 14.66 -14.65
CA THR A 248 -15.06 15.76 -13.89
C THR A 248 -15.44 16.96 -14.75
N PHE A 249 -15.05 16.98 -16.02
CA PHE A 249 -15.67 17.92 -16.95
C PHE A 249 -17.20 17.81 -16.92
N CYS A 250 -17.74 16.61 -16.65
CA CYS A 250 -19.19 16.43 -16.60
C CYS A 250 -19.71 15.88 -15.29
N HIS A 251 -18.91 15.15 -14.52
CA HIS A 251 -19.37 14.46 -13.32
C HIS A 251 -18.70 15.01 -12.07
N ASN A 252 -19.42 14.92 -10.95
CA ASN A 252 -18.80 14.77 -9.63
C ASN A 252 -18.74 13.27 -9.37
N THR A 253 -17.53 12.70 -9.36
CA THR A 253 -17.38 11.24 -9.41
C THR A 253 -17.71 10.56 -8.08
N ARG A 254 -18.05 11.32 -7.03
CA ARG A 254 -18.62 10.68 -5.83
C ARG A 254 -20.03 10.18 -6.09
N ALA A 255 -20.66 10.66 -7.16
CA ALA A 255 -22.00 10.23 -7.54
C ALA A 255 -22.19 10.49 -9.03
N PHE A 256 -21.63 9.58 -9.85
CA PHE A 256 -21.65 9.72 -11.31
C PHE A 256 -23.06 9.95 -11.86
N ASN A 257 -24.08 9.31 -11.26
CA ASN A 257 -25.46 9.36 -11.73
C ASN A 257 -26.20 10.65 -11.36
N ASP A 258 -25.73 11.36 -10.34
CA ASP A 258 -26.53 12.41 -9.71
C ASP A 258 -26.44 13.68 -10.54
N TRP A 259 -27.50 13.97 -11.30
CA TRP A 259 -27.56 15.17 -12.12
C TRP A 259 -27.40 16.44 -11.28
N THR A 260 -27.94 16.45 -10.06
CA THR A 260 -27.85 17.69 -9.30
C THR A 260 -26.42 18.06 -8.96
N GLN A 261 -25.51 17.09 -8.95
CA GLN A 261 -24.09 17.35 -8.65
C GLN A 261 -23.22 17.36 -9.89
N SER A 262 -23.78 17.16 -11.09
CA SER A 262 -23.05 17.13 -12.34
C SER A 262 -22.89 18.54 -12.90
N THR A 263 -22.05 18.68 -13.97
CA THR A 263 -21.92 19.98 -14.60
C THR A 263 -22.92 20.14 -15.74
N PRO A 264 -23.18 21.38 -16.21
CA PRO A 264 -24.05 21.54 -17.40
C PRO A 264 -23.50 20.86 -18.63
N LYS A 265 -22.19 20.57 -18.69
CA LYS A 265 -21.67 19.82 -19.83
C LYS A 265 -22.28 18.42 -19.92
N ARG A 266 -22.68 17.83 -18.79
CA ARG A 266 -23.29 16.51 -18.84
C ARG A 266 -24.64 16.56 -19.56
N THR A 267 -25.43 17.59 -19.30
CA THR A 267 -26.71 17.73 -20.00
C THR A 267 -26.49 17.83 -21.51
N THR A 268 -25.53 18.67 -21.92
CA THR A 268 -25.21 18.80 -23.35
C THR A 268 -24.81 17.46 -23.95
N ALA A 269 -23.95 16.72 -23.24
CA ALA A 269 -23.47 15.43 -23.71
C ALA A 269 -24.62 14.43 -23.87
N TRP A 270 -25.64 14.50 -23.01
CA TRP A 270 -26.78 13.61 -23.13
C TRP A 270 -27.47 13.79 -24.48
N TYR A 271 -27.75 15.04 -24.87
CA TYR A 271 -28.36 15.33 -26.16
C TYR A 271 -27.44 14.97 -27.31
N ALA A 272 -26.13 15.13 -27.12
CA ALA A 272 -25.17 14.77 -28.16
C ALA A 272 -25.17 13.28 -28.46
N ILE A 273 -25.33 12.44 -27.43
CA ILE A 273 -25.46 11.01 -27.66
C ILE A 273 -26.69 10.74 -28.55
N ARG A 274 -27.82 11.36 -28.23
CA ARG A 274 -29.02 11.14 -29.04
C ARG A 274 -28.87 11.75 -30.44
N HIS A 275 -28.18 12.88 -30.54
CA HIS A 275 -27.87 13.47 -31.85
C HIS A 275 -27.07 12.49 -32.71
N VAL A 276 -25.99 11.93 -32.15
CA VAL A 276 -25.15 11.00 -32.90
C VAL A 276 -25.93 9.77 -33.32
N ARG A 277 -26.78 9.25 -32.42
CA ARG A 277 -27.62 8.12 -32.81
C ARG A 277 -28.51 8.48 -34.00
N ASP A 278 -29.10 9.67 -33.98
CA ASP A 278 -29.93 10.11 -35.09
C ASP A 278 -29.13 10.20 -36.39
N ILE A 279 -27.91 10.75 -36.32
CA ILE A 279 -27.03 10.86 -37.49
C ILE A 279 -26.74 9.48 -38.07
N ASN A 280 -26.33 8.54 -37.22
CA ASN A 280 -25.94 7.24 -37.75
C ASN A 280 -27.15 6.45 -38.23
N GLN A 281 -28.24 6.46 -37.46
CA GLN A 281 -29.37 5.61 -37.80
C GLN A 281 -30.13 6.16 -39.00
N ASN A 282 -30.27 7.47 -39.08
CA ASN A 282 -31.17 8.10 -40.05
C ASN A 282 -30.47 8.74 -41.24
N TYR A 283 -29.17 9.04 -41.13
CA TYR A 283 -28.48 9.68 -42.24
C TYR A 283 -27.38 8.81 -42.85
N ILE A 284 -26.53 8.17 -42.06
CA ILE A 284 -25.41 7.43 -42.65
C ILE A 284 -25.85 6.04 -43.10
N TRP A 285 -26.41 5.25 -42.17
CA TRP A 285 -26.84 3.89 -42.49
C TRP A 285 -27.73 3.79 -43.73
N PRO A 286 -28.74 4.64 -43.96
CA PRO A 286 -29.55 4.50 -45.18
C PRO A 286 -28.78 4.81 -46.45
N LEU A 287 -27.56 5.36 -46.37
CA LEU A 287 -26.75 5.61 -47.55
C LEU A 287 -25.82 4.44 -47.87
N ASN A 288 -25.90 3.37 -47.09
CA ASN A 288 -24.91 2.29 -47.22
C ASN A 288 -24.88 1.71 -48.63
N ASP A 289 -26.04 1.56 -49.26
CA ASP A 289 -26.07 0.91 -50.57
C ASP A 289 -25.40 1.77 -51.65
N VAL A 290 -25.43 3.10 -51.52
CA VAL A 290 -24.80 3.93 -52.56
C VAL A 290 -23.33 4.21 -52.29
N LEU A 291 -22.86 3.98 -51.08
CA LEU A 291 -21.44 4.14 -50.78
C LEU A 291 -20.63 2.98 -51.37
N PRO A 292 -19.46 3.26 -51.94
CA PRO A 292 -18.61 2.17 -52.45
C PRO A 292 -18.14 1.26 -51.34
N ALA A 293 -17.66 0.09 -51.73
CA ALA A 293 -17.12 -0.88 -50.77
C ALA A 293 -15.91 -0.34 -50.01
N SER A 294 -15.19 0.63 -50.58
CA SER A 294 -14.05 1.23 -49.90
C SER A 294 -14.43 2.02 -48.66
N ARG A 295 -15.71 2.36 -48.50
CA ARG A 295 -16.16 3.13 -47.35
C ARG A 295 -16.73 2.26 -46.23
N LYS A 296 -16.51 0.95 -46.28
CA LYS A 296 -17.18 0.03 -45.36
C LYS A 296 -16.14 -0.80 -44.60
N GLY A 297 -16.52 -1.21 -43.38
CA GLY A 297 -15.66 -2.00 -42.55
C GLY A 297 -15.79 -3.48 -42.85
N PRO A 298 -15.03 -4.32 -42.13
CA PRO A 298 -15.13 -5.76 -42.39
C PRO A 298 -16.52 -6.33 -42.20
N TYR A 299 -17.37 -5.73 -41.36
CA TYR A 299 -18.73 -6.24 -41.20
C TYR A 299 -19.71 -5.68 -42.23
N GLY A 300 -19.23 -4.96 -43.23
CA GLY A 300 -20.11 -4.39 -44.24
C GLY A 300 -20.79 -3.09 -43.84
N ASP A 301 -20.54 -2.58 -42.62
CA ASP A 301 -21.16 -1.34 -42.15
C ASP A 301 -20.40 -0.10 -42.66
N PRO A 302 -21.09 1.03 -42.86
CA PRO A 302 -20.44 2.22 -43.41
C PRO A 302 -19.66 3.00 -42.35
N LEU A 303 -18.59 3.66 -42.79
CA LEU A 303 -17.91 4.64 -41.96
C LEU A 303 -18.90 5.67 -41.45
N ARG A 304 -18.91 5.91 -40.15
CA ARG A 304 -19.94 6.80 -39.60
C ARG A 304 -19.38 7.59 -38.41
N VAL A 305 -20.26 8.13 -37.58
CA VAL A 305 -19.97 9.34 -36.79
C VAL A 305 -19.88 9.01 -35.31
N SER A 306 -18.89 9.57 -34.65
CA SER A 306 -18.80 9.48 -33.19
C SER A 306 -18.52 10.88 -32.67
N CYS A 307 -18.32 10.99 -31.35
CA CYS A 307 -17.89 12.27 -30.78
C CYS A 307 -16.60 12.73 -31.42
N MET A 308 -15.66 11.80 -31.66
CA MET A 308 -14.36 12.17 -32.21
C MET A 308 -14.48 12.80 -33.59
N THR A 309 -15.48 12.39 -34.39
CA THR A 309 -15.54 12.84 -35.78
C THR A 309 -15.58 14.37 -35.87
N CYS A 310 -16.35 15.02 -35.01
CA CYS A 310 -16.41 16.48 -34.95
C CYS A 310 -15.43 17.08 -33.96
N HIS A 311 -15.38 16.52 -32.75
CA HIS A 311 -14.64 17.16 -31.67
C HIS A 311 -13.14 17.03 -31.89
N GLN A 312 -12.68 15.87 -32.35
CA GLN A 312 -11.26 15.66 -32.68
C GLN A 312 -10.35 16.05 -31.51
N ALA A 313 -10.74 15.61 -30.31
CA ALA A 313 -10.01 15.76 -29.05
C ALA A 313 -10.06 17.19 -28.52
N VAL A 314 -11.08 17.96 -28.85
CA VAL A 314 -11.26 19.31 -28.33
C VAL A 314 -12.67 19.42 -27.74
N ASN A 315 -12.81 20.18 -26.64
CA ASN A 315 -14.09 20.21 -25.93
C ASN A 315 -15.20 20.79 -26.82
N LYS A 316 -14.84 21.67 -27.75
CA LYS A 316 -15.71 22.17 -28.79
C LYS A 316 -14.99 22.02 -30.12
N PRO A 317 -15.66 21.54 -31.16
CA PRO A 317 -14.99 21.44 -32.47
C PRO A 317 -14.40 22.77 -32.86
N LEU A 318 -13.15 22.74 -33.33
CA LEU A 318 -12.45 23.94 -33.79
C LEU A 318 -12.35 24.99 -32.68
N TYR A 319 -12.32 24.56 -31.42
CA TYR A 319 -12.29 25.48 -30.27
C TYR A 319 -13.47 26.46 -30.31
N GLY A 320 -14.60 25.99 -30.83
CA GLY A 320 -15.85 26.74 -30.81
C GLY A 320 -15.99 27.79 -31.89
N ALA A 321 -15.16 27.75 -32.93
CA ALA A 321 -15.23 28.75 -33.98
C ALA A 321 -16.61 28.74 -34.63
N GLN A 322 -17.18 29.92 -34.82
CA GLN A 322 -18.54 30.06 -35.34
C GLN A 322 -18.45 30.22 -36.84
N MET A 323 -18.48 29.09 -37.55
CA MET A 323 -18.46 29.11 -39.00
C MET A 323 -19.86 29.07 -39.61
N ALA A 324 -20.77 28.27 -39.06
CA ALA A 324 -22.05 28.00 -39.73
C ALA A 324 -22.91 29.25 -39.87
N LYS A 325 -22.81 30.19 -38.92
CA LYS A 325 -23.70 31.36 -38.95
C LYS A 325 -23.55 32.17 -40.22
N ASP A 326 -22.41 32.09 -40.90
CA ASP A 326 -22.18 32.87 -42.11
C ASP A 326 -22.67 32.17 -43.37
N TYR A 327 -23.33 31.03 -43.26
CA TYR A 327 -23.84 30.28 -44.42
C TYR A 327 -25.32 29.98 -44.24
N PRO A 328 -26.21 30.86 -44.74
CA PRO A 328 -27.65 30.62 -44.53
C PRO A 328 -28.16 29.30 -45.07
N GLY A 329 -27.52 28.74 -46.10
CA GLY A 329 -27.94 27.45 -46.62
C GLY A 329 -27.73 26.27 -45.67
N LEU A 330 -27.09 26.49 -44.52
CA LEU A 330 -26.85 25.40 -43.59
C LEU A 330 -27.91 25.31 -42.49
N TYR A 331 -29.08 25.93 -42.72
CA TYR A 331 -30.17 25.94 -41.75
C TYR A 331 -31.46 25.54 -42.45
N LYS A 332 -32.38 24.96 -41.69
CA LYS A 332 -33.65 24.55 -42.28
C LYS A 332 -34.54 25.77 -42.53
N THR A 333 -35.40 25.62 -43.54
CA THR A 333 -36.20 26.69 -44.15
C THR A 333 -35.50 28.06 -44.16
N ALA B 2 4.22 8.32 36.35
CA ALA B 2 4.71 6.97 36.64
C ALA B 2 5.66 6.50 35.55
N MET B 3 6.47 5.48 35.89
CA MET B 3 7.48 4.94 35.01
C MET B 3 7.31 3.43 34.90
N LEU B 4 7.73 2.86 33.77
CA LEU B 4 7.84 1.40 33.71
C LEU B 4 8.83 0.94 34.78
N SER B 5 8.62 -0.27 35.29
CA SER B 5 9.41 -0.68 36.44
C SER B 5 10.90 -0.78 36.13
N PHE B 6 11.29 -0.76 34.85
CA PHE B 6 12.70 -0.76 34.45
C PHE B 6 13.16 0.56 33.86
N GLU B 7 12.34 1.60 33.92
CA GLU B 7 12.54 2.84 33.17
C GLU B 7 13.49 3.83 33.84
N LYS B 8 13.49 3.92 35.17
CA LYS B 8 14.20 5.02 35.80
C LYS B 8 15.68 5.04 35.41
N LYS B 9 16.33 3.88 35.30
CA LYS B 9 17.76 3.85 34.97
C LYS B 9 18.07 4.34 33.55
N TYR B 10 17.06 4.65 32.70
CA TYR B 10 17.30 5.25 31.39
C TYR B 10 16.96 6.74 31.30
N ARG B 11 16.39 7.35 32.34
CA ARG B 11 15.92 8.74 32.25
C ARG B 11 17.09 9.70 32.52
N VAL B 12 17.94 9.86 31.49
CA VAL B 12 19.19 10.61 31.55
C VAL B 12 18.99 12.05 31.06
N ARG B 13 19.80 12.96 31.62
CA ARG B 13 19.85 14.35 31.18
C ARG B 13 20.63 14.51 29.87
N GLY B 14 20.14 15.38 29.00
CA GLY B 14 20.90 15.72 27.80
C GLY B 14 20.42 14.96 26.57
N GLY B 15 21.28 15.00 25.54
CA GLY B 15 20.89 14.51 24.23
C GLY B 15 19.92 15.39 23.46
N THR B 16 19.66 16.62 23.93
CA THR B 16 18.77 17.48 23.16
C THR B 16 19.49 18.02 21.92
N LEU B 17 18.68 18.38 20.92
CA LEU B 17 19.15 19.12 19.76
C LEU B 17 19.04 20.63 19.97
N ILE B 18 17.92 21.07 20.53
CA ILE B 18 17.66 22.45 20.91
C ILE B 18 17.07 22.43 22.31
N GLY B 19 17.45 23.39 23.15
CA GLY B 19 16.76 23.63 24.41
C GLY B 19 17.55 23.31 25.66
N GLY B 20 18.32 22.23 25.64
CA GLY B 20 19.06 21.80 26.83
C GLY B 20 18.15 21.65 28.02
N ASP B 21 18.66 22.07 29.18
CA ASP B 21 17.96 21.91 30.45
C ASP B 21 16.62 22.62 30.51
N LEU B 22 16.42 23.65 29.68
CA LEU B 22 15.20 24.45 29.74
C LEU B 22 13.93 23.60 29.67
N PHE B 23 13.80 22.76 28.63
CA PHE B 23 12.63 21.91 28.47
C PHE B 23 12.94 20.41 28.64
N ASP B 24 14.10 20.06 29.22
CA ASP B 24 14.57 18.67 29.30
C ASP B 24 13.91 17.97 30.49
N PHE B 25 12.66 17.52 30.29
CA PHE B 25 11.89 16.85 31.34
C PHE B 25 10.75 16.07 30.70
N TRP B 26 10.18 15.15 31.48
CA TRP B 26 9.00 14.38 31.08
C TRP B 26 7.74 14.94 31.73
N VAL B 27 6.59 14.64 31.12
CA VAL B 27 5.28 14.91 31.72
C VAL B 27 4.51 13.59 31.71
N GLY B 28 4.42 12.95 32.87
CA GLY B 28 4.03 11.57 32.93
C GLY B 28 4.94 10.71 32.06
N PRO B 29 4.34 9.99 31.11
CA PRO B 29 5.14 9.15 30.21
C PRO B 29 5.87 9.93 29.11
N PHE B 30 5.30 11.06 28.69
CA PHE B 30 5.81 11.78 27.54
C PHE B 30 7.12 12.48 27.86
N TYR B 31 8.12 12.34 26.99
CA TYR B 31 9.24 13.27 27.00
C TYR B 31 8.83 14.57 26.33
N VAL B 32 9.27 15.71 26.89
CA VAL B 32 8.83 16.97 26.29
C VAL B 32 9.94 17.56 25.43
N GLY B 33 10.83 18.34 26.04
CA GLY B 33 11.88 19.00 25.29
C GLY B 33 11.34 20.13 24.44
N PHE B 34 12.27 20.79 23.73
CA PHE B 34 11.92 21.96 22.94
C PHE B 34 10.87 21.62 21.90
N PHE B 35 11.03 20.48 21.21
CA PHE B 35 10.09 20.13 20.15
C PHE B 35 8.79 19.56 20.68
N GLY B 36 8.77 19.11 21.95
CA GLY B 36 7.51 18.83 22.60
C GLY B 36 6.70 20.10 22.85
N VAL B 37 7.35 21.14 23.38
CA VAL B 37 6.68 22.42 23.58
C VAL B 37 6.22 23.00 22.25
N VAL B 38 7.14 23.08 21.30
CA VAL B 38 6.83 23.66 19.99
C VAL B 38 5.74 22.84 19.29
N GLY B 39 5.88 21.51 19.32
CA GLY B 39 4.87 20.67 18.69
C GLY B 39 3.52 20.77 19.38
N PHE B 40 3.54 20.90 20.72
CA PHE B 40 2.28 21.06 21.44
C PHE B 40 1.53 22.32 21.02
N CYS B 41 2.24 23.42 20.84
CA CYS B 41 1.56 24.64 20.42
C CYS B 41 0.96 24.48 19.01
N PHE B 42 1.75 23.96 18.06
CA PHE B 42 1.22 23.73 16.72
C PHE B 42 0.00 22.83 16.75
N THR B 43 0.06 21.79 17.59
CA THR B 43 -0.97 20.76 17.62
C THR B 43 -2.26 21.31 18.19
N LEU B 44 -2.17 21.91 19.39
CA LEU B 44 -3.35 22.48 20.04
C LEU B 44 -3.98 23.58 19.19
N LEU B 45 -3.15 24.43 18.56
CA LEU B 45 -3.71 25.45 17.68
C LEU B 45 -4.45 24.81 16.51
N GLY B 46 -3.78 23.91 15.78
CA GLY B 46 -4.41 23.27 14.63
C GLY B 46 -5.73 22.61 14.97
N VAL B 47 -5.78 21.86 16.08
CA VAL B 47 -7.01 21.16 16.44
C VAL B 47 -8.12 22.15 16.76
N LEU B 48 -7.81 23.20 17.52
CA LEU B 48 -8.82 24.19 17.86
C LEU B 48 -9.28 24.97 16.63
N LEU B 49 -8.40 25.18 15.65
CA LEU B 49 -8.87 25.83 14.42
C LEU B 49 -9.74 24.88 13.60
N ILE B 50 -9.52 23.58 13.71
CA ILE B 50 -10.40 22.60 13.08
C ILE B 50 -11.80 22.68 13.71
N VAL B 51 -11.86 22.74 15.05
CA VAL B 51 -13.14 22.84 15.74
C VAL B 51 -13.82 24.17 15.44
N TRP B 52 -13.03 25.24 15.32
CA TRP B 52 -13.61 26.52 14.93
C TRP B 52 -14.15 26.46 13.50
N GLY B 53 -13.42 25.81 12.59
CA GLY B 53 -13.92 25.64 11.23
C GLY B 53 -15.20 24.82 11.15
N ALA B 54 -15.30 23.75 11.96
CA ALA B 54 -16.56 23.02 12.08
C ALA B 54 -17.68 23.90 12.66
N THR B 55 -17.34 24.82 13.55
CA THR B 55 -18.33 25.65 14.23
C THR B 55 -18.99 26.64 13.28
N ILE B 56 -18.23 27.19 12.33
CA ILE B 56 -18.80 28.16 11.39
C ILE B 56 -19.17 27.54 10.05
N GLY B 57 -18.71 26.34 9.73
CA GLY B 57 -19.10 25.64 8.52
C GLY B 57 -18.59 26.33 7.27
N PRO B 58 -19.05 25.91 6.09
CA PRO B 58 -18.59 26.57 4.86
C PRO B 58 -19.20 27.93 4.61
N THR B 59 -20.40 28.21 5.13
CA THR B 59 -21.07 29.48 4.84
C THR B 59 -21.66 30.12 6.10
N GLY B 60 -21.01 29.95 7.24
CA GLY B 60 -21.47 30.60 8.45
C GLY B 60 -22.26 29.69 9.36
N PRO B 61 -22.21 29.96 10.68
CA PRO B 61 -22.78 29.02 11.65
C PRO B 61 -24.29 28.92 11.61
N THR B 62 -24.98 29.87 10.99
CA THR B 62 -26.43 29.87 10.91
C THR B 62 -26.96 29.12 9.70
N SER B 63 -26.11 28.74 8.75
CA SER B 63 -26.61 28.10 7.56
C SER B 63 -26.82 26.60 7.82
N ASP B 64 -27.57 25.98 6.90
CA ASP B 64 -27.87 24.55 6.99
C ASP B 64 -26.66 23.70 6.68
N LEU B 65 -25.58 24.29 6.19
CA LEU B 65 -24.36 23.56 5.88
C LEU B 65 -23.43 23.40 7.08
N GLN B 66 -23.64 24.16 8.17
CA GLN B 66 -22.80 23.96 9.35
C GLN B 66 -23.24 22.72 10.09
N THR B 67 -22.27 21.94 10.55
CA THR B 67 -22.57 20.64 11.13
C THR B 67 -21.41 20.20 12.00
N TYR B 68 -21.75 19.56 13.12
CA TYR B 68 -20.77 18.87 13.94
C TYR B 68 -20.80 17.36 13.69
N ASN B 69 -21.53 16.90 12.70
CA ASN B 69 -21.49 15.48 12.35
C ASN B 69 -20.07 15.09 11.97
N LEU B 70 -19.55 14.07 12.64
CA LEU B 70 -18.13 13.73 12.54
C LEU B 70 -17.73 13.39 11.11
N TRP B 71 -18.63 12.74 10.36
CA TRP B 71 -18.31 12.36 8.98
C TRP B 71 -18.38 13.55 8.03
N ARG B 72 -19.19 14.55 8.36
CA ARG B 72 -19.51 15.62 7.43
C ARG B 72 -18.69 16.89 7.63
N ILE B 73 -18.04 17.05 8.79
CA ILE B 73 -17.21 18.24 9.00
C ILE B 73 -16.15 18.31 7.92
N SER B 74 -15.98 19.51 7.34
CA SER B 74 -15.00 19.68 6.28
C SER B 74 -14.41 21.09 6.33
N ILE B 75 -13.08 21.17 6.40
CA ILE B 75 -12.36 22.44 6.28
C ILE B 75 -11.59 22.41 4.96
N ALA B 76 -11.91 23.33 4.08
CA ALA B 76 -11.49 23.16 2.69
C ALA B 76 -10.43 24.20 2.29
N PRO B 77 -9.58 23.86 1.32
CA PRO B 77 -8.56 24.79 0.85
C PRO B 77 -9.18 25.90 0.02
N PRO B 78 -8.39 26.91 -0.35
CA PRO B 78 -8.94 28.03 -1.14
C PRO B 78 -9.19 27.66 -2.59
N ASP B 79 -10.01 28.49 -3.25
CA ASP B 79 -10.16 28.48 -4.70
C ASP B 79 -8.79 28.53 -5.38
N LEU B 80 -8.68 27.84 -6.52
CA LEU B 80 -7.45 27.88 -7.32
C LEU B 80 -7.07 29.29 -7.73
N SER B 81 -8.03 30.20 -7.82
CA SER B 81 -7.72 31.57 -8.25
C SER B 81 -6.80 32.32 -7.29
N TYR B 82 -6.70 31.90 -6.03
CA TYR B 82 -5.76 32.58 -5.13
C TYR B 82 -4.31 32.21 -5.40
N GLY B 83 -4.03 31.21 -6.26
CA GLY B 83 -2.65 30.91 -6.58
C GLY B 83 -1.83 30.59 -5.33
N LEU B 84 -0.66 31.19 -5.21
CA LEU B 84 0.24 30.93 -4.08
C LEU B 84 0.11 31.97 -2.99
N ARG B 85 -0.97 32.73 -2.96
CA ARG B 85 -1.21 33.75 -1.96
C ARG B 85 -2.05 33.18 -0.82
N MET B 86 -2.11 33.93 0.27
CA MET B 86 -2.89 33.55 1.44
CA MET B 86 -2.89 33.52 1.44
C MET B 86 -4.33 34.01 1.25
N ALA B 87 -5.27 33.08 1.31
CA ALA B 87 -6.67 33.44 1.12
C ALA B 87 -7.23 34.04 2.41
N PRO B 88 -8.37 34.73 2.35
CA PRO B 88 -9.01 35.17 3.60
C PRO B 88 -9.44 33.97 4.43
N LEU B 89 -9.42 34.15 5.75
CA LEU B 89 -9.61 33.02 6.67
C LEU B 89 -10.86 32.22 6.35
N THR B 90 -11.95 32.91 6.06
CA THR B 90 -13.23 32.27 5.75
C THR B 90 -13.33 31.83 4.30
N GLU B 91 -12.29 32.00 3.50
CA GLU B 91 -12.28 31.55 2.10
C GLU B 91 -11.10 30.61 1.83
N GLY B 92 -10.75 29.78 2.80
CA GLY B 92 -9.67 28.82 2.63
C GLY B 92 -8.40 29.14 3.40
N GLY B 93 -8.28 30.36 3.92
CA GLY B 93 -7.09 30.72 4.70
C GLY B 93 -6.97 29.92 5.98
N LEU B 94 -8.10 29.59 6.61
CA LEU B 94 -8.08 28.72 7.77
C LEU B 94 -7.42 27.38 7.47
N TRP B 95 -7.78 26.78 6.33
CA TRP B 95 -7.12 25.56 5.88
C TRP B 95 -5.62 25.77 5.73
N GLN B 96 -5.21 26.91 5.19
CA GLN B 96 -3.79 27.15 4.96
C GLN B 96 -3.01 27.27 6.29
N ILE B 97 -3.59 27.92 7.31
CA ILE B 97 -2.91 28.05 8.60
C ILE B 97 -2.85 26.69 9.30
N ILE B 98 -3.94 25.92 9.24
CA ILE B 98 -3.94 24.58 9.81
C ILE B 98 -2.88 23.70 9.14
N THR B 99 -2.69 23.88 7.83
CA THR B 99 -1.65 23.14 7.11
C THR B 99 -0.26 23.44 7.64
N ILE B 100 0.04 24.73 7.84
CA ILE B 100 1.33 25.08 8.39
C ILE B 100 1.47 24.53 9.80
N CYS B 101 0.40 24.59 10.60
CA CYS B 101 0.43 23.98 11.93
C CYS B 101 0.72 22.49 11.85
N ALA B 102 0.08 21.79 10.90
CA ALA B 102 0.23 20.35 10.78
C ALA B 102 1.66 19.97 10.44
N ALA B 103 2.23 20.64 9.44
CA ALA B 103 3.61 20.39 9.06
C ALA B 103 4.56 20.63 10.24
N GLY B 104 4.37 21.74 10.96
CA GLY B 104 5.19 22.01 12.13
C GLY B 104 5.01 21.00 13.24
N ALA B 105 3.77 20.56 13.47
CA ALA B 105 3.51 19.51 14.46
C ALA B 105 4.20 18.22 14.05
N PHE B 106 4.14 17.86 12.76
CA PHE B 106 4.73 16.61 12.32
C PHE B 106 6.24 16.66 12.42
N ILE B 107 6.84 17.74 11.93
CA ILE B 107 8.29 17.85 11.91
C ILE B 107 8.83 17.96 13.33
N SER B 108 8.12 18.68 14.21
CA SER B 108 8.55 18.76 15.61
C SER B 108 8.45 17.38 16.25
N TRP B 109 7.42 16.61 15.88
CA TRP B 109 7.31 15.25 16.40
C TRP B 109 8.54 14.43 16.01
N ALA B 110 8.98 14.55 14.75
CA ALA B 110 10.12 13.76 14.29
C ALA B 110 11.41 14.15 15.00
N LEU B 111 11.66 15.46 15.19
CA LEU B 111 12.85 15.91 15.90
C LEU B 111 12.82 15.55 17.38
N ARG B 112 11.64 15.61 18.02
CA ARG B 112 11.52 15.06 19.36
C ARG B 112 11.95 13.58 19.38
N GLU B 113 11.55 12.82 18.36
CA GLU B 113 11.96 11.43 18.27
C GLU B 113 13.48 11.28 18.16
N VAL B 114 14.12 12.17 17.39
CA VAL B 114 15.58 12.18 17.33
C VAL B 114 16.20 12.43 18.71
N GLU B 115 15.65 13.37 19.48
CA GLU B 115 16.21 13.62 20.82
C GLU B 115 16.05 12.39 21.71
N ILE B 116 14.92 11.69 21.57
CA ILE B 116 14.71 10.48 22.37
C ILE B 116 15.72 9.39 21.99
N CYS B 117 15.97 9.20 20.69
CA CYS B 117 17.01 8.26 20.23
C CYS B 117 18.39 8.61 20.81
N ARG B 118 18.73 9.90 20.86
CA ARG B 118 20.00 10.31 21.45
C ARG B 118 20.07 9.95 22.93
N LYS B 119 18.97 10.13 23.68
CA LYS B 119 18.98 9.73 25.09
C LYS B 119 19.19 8.23 25.25
N LEU B 120 18.54 7.43 24.39
CA LEU B 120 18.53 5.99 24.53
C LEU B 120 19.70 5.34 23.82
N GLY B 121 20.49 6.10 23.07
CA GLY B 121 21.62 5.55 22.35
C GLY B 121 21.21 4.50 21.32
N ILE B 122 20.09 4.70 20.65
CA ILE B 122 19.60 3.75 19.65
C ILE B 122 19.73 4.38 18.26
N GLY B 123 19.59 3.55 17.22
CA GLY B 123 19.64 4.05 15.87
C GLY B 123 18.48 4.99 15.56
N PHE B 124 18.61 5.70 14.43
CA PHE B 124 17.66 6.74 14.06
C PHE B 124 16.65 6.29 13.00
N HIS B 125 16.40 4.98 12.92
CA HIS B 125 15.58 4.43 11.85
C HIS B 125 14.15 4.94 11.90
N VAL B 126 13.58 5.08 13.09
CA VAL B 126 12.18 5.46 13.24
C VAL B 126 11.93 6.90 12.81
N PRO B 127 12.65 7.92 13.30
CA PRO B 127 12.45 9.26 12.74
C PRO B 127 12.80 9.33 11.25
N PHE B 128 13.79 8.58 10.79
CA PHE B 128 14.08 8.50 9.36
C PHE B 128 12.88 7.95 8.60
N ALA B 129 12.26 6.90 9.13
CA ALA B 129 11.10 6.30 8.47
C ALA B 129 9.89 7.23 8.57
N PHE B 130 9.70 7.87 9.73
CA PHE B 130 8.57 8.78 9.85
C PHE B 130 8.68 9.93 8.84
N SER B 131 9.92 10.32 8.50
CA SER B 131 10.14 11.33 7.49
C SER B 131 9.53 10.97 6.15
N PHE B 132 9.45 9.67 5.80
CA PHE B 132 8.79 9.33 4.54
C PHE B 132 7.30 9.66 4.58
N ALA B 133 6.61 9.41 5.69
CA ALA B 133 5.21 9.80 5.75
C ALA B 133 5.06 11.33 5.66
N ILE B 134 5.90 12.08 6.38
CA ILE B 134 5.87 13.53 6.30
C ILE B 134 6.13 13.99 4.88
N GLY B 135 7.13 13.39 4.22
CA GLY B 135 7.42 13.75 2.84
C GLY B 135 6.21 13.57 1.93
N ALA B 136 5.46 12.48 2.13
CA ALA B 136 4.26 12.26 1.31
C ALA B 136 3.21 13.32 1.59
N TYR B 137 2.97 13.62 2.87
CA TYR B 137 2.06 14.72 3.23
C TYR B 137 2.51 16.04 2.58
N LEU B 138 3.81 16.33 2.62
CA LEU B 138 4.29 17.59 2.03
C LEU B 138 4.23 17.58 0.49
N VAL B 139 4.35 16.40 -0.15
CA VAL B 139 4.11 16.35 -1.60
C VAL B 139 2.66 16.76 -1.88
N LEU B 140 1.74 16.29 -1.03
CA LEU B 140 0.32 16.54 -1.21
C LEU B 140 -0.06 18.01 -0.99
N VAL B 141 0.49 18.66 0.04
CA VAL B 141 0.07 20.02 0.34
C VAL B 141 1.10 21.07 -0.04
N PHE B 142 2.33 20.69 -0.40
CA PHE B 142 3.33 21.69 -0.75
C PHE B 142 3.98 21.48 -2.13
N VAL B 143 4.64 20.34 -2.38
CA VAL B 143 5.38 20.22 -3.63
C VAL B 143 4.43 20.20 -4.82
N ARG B 144 3.42 19.32 -4.82
CA ARG B 144 2.50 19.26 -5.96
C ARG B 144 1.69 20.55 -6.15
N PRO B 145 1.04 21.13 -5.12
CA PRO B 145 0.46 22.47 -5.31
C PRO B 145 1.41 23.53 -5.83
N LEU B 146 2.67 23.56 -5.37
CA LEU B 146 3.59 24.58 -5.87
C LEU B 146 3.84 24.38 -7.37
N LEU B 147 4.08 23.14 -7.80
CA LEU B 147 4.38 22.89 -9.20
C LEU B 147 3.21 23.23 -10.10
N MET B 148 1.99 23.17 -9.60
CA MET B 148 0.83 23.55 -10.41
C MET B 148 0.37 24.99 -10.18
N GLY B 149 0.89 25.67 -9.18
CA GLY B 149 0.67 27.10 -9.06
C GLY B 149 -0.44 27.52 -8.14
N ALA B 150 -0.92 26.67 -7.23
CA ALA B 150 -1.95 27.16 -6.32
C ALA B 150 -2.02 26.25 -5.11
N TRP B 151 -2.06 26.85 -3.91
CA TRP B 151 -2.24 26.05 -2.71
C TRP B 151 -3.58 25.34 -2.72
N GLY B 152 -4.55 25.81 -3.50
CA GLY B 152 -5.85 25.20 -3.54
C GLY B 152 -5.86 23.79 -4.13
N HIS B 153 -4.71 23.30 -4.63
CA HIS B 153 -4.65 21.89 -5.04
C HIS B 153 -4.50 20.94 -3.86
N GLY B 154 -4.30 21.45 -2.64
CA GLY B 154 -4.30 20.58 -1.47
C GLY B 154 -5.65 19.89 -1.27
N PHE B 155 -5.66 18.86 -0.40
CA PHE B 155 -6.89 18.10 -0.15
C PHE B 155 -7.62 18.70 1.07
N PRO B 156 -8.94 18.57 1.18
CA PRO B 156 -9.64 19.20 2.31
C PRO B 156 -9.50 18.37 3.57
N TYR B 157 -9.64 19.05 4.71
CA TYR B 157 -9.51 18.36 6.01
C TYR B 157 -10.93 18.01 6.48
N GLY B 158 -11.39 16.84 6.05
CA GLY B 158 -12.70 16.31 6.36
C GLY B 158 -12.69 14.81 6.19
N ILE B 159 -13.30 14.08 7.13
CA ILE B 159 -13.16 12.63 7.18
C ILE B 159 -13.67 11.99 5.88
N LEU B 160 -14.86 12.39 5.41
CA LEU B 160 -15.36 11.91 4.12
C LEU B 160 -15.10 12.86 2.97
N SER B 161 -15.02 14.17 3.21
CA SER B 161 -14.81 15.11 2.12
C SER B 161 -13.47 14.90 1.42
N HIS B 162 -12.43 14.44 2.15
CA HIS B 162 -11.17 14.18 1.46
C HIS B 162 -11.23 12.94 0.58
N LEU B 163 -12.19 12.03 0.83
CA LEU B 163 -12.39 10.92 -0.11
C LEU B 163 -13.03 11.39 -1.40
N ASP B 164 -13.85 12.45 -1.32
CA ASP B 164 -14.38 13.04 -2.54
C ASP B 164 -13.26 13.67 -3.36
N TRP B 165 -12.35 14.38 -2.67
CA TRP B 165 -11.16 14.92 -3.33
C TRP B 165 -10.37 13.82 -4.04
N VAL B 166 -10.04 12.74 -3.33
CA VAL B 166 -9.27 11.66 -3.96
C VAL B 166 -9.97 11.15 -5.22
N SER B 167 -11.27 10.89 -5.13
CA SER B 167 -12.05 10.36 -6.26
C SER B 167 -11.96 11.29 -7.47
N ASN B 168 -12.20 12.59 -7.26
CA ASN B 168 -12.27 13.52 -8.39
C ASN B 168 -10.89 13.84 -8.97
N VAL B 169 -9.84 13.87 -8.13
CA VAL B 169 -8.48 14.00 -8.67
C VAL B 169 -8.12 12.74 -9.47
N GLY B 170 -8.45 11.55 -8.94
CA GLY B 170 -8.14 10.31 -9.66
C GLY B 170 -8.79 10.22 -11.02
N TYR B 171 -10.10 10.48 -11.10
CA TYR B 171 -10.84 10.37 -12.35
C TYR B 171 -10.58 11.53 -13.33
N GLN B 172 -9.83 12.56 -12.90
CA GLN B 172 -9.35 13.53 -13.88
C GLN B 172 -8.47 12.85 -14.92
N PHE B 173 -7.84 11.74 -14.53
CA PHE B 173 -6.98 10.94 -15.39
C PHE B 173 -7.68 9.69 -15.95
N LEU B 174 -9.03 9.69 -15.91
CA LEU B 174 -9.96 8.72 -16.53
C LEU B 174 -9.99 7.37 -15.82
N HIS B 175 -8.81 6.79 -15.57
CA HIS B 175 -8.66 5.43 -15.06
C HIS B 175 -7.32 5.42 -14.29
N PHE B 176 -7.34 5.96 -13.05
CA PHE B 176 -6.10 6.24 -12.30
C PHE B 176 -5.34 4.97 -11.95
N HIS B 177 -6.01 3.82 -11.98
CA HIS B 177 -5.38 2.53 -11.70
C HIS B 177 -4.18 2.30 -12.61
N TYR B 178 -4.16 2.89 -13.79
CA TYR B 178 -3.05 2.62 -14.71
C TYR B 178 -1.84 3.51 -14.45
N ASN B 179 -1.88 4.37 -13.44
CA ASN B 179 -0.68 5.14 -13.06
C ASN B 179 0.41 4.16 -12.67
N PRO B 180 1.57 4.17 -13.36
CA PRO B 180 2.60 3.15 -13.09
C PRO B 180 3.22 3.23 -11.71
N ALA B 181 3.42 4.44 -11.17
CA ALA B 181 3.97 4.53 -9.82
C ALA B 181 2.95 4.10 -8.78
N HIS B 182 1.67 4.32 -9.07
CA HIS B 182 0.56 3.90 -8.22
C HIS B 182 0.45 2.36 -8.15
N MET B 183 0.57 1.69 -9.30
CA MET B 183 0.63 0.23 -9.32
C MET B 183 1.79 -0.31 -8.47
N LEU B 184 2.97 0.29 -8.63
CA LEU B 184 4.12 -0.12 -7.83
C LEU B 184 3.90 0.13 -6.34
N ALA B 185 3.35 1.31 -5.99
CA ALA B 185 3.13 1.61 -4.57
C ALA B 185 2.14 0.63 -3.94
N ILE B 186 1.04 0.35 -4.65
CA ILE B 186 0.05 -0.60 -4.15
C ILE B 186 0.66 -1.97 -3.96
N SER B 187 1.44 -2.42 -4.94
CA SER B 187 2.16 -3.68 -4.79
C SER B 187 2.98 -3.68 -3.49
N PHE B 188 3.61 -2.56 -3.17
CA PHE B 188 4.35 -2.50 -1.89
C PHE B 188 3.39 -2.54 -0.69
N PHE B 189 2.26 -1.81 -0.75
CA PHE B 189 1.30 -1.86 0.37
C PHE B 189 0.78 -3.27 0.61
N PHE B 190 0.37 -3.98 -0.47
CA PHE B 190 -0.11 -5.35 -0.33
C PHE B 190 0.99 -6.29 0.15
N THR B 191 2.16 -6.22 -0.48
CA THR B 191 3.26 -7.09 -0.05
C THR B 191 3.63 -6.82 1.41
N ASN B 192 3.59 -5.56 1.83
CA ASN B 192 3.87 -5.23 3.23
C ASN B 192 2.87 -5.90 4.18
N CYS B 193 1.58 -5.89 3.81
CA CYS B 193 0.55 -6.48 4.67
C CYS B 193 0.71 -8.00 4.80
N LEU B 194 0.95 -8.66 3.66
CA LEU B 194 1.31 -10.08 3.66
C LEU B 194 2.52 -10.37 4.55
N ALA B 195 3.62 -9.64 4.32
CA ALA B 195 4.83 -9.81 5.12
C ALA B 195 4.59 -9.58 6.61
N LEU B 196 3.77 -8.57 6.96
CA LEU B 196 3.47 -8.30 8.37
C LEU B 196 2.69 -9.44 9.03
N SER B 197 1.68 -9.96 8.33
CA SER B 197 0.92 -11.09 8.88
C SER B 197 1.79 -12.32 9.01
N MET B 198 2.69 -12.54 8.04
CA MET B 198 3.63 -13.67 8.14
C MET B 198 4.56 -13.50 9.35
N HIS B 199 5.09 -12.28 9.53
CA HIS B 199 6.05 -12.05 10.63
C HIS B 199 5.37 -12.15 12.00
N GLY B 200 4.27 -11.41 12.18
CA GLY B 200 3.51 -11.54 13.42
C GLY B 200 3.16 -12.97 13.74
N SER B 201 2.66 -13.72 12.73
CA SER B 201 2.29 -15.12 12.95
C SER B 201 3.48 -15.93 13.42
N LEU B 202 4.63 -15.77 12.75
CA LEU B 202 5.75 -16.64 13.06
C LEU B 202 6.27 -16.40 14.48
N ILE B 203 6.39 -15.13 14.90
CA ILE B 203 6.90 -14.87 16.25
C ILE B 203 5.94 -15.44 17.29
N LEU B 204 4.63 -15.31 17.05
CA LEU B 204 3.66 -15.76 18.05
C LEU B 204 3.59 -17.28 18.10
N SER B 205 3.76 -17.92 16.94
CA SER B 205 3.67 -19.38 16.90
C SER B 205 4.89 -20.08 17.49
N VAL B 206 6.05 -19.42 17.59
CA VAL B 206 7.19 -20.09 18.22
C VAL B 206 7.31 -19.75 19.70
N THR B 207 6.82 -18.58 20.12
CA THR B 207 6.80 -18.24 21.55
C THR B 207 5.58 -18.76 22.27
N ASN B 208 4.54 -19.15 21.52
CA ASN B 208 3.33 -19.77 22.08
C ASN B 208 3.09 -21.08 21.35
N PRO B 209 3.96 -22.07 21.55
CA PRO B 209 3.87 -23.31 20.77
C PRO B 209 2.70 -24.18 21.22
N GLN B 210 2.55 -25.37 20.64
CA GLN B 210 1.47 -26.25 21.05
C GLN B 210 1.66 -26.68 22.51
N LYS B 211 0.56 -27.02 23.16
CA LYS B 211 0.64 -27.41 24.57
C LYS B 211 1.62 -28.57 24.74
N GLY B 212 2.39 -28.53 25.82
CA GLY B 212 3.44 -29.50 26.06
C GLY B 212 4.75 -29.21 25.38
N GLU B 213 4.82 -28.19 24.53
CA GLU B 213 6.05 -27.94 23.81
C GLU B 213 6.84 -26.83 24.49
N PRO B 214 8.17 -26.89 24.48
CA PRO B 214 8.97 -25.75 24.92
C PRO B 214 8.92 -24.66 23.86
N VAL B 215 9.36 -23.46 24.26
CA VAL B 215 9.54 -22.35 23.31
C VAL B 215 10.43 -22.81 22.18
N LYS B 216 10.09 -22.40 20.96
CA LYS B 216 10.81 -22.88 19.78
C LYS B 216 12.06 -22.02 19.55
N THR B 217 12.82 -22.38 18.51
CA THR B 217 14.17 -21.85 18.30
C THR B 217 14.24 -21.10 16.98
N SER B 218 15.35 -20.35 16.85
CA SER B 218 15.75 -19.80 15.55
C SER B 218 15.75 -20.86 14.45
N GLU B 219 16.19 -22.09 14.77
CA GLU B 219 16.17 -23.15 13.76
C GLU B 219 14.75 -23.50 13.33
N HIS B 220 13.79 -23.45 14.26
CA HIS B 220 12.39 -23.68 13.87
C HIS B 220 11.88 -22.60 12.92
N GLU B 221 12.20 -21.33 13.22
CA GLU B 221 11.73 -20.22 12.39
C GLU B 221 12.20 -20.37 10.96
N ASN B 222 13.50 -20.63 10.79
CA ASN B 222 14.06 -20.81 9.46
C ASN B 222 13.48 -22.04 8.77
N THR B 223 13.43 -23.17 9.49
CA THR B 223 12.91 -24.42 8.92
C THR B 223 11.46 -24.25 8.41
N PHE B 224 10.64 -23.45 9.13
CA PHE B 224 9.21 -23.39 8.87
C PHE B 224 8.90 -22.79 7.50
N PHE B 225 9.58 -21.70 7.14
CA PHE B 225 9.31 -21.11 5.85
C PHE B 225 10.10 -21.76 4.73
N ARG B 226 11.26 -22.36 5.03
CA ARG B 226 11.89 -23.20 4.03
C ARG B 226 10.98 -24.36 3.66
N ASP B 227 10.22 -24.88 4.63
CA ASP B 227 9.30 -25.99 4.40
C ASP B 227 8.13 -25.58 3.51
N ILE B 228 7.68 -24.32 3.64
CA ILE B 228 6.54 -23.83 2.87
C ILE B 228 6.97 -23.28 1.52
N VAL B 229 8.00 -22.43 1.46
CA VAL B 229 8.39 -21.77 0.22
C VAL B 229 9.83 -22.07 -0.20
N GLY B 230 10.55 -22.92 0.53
CA GLY B 230 11.96 -23.20 0.21
C GLY B 230 12.92 -22.06 0.49
N TYR B 231 12.52 -21.07 1.26
CA TYR B 231 13.41 -19.97 1.58
C TYR B 231 12.98 -19.34 2.90
N SER B 232 13.97 -18.88 3.64
CA SER B 232 13.79 -18.14 4.89
C SER B 232 14.66 -16.90 4.79
N ILE B 233 14.07 -15.72 5.00
CA ILE B 233 14.91 -14.52 4.86
C ILE B 233 15.76 -14.28 6.10
N GLY B 234 15.33 -14.73 7.27
CA GLY B 234 16.12 -14.51 8.47
C GLY B 234 15.47 -13.48 9.41
N ALA B 235 15.75 -13.63 10.70
CA ALA B 235 15.00 -12.89 11.73
C ALA B 235 15.41 -11.43 11.76
N LEU B 236 16.67 -11.14 11.44
CA LEU B 236 17.06 -9.74 11.27
C LEU B 236 16.45 -9.17 10.00
N ALA B 237 16.64 -9.88 8.88
CA ALA B 237 16.24 -9.41 7.55
C ALA B 237 14.73 -9.23 7.38
N ILE B 238 13.89 -9.95 8.15
CA ILE B 238 12.46 -9.70 7.96
C ILE B 238 12.12 -8.27 8.40
N HIS B 239 12.84 -7.75 9.40
CA HIS B 239 12.65 -6.37 9.82
C HIS B 239 13.25 -5.41 8.79
N ARG B 240 14.39 -5.75 8.16
CA ARG B 240 14.87 -4.97 7.01
C ARG B 240 13.81 -4.92 5.91
N LEU B 241 13.28 -6.09 5.57
CA LEU B 241 12.30 -6.21 4.50
C LEU B 241 11.04 -5.41 4.83
N GLY B 242 10.48 -5.60 6.02
CA GLY B 242 9.28 -4.86 6.37
C GLY B 242 9.47 -3.35 6.30
N LEU B 243 10.63 -2.87 6.73
CA LEU B 243 10.92 -1.44 6.63
C LEU B 243 11.05 -1.01 5.17
N PHE B 244 11.71 -1.84 4.36
CA PHE B 244 11.87 -1.52 2.94
C PHE B 244 10.52 -1.45 2.23
N LEU B 245 9.63 -2.42 2.49
CA LEU B 245 8.32 -2.42 1.84
C LEU B 245 7.47 -1.23 2.29
N ALA B 246 7.45 -0.92 3.60
CA ALA B 246 6.60 0.17 4.05
C ALA B 246 7.11 1.52 3.55
N LEU B 247 8.43 1.76 3.62
CA LEU B 247 8.96 3.02 3.10
C LEU B 247 8.80 3.12 1.57
N SER B 248 9.00 2.01 0.85
CA SER B 248 8.78 2.00 -0.59
C SER B 248 7.33 2.31 -0.92
N ALA B 249 6.39 1.78 -0.14
CA ALA B 249 4.99 2.11 -0.38
C ALA B 249 4.73 3.61 -0.25
N ALA B 250 5.30 4.25 0.77
CA ALA B 250 5.13 5.70 0.94
C ALA B 250 5.85 6.46 -0.15
N PHE B 251 7.05 6.01 -0.51
CA PHE B 251 7.84 6.74 -1.49
C PHE B 251 7.15 6.72 -2.84
N TRP B 252 6.74 5.54 -3.30
CA TRP B 252 6.09 5.46 -4.62
C TRP B 252 4.70 6.09 -4.59
N SER B 253 4.04 6.13 -3.42
CA SER B 253 2.83 6.96 -3.28
C SER B 253 3.13 8.41 -3.63
N ALA B 254 4.14 9.00 -2.97
CA ALA B 254 4.45 10.40 -3.20
C ALA B 254 4.79 10.65 -4.66
N VAL B 255 5.58 9.76 -5.25
CA VAL B 255 5.91 9.87 -6.68
C VAL B 255 4.63 9.83 -7.52
N CYS B 256 3.70 8.93 -7.19
CA CYS B 256 2.56 8.71 -8.07
C CYS B 256 1.60 9.91 -8.06
N ILE B 257 1.50 10.64 -6.94
CA ILE B 257 0.65 11.82 -6.99
C ILE B 257 1.44 13.00 -7.54
N LEU B 258 2.75 13.02 -7.31
CA LEU B 258 3.61 14.11 -7.80
C LEU B 258 3.62 14.18 -9.32
N ILE B 259 3.59 13.03 -10.00
CA ILE B 259 3.56 13.04 -11.47
C ILE B 259 2.16 13.30 -12.02
N SER B 260 1.13 13.25 -11.18
CA SER B 260 -0.25 13.36 -11.66
C SER B 260 -0.66 14.84 -11.65
N GLY B 261 -0.41 15.50 -12.77
CA GLY B 261 -0.63 16.92 -12.90
C GLY B 261 0.66 17.60 -13.32
N PRO B 262 1.63 17.64 -12.40
CA PRO B 262 2.91 18.29 -12.71
C PRO B 262 3.67 17.67 -13.87
N PHE B 263 3.64 16.35 -14.01
CA PHE B 263 4.44 15.68 -15.03
C PHE B 263 3.61 14.83 -15.98
N TRP B 264 2.28 14.88 -15.87
CA TRP B 264 1.41 14.14 -16.78
C TRP B 264 0.02 14.71 -16.65
N THR B 265 -0.66 14.96 -17.79
CA THR B 265 -1.99 15.56 -17.77
C THR B 265 -3.05 14.75 -18.51
N ARG B 266 -2.66 13.77 -19.33
CA ARG B 266 -3.62 12.94 -20.07
C ARG B 266 -4.09 11.77 -19.21
N GLY B 267 -4.90 10.88 -19.80
CA GLY B 267 -5.36 9.73 -19.06
C GLY B 267 -4.18 8.84 -18.69
N TRP B 268 -4.34 8.10 -17.60
CA TRP B 268 -3.19 7.25 -17.23
C TRP B 268 -3.07 6.01 -18.14
N PRO B 269 -4.15 5.37 -18.62
CA PRO B 269 -3.93 4.24 -19.56
C PRO B 269 -3.09 4.66 -20.77
N GLU B 270 -3.31 5.87 -21.30
CA GLU B 270 -2.59 6.30 -22.49
C GLU B 270 -1.08 6.46 -22.26
N TRP B 271 -0.63 6.63 -21.01
CA TRP B 271 0.81 6.63 -20.77
C TRP B 271 1.47 5.38 -21.31
N TRP B 272 0.81 4.23 -21.14
CA TRP B 272 1.33 2.94 -21.59
C TRP B 272 1.44 2.83 -23.11
N ASN B 273 1.00 3.83 -23.87
CA ASN B 273 1.17 3.79 -25.32
C ASN B 273 2.64 3.88 -25.74
N TRP B 274 3.55 4.36 -24.89
CA TRP B 274 4.96 4.29 -25.26
C TRP B 274 5.39 2.85 -25.48
N TRP B 275 4.90 1.96 -24.61
CA TRP B 275 5.11 0.53 -24.72
C TRP B 275 4.45 -0.04 -25.98
N LEU B 276 3.14 0.18 -26.13
CA LEU B 276 2.45 -0.28 -27.35
C LEU B 276 3.10 0.24 -28.62
N GLU B 277 3.70 1.43 -28.59
CA GLU B 277 4.24 2.06 -29.80
C GLU B 277 5.71 1.75 -30.04
N LEU B 278 6.38 0.99 -29.18
CA LEU B 278 7.76 0.61 -29.47
C LEU B 278 7.80 -0.11 -30.81
N PRO B 279 8.82 0.15 -31.64
CA PRO B 279 8.86 -0.45 -32.99
C PRO B 279 9.28 -1.92 -32.99
N LEU B 280 8.72 -2.70 -32.06
CA LEU B 280 9.00 -4.12 -31.96
C LEU B 280 7.81 -4.99 -32.33
N TRP B 281 6.63 -4.39 -32.46
CA TRP B 281 5.40 -5.14 -32.50
C TRP B 281 4.27 -4.21 -32.89
N PRO C 2 28.71 9.10 12.13
CA PRO C 2 28.16 8.07 11.25
C PRO C 2 27.97 6.75 11.98
N GLU C 3 27.22 5.80 11.43
CA GLU C 3 27.06 4.52 12.10
C GLU C 3 26.62 3.48 11.09
N TYR C 4 26.84 2.22 11.45
CA TYR C 4 26.29 1.10 10.71
C TYR C 4 24.78 1.06 10.90
N GLN C 5 24.05 1.05 9.80
CA GLN C 5 22.59 1.07 9.82
C GLN C 5 21.99 -0.34 9.82
N ASN C 6 22.80 -1.36 9.59
CA ASN C 6 22.35 -2.76 9.57
C ASN C 6 21.27 -2.95 8.51
N ILE C 7 21.48 -2.34 7.34
CA ILE C 7 20.62 -2.59 6.19
C ILE C 7 21.17 -3.70 5.31
N PHE C 8 22.48 -3.64 5.03
CA PHE C 8 23.20 -4.64 4.26
C PHE C 8 24.26 -5.30 5.11
N THR C 9 24.41 -6.61 4.91
CA THR C 9 25.47 -7.39 5.53
C THR C 9 26.78 -7.13 4.76
N ALA C 10 27.76 -6.53 5.43
CA ALA C 10 29.03 -6.17 4.80
C ALA C 10 29.95 -7.37 4.63
N VAL C 11 29.92 -8.30 5.59
CA VAL C 11 30.82 -9.44 5.59
C VAL C 11 29.97 -10.66 5.90
N GLN C 12 29.72 -11.49 4.89
CA GLN C 12 28.99 -12.73 5.08
C GLN C 12 29.92 -13.85 5.54
N VAL C 13 29.37 -14.75 6.36
CA VAL C 13 30.05 -16.00 6.67
C VAL C 13 29.21 -17.16 6.12
N ARG C 14 29.87 -18.31 5.94
CA ARG C 14 29.23 -19.52 5.41
C ARG C 14 29.44 -20.69 6.36
N ALA C 15 28.44 -21.57 6.40
CA ALA C 15 28.51 -22.85 7.09
C ALA C 15 27.75 -23.87 6.25
N PRO C 16 28.00 -25.17 6.46
CA PRO C 16 27.25 -26.19 5.71
C PRO C 16 25.76 -25.96 5.85
N ALA C 17 25.02 -26.18 4.76
CA ALA C 17 23.60 -25.85 4.73
C ALA C 17 22.83 -26.56 5.83
N TYR C 18 21.87 -25.86 6.43
CA TYR C 18 21.06 -26.50 7.46
C TYR C 18 19.95 -27.33 6.81
N PRO C 19 19.86 -28.63 7.09
CA PRO C 19 18.78 -29.43 6.49
C PRO C 19 17.43 -29.20 7.14
N GLY C 20 17.37 -28.58 8.31
CA GLY C 20 16.09 -28.27 8.93
C GLY C 20 15.86 -29.08 10.20
N VAL C 21 14.93 -28.60 11.01
CA VAL C 21 14.53 -29.33 12.22
C VAL C 21 13.95 -30.69 11.84
N PRO C 22 14.39 -31.79 12.45
CA PRO C 22 13.83 -33.10 12.12
C PRO C 22 12.33 -33.18 12.36
N LEU C 23 11.60 -33.80 11.39
CA LEU C 23 10.14 -33.92 11.40
C LEU C 23 9.71 -35.30 11.93
N PRO C 24 8.51 -35.38 12.50
CA PRO C 24 8.04 -36.66 13.05
C PRO C 24 7.74 -37.67 11.95
N LYS C 25 7.65 -38.93 12.35
CA LYS C 25 7.31 -39.99 11.41
C LYS C 25 5.99 -39.71 10.73
N GLY C 26 5.92 -40.01 9.44
CA GLY C 26 4.79 -39.69 8.60
C GLY C 26 5.06 -38.55 7.64
N ASN C 27 5.97 -37.64 8.00
CA ASN C 27 6.42 -36.62 7.07
C ASN C 27 7.40 -37.23 6.08
N LEU C 28 7.33 -36.80 4.84
CA LEU C 28 8.28 -37.26 3.85
C LEU C 28 9.61 -36.52 4.01
N PRO C 29 10.71 -37.15 3.58
CA PRO C 29 11.99 -36.44 3.56
C PRO C 29 11.91 -35.19 2.69
N ARG C 30 12.68 -34.17 3.06
CA ARG C 30 12.71 -32.93 2.29
C ARG C 30 13.47 -33.15 0.98
N ILE C 31 13.26 -32.26 0.03
CA ILE C 31 13.92 -32.40 -1.27
C ILE C 31 14.64 -31.11 -1.64
N GLY C 32 15.70 -31.28 -2.42
CA GLY C 32 16.54 -30.20 -2.90
C GLY C 32 17.89 -30.21 -2.21
N ARG C 33 18.93 -29.87 -2.97
CA ARG C 33 20.24 -29.65 -2.42
C ARG C 33 20.42 -28.16 -2.22
N PRO C 34 20.57 -27.66 -1.00
CA PRO C 34 20.59 -26.20 -0.80
C PRO C 34 21.78 -25.55 -1.48
N ILE C 35 21.55 -24.36 -2.03
CA ILE C 35 22.62 -23.54 -2.60
C ILE C 35 22.69 -22.23 -1.84
N PHE C 36 23.79 -21.50 -2.06
CA PHE C 36 24.00 -20.17 -1.48
C PHE C 36 24.04 -19.09 -2.55
N SER C 37 23.33 -18.00 -2.30
CA SER C 37 23.35 -16.81 -3.14
C SER C 37 24.07 -15.71 -2.39
N TYR C 38 25.19 -15.24 -2.95
CA TYR C 38 25.91 -14.13 -2.34
C TYR C 38 25.02 -12.89 -2.26
N TRP C 39 24.27 -12.60 -3.33
CA TRP C 39 23.52 -11.34 -3.35
C TRP C 39 22.30 -11.40 -2.43
N LEU C 40 21.65 -12.55 -2.30
CA LEU C 40 20.62 -12.68 -1.26
C LEU C 40 21.24 -12.54 0.13
N GLY C 41 22.48 -13.02 0.30
CA GLY C 41 23.21 -12.92 1.55
C GLY C 41 23.60 -11.50 1.94
N LYS C 42 23.51 -10.53 1.00
CA LYS C 42 23.72 -9.13 1.33
C LYS C 42 22.53 -8.55 2.09
N ILE C 43 21.31 -9.00 1.76
CA ILE C 43 20.12 -8.48 2.44
C ILE C 43 19.56 -9.45 3.46
N GLY C 44 19.79 -10.74 3.32
CA GLY C 44 19.24 -11.69 4.26
C GLY C 44 19.98 -13.00 4.25
N ASP C 45 19.23 -14.09 4.35
CA ASP C 45 19.85 -15.41 4.42
C ASP C 45 20.30 -15.82 3.02
N ALA C 46 21.53 -16.33 2.90
CA ALA C 46 22.06 -16.73 1.60
C ALA C 46 21.57 -18.12 1.16
N GLN C 47 21.05 -18.93 2.08
CA GLN C 47 20.64 -20.29 1.73
C GLN C 47 19.30 -20.31 1.01
N ILE C 48 19.24 -21.06 -0.10
CA ILE C 48 18.01 -21.37 -0.81
C ILE C 48 17.81 -22.88 -0.73
N GLY C 49 16.62 -23.30 -0.29
CA GLY C 49 16.32 -24.71 -0.08
C GLY C 49 16.78 -25.16 1.30
N PRO C 50 16.47 -26.42 1.67
CA PRO C 50 15.64 -27.37 0.91
C PRO C 50 14.14 -27.03 1.07
N ILE C 51 13.24 -27.87 0.58
CA ILE C 51 11.80 -27.62 0.64
C ILE C 51 11.09 -28.92 1.03
N TYR C 52 9.93 -28.78 1.68
CA TYR C 52 9.08 -29.94 1.97
C TYR C 52 7.99 -30.08 0.89
N LEU C 53 7.70 -31.33 0.50
CA LEU C 53 6.69 -31.57 -0.52
C LEU C 53 6.10 -32.96 -0.30
N GLY C 54 4.97 -33.01 0.40
CA GLY C 54 4.18 -34.22 0.51
C GLY C 54 3.00 -34.19 -0.44
N LEU C 55 1.96 -34.94 -0.05
CA LEU C 55 0.78 -35.06 -0.90
C LEU C 55 -0.01 -33.76 -0.97
N THR C 56 -0.15 -33.08 0.16
CA THR C 56 -0.93 -31.84 0.17
C THR C 56 -0.34 -30.83 -0.82
N GLY C 57 0.98 -30.60 -0.71
CA GLY C 57 1.61 -29.60 -1.56
C GLY C 57 1.73 -30.02 -3.01
N THR C 58 1.95 -31.32 -3.25
CA THR C 58 2.01 -31.81 -4.62
C THR C 58 0.68 -31.58 -5.31
N LEU C 59 -0.42 -31.95 -4.63
CA LEU C 59 -1.75 -31.69 -5.16
C LEU C 59 -1.97 -30.19 -5.32
N SER C 60 -1.53 -29.39 -4.35
CA SER C 60 -1.74 -27.94 -4.45
C SER C 60 -1.07 -27.39 -5.71
N ILE C 61 0.20 -27.77 -5.91
CA ILE C 61 0.98 -27.26 -7.03
C ILE C 61 0.40 -27.73 -8.37
N PHE C 62 -0.03 -28.98 -8.43
CA PHE C 62 -0.66 -29.48 -9.67
C PHE C 62 -1.93 -28.68 -10.01
N PHE C 63 -2.85 -28.54 -9.05
CA PHE C 63 -4.03 -27.73 -9.32
C PHE C 63 -3.62 -26.31 -9.77
N GLY C 64 -2.60 -25.74 -9.11
CA GLY C 64 -2.26 -24.35 -9.35
C GLY C 64 -1.60 -24.12 -10.70
N LEU C 65 -0.78 -25.08 -11.13
CA LEU C 65 -0.17 -24.96 -12.46
C LEU C 65 -1.21 -25.11 -13.55
N VAL C 66 -2.17 -26.05 -13.38
CA VAL C 66 -3.28 -26.16 -14.33
C VAL C 66 -4.01 -24.83 -14.44
N ALA C 67 -4.35 -24.22 -13.29
CA ALA C 67 -5.08 -22.97 -13.31
C ALA C 67 -4.30 -21.89 -14.03
N ILE C 68 -3.02 -21.76 -13.71
CA ILE C 68 -2.18 -20.71 -14.30
C ILE C 68 -2.02 -20.94 -15.80
N SER C 69 -1.76 -22.20 -16.19
N SER C 69 -1.76 -22.19 -16.20
CA SER C 69 -1.60 -22.49 -17.62
CA SER C 69 -1.60 -22.46 -17.63
C SER C 69 -2.90 -22.22 -18.40
C SER C 69 -2.90 -22.21 -18.40
N ILE C 70 -4.06 -22.50 -17.79
CA ILE C 70 -5.32 -22.24 -18.51
C ILE C 70 -5.47 -20.74 -18.76
N ILE C 71 -5.07 -19.92 -17.79
CA ILE C 71 -5.11 -18.47 -17.97
C ILE C 71 -4.16 -18.04 -19.09
N GLY C 72 -2.88 -18.42 -18.99
CA GLY C 72 -1.92 -18.01 -19.99
C GLY C 72 -2.30 -18.48 -21.39
N PHE C 73 -2.70 -19.75 -21.51
CA PHE C 73 -3.20 -20.29 -22.78
C PHE C 73 -4.29 -19.40 -23.38
N ASN C 74 -5.27 -19.05 -22.58
CA ASN C 74 -6.36 -18.22 -23.11
C ASN C 74 -5.90 -16.83 -23.48
N MET C 75 -4.95 -16.26 -22.73
CA MET C 75 -4.38 -14.96 -23.12
C MET C 75 -3.73 -15.03 -24.48
N LEU C 76 -2.89 -16.06 -24.69
CA LEU C 76 -2.22 -16.21 -25.99
C LEU C 76 -3.22 -16.50 -27.11
N ALA C 77 -4.22 -17.34 -26.86
CA ALA C 77 -5.24 -17.57 -27.88
C ALA C 77 -5.95 -16.28 -28.27
N SER C 78 -6.05 -15.30 -27.34
CA SER C 78 -6.82 -14.08 -27.62
C SER C 78 -6.05 -13.13 -28.50
N VAL C 79 -4.79 -13.44 -28.85
CA VAL C 79 -4.03 -12.68 -29.84
C VAL C 79 -3.62 -13.65 -30.94
N HIS C 80 -4.40 -14.73 -31.10
CA HIS C 80 -4.25 -15.67 -32.21
C HIS C 80 -2.87 -16.31 -32.26
N TRP C 81 -2.39 -16.76 -31.10
CA TRP C 81 -1.13 -17.49 -30.94
C TRP C 81 0.12 -16.64 -31.18
N ASP C 82 -0.02 -15.35 -31.44
CA ASP C 82 1.08 -14.49 -31.86
C ASP C 82 1.88 -14.10 -30.62
N VAL C 83 3.01 -14.77 -30.41
CA VAL C 83 3.78 -14.56 -29.18
C VAL C 83 4.25 -13.12 -29.08
N PHE C 84 4.59 -12.48 -30.21
CA PHE C 84 5.05 -11.10 -30.13
C PHE C 84 3.94 -10.16 -29.64
N GLN C 85 2.70 -10.40 -30.09
CA GLN C 85 1.57 -9.59 -29.67
C GLN C 85 1.13 -9.93 -28.26
N PHE C 86 1.39 -11.16 -27.83
CA PHE C 86 1.18 -11.52 -26.44
C PHE C 86 2.07 -10.69 -25.51
N LEU C 87 3.34 -10.50 -25.87
CA LEU C 87 4.22 -9.64 -25.08
C LEU C 87 3.80 -8.17 -25.16
N LYS C 88 3.41 -7.71 -26.34
CA LYS C 88 2.95 -6.33 -26.49
C LYS C 88 1.75 -6.06 -25.59
N HIS C 89 0.72 -6.91 -25.65
CA HIS C 89 -0.55 -6.68 -24.98
C HIS C 89 -0.68 -7.37 -23.64
N PHE C 90 0.41 -7.98 -23.13
CA PHE C 90 0.33 -8.85 -21.96
C PHE C 90 -0.48 -8.24 -20.80
N PHE C 91 -0.18 -6.99 -20.40
CA PHE C 91 -0.88 -6.40 -19.26
C PHE C 91 -2.38 -6.23 -19.54
N TRP C 92 -2.77 -6.11 -20.80
CA TRP C 92 -4.18 -5.99 -21.19
C TRP C 92 -4.92 -7.32 -21.33
N LEU C 93 -4.22 -8.43 -21.55
CA LEU C 93 -4.89 -9.68 -21.87
C LEU C 93 -5.55 -10.28 -20.63
N GLY C 94 -6.54 -11.14 -20.86
CA GLY C 94 -7.17 -11.77 -19.70
C GLY C 94 -7.95 -13.01 -20.05
N LEU C 95 -8.33 -13.74 -19.00
CA LEU C 95 -9.27 -14.85 -19.06
C LEU C 95 -10.56 -14.36 -18.41
N GLU C 96 -11.63 -14.29 -19.20
CA GLU C 96 -12.85 -13.52 -18.93
C GLU C 96 -13.91 -14.37 -18.22
N PRO C 97 -14.63 -13.85 -17.22
CA PRO C 97 -15.70 -14.63 -16.60
C PRO C 97 -16.80 -14.94 -17.60
N PRO C 98 -17.65 -15.95 -17.33
CA PRO C 98 -18.68 -16.32 -18.30
C PRO C 98 -19.69 -15.22 -18.52
N PRO C 99 -20.33 -15.18 -19.70
CA PRO C 99 -21.42 -14.22 -19.97
C PRO C 99 -22.59 -14.37 -19.01
N PRO C 100 -23.35 -13.31 -18.77
CA PRO C 100 -24.49 -13.41 -17.82
C PRO C 100 -25.56 -14.42 -18.21
N GLN C 101 -25.72 -14.72 -19.50
CA GLN C 101 -26.81 -15.61 -19.88
C GLN C 101 -26.66 -17.00 -19.26
N TYR C 102 -25.43 -17.40 -18.88
CA TYR C 102 -25.26 -18.74 -18.34
C TYR C 102 -25.49 -18.83 -16.83
N GLY C 103 -25.68 -17.72 -16.15
CA GLY C 103 -25.96 -17.78 -14.72
C GLY C 103 -24.82 -18.49 -13.99
N LEU C 104 -25.17 -19.45 -13.13
CA LEU C 104 -24.19 -20.25 -12.41
C LEU C 104 -24.00 -21.64 -13.04
N ARG C 105 -24.62 -21.92 -14.18
CA ARG C 105 -24.40 -23.18 -14.88
C ARG C 105 -23.00 -23.23 -15.46
N ILE C 106 -22.48 -24.45 -15.59
CA ILE C 106 -21.18 -24.66 -16.21
C ILE C 106 -21.30 -24.17 -17.65
N PRO C 107 -20.50 -23.18 -18.07
CA PRO C 107 -20.71 -22.56 -19.38
C PRO C 107 -19.87 -23.25 -20.44
N PRO C 108 -20.09 -22.95 -21.72
CA PRO C 108 -19.35 -23.67 -22.76
C PRO C 108 -17.87 -23.33 -22.75
N LEU C 109 -17.09 -24.34 -23.13
CA LEU C 109 -15.64 -24.20 -23.29
C LEU C 109 -15.26 -22.97 -24.10
N SER C 110 -16.06 -22.65 -25.12
CA SER C 110 -15.68 -21.53 -25.98
C SER C 110 -16.05 -20.17 -25.39
N GLU C 111 -16.84 -20.13 -24.32
CA GLU C 111 -17.32 -18.86 -23.82
C GLU C 111 -17.54 -18.89 -22.31
N GLY C 112 -16.46 -19.14 -21.55
CA GLY C 112 -16.50 -19.04 -20.10
C GLY C 112 -16.14 -20.31 -19.35
N GLY C 113 -16.15 -21.48 -20.02
CA GLY C 113 -15.76 -22.70 -19.34
C GLY C 113 -14.34 -22.68 -18.80
N TRP C 114 -13.42 -22.04 -19.52
CA TRP C 114 -12.05 -21.97 -19.05
C TRP C 114 -11.92 -21.10 -17.81
N TRP C 115 -12.69 -19.99 -17.72
CA TRP C 115 -12.66 -19.18 -16.50
C TRP C 115 -13.11 -20.01 -15.32
N LEU C 116 -14.23 -20.74 -15.48
CA LEU C 116 -14.79 -21.51 -14.37
C LEU C 116 -13.82 -22.58 -13.91
N MET C 117 -13.10 -23.21 -14.85
CA MET C 117 -12.11 -24.23 -14.48
C MET C 117 -10.92 -23.62 -13.77
N ALA C 118 -10.42 -22.47 -14.25
CA ALA C 118 -9.30 -21.81 -13.56
C ALA C 118 -9.68 -21.39 -12.16
N GLY C 119 -10.91 -20.88 -11.98
CA GLY C 119 -11.33 -20.49 -10.65
C GLY C 119 -11.46 -21.69 -9.72
N LEU C 120 -12.10 -22.76 -10.21
CA LEU C 120 -12.16 -24.00 -9.44
C LEU C 120 -10.76 -24.50 -9.06
N PHE C 121 -9.85 -24.55 -10.03
CA PHE C 121 -8.58 -25.22 -9.75
C PHE C 121 -7.63 -24.31 -8.96
N LEU C 122 -7.68 -23.01 -9.20
CA LEU C 122 -6.94 -22.09 -8.34
C LEU C 122 -7.47 -22.16 -6.90
N THR C 123 -8.80 -22.23 -6.73
CA THR C 123 -9.37 -22.29 -5.40
C THR C 123 -8.93 -23.55 -4.65
N LEU C 124 -9.01 -24.72 -5.31
CA LEU C 124 -8.52 -25.94 -4.66
C LEU C 124 -7.02 -25.86 -4.37
N SER C 125 -6.25 -25.28 -5.29
CA SER C 125 -4.83 -25.08 -5.06
C SER C 125 -4.58 -24.25 -3.80
N ILE C 126 -5.37 -23.19 -3.60
CA ILE C 126 -5.18 -22.32 -2.44
C ILE C 126 -5.61 -23.03 -1.16
N LEU C 127 -6.76 -23.70 -1.19
CA LEU C 127 -7.23 -24.44 -0.02
C LEU C 127 -6.22 -25.51 0.39
N LEU C 128 -5.61 -26.19 -0.58
CA LEU C 128 -4.59 -27.17 -0.23
C LEU C 128 -3.34 -26.49 0.30
N TRP C 129 -2.99 -25.30 -0.23
CA TRP C 129 -1.86 -24.56 0.33
C TRP C 129 -2.13 -24.18 1.78
N TRP C 130 -3.39 -23.90 2.11
CA TRP C 130 -3.75 -23.62 3.49
C TRP C 130 -3.45 -24.82 4.38
N VAL C 131 -3.86 -26.01 3.93
CA VAL C 131 -3.59 -27.25 4.66
C VAL C 131 -2.09 -27.44 4.83
N ARG C 132 -1.32 -27.16 3.78
CA ARG C 132 0.14 -27.19 3.84
C ARG C 132 0.68 -26.27 4.94
N THR C 133 0.21 -25.02 5.00
CA THR C 133 0.73 -24.16 6.07
C THR C 133 0.35 -24.71 7.43
N TYR C 134 -0.83 -25.30 7.52
CA TYR C 134 -1.27 -25.90 8.77
C TYR C 134 -0.38 -27.09 9.15
N LYS C 135 -0.14 -28.01 8.20
CA LYS C 135 0.66 -29.20 8.48
C LYS C 135 2.11 -28.86 8.82
N ARG C 136 2.67 -27.86 8.15
CA ARG C 136 4.07 -27.53 8.39
C ARG C 136 4.29 -26.98 9.79
N ALA C 137 3.31 -26.24 10.32
CA ALA C 137 3.39 -25.81 11.72
C ALA C 137 3.21 -26.99 12.67
N GLU C 138 2.27 -27.88 12.36
CA GLU C 138 2.03 -29.03 13.21
C GLU C 138 3.28 -29.91 13.35
N ALA C 139 3.98 -30.17 12.25
CA ALA C 139 5.14 -31.05 12.30
C ALA C 139 6.30 -30.47 13.10
N LEU C 140 6.36 -29.14 13.24
CA LEU C 140 7.39 -28.48 14.03
C LEU C 140 6.96 -28.23 15.47
N GLY C 141 5.73 -28.60 15.84
CA GLY C 141 5.24 -28.33 17.17
C GLY C 141 4.85 -26.89 17.44
N MET C 142 4.61 -26.10 16.39
CA MET C 142 4.27 -24.70 16.47
C MET C 142 2.75 -24.49 16.44
N SER C 143 2.31 -23.36 16.99
CA SER C 143 0.89 -23.00 16.95
C SER C 143 0.51 -22.52 15.55
N GLN C 144 -0.79 -22.38 15.34
CA GLN C 144 -1.34 -22.23 13.99
C GLN C 144 -1.63 -20.78 13.61
N HIS C 145 -0.85 -19.81 14.11
CA HIS C 145 -1.18 -18.41 13.83
C HIS C 145 -1.15 -18.12 12.34
N LEU C 146 -0.18 -18.69 11.62
CA LEU C 146 -0.09 -18.40 10.19
C LEU C 146 -1.33 -18.90 9.43
N SER C 147 -1.78 -20.13 9.72
CA SER C 147 -2.93 -20.65 8.97
CA SER C 147 -2.95 -20.69 9.03
C SER C 147 -4.21 -19.88 9.30
N TRP C 148 -4.36 -19.36 10.52
CA TRP C 148 -5.54 -18.55 10.83
C TRP C 148 -5.54 -17.26 10.01
N ALA C 149 -4.40 -16.59 9.90
CA ALA C 149 -4.31 -15.37 9.12
C ALA C 149 -4.50 -15.66 7.63
N PHE C 150 -3.91 -16.77 7.17
CA PHE C 150 -4.08 -17.18 5.77
C PHE C 150 -5.55 -17.42 5.47
N ALA C 151 -6.28 -18.02 6.42
CA ALA C 151 -7.70 -18.26 6.26
C ALA C 151 -8.48 -16.95 6.10
N ALA C 152 -8.06 -15.91 6.82
CA ALA C 152 -8.71 -14.62 6.67
C ALA C 152 -8.50 -14.05 5.27
N ALA C 153 -7.30 -14.21 4.71
CA ALA C 153 -7.09 -13.77 3.33
C ALA C 153 -7.90 -14.63 2.35
N ILE C 154 -7.98 -15.95 2.61
CA ILE C 154 -8.74 -16.84 1.73
C ILE C 154 -10.22 -16.48 1.74
N PHE C 155 -10.75 -16.16 2.93
CA PHE C 155 -12.10 -15.62 3.05
C PHE C 155 -12.35 -14.48 2.06
N PHE C 156 -11.46 -13.48 2.05
CA PHE C 156 -11.66 -12.35 1.13
C PHE C 156 -11.63 -12.82 -0.32
N TYR C 157 -10.61 -13.60 -0.68
CA TYR C 157 -10.51 -14.18 -2.04
C TYR C 157 -11.79 -14.93 -2.42
N LEU C 158 -12.32 -15.74 -1.50
CA LEU C 158 -13.53 -16.51 -1.77
C LEU C 158 -14.74 -15.62 -1.97
N VAL C 159 -14.86 -14.56 -1.16
CA VAL C 159 -15.93 -13.61 -1.33
C VAL C 159 -15.88 -12.99 -2.72
N LEU C 160 -14.69 -12.59 -3.18
CA LEU C 160 -14.57 -11.91 -4.48
C LEU C 160 -15.06 -12.80 -5.63
N GLY C 161 -14.61 -14.05 -5.66
CA GLY C 161 -14.85 -14.86 -6.86
C GLY C 161 -15.91 -15.93 -6.76
N PHE C 162 -16.35 -16.26 -5.54
CA PHE C 162 -17.24 -17.40 -5.37
C PHE C 162 -18.50 -17.06 -4.57
N ILE C 163 -18.33 -16.63 -3.32
CA ILE C 163 -19.48 -16.44 -2.43
C ILE C 163 -20.41 -15.36 -2.99
N ARG C 164 -19.86 -14.15 -3.26
CA ARG C 164 -20.72 -13.09 -3.78
C ARG C 164 -21.30 -13.47 -5.14
N PRO C 165 -20.54 -13.98 -6.12
CA PRO C 165 -21.17 -14.38 -7.39
C PRO C 165 -22.27 -15.41 -7.23
N VAL C 166 -22.09 -16.37 -6.32
CA VAL C 166 -23.14 -17.36 -6.11
C VAL C 166 -24.37 -16.70 -5.50
N MET C 167 -24.16 -15.87 -4.48
CA MET C 167 -25.27 -15.14 -3.86
C MET C 167 -26.01 -14.29 -4.87
N MET C 168 -25.29 -13.73 -5.84
CA MET C 168 -25.87 -12.84 -6.83
C MET C 168 -26.34 -13.59 -8.09
N GLY C 169 -26.15 -14.90 -8.15
CA GLY C 169 -26.72 -15.75 -9.18
C GLY C 169 -26.00 -15.78 -10.51
N SER C 170 -24.71 -15.43 -10.56
CA SER C 170 -24.04 -15.28 -11.86
C SER C 170 -22.53 -15.34 -11.71
N TRP C 171 -21.86 -16.27 -12.44
CA TRP C 171 -20.41 -16.19 -12.57
C TRP C 171 -19.93 -14.93 -13.27
N ALA C 172 -20.78 -14.31 -14.11
CA ALA C 172 -20.43 -13.05 -14.78
C ALA C 172 -20.08 -11.93 -13.82
N LYS C 173 -20.41 -12.07 -12.54
CA LYS C 173 -20.16 -11.08 -11.51
C LYS C 173 -18.88 -11.34 -10.73
N ALA C 174 -18.09 -12.34 -11.14
CA ALA C 174 -16.80 -12.65 -10.53
C ALA C 174 -15.68 -11.84 -11.21
N VAL C 175 -14.43 -12.15 -10.88
CA VAL C 175 -13.29 -11.33 -11.28
C VAL C 175 -12.55 -11.95 -12.45
N PRO C 176 -12.18 -11.19 -13.48
CA PRO C 176 -11.36 -11.73 -14.56
C PRO C 176 -9.91 -11.92 -14.14
N PHE C 177 -9.25 -12.91 -14.77
CA PHE C 177 -7.83 -13.17 -14.55
C PHE C 177 -7.03 -12.37 -15.57
N GLY C 178 -6.38 -11.30 -15.12
CA GLY C 178 -5.61 -10.46 -16.02
C GLY C 178 -5.17 -9.20 -15.27
N ILE C 179 -4.10 -8.55 -15.71
CA ILE C 179 -3.47 -7.45 -14.96
C ILE C 179 -4.37 -6.22 -14.99
N PHE C 180 -4.38 -5.50 -16.12
CA PHE C 180 -5.33 -4.41 -16.30
C PHE C 180 -6.78 -4.84 -16.26
N PRO C 181 -7.20 -6.01 -16.78
CA PRO C 181 -8.61 -6.38 -16.63
C PRO C 181 -9.09 -6.45 -15.18
N HIS C 182 -8.28 -6.94 -14.23
CA HIS C 182 -8.80 -6.97 -12.87
C HIS C 182 -8.80 -5.57 -12.22
N LEU C 183 -8.06 -4.62 -12.79
CA LEU C 183 -8.18 -3.23 -12.37
C LEU C 183 -9.45 -2.59 -12.92
N ASP C 184 -9.78 -2.87 -14.19
CA ASP C 184 -11.09 -2.48 -14.70
C ASP C 184 -12.17 -2.97 -13.77
N TRP C 185 -12.11 -4.26 -13.40
CA TRP C 185 -13.15 -4.82 -12.54
C TRP C 185 -13.24 -4.07 -11.23
N THR C 186 -12.08 -3.74 -10.61
CA THR C 186 -12.07 -3.02 -9.35
C THR C 186 -12.76 -1.66 -9.47
N ALA C 187 -12.37 -0.86 -10.48
CA ALA C 187 -13.02 0.43 -10.66
C ALA C 187 -14.50 0.27 -11.00
N ALA C 188 -14.83 -0.68 -11.91
CA ALA C 188 -16.23 -0.84 -12.30
C ALA C 188 -17.09 -1.27 -11.13
N PHE C 189 -16.54 -2.07 -10.20
CA PHE C 189 -17.34 -2.49 -9.05
C PHE C 189 -17.76 -1.28 -8.21
N SER C 190 -16.83 -0.34 -7.98
CA SER C 190 -17.16 0.88 -7.22
C SER C 190 -18.19 1.73 -7.97
N ILE C 191 -17.99 1.91 -9.27
CA ILE C 191 -18.98 2.61 -10.09
C ILE C 191 -20.36 1.94 -9.95
N ARG C 192 -20.43 0.63 -10.21
CA ARG C 192 -21.71 -0.05 -10.20
C ARG C 192 -22.41 0.08 -8.85
N TYR C 193 -21.66 0.01 -7.74
CA TYR C 193 -22.28 0.01 -6.42
C TYR C 193 -22.24 1.38 -5.76
N GLY C 194 -22.14 2.44 -6.56
CA GLY C 194 -22.38 3.77 -6.03
C GLY C 194 -21.29 4.31 -5.13
N ASN C 195 -20.02 4.01 -5.44
CA ASN C 195 -18.81 4.64 -4.89
C ASN C 195 -18.36 3.91 -3.62
N LEU C 196 -17.35 3.06 -3.77
CA LEU C 196 -16.91 2.24 -2.64
C LEU C 196 -16.30 3.09 -1.53
N TYR C 197 -15.90 4.34 -1.78
CA TYR C 197 -15.42 5.18 -0.67
C TYR C 197 -16.44 5.25 0.46
N TYR C 198 -17.75 5.10 0.15
CA TYR C 198 -18.79 5.29 1.16
C TYR C 198 -19.22 3.98 1.81
N ASN C 199 -18.56 2.88 1.48
CA ASN C 199 -18.72 1.60 2.17
C ASN C 199 -17.91 1.64 3.47
N PRO C 200 -18.54 1.52 4.64
CA PRO C 200 -17.78 1.64 5.89
C PRO C 200 -16.79 0.51 6.11
N PHE C 201 -17.02 -0.67 5.54
CA PHE C 201 -15.97 -1.67 5.67
C PHE C 201 -14.82 -1.43 4.69
N HIS C 202 -15.07 -0.70 3.59
CA HIS C 202 -13.95 -0.24 2.78
C HIS C 202 -13.07 0.74 3.56
N MET C 203 -13.70 1.64 4.30
CA MET C 203 -12.97 2.61 5.11
C MET C 203 -12.10 1.89 6.13
N LEU C 204 -12.68 0.91 6.82
CA LEU C 204 -11.95 0.12 7.81
C LEU C 204 -10.79 -0.63 7.17
N SER C 205 -11.03 -1.27 6.02
CA SER C 205 -9.96 -2.02 5.37
C SER C 205 -8.78 -1.10 5.02
N ILE C 206 -9.09 0.12 4.58
CA ILE C 206 -8.04 1.10 4.31
C ILE C 206 -7.30 1.48 5.60
N ALA C 207 -8.04 1.78 6.68
CA ALA C 207 -7.41 2.04 7.97
C ALA C 207 -6.43 0.92 8.34
N PHE C 208 -6.82 -0.32 8.11
CA PHE C 208 -5.95 -1.43 8.49
C PHE C 208 -4.83 -1.66 7.48
N LEU C 209 -5.06 -1.40 6.19
CA LEU C 209 -3.94 -1.50 5.24
C LEU C 209 -2.91 -0.40 5.50
N TYR C 210 -3.34 0.85 5.64
CA TYR C 210 -2.44 1.92 6.05
C TYR C 210 -1.79 1.58 7.39
N GLY C 211 -2.60 1.07 8.33
CA GLY C 211 -2.07 0.74 9.64
C GLY C 211 -1.01 -0.35 9.59
N SER C 212 -1.14 -1.29 8.65
CA SER C 212 -0.14 -2.35 8.49
C SER C 212 1.21 -1.78 8.06
N ALA C 213 1.19 -0.80 7.14
CA ALA C 213 2.42 -0.16 6.71
C ALA C 213 2.99 0.72 7.82
N LEU C 214 2.13 1.49 8.49
CA LEU C 214 2.52 2.22 9.70
C LEU C 214 3.20 1.30 10.70
N LEU C 215 2.58 0.15 11.00
CA LEU C 215 3.10 -0.69 12.07
C LEU C 215 4.38 -1.40 11.66
N PHE C 216 4.51 -1.84 10.40
CA PHE C 216 5.76 -2.46 9.99
C PHE C 216 6.86 -1.43 9.85
N ALA C 217 6.55 -0.20 9.42
CA ALA C 217 7.57 0.83 9.42
C ALA C 217 8.06 1.10 10.84
N MET C 218 7.11 1.24 11.78
CA MET C 218 7.45 1.46 13.20
C MET C 218 8.26 0.30 13.75
N HIS C 219 7.77 -0.93 13.55
CA HIS C 219 8.39 -2.10 14.16
C HIS C 219 9.69 -2.46 13.47
N GLY C 220 9.66 -2.55 12.14
CA GLY C 220 10.90 -2.72 11.39
C GLY C 220 12.00 -1.74 11.79
N ALA C 221 11.67 -0.45 11.82
CA ALA C 221 12.67 0.55 12.21
C ALA C 221 13.04 0.40 13.68
N THR C 222 12.05 0.14 14.55
CA THR C 222 12.37 0.00 15.97
C THR C 222 13.38 -1.11 16.17
N ILE C 223 13.18 -2.27 15.51
CA ILE C 223 14.06 -3.42 15.76
C ILE C 223 15.46 -3.17 15.19
N LEU C 224 15.54 -2.57 14.00
CA LEU C 224 16.88 -2.25 13.48
C LEU C 224 17.61 -1.23 14.37
N SER C 225 16.88 -0.28 14.95
CA SER C 225 17.55 0.69 15.84
C SER C 225 18.06 0.04 17.13
N VAL C 226 17.53 -1.13 17.49
CA VAL C 226 18.04 -1.84 18.65
C VAL C 226 18.74 -3.13 18.26
N SER C 227 19.00 -3.35 16.97
CA SER C 227 19.75 -4.54 16.57
C SER C 227 21.19 -4.48 17.09
N ARG C 228 21.70 -3.28 17.35
CA ARG C 228 22.96 -3.13 18.06
C ARG C 228 22.95 -3.79 19.44
N PHE C 229 21.77 -4.02 20.02
CA PHE C 229 21.65 -4.75 21.29
C PHE C 229 21.09 -6.16 21.10
N GLY C 230 21.12 -6.70 19.87
CA GLY C 230 20.56 -8.01 19.61
C GLY C 230 19.05 -8.09 19.61
N GLY C 231 18.36 -6.97 19.37
CA GLY C 231 16.90 -6.92 19.43
C GLY C 231 16.17 -7.69 18.34
N ASP C 232 16.86 -7.99 17.22
CA ASP C 232 16.29 -8.83 16.17
C ASP C 232 16.06 -10.27 16.61
N ARG C 233 16.65 -10.67 17.74
CA ARG C 233 16.51 -12.03 18.27
C ARG C 233 15.33 -12.01 19.23
N GLU C 234 14.14 -12.01 18.65
CA GLU C 234 12.97 -11.65 19.43
C GLU C 234 12.53 -12.76 20.38
N ILE C 235 12.82 -14.03 20.06
CA ILE C 235 12.51 -15.13 20.97
C ILE C 235 13.15 -14.90 22.34
N ASP C 236 14.45 -14.67 22.38
CA ASP C 236 15.07 -14.53 23.70
C ASP C 236 14.84 -13.17 24.32
N GLN C 237 14.51 -12.15 23.52
CA GLN C 237 14.06 -10.89 24.12
C GLN C 237 12.69 -11.07 24.76
N ILE C 238 11.89 -12.00 24.25
CA ILE C 238 10.56 -12.25 24.82
C ILE C 238 10.66 -13.09 26.08
N THR C 239 11.50 -14.12 26.07
CA THR C 239 11.61 -14.93 27.28
C THR C 239 12.48 -14.26 28.33
N HIS C 240 13.45 -13.44 27.90
CA HIS C 240 14.48 -12.88 28.80
C HIS C 240 14.71 -11.42 28.42
N ARG C 241 13.76 -10.55 28.79
CA ARG C 241 13.79 -9.13 28.42
C ARG C 241 15.18 -8.52 28.56
N GLY C 242 15.70 -7.96 27.47
CA GLY C 242 16.98 -7.30 27.46
C GLY C 242 16.84 -5.80 27.24
N THR C 243 18.00 -5.14 27.23
CA THR C 243 17.99 -3.68 27.01
C THR C 243 17.48 -3.33 25.61
N ALA C 244 17.53 -4.28 24.65
CA ALA C 244 16.85 -4.04 23.37
C ALA C 244 15.36 -3.77 23.57
N ALA C 245 14.68 -4.68 24.26
CA ALA C 245 13.24 -4.58 24.47
C ALA C 245 12.88 -3.41 25.38
N GLU C 246 13.74 -3.10 26.36
CA GLU C 246 13.49 -1.97 27.25
C GLU C 246 13.59 -0.65 26.49
N ARG C 247 14.66 -0.48 25.69
CA ARG C 247 14.84 0.76 24.93
C ARG C 247 13.77 0.93 23.86
N ALA C 248 13.35 -0.18 23.23
CA ALA C 248 12.28 -0.10 22.23
C ALA C 248 10.99 0.42 22.86
N ALA C 249 10.59 -0.16 23.99
CA ALA C 249 9.37 0.27 24.67
C ALA C 249 9.48 1.71 25.17
N LEU C 250 10.64 2.10 25.69
CA LEU C 250 10.76 3.47 26.20
C LEU C 250 10.78 4.49 25.06
N PHE C 251 11.36 4.14 23.92
CA PHE C 251 11.29 5.07 22.78
C PHE C 251 9.83 5.42 22.50
N TRP C 252 8.96 4.41 22.49
CA TRP C 252 7.57 4.66 22.13
C TRP C 252 6.78 5.28 23.29
N ARG C 253 7.00 4.82 24.52
CA ARG C 253 6.35 5.43 25.68
C ARG C 253 6.65 6.93 25.77
N TRP C 254 7.91 7.32 25.56
CA TRP C 254 8.28 8.74 25.64
C TRP C 254 7.74 9.51 24.45
N THR C 255 7.61 8.84 23.30
CA THR C 255 7.09 9.50 22.10
C THR C 255 5.57 9.74 22.21
N MET C 256 4.80 8.68 22.45
CA MET C 256 3.34 8.73 22.31
C MET C 256 2.58 8.32 23.58
N GLY C 257 3.25 8.11 24.71
CA GLY C 257 2.58 7.95 25.98
C GLY C 257 2.31 6.52 26.40
N PHE C 258 2.42 5.55 25.50
CA PHE C 258 2.21 4.17 25.87
C PHE C 258 3.05 3.30 24.94
N ASN C 259 3.09 2.00 25.25
CA ASN C 259 4.00 1.11 24.56
C ASN C 259 3.49 -0.31 24.70
N VAL C 260 4.06 -1.21 23.91
CA VAL C 260 3.70 -2.60 24.07
C VAL C 260 4.93 -3.38 24.52
N THR C 261 4.92 -4.71 24.34
CA THR C 261 6.03 -5.57 24.67
C THR C 261 6.58 -6.19 23.39
N MET C 262 7.74 -6.85 23.51
CA MET C 262 8.33 -7.47 22.33
C MET C 262 7.41 -8.55 21.76
N GLU C 263 6.71 -9.29 22.62
CA GLU C 263 5.76 -10.29 22.12
C GLU C 263 4.51 -9.63 21.57
N SER C 264 3.98 -8.65 22.29
CA SER C 264 2.64 -8.16 21.98
C SER C 264 2.61 -7.20 20.80
N ILE C 265 3.75 -6.59 20.41
CA ILE C 265 3.75 -5.85 19.15
C ILE C 265 3.38 -6.78 18.00
N HIS C 266 3.82 -8.05 18.08
CA HIS C 266 3.49 -9.01 17.01
C HIS C 266 2.01 -9.40 17.03
N ARG C 267 1.33 -9.27 18.17
CA ARG C 267 -0.13 -9.41 18.20
C ARG C 267 -0.82 -8.20 17.57
N TRP C 268 -0.38 -6.98 17.90
CA TRP C 268 -0.92 -5.82 17.19
C TRP C 268 -0.76 -5.95 15.68
N ALA C 269 0.42 -6.38 15.25
CA ALA C 269 0.69 -6.56 13.81
C ALA C 269 -0.18 -7.62 13.19
N TRP C 270 -0.35 -8.75 13.87
CA TRP C 270 -1.18 -9.85 13.39
C TRP C 270 -2.60 -9.39 13.14
N TRP C 271 -3.21 -8.74 14.14
CA TRP C 271 -4.59 -8.35 14.02
C TRP C 271 -4.78 -7.25 12.99
N CYS C 272 -3.85 -6.30 12.93
CA CYS C 272 -3.98 -5.22 11.96
C CYS C 272 -4.02 -5.78 10.54
N ALA C 273 -3.09 -6.68 10.23
CA ALA C 273 -3.03 -7.26 8.89
C ALA C 273 -4.26 -8.10 8.60
N VAL C 274 -4.68 -8.93 9.57
CA VAL C 274 -5.84 -9.82 9.42
C VAL C 274 -7.12 -9.02 9.26
N LEU C 275 -7.27 -7.94 10.03
CA LEU C 275 -8.48 -7.16 9.90
C LEU C 275 -8.57 -6.47 8.55
N THR C 276 -7.43 -6.21 7.89
CA THR C 276 -7.48 -5.67 6.53
C THR C 276 -8.33 -6.56 5.64
N VAL C 277 -8.11 -7.89 5.68
CA VAL C 277 -8.87 -8.73 4.76
C VAL C 277 -10.21 -9.20 5.31
N ILE C 278 -10.38 -9.28 6.63
CA ILE C 278 -11.71 -9.53 7.17
C ILE C 278 -12.68 -8.42 6.76
N THR C 279 -12.30 -7.17 7.03
CA THR C 279 -13.21 -6.07 6.69
C THR C 279 -13.40 -5.98 5.17
N ALA C 280 -12.37 -6.34 4.39
CA ALA C 280 -12.51 -6.29 2.95
C ALA C 280 -13.55 -7.31 2.47
N GLY C 281 -13.47 -8.54 2.99
CA GLY C 281 -14.47 -9.54 2.65
C GLY C 281 -15.88 -9.12 3.03
N ILE C 282 -16.04 -8.59 4.25
CA ILE C 282 -17.38 -8.17 4.69
C ILE C 282 -17.92 -7.06 3.78
N GLY C 283 -17.07 -6.06 3.48
CA GLY C 283 -17.47 -4.96 2.60
C GLY C 283 -17.96 -5.43 1.23
N ILE C 284 -17.25 -6.37 0.60
CA ILE C 284 -17.69 -6.87 -0.71
C ILE C 284 -18.92 -7.76 -0.54
N LEU C 285 -18.93 -8.56 0.54
CA LEU C 285 -20.06 -9.45 0.82
C LEU C 285 -21.38 -8.69 0.92
N LEU C 286 -21.34 -7.46 1.45
CA LEU C 286 -22.55 -6.64 1.60
C LEU C 286 -22.91 -5.88 0.33
N SER C 287 -22.02 -5.81 -0.67
CA SER C 287 -22.27 -5.00 -1.86
C SER C 287 -23.06 -5.80 -2.90
N GLY C 288 -24.23 -5.30 -3.27
CA GLY C 288 -25.13 -5.97 -4.21
C GLY C 288 -26.16 -6.84 -3.54
N THR C 289 -25.74 -7.50 -2.45
CA THR C 289 -26.62 -8.38 -1.71
C THR C 289 -27.52 -7.61 -0.75
N VAL C 290 -26.98 -6.60 -0.09
CA VAL C 290 -27.66 -5.81 0.93
C VAL C 290 -27.78 -4.36 0.52
N VAL C 291 -26.67 -3.75 0.11
CA VAL C 291 -26.60 -2.34 -0.25
C VAL C 291 -26.35 -2.26 -1.75
N ASP C 292 -27.20 -1.53 -2.47
CA ASP C 292 -27.00 -1.38 -3.91
C ASP C 292 -26.28 -0.11 -4.30
N ASN C 293 -26.27 0.89 -3.42
CA ASN C 293 -25.61 2.16 -3.71
C ASN C 293 -25.02 2.70 -2.41
N TRP C 294 -23.69 2.60 -2.24
CA TRP C 294 -23.09 2.94 -0.96
C TRP C 294 -23.24 4.42 -0.66
N TYR C 295 -23.16 5.28 -1.67
CA TYR C 295 -23.34 6.72 -1.41
C TYR C 295 -24.72 6.99 -0.83
N LEU C 296 -25.77 6.41 -1.43
CA LEU C 296 -27.13 6.63 -0.90
C LEU C 296 -27.33 5.97 0.46
N TRP C 297 -26.64 4.86 0.72
CA TRP C 297 -26.63 4.31 2.07
C TRP C 297 -26.01 5.29 3.06
N ALA C 298 -24.97 6.01 2.62
CA ALA C 298 -24.33 6.98 3.51
C ALA C 298 -25.19 8.23 3.67
N VAL C 299 -25.86 8.68 2.61
CA VAL C 299 -26.82 9.76 2.77
C VAL C 299 -27.88 9.37 3.78
N LYS C 300 -28.44 8.17 3.64
CA LYS C 300 -29.53 7.72 4.51
C LYS C 300 -29.11 7.72 5.98
N HIS C 301 -27.89 7.31 6.27
CA HIS C 301 -27.38 7.30 7.64
C HIS C 301 -26.63 8.57 8.01
N GLY C 302 -26.76 9.62 7.19
CA GLY C 302 -26.35 10.96 7.59
C GLY C 302 -24.88 11.27 7.49
N MET C 303 -24.14 10.53 6.68
CA MET C 303 -22.68 10.63 6.66
C MET C 303 -22.12 11.50 5.54
N ALA C 304 -22.83 11.69 4.44
CA ALA C 304 -22.23 12.29 3.25
C ALA C 304 -22.10 13.80 3.41
N PRO C 305 -20.92 14.38 3.16
CA PRO C 305 -20.77 15.84 3.28
C PRO C 305 -21.65 16.55 2.28
N ALA C 306 -22.04 17.77 2.63
CA ALA C 306 -22.78 18.62 1.71
C ALA C 306 -21.93 19.83 1.34
N TYR C 307 -22.07 20.29 0.11
CA TYR C 307 -21.25 21.38 -0.40
C TYR C 307 -22.13 22.49 -0.94
N PRO C 308 -21.65 23.73 -0.90
CA PRO C 308 -22.30 24.79 -1.68
C PRO C 308 -22.43 24.35 -3.13
N GLU C 309 -23.55 24.68 -3.76
CA GLU C 309 -23.79 24.27 -5.14
C GLU C 309 -23.11 25.26 -6.08
N VAL C 310 -22.07 24.83 -6.77
CA VAL C 310 -21.41 25.70 -7.75
C VAL C 310 -21.49 25.17 -9.17
N VAL C 311 -21.86 23.89 -9.37
CA VAL C 311 -22.25 23.34 -10.65
C VAL C 311 -23.50 22.51 -10.43
N THR C 312 -24.31 22.37 -11.48
CA THR C 312 -25.51 21.54 -11.43
C THR C 312 -26.02 21.38 -12.85
N ALA C 313 -26.79 20.30 -13.08
CA ALA C 313 -27.18 19.91 -14.44
C ALA C 313 -28.66 19.57 -14.49
N VAL C 314 -29.34 20.05 -15.52
CA VAL C 314 -30.71 19.64 -15.75
C VAL C 314 -30.74 18.19 -16.19
N ASN C 315 -31.60 17.38 -15.55
CA ASN C 315 -31.85 16.00 -15.89
C ASN C 315 -32.71 15.89 -17.15
N PRO C 316 -32.14 15.51 -18.30
CA PRO C 316 -32.95 15.39 -19.53
C PRO C 316 -33.99 14.28 -19.46
N TYR C 317 -33.84 13.32 -18.55
CA TYR C 317 -34.91 12.36 -18.32
C TYR C 317 -36.11 13.01 -17.65
N GLU C 318 -35.89 14.09 -16.88
CA GLU C 318 -36.98 14.87 -16.33
C GLU C 318 -37.67 15.72 -17.40
N THR C 319 -36.88 16.46 -18.18
CA THR C 319 -37.39 17.39 -19.19
C THR C 319 -38.31 16.74 -20.22
N ILE D 5 -41.68 -2.46 2.09
CA ILE D 5 -41.62 -1.88 3.42
C ILE D 5 -40.24 -1.24 3.61
N THR D 6 -40.20 -0.15 4.38
CA THR D 6 -38.97 0.61 4.62
C THR D 6 -38.60 0.54 6.10
N HIS D 7 -37.29 0.47 6.37
CA HIS D 7 -36.81 0.52 7.74
C HIS D 7 -35.49 1.27 7.78
N TYR D 8 -35.29 2.06 8.84
CA TYR D 8 -34.02 2.75 8.99
C TYR D 8 -32.90 1.77 9.29
N ILE D 9 -33.09 0.88 10.28
CA ILE D 9 -32.11 -0.17 10.54
C ILE D 9 -31.96 -1.05 9.30
N ASP D 10 -30.71 -1.32 8.90
CA ASP D 10 -30.43 -2.26 7.82
C ASP D 10 -29.20 -3.08 8.17
N ALA D 11 -28.95 -4.13 7.36
CA ALA D 11 -27.92 -5.12 7.73
C ALA D 11 -26.52 -4.53 7.68
N ALA D 12 -26.25 -3.60 6.76
CA ALA D 12 -24.95 -2.94 6.76
C ALA D 12 -24.72 -2.18 8.05
N GLN D 13 -25.73 -1.44 8.50
CA GLN D 13 -25.63 -0.70 9.75
C GLN D 13 -25.48 -1.65 10.93
N ILE D 14 -26.24 -2.75 10.94
CA ILE D 14 -26.11 -3.73 12.01
C ILE D 14 -24.68 -4.26 12.07
N THR D 15 -24.12 -4.63 10.92
CA THR D 15 -22.82 -5.28 10.88
C THR D 15 -21.70 -4.34 11.32
N ILE D 16 -21.77 -3.06 10.91
CA ILE D 16 -20.72 -2.13 11.31
C ILE D 16 -20.74 -1.91 12.82
N TRP D 17 -21.93 -1.83 13.42
CA TRP D 17 -21.99 -1.73 14.88
C TRP D 17 -21.42 -2.98 15.55
N ALA D 18 -21.77 -4.16 15.03
CA ALA D 18 -21.18 -5.39 15.55
C ALA D 18 -19.66 -5.35 15.46
N PHE D 19 -19.12 -4.72 14.40
CA PHE D 19 -17.67 -4.66 14.31
C PHE D 19 -17.08 -3.81 15.44
N TRP D 20 -17.71 -2.67 15.75
CA TRP D 20 -17.18 -1.80 16.80
C TRP D 20 -17.15 -2.53 18.13
N LEU D 21 -18.18 -3.31 18.42
CA LEU D 21 -18.19 -4.07 19.67
C LEU D 21 -17.01 -5.02 19.72
N PHE D 22 -16.79 -5.78 18.63
CA PHE D 22 -15.63 -6.66 18.56
C PHE D 22 -14.33 -5.89 18.71
N PHE D 23 -14.20 -4.77 17.99
CA PHE D 23 -12.93 -4.06 17.94
C PHE D 23 -12.54 -3.51 19.30
N PHE D 24 -13.49 -2.93 20.02
CA PHE D 24 -13.14 -2.41 21.33
C PHE D 24 -12.81 -3.53 22.29
N GLY D 25 -13.47 -4.70 22.15
CA GLY D 25 -13.05 -5.85 22.92
C GLY D 25 -11.62 -6.28 22.59
N LEU D 26 -11.26 -6.24 21.31
CA LEU D 26 -9.92 -6.60 20.88
C LEU D 26 -8.87 -5.66 21.49
N ILE D 27 -9.14 -4.36 21.47
CA ILE D 27 -8.17 -3.39 22.01
C ILE D 27 -7.90 -3.66 23.47
N ILE D 28 -8.94 -4.00 24.23
CA ILE D 28 -8.75 -4.25 25.66
C ILE D 28 -7.93 -5.51 25.86
N TYR D 29 -8.21 -6.56 25.08
CA TYR D 29 -7.35 -7.74 25.08
C TYR D 29 -5.89 -7.34 24.84
N LEU D 30 -5.63 -6.57 23.78
CA LEU D 30 -4.26 -6.23 23.41
C LEU D 30 -3.57 -5.41 24.51
N ARG D 31 -4.27 -4.43 25.08
CA ARG D 31 -3.66 -3.61 26.13
C ARG D 31 -3.29 -4.42 27.37
N ARG D 32 -4.05 -5.49 27.65
CA ARG D 32 -3.65 -6.37 28.75
C ARG D 32 -2.32 -7.08 28.43
N GLU D 33 -2.22 -7.66 27.23
CA GLU D 33 -0.98 -8.30 26.80
C GLU D 33 0.20 -7.34 26.87
N ASP D 34 -0.05 -6.05 26.58
CA ASP D 34 1.00 -5.03 26.57
C ASP D 34 1.59 -4.79 27.94
N LYS D 35 0.92 -5.24 29.00
CA LYS D 35 1.30 -4.97 30.38
C LYS D 35 1.96 -6.17 31.03
N ARG D 36 2.45 -7.14 30.25
CA ARG D 36 3.15 -8.30 30.78
C ARG D 36 4.62 -8.03 31.06
N GLU D 37 5.14 -6.84 30.73
CA GLU D 37 6.45 -6.39 31.17
C GLU D 37 6.35 -4.97 31.71
N GLY D 38 7.07 -4.67 32.78
CA GLY D 38 7.19 -3.30 33.24
C GLY D 38 6.09 -2.81 34.17
N TYR D 39 5.07 -3.61 34.44
CA TYR D 39 3.97 -3.20 35.30
C TYR D 39 3.96 -4.07 36.57
N PRO D 40 3.42 -3.57 37.70
CA PRO D 40 2.91 -2.21 37.92
C PRO D 40 3.99 -1.13 37.81
N LEU D 41 3.55 0.10 37.59
CA LEU D 41 4.48 1.18 37.31
C LEU D 41 5.19 1.65 38.56
N ASP D 42 6.43 2.09 38.37
CA ASP D 42 7.19 2.78 39.41
C ASP D 42 6.69 4.21 39.45
N SER D 43 6.02 4.58 40.54
CA SER D 43 5.48 5.92 40.69
C SER D 43 5.90 6.45 42.06
N ASP D 44 5.71 7.75 42.26
CA ASP D 44 5.83 8.33 43.58
C ASP D 44 4.53 8.21 44.37
N ARG D 45 3.46 7.74 43.74
CA ARG D 45 2.22 7.45 44.46
C ARG D 45 2.33 6.15 45.25
N THR D 46 2.99 5.14 44.66
CA THR D 46 3.22 3.89 45.39
C THR D 46 4.22 4.07 46.53
N GLU D 47 5.16 5.02 46.38
CA GLU D 47 6.13 5.28 47.44
C GLU D 47 5.45 5.82 48.69
N ARG D 48 4.64 6.87 48.54
CA ARG D 48 4.02 7.52 49.69
C ARG D 48 2.90 6.68 50.28
N SER D 49 2.22 5.89 49.46
CA SER D 49 1.20 4.99 49.98
C SER D 49 1.79 3.81 50.75
N GLY D 50 3.10 3.77 50.94
CA GLY D 50 3.72 2.61 51.55
C GLY D 50 3.56 1.36 50.74
N GLY D 51 3.44 1.48 49.42
CA GLY D 51 3.21 0.34 48.56
C GLY D 51 1.76 -0.09 48.45
N ARG D 52 0.83 0.58 49.14
CA ARG D 52 -0.56 0.15 49.14
C ARG D 52 -1.20 0.26 47.75
N VAL D 53 -0.87 1.30 47.00
CA VAL D 53 -1.51 1.56 45.71
C VAL D 53 -0.58 1.10 44.59
N LYS D 54 -1.01 0.10 43.83
CA LYS D 54 -0.29 -0.36 42.65
C LYS D 54 -0.84 0.34 41.42
N VAL D 55 0.03 1.00 40.66
CA VAL D 55 -0.38 1.75 39.47
C VAL D 55 -0.34 0.81 38.28
N VAL D 56 -1.51 0.51 37.69
CA VAL D 56 -1.56 -0.41 36.55
C VAL D 56 -2.42 0.16 35.42
N GLY D 57 -3.17 1.22 35.69
CA GLY D 57 -3.98 1.80 34.63
C GLY D 57 -5.17 0.91 34.25
N PHE D 58 -5.61 1.04 33.00
CA PHE D 58 -6.74 0.25 32.53
C PHE D 58 -6.52 -0.20 31.09
N PRO D 59 -6.73 -1.48 30.78
CA PRO D 59 -7.19 -2.54 31.69
C PRO D 59 -6.14 -3.00 32.70
N ASP D 60 -6.53 -3.87 33.62
CA ASP D 60 -5.60 -4.38 34.63
C ASP D 60 -4.72 -5.47 34.03
N LEU D 61 -3.75 -5.93 34.80
CA LEU D 61 -2.78 -6.88 34.29
C LEU D 61 -3.43 -8.24 34.06
N PRO D 62 -3.00 -8.97 33.03
CA PRO D 62 -3.50 -10.34 32.84
C PRO D 62 -2.93 -11.29 33.87
N ASP D 63 -3.56 -12.45 33.96
CA ASP D 63 -2.99 -13.52 34.74
C ASP D 63 -1.71 -14.01 34.06
N PRO D 64 -0.74 -14.44 34.85
CA PRO D 64 0.57 -14.79 34.28
C PRO D 64 0.49 -15.97 33.33
N LYS D 65 1.19 -15.84 32.20
CA LYS D 65 1.48 -16.95 31.31
C LYS D 65 2.87 -17.51 31.64
N THR D 66 3.12 -18.73 31.19
CA THR D 66 4.38 -19.43 31.42
C THR D 66 5.07 -19.71 30.09
N PHE D 67 6.38 -19.48 30.04
CA PHE D 67 7.22 -19.87 28.91
C PHE D 67 8.10 -21.03 29.37
N VAL D 68 7.91 -22.19 28.75
CA VAL D 68 8.70 -23.38 29.10
C VAL D 68 9.93 -23.42 28.19
N LEU D 69 11.12 -23.32 28.81
CA LEU D 69 12.35 -23.22 28.04
C LEU D 69 12.84 -24.60 27.61
N PRO D 70 13.44 -24.73 26.43
CA PRO D 70 13.94 -26.03 25.99
C PRO D 70 15.16 -26.47 26.78
N HIS D 71 15.52 -27.75 26.59
CA HIS D 71 16.70 -28.34 27.21
C HIS D 71 16.70 -28.19 28.73
N ASN D 72 15.50 -28.26 29.32
CA ASN D 72 15.32 -28.18 30.77
C ASN D 72 15.88 -26.87 31.33
N GLY D 73 15.72 -25.78 30.57
CA GLY D 73 16.20 -24.49 31.02
C GLY D 73 15.37 -23.77 32.07
N GLY D 74 14.19 -24.27 32.41
CA GLY D 74 13.35 -23.66 33.41
C GLY D 74 12.13 -22.99 32.82
N THR D 75 11.40 -22.26 33.68
CA THR D 75 10.16 -21.63 33.30
C THR D 75 10.23 -20.12 33.55
N VAL D 76 9.81 -19.34 32.57
CA VAL D 76 9.68 -17.89 32.70
C VAL D 76 8.20 -17.56 32.77
N VAL D 77 7.84 -16.65 33.68
CA VAL D 77 6.46 -16.24 33.87
C VAL D 77 6.33 -14.76 33.51
N ALA D 78 5.15 -14.39 33.00
CA ALA D 78 4.87 -13.00 32.61
C ALA D 78 3.40 -12.67 32.77
N PRO D 79 3.03 -11.65 33.55
CA PRO D 79 3.92 -10.74 34.30
C PRO D 79 4.60 -11.40 35.49
N ARG D 80 5.59 -10.71 36.06
CA ARG D 80 6.34 -11.26 37.18
C ARG D 80 6.76 -10.11 38.09
N VAL D 81 6.92 -10.42 39.36
CA VAL D 81 7.41 -9.46 40.35
C VAL D 81 8.92 -9.35 40.22
N GLU D 82 9.42 -8.16 39.90
CA GLU D 82 10.84 -7.93 39.68
C GLU D 82 11.38 -7.00 40.75
N ALA D 83 12.55 -7.33 41.27
CA ALA D 83 13.11 -6.60 42.39
C ALA D 83 13.61 -5.23 41.94
N PRO D 84 13.35 -4.18 42.72
CA PRO D 84 13.93 -2.87 42.40
C PRO D 84 15.45 -2.97 42.37
N VAL D 85 16.06 -2.20 41.47
CA VAL D 85 17.51 -2.13 41.33
C VAL D 85 17.94 -0.69 41.46
N ALA D 86 18.95 -0.45 42.29
CA ALA D 86 19.41 0.92 42.54
C ALA D 86 19.85 1.58 41.24
N VAL D 87 19.64 2.88 41.17
CA VAL D 87 19.98 3.67 39.99
C VAL D 87 21.24 4.48 40.33
N ASN D 88 22.29 4.31 39.54
CA ASN D 88 23.58 4.95 39.81
C ASN D 88 23.59 6.35 39.20
N ALA D 89 22.71 7.20 39.74
CA ALA D 89 22.51 8.53 39.21
C ALA D 89 21.82 9.39 40.26
N THR D 90 21.93 10.70 40.10
CA THR D 90 21.26 11.61 41.01
C THR D 90 20.39 12.56 40.22
N PRO D 91 19.19 12.87 40.72
CA PRO D 91 18.28 13.71 39.94
C PRO D 91 18.88 15.10 39.72
N PHE D 92 18.73 15.63 38.54
CA PHE D 92 19.23 16.94 38.24
C PHE D 92 18.46 18.02 38.99
N SER D 93 17.20 17.76 39.24
CA SER D 93 16.29 18.62 39.99
C SER D 93 15.37 17.69 40.77
N PRO D 94 14.90 18.14 41.93
CA PRO D 94 14.00 17.31 42.69
C PRO D 94 12.57 17.27 42.16
N ALA D 95 12.24 18.11 41.21
CA ALA D 95 10.89 18.11 40.72
C ALA D 95 10.56 16.84 39.98
N PRO D 96 9.33 16.38 40.13
CA PRO D 96 8.91 15.18 39.38
C PRO D 96 9.07 15.39 37.88
N GLY D 97 9.38 14.30 37.18
CA GLY D 97 9.58 14.39 35.75
C GLY D 97 10.94 14.89 35.32
N SER D 98 11.84 15.16 36.28
CA SER D 98 13.18 15.62 35.95
CA SER D 98 13.17 15.62 35.93
C SER D 98 14.08 14.44 35.60
N PRO D 99 15.08 14.65 34.74
CA PRO D 99 16.06 13.59 34.46
C PRO D 99 17.03 13.35 35.62
N LEU D 100 17.88 12.34 35.51
CA LEU D 100 18.97 12.12 36.45
C LEU D 100 20.29 12.22 35.72
N VAL D 101 21.35 12.35 36.50
CA VAL D 101 22.71 12.58 36.02
C VAL D 101 23.57 11.44 36.54
N PRO D 102 24.33 10.75 35.68
CA PRO D 102 25.10 9.58 36.15
C PRO D 102 26.15 9.96 37.19
N ASN D 103 26.31 9.10 38.19
CA ASN D 103 27.42 9.23 39.14
C ASN D 103 28.74 8.85 38.48
N GLY D 104 29.82 9.51 38.91
CA GLY D 104 31.16 9.15 38.49
C GLY D 104 31.43 9.39 37.00
N ASP D 105 32.28 8.55 36.45
CA ASP D 105 32.59 8.60 35.02
C ASP D 105 31.36 8.05 34.29
N PRO D 106 30.75 8.83 33.40
CA PRO D 106 29.48 8.38 32.77
C PRO D 106 29.60 7.07 32.02
N MET D 107 30.69 6.85 31.29
CA MET D 107 30.90 5.62 30.53
C MET D 107 30.70 4.37 31.39
N LEU D 108 31.11 4.46 32.66
CA LEU D 108 31.19 3.33 33.58
C LEU D 108 30.04 3.29 34.57
N SER D 109 29.08 4.19 34.44
CA SER D 109 28.01 4.36 35.43
C SER D 109 26.93 3.30 35.37
N GLY D 110 26.79 2.59 34.26
CA GLY D 110 25.65 1.68 34.14
C GLY D 110 24.32 2.40 34.15
N PHE D 111 24.29 3.65 33.70
CA PHE D 111 23.11 4.51 33.76
C PHE D 111 22.94 5.20 32.42
N GLY D 112 21.69 5.56 32.11
CA GLY D 112 21.36 6.14 30.83
C GLY D 112 21.51 5.12 29.72
N PRO D 113 22.05 5.53 28.57
CA PRO D 113 22.29 4.55 27.48
C PRO D 113 23.42 3.56 27.80
N ALA D 114 24.17 3.75 28.89
CA ALA D 114 25.06 2.72 29.45
C ALA D 114 24.31 1.65 30.24
N ALA D 115 22.99 1.81 30.45
CA ALA D 115 22.28 0.92 31.35
C ALA D 115 21.83 -0.34 30.60
N SER D 116 21.46 -1.36 31.37
CA SER D 116 20.88 -2.60 30.88
C SER D 116 20.41 -3.43 32.07
N PRO D 117 19.39 -4.26 31.88
CA PRO D 117 19.00 -5.21 32.93
C PRO D 117 20.05 -6.30 33.07
N ASP D 118 19.88 -7.12 34.10
CA ASP D 118 20.72 -8.30 34.33
C ASP D 118 20.03 -9.50 33.70
N ARG D 119 20.37 -9.80 32.45
CA ARG D 119 19.83 -10.99 31.76
C ARG D 119 20.38 -12.26 32.43
N PRO D 120 19.86 -13.45 32.09
CA PRO D 120 20.31 -14.65 32.78
C PRO D 120 21.76 -14.99 32.48
N LYS D 121 22.42 -15.57 33.49
CA LYS D 121 23.80 -15.99 33.35
C LYS D 121 23.97 -17.37 32.71
N HIS D 122 23.34 -17.57 31.55
CA HIS D 122 23.57 -18.74 30.73
C HIS D 122 23.49 -18.33 29.27
N CYS D 123 23.99 -19.18 28.38
N CYS D 123 24.00 -19.17 28.38
CA CYS D 123 24.03 -18.85 26.97
CA CYS D 123 24.09 -18.81 26.97
C CYS D 123 22.75 -19.21 26.25
C CYS D 123 22.86 -19.25 26.18
N ASP D 124 22.43 -18.40 25.25
CA ASP D 124 21.47 -18.81 24.23
C ASP D 124 22.02 -20.04 23.53
N LEU D 125 21.13 -20.99 23.22
CA LEU D 125 21.55 -22.29 22.73
C LEU D 125 20.99 -22.56 21.33
N THR D 126 21.74 -23.33 20.56
CA THR D 126 21.22 -23.93 19.34
C THR D 126 20.13 -24.94 19.67
N PHE D 127 19.33 -25.27 18.65
CA PHE D 127 18.29 -26.30 18.79
C PHE D 127 18.87 -27.60 19.35
N GLU D 128 20.07 -27.99 18.89
CA GLU D 128 20.72 -29.18 19.42
C GLU D 128 21.31 -28.97 20.83
N GLY D 129 21.36 -27.75 21.34
CA GLY D 129 21.73 -27.53 22.72
C GLY D 129 23.14 -27.05 22.98
N LEU D 130 23.86 -26.61 21.95
CA LEU D 130 25.20 -26.05 22.09
C LEU D 130 25.12 -24.53 22.25
N PRO D 131 26.15 -23.90 22.82
CA PRO D 131 26.19 -22.43 22.84
C PRO D 131 26.02 -21.85 21.44
N LYS D 132 25.07 -20.92 21.30
CA LYS D 132 24.70 -20.42 19.98
C LYS D 132 25.76 -19.51 19.39
N ILE D 133 26.32 -18.59 20.16
CA ILE D 133 27.17 -17.54 19.60
C ILE D 133 28.60 -17.79 20.08
N VAL D 134 29.50 -18.07 19.14
CA VAL D 134 30.82 -18.60 19.48
C VAL D 134 31.84 -18.08 18.46
N PRO D 135 33.13 -18.02 18.82
CA PRO D 135 34.14 -17.58 17.85
C PRO D 135 34.39 -18.67 16.81
N MET D 136 34.88 -18.21 15.65
CA MET D 136 35.24 -19.12 14.56
C MET D 136 36.34 -20.11 14.96
N ARG D 137 37.14 -19.75 15.97
CA ARG D 137 38.09 -20.68 16.55
C ARG D 137 37.39 -21.95 17.03
N VAL D 138 36.18 -21.80 17.54
CA VAL D 138 35.44 -22.92 18.12
C VAL D 138 34.59 -23.60 17.06
N ALA D 139 33.88 -22.83 16.25
CA ALA D 139 33.05 -23.40 15.18
C ALA D 139 33.86 -23.39 13.89
N LYS D 140 34.70 -24.43 13.75
CA LYS D 140 35.64 -24.52 12.63
C LYS D 140 34.95 -24.82 11.30
N GLU D 141 33.69 -25.24 11.31
CA GLU D 141 32.97 -25.44 10.06
C GLU D 141 32.59 -24.13 9.37
N PHE D 142 32.74 -22.97 10.04
CA PHE D 142 32.42 -21.68 9.46
C PHE D 142 33.58 -21.13 8.63
N SER D 143 33.25 -20.36 7.60
CA SER D 143 34.26 -19.68 6.78
C SER D 143 33.73 -18.30 6.38
N ILE D 144 34.63 -17.49 5.84
CA ILE D 144 34.24 -16.20 5.28
C ILE D 144 33.67 -16.43 3.88
N ALA D 145 32.54 -15.80 3.57
CA ALA D 145 31.95 -15.98 2.26
C ALA D 145 32.89 -15.43 1.19
N GLU D 146 33.14 -16.22 0.14
CA GLU D 146 34.02 -15.77 -0.92
C GLU D 146 33.47 -14.48 -1.52
N GLY D 147 34.36 -13.53 -1.79
CA GLY D 147 33.96 -12.20 -2.17
C GLY D 147 34.06 -11.16 -1.07
N ASP D 148 34.06 -11.58 0.20
CA ASP D 148 34.11 -10.64 1.32
C ASP D 148 35.45 -10.75 2.05
N PRO D 149 35.96 -9.65 2.61
CA PRO D 149 37.23 -9.72 3.33
C PRO D 149 37.10 -10.42 4.68
N ASP D 150 38.18 -11.08 5.07
CA ASP D 150 38.30 -11.68 6.39
C ASP D 150 38.59 -10.58 7.41
N PRO D 151 37.70 -10.33 8.37
CA PRO D 151 37.96 -9.27 9.36
C PRO D 151 39.14 -9.56 10.24
N ARG D 152 39.51 -10.84 10.42
CA ARG D 152 40.65 -11.18 11.25
C ARG D 152 41.90 -10.48 10.74
N GLY D 153 42.60 -9.78 11.65
CA GLY D 153 43.77 -9.02 11.28
C GLY D 153 43.53 -7.57 10.92
N MET D 154 42.29 -7.17 10.67
CA MET D 154 41.99 -5.77 10.46
C MET D 154 42.24 -4.97 11.73
N THR D 155 42.54 -3.69 11.56
CA THR D 155 42.80 -2.79 12.67
C THR D 155 41.51 -2.03 13.02
N VAL D 156 41.21 -1.95 14.32
CA VAL D 156 39.99 -1.33 14.83
C VAL D 156 40.33 0.08 15.28
N VAL D 157 39.56 1.08 14.80
CA VAL D 157 39.77 2.48 15.18
C VAL D 157 38.55 2.98 15.92
N GLY D 158 38.77 3.84 16.92
CA GLY D 158 37.69 4.49 17.63
C GLY D 158 37.16 5.74 16.92
N LEU D 159 36.19 6.39 17.58
CA LEU D 159 35.51 7.54 16.98
C LEU D 159 36.46 8.65 16.56
N ASP D 160 37.61 8.76 17.22
CA ASP D 160 38.58 9.78 16.82
C ASP D 160 39.68 9.23 15.93
N GLY D 161 39.45 8.09 15.29
CA GLY D 161 40.38 7.56 14.33
C GLY D 161 41.64 6.96 14.90
N GLU D 162 41.75 6.83 16.21
CA GLU D 162 42.95 6.27 16.80
C GLU D 162 42.84 4.76 16.89
N VAL D 163 43.98 4.07 16.82
CA VAL D 163 44.00 2.63 16.75
C VAL D 163 43.64 2.06 18.12
N ALA D 164 42.55 1.31 18.18
CA ALA D 164 42.18 0.67 19.43
C ALA D 164 42.75 -0.73 19.57
N GLY D 165 42.95 -1.42 18.44
CA GLY D 165 43.56 -2.74 18.47
C GLY D 165 43.37 -3.44 17.13
N THR D 166 43.39 -4.77 17.19
CA THR D 166 43.25 -5.62 16.00
C THR D 166 42.16 -6.64 16.23
N VAL D 167 41.47 -7.03 15.16
CA VAL D 167 40.47 -8.09 15.25
C VAL D 167 41.18 -9.43 15.38
N SER D 168 40.95 -10.13 16.50
CA SER D 168 41.59 -11.41 16.73
C SER D 168 40.73 -12.62 16.37
N ASP D 169 39.42 -12.45 16.25
CA ASP D 169 38.51 -13.52 15.84
C ASP D 169 37.16 -12.91 15.47
N VAL D 170 36.26 -13.78 15.02
CA VAL D 170 34.92 -13.40 14.61
C VAL D 170 33.94 -14.31 15.33
N TRP D 171 32.92 -13.73 15.96
CA TRP D 171 31.95 -14.51 16.69
C TRP D 171 30.68 -14.65 15.87
N VAL D 172 30.25 -15.89 15.64
CA VAL D 172 29.17 -16.19 14.69
C VAL D 172 27.99 -16.80 15.44
N ASP D 173 26.85 -16.73 14.77
CA ASP D 173 25.62 -17.35 15.25
C ASP D 173 25.53 -18.73 14.58
N ARG D 174 25.59 -19.81 15.37
CA ARG D 174 25.56 -21.15 14.79
C ARG D 174 24.17 -21.55 14.33
N SER D 175 23.13 -20.94 14.91
CA SER D 175 21.76 -21.20 14.48
C SER D 175 21.44 -20.56 13.14
N GLU D 176 21.85 -19.31 12.95
CA GLU D 176 21.51 -18.57 11.73
C GLU D 176 22.80 -17.87 11.31
N PRO D 177 23.60 -18.53 10.44
CA PRO D 177 24.99 -18.08 10.22
C PRO D 177 25.13 -16.61 9.83
N GLN D 178 25.77 -15.86 10.72
CA GLN D 178 26.04 -14.43 10.52
C GLN D 178 27.03 -14.02 11.61
N ILE D 179 27.79 -12.96 11.35
CA ILE D 179 28.66 -12.37 12.38
C ILE D 179 27.81 -11.61 13.37
N ARG D 180 27.98 -11.90 14.65
CA ARG D 180 27.34 -11.13 15.71
C ARG D 180 28.31 -10.23 16.46
N TYR D 181 29.55 -10.66 16.67
CA TYR D 181 30.58 -9.84 17.30
C TYR D 181 31.92 -10.05 16.64
N LEU D 182 32.73 -9.00 16.62
CA LEU D 182 34.15 -9.13 16.37
C LEU D 182 34.89 -9.21 17.69
N GLU D 183 35.95 -10.01 17.73
CA GLU D 183 36.81 -10.08 18.92
C GLU D 183 38.02 -9.18 18.70
N VAL D 184 38.24 -8.25 19.63
CA VAL D 184 39.25 -7.22 19.47
C VAL D 184 40.32 -7.46 20.54
N GLU D 185 41.56 -7.66 20.10
CA GLU D 185 42.67 -7.70 21.02
C GLU D 185 43.12 -6.25 21.23
N VAL D 186 42.84 -5.72 22.42
CA VAL D 186 43.02 -4.30 22.68
C VAL D 186 44.50 -3.98 22.89
N ALA D 187 45.01 -3.02 22.12
CA ALA D 187 46.43 -2.65 22.21
C ALA D 187 46.85 -2.28 23.63
N ALA D 188 46.00 -1.54 24.35
CA ALA D 188 46.45 -0.94 25.62
C ALA D 188 46.74 -2.00 26.69
N ASN D 189 45.89 -3.01 26.79
CA ASN D 189 45.97 -3.99 27.86
C ASN D 189 46.08 -5.44 27.39
N LYS D 190 46.12 -5.68 26.07
CA LYS D 190 46.16 -7.02 25.46
C LYS D 190 44.98 -7.90 25.85
N LYS D 191 43.87 -7.33 26.32
CA LYS D 191 42.69 -8.12 26.55
C LYS D 191 41.91 -8.30 25.24
N LYS D 192 41.14 -9.36 25.18
CA LYS D 192 40.29 -9.64 24.03
C LYS D 192 38.86 -9.35 24.44
N VAL D 193 38.24 -8.39 23.77
CA VAL D 193 36.89 -7.95 24.12
C VAL D 193 35.97 -8.08 22.92
N LEU D 194 34.69 -8.30 23.20
CA LEU D 194 33.73 -8.35 22.11
C LEU D 194 33.40 -6.95 21.61
N LEU D 195 33.11 -6.87 20.31
CA LEU D 195 32.65 -5.66 19.64
C LEU D 195 31.43 -6.05 18.82
N PRO D 196 30.23 -5.55 19.14
CA PRO D 196 29.05 -5.95 18.35
C PRO D 196 29.14 -5.46 16.91
N ILE D 197 28.69 -6.32 16.00
CA ILE D 197 28.67 -5.95 14.59
C ILE D 197 27.80 -4.71 14.40
N GLY D 198 26.77 -4.54 15.23
CA GLY D 198 25.92 -3.38 15.12
C GLY D 198 26.62 -2.04 15.33
N PHE D 199 27.80 -2.03 15.95
CA PHE D 199 28.57 -0.79 16.16
C PHE D 199 29.80 -0.72 15.26
N SER D 200 29.84 -1.52 14.20
CA SER D 200 31.04 -1.70 13.40
C SER D 200 30.78 -1.34 11.94
N ARG D 201 31.59 -0.43 11.39
CA ARG D 201 31.64 -0.16 9.96
C ARG D 201 32.96 -0.68 9.40
N PHE D 202 32.88 -1.41 8.28
CA PHE D 202 34.07 -1.89 7.57
C PHE D 202 34.55 -0.86 6.55
N ASP D 203 35.84 -0.55 6.59
CA ASP D 203 36.54 0.16 5.52
C ASP D 203 37.36 -0.89 4.78
N LYS D 204 36.75 -1.49 3.76
CA LYS D 204 37.28 -2.73 3.22
C LYS D 204 38.65 -2.54 2.58
N LYS D 205 38.79 -1.52 1.73
CA LYS D 205 40.08 -1.32 1.06
C LYS D 205 41.21 -1.02 2.04
N ALA D 206 40.90 -0.34 3.15
CA ALA D 206 41.94 -0.08 4.16
C ALA D 206 42.09 -1.22 5.15
N ARG D 207 41.22 -2.22 5.11
CA ARG D 207 41.13 -3.27 6.13
C ARG D 207 41.08 -2.64 7.53
N LYS D 208 40.09 -1.76 7.72
CA LYS D 208 39.84 -1.11 8.99
C LYS D 208 38.38 -1.25 9.40
N VAL D 209 38.16 -1.50 10.69
CA VAL D 209 36.84 -1.45 11.31
C VAL D 209 36.73 -0.13 12.06
N LYS D 210 35.73 0.68 11.73
CA LYS D 210 35.53 1.96 12.40
C LYS D 210 34.42 1.83 13.44
N VAL D 211 34.67 2.34 14.65
CA VAL D 211 33.72 2.29 15.75
C VAL D 211 33.46 3.73 16.19
N ASP D 212 32.28 4.24 15.84
CA ASP D 212 31.85 5.59 16.19
C ASP D 212 31.42 5.71 17.65
N ALA D 213 31.07 4.60 18.29
CA ALA D 213 30.48 4.67 19.62
C ALA D 213 31.46 5.19 20.68
N ILE D 214 32.73 4.75 20.64
CA ILE D 214 33.68 5.07 21.72
C ILE D 214 35.02 5.48 21.13
N LYS D 215 35.86 6.09 21.98
CA LYS D 215 37.25 6.36 21.65
C LYS D 215 38.10 5.10 21.79
N ALA D 216 39.25 5.11 21.13
CA ALA D 216 40.22 4.01 21.25
C ALA D 216 40.55 3.67 22.69
N ALA D 217 40.75 4.69 23.56
CA ALA D 217 41.12 4.42 24.94
C ALA D 217 39.98 3.84 25.76
N HIS D 218 38.73 4.03 25.32
CA HIS D 218 37.58 3.42 25.96
C HIS D 218 37.51 1.91 25.77
N PHE D 219 38.22 1.35 24.79
CA PHE D 219 38.19 -0.09 24.62
C PHE D 219 38.78 -0.82 25.83
N ALA D 220 39.63 -0.15 26.61
CA ALA D 220 40.25 -0.78 27.76
C ALA D 220 39.21 -1.25 28.78
N ASN D 221 38.04 -0.62 28.84
CA ASN D 221 37.04 -0.93 29.85
C ASN D 221 35.79 -1.62 29.28
N VAL D 222 35.86 -2.15 28.07
CA VAL D 222 34.74 -2.97 27.59
C VAL D 222 34.56 -4.16 28.53
N PRO D 223 33.35 -4.45 29.00
CA PRO D 223 33.14 -5.57 29.92
C PRO D 223 33.63 -6.89 29.34
N THR D 224 34.11 -7.73 30.25
CA THR D 224 34.92 -8.90 29.92
C THR D 224 34.06 -10.16 30.04
N LEU D 225 34.48 -11.20 29.34
CA LEU D 225 33.77 -12.47 29.34
C LEU D 225 34.34 -13.40 30.41
N SER D 226 33.44 -14.04 31.17
CA SER D 226 33.84 -15.05 32.15
C SER D 226 34.50 -16.26 31.48
N ASN D 227 33.96 -16.73 30.35
CA ASN D 227 34.48 -17.89 29.63
C ASN D 227 34.85 -17.46 28.21
N PRO D 228 36.11 -17.64 27.77
CA PRO D 228 36.51 -17.09 26.45
C PRO D 228 35.85 -17.78 25.25
N ASP D 229 35.15 -18.89 25.42
CA ASP D 229 34.63 -19.66 24.29
C ASP D 229 33.12 -19.60 24.14
N GLN D 230 32.43 -18.83 24.97
CA GLN D 230 30.98 -18.66 24.89
C GLN D 230 30.64 -17.34 25.55
N VAL D 231 29.38 -16.91 25.39
CA VAL D 231 28.91 -15.66 25.96
C VAL D 231 27.49 -15.87 26.49
N THR D 232 27.23 -15.43 27.72
CA THR D 232 25.91 -15.53 28.31
C THR D 232 25.05 -14.33 27.90
N LEU D 233 23.73 -14.51 27.99
CA LEU D 233 22.82 -13.39 27.75
C LEU D 233 23.22 -12.20 28.59
N TYR D 234 23.40 -12.43 29.89
CA TYR D 234 23.87 -11.37 30.79
C TYR D 234 25.08 -10.62 30.21
N GLU D 235 26.12 -11.36 29.77
CA GLU D 235 27.28 -10.64 29.27
C GLU D 235 27.00 -9.93 27.95
N GLU D 236 26.14 -10.51 27.09
CA GLU D 236 25.80 -9.83 25.85
C GLU D 236 25.23 -8.44 26.11
N ASP D 237 24.28 -8.32 27.03
CA ASP D 237 23.72 -7.00 27.32
C ASP D 237 24.76 -6.06 27.91
N LYS D 238 25.60 -6.55 28.83
CA LYS D 238 26.61 -5.67 29.41
C LYS D 238 27.57 -5.14 28.34
N VAL D 239 27.92 -5.99 27.36
CA VAL D 239 28.84 -5.55 26.31
C VAL D 239 28.18 -4.49 25.43
N CYS D 240 27.00 -4.81 24.86
CA CYS D 240 26.35 -3.88 23.93
C CYS D 240 26.03 -2.55 24.60
N ALA D 241 25.54 -2.59 25.84
CA ALA D 241 25.21 -1.35 26.55
C ALA D 241 26.44 -0.48 26.78
N TYR D 242 27.63 -1.07 26.95
CA TYR D 242 28.80 -0.24 27.22
C TYR D 242 29.15 0.62 26.01
N TYR D 243 29.11 0.04 24.80
CA TYR D 243 29.31 0.82 23.58
C TYR D 243 28.25 1.91 23.42
N ALA D 244 26.98 1.57 23.70
CA ALA D 244 25.90 2.53 23.50
C ALA D 244 26.04 3.74 24.43
N GLY D 245 26.59 3.55 25.63
CA GLY D 245 26.81 4.70 26.49
C GLY D 245 27.67 5.75 25.81
N GLY D 246 28.62 5.30 24.98
CA GLY D 246 29.45 6.22 24.24
C GLY D 246 28.71 7.14 23.28
N LYS D 247 27.62 6.66 22.67
CA LYS D 247 26.82 7.50 21.79
C LYS D 247 26.43 8.82 22.44
N LEU D 248 26.12 8.79 23.74
CA LEU D 248 25.81 10.03 24.45
C LEU D 248 26.98 10.55 25.27
N TYR D 249 27.88 9.67 25.75
CA TYR D 249 28.88 10.04 26.74
C TYR D 249 30.30 10.21 26.23
N ALA D 250 30.63 9.75 25.02
CA ALA D 250 32.04 9.55 24.70
C ALA D 250 32.79 10.86 24.45
N THR D 251 32.08 11.91 24.06
CA THR D 251 32.63 13.26 23.94
C THR D 251 31.63 14.27 24.51
N ALA D 252 32.14 15.48 24.79
CA ALA D 252 31.30 16.53 25.39
C ALA D 252 30.21 16.98 24.44
N GLU D 253 30.58 17.26 23.18
CA GLU D 253 29.61 17.67 22.16
C GLU D 253 28.39 16.75 22.07
N ARG D 254 28.54 15.45 22.41
CA ARG D 254 27.46 14.49 22.25
C ARG D 254 26.31 14.75 23.23
N ALA D 255 26.56 15.51 24.29
CA ALA D 255 25.50 15.88 25.23
C ALA D 255 24.44 16.77 24.57
N GLY D 256 24.81 17.51 23.52
CA GLY D 256 23.97 18.56 23.00
C GLY D 256 23.94 19.74 23.94
N PRO D 257 23.14 20.76 23.62
CA PRO D 257 22.35 20.86 22.39
C PRO D 257 23.18 21.41 21.25
N LEU D 258 22.58 21.48 20.07
CA LEU D 258 23.23 22.20 18.97
C LEU D 258 23.16 23.70 19.18
N LEU D 259 22.04 24.20 19.68
CA LEU D 259 21.85 25.64 19.80
C LEU D 259 20.92 25.96 20.98
N ALA E 6 -19.78 14.04 55.79
CA ALA E 6 -19.22 14.65 57.00
C ALA E 6 -17.74 14.35 57.13
N ASN E 7 -17.36 13.09 56.90
CA ASN E 7 -15.96 12.71 56.79
C ASN E 7 -15.45 12.81 55.35
N LEU E 8 -16.00 13.75 54.58
CA LEU E 8 -15.71 13.85 53.16
C LEU E 8 -14.28 14.31 52.90
N TYR E 9 -13.62 14.93 53.88
CA TYR E 9 -12.23 15.32 53.71
C TYR E 9 -11.34 14.11 53.46
N LYS E 10 -11.75 12.93 53.95
CA LYS E 10 -10.98 11.70 53.78
C LYS E 10 -10.92 11.24 52.34
N ILE E 11 -11.60 11.94 51.41
CA ILE E 11 -11.44 11.63 49.99
C ILE E 11 -9.98 11.81 49.59
N TRP E 12 -9.25 12.71 50.25
CA TRP E 12 -7.85 12.93 49.96
C TRP E 12 -6.96 11.90 50.63
N LEU E 13 -7.53 10.97 51.39
CA LEU E 13 -6.86 9.74 51.77
C LEU E 13 -7.04 8.65 50.74
N ILE E 14 -7.87 8.88 49.71
CA ILE E 14 -8.20 7.88 48.69
C ILE E 14 -7.73 8.34 47.31
N LEU E 15 -8.23 9.48 46.84
CA LEU E 15 -7.85 10.02 45.54
C LEU E 15 -6.69 11.00 45.70
N ASP E 16 -5.65 10.82 44.88
CA ASP E 16 -4.45 11.66 44.97
C ASP E 16 -4.77 13.11 44.69
N PRO E 17 -4.54 14.03 45.64
CA PRO E 17 -4.95 15.42 45.42
C PRO E 17 -4.31 16.10 44.22
N ARG E 18 -3.05 15.80 43.91
CA ARG E 18 -2.41 16.45 42.77
C ARG E 18 -3.07 16.05 41.46
N ARG E 19 -3.25 14.74 41.25
CA ARG E 19 -3.85 14.28 40.00
C ARG E 19 -5.28 14.75 39.85
N VAL E 20 -6.03 14.82 40.95
CA VAL E 20 -7.37 15.37 40.90
C VAL E 20 -7.32 16.84 40.46
N LEU E 21 -6.41 17.60 41.05
CA LEU E 21 -6.25 19.00 40.70
C LEU E 21 -5.91 19.16 39.22
N VAL E 22 -4.85 18.49 38.75
CA VAL E 22 -4.43 18.63 37.37
C VAL E 22 -5.54 18.15 36.42
N SER E 23 -6.27 17.11 36.81
CA SER E 23 -7.39 16.67 36.00
C SER E 23 -8.47 17.73 35.91
N ILE E 24 -8.78 18.39 37.03
CA ILE E 24 -9.85 19.39 37.02
C ILE E 24 -9.47 20.55 36.12
N VAL E 25 -8.23 21.04 36.22
CA VAL E 25 -7.81 22.17 35.40
C VAL E 25 -7.89 21.84 33.92
N ALA E 26 -7.33 20.69 33.53
CA ALA E 26 -7.37 20.31 32.12
C ALA E 26 -8.79 20.12 31.65
N PHE E 27 -9.61 19.42 32.44
CA PHE E 27 -10.99 19.19 32.04
C PHE E 27 -11.74 20.50 31.87
N GLN E 28 -11.63 21.40 32.86
CA GLN E 28 -12.42 22.64 32.80
C GLN E 28 -12.01 23.52 31.62
N ILE E 29 -10.71 23.59 31.30
CA ILE E 29 -10.27 24.39 30.15
C ILE E 29 -10.83 23.81 28.86
N VAL E 30 -10.78 22.48 28.72
CA VAL E 30 -11.32 21.86 27.51
C VAL E 30 -12.82 22.10 27.42
N LEU E 31 -13.53 21.89 28.54
CA LEU E 31 -14.97 22.12 28.56
C LEU E 31 -15.28 23.56 28.22
N GLY E 32 -14.53 24.52 28.80
CA GLY E 32 -14.74 25.92 28.48
C GLY E 32 -14.56 26.23 26.99
N LEU E 33 -13.52 25.66 26.38
CA LEU E 33 -13.36 25.84 24.94
C LEU E 33 -14.51 25.19 24.18
N LEU E 34 -14.92 23.99 24.61
CA LEU E 34 -16.00 23.29 23.92
C LEU E 34 -17.30 24.09 23.97
N ILE E 35 -17.65 24.61 25.15
CA ILE E 35 -18.95 25.28 25.29
C ILE E 35 -18.99 26.58 24.49
N HIS E 36 -17.93 27.38 24.55
CA HIS E 36 -17.89 28.58 23.71
C HIS E 36 -18.07 28.25 22.23
N MET E 37 -17.41 27.18 21.74
CA MET E 37 -17.58 26.77 20.35
C MET E 37 -19.04 26.43 20.06
N ILE E 38 -19.62 25.57 20.89
CA ILE E 38 -20.99 25.09 20.67
C ILE E 38 -21.96 26.26 20.59
N VAL E 39 -21.89 27.17 21.59
CA VAL E 39 -22.76 28.34 21.58
C VAL E 39 -22.51 29.19 20.34
N LEU E 40 -21.24 29.30 19.92
CA LEU E 40 -20.95 30.08 18.72
C LEU E 40 -21.48 29.44 17.46
N SER E 41 -21.84 28.16 17.49
CA SER E 41 -22.45 27.58 16.31
C SER E 41 -23.95 27.88 16.22
N THR E 42 -24.54 28.60 17.18
CA THR E 42 -25.98 28.72 17.31
C THR E 42 -26.46 30.17 17.13
N ASP E 43 -27.78 30.34 17.21
CA ASP E 43 -28.41 31.66 17.20
C ASP E 43 -27.86 32.55 18.29
N LEU E 44 -27.34 31.96 19.37
CA LEU E 44 -26.81 32.72 20.48
C LEU E 44 -25.49 33.40 20.16
N ASN E 45 -24.86 33.06 19.04
CA ASN E 45 -23.57 33.63 18.64
C ASN E 45 -23.58 35.15 18.80
N TRP E 46 -22.61 35.66 19.58
CA TRP E 46 -22.52 37.07 19.95
C TRP E 46 -21.42 37.82 19.20
N LEU E 47 -20.68 37.15 18.34
CA LEU E 47 -19.58 37.78 17.62
C LEU E 47 -19.97 38.23 16.22
N ASP E 48 -20.85 37.47 15.56
CA ASP E 48 -21.22 37.67 14.16
C ASP E 48 -22.70 38.03 14.02
N ASP E 49 -23.27 38.63 15.07
CA ASP E 49 -24.68 38.98 15.12
C ASP E 49 -24.98 40.43 14.76
N ASN E 50 -23.94 41.21 14.43
CA ASN E 50 -24.10 42.61 14.07
C ASN E 50 -24.80 43.41 15.19
N ILE E 51 -24.55 43.00 16.43
CA ILE E 51 -25.00 43.72 17.62
C ILE E 51 -23.75 44.14 18.38
N PRO E 52 -23.61 45.42 18.76
CA PRO E 52 -24.61 46.48 18.62
C PRO E 52 -24.80 47.02 17.20
N VAL E 53 -23.79 46.89 16.34
CA VAL E 53 -23.88 47.28 14.93
C VAL E 53 -23.06 46.27 14.14
N SER E 54 -23.17 46.36 12.81
CA SER E 54 -22.29 45.60 11.92
C SER E 54 -21.11 46.48 11.52
N TYR E 55 -19.90 46.03 11.83
CA TYR E 55 -18.71 46.80 11.52
C TYR E 55 -18.26 46.68 10.07
N GLN E 56 -18.61 45.59 9.37
CA GLN E 56 -18.35 45.54 7.95
C GLN E 56 -19.27 46.47 7.16
N ALA E 57 -20.45 46.78 7.71
CA ALA E 57 -21.34 47.76 7.09
C ALA E 57 -20.87 49.19 7.29
N LEU E 58 -19.81 49.40 8.07
CA LEU E 58 -19.18 50.72 8.17
C LEU E 58 -18.29 51.00 6.97
N GLY E 59 -17.51 50.01 6.54
CA GLY E 59 -16.68 50.16 5.35
C GLY E 59 -17.49 50.26 4.08
N SER F 6 -2.02 6.07 54.61
CA SER F 6 -3.21 5.99 53.76
C SER F 6 -2.86 5.61 52.32
N LEU F 7 -3.87 5.66 51.44
CA LEU F 7 -3.67 5.29 50.05
C LEU F 7 -3.01 6.41 49.25
N THR F 8 -3.21 7.67 49.64
CA THR F 8 -2.43 8.75 49.07
C THR F 8 -1.17 9.04 49.88
N GLY F 9 -1.08 8.53 51.10
CA GLY F 9 0.01 8.83 51.99
C GLY F 9 -0.26 9.97 52.94
N LEU F 10 -1.17 10.89 52.58
CA LEU F 10 -1.48 12.02 53.42
C LEU F 10 -1.98 11.56 54.80
N THR F 11 -1.55 12.26 55.84
CA THR F 11 -2.10 12.01 57.16
C THR F 11 -3.55 12.50 57.23
N ASP F 12 -4.21 12.16 58.33
CA ASP F 12 -5.59 12.61 58.53
C ASP F 12 -5.67 14.13 58.58
N ASP F 13 -4.72 14.78 59.28
CA ASP F 13 -4.71 16.24 59.34
C ASP F 13 -4.28 16.85 58.02
N GLU F 14 -3.46 16.15 57.23
CA GLU F 14 -3.07 16.68 55.93
C GLU F 14 -4.25 16.68 54.96
N ALA F 15 -5.12 15.67 55.05
CA ALA F 15 -6.32 15.66 54.22
C ALA F 15 -7.33 16.71 54.66
N LYS F 16 -7.38 17.01 55.98
CA LYS F 16 -8.24 18.10 56.44
C LYS F 16 -7.73 19.45 55.94
N GLU F 17 -6.41 19.61 55.88
CA GLU F 17 -5.84 20.88 55.44
C GLU F 17 -6.04 21.10 53.95
N PHE F 18 -5.72 20.11 53.13
CA PHE F 18 -5.94 20.25 51.69
C PHE F 18 -7.41 20.43 51.36
N HIS F 19 -8.30 19.79 52.13
CA HIS F 19 -9.72 19.87 51.85
C HIS F 19 -10.26 21.28 52.09
N ALA F 20 -9.78 21.95 53.14
CA ALA F 20 -10.25 23.30 53.44
C ALA F 20 -9.84 24.26 52.32
N ILE F 21 -8.62 24.13 51.81
CA ILE F 21 -8.19 25.00 50.72
C ILE F 21 -8.90 24.63 49.43
N PHE F 22 -9.05 23.32 49.16
CA PHE F 22 -9.74 22.88 47.95
C PHE F 22 -11.18 23.37 47.93
N MET F 23 -11.93 23.10 49.00
CA MET F 23 -13.35 23.47 49.02
C MET F 23 -13.51 24.98 48.93
N GLN F 24 -12.66 25.73 49.61
CA GLN F 24 -12.72 27.19 49.52
C GLN F 24 -12.47 27.66 48.10
N SER F 25 -11.44 27.11 47.45
CA SER F 25 -11.12 27.51 46.09
C SER F 25 -12.21 27.11 45.12
N MET F 26 -12.81 25.93 45.30
CA MET F 26 -13.88 25.50 44.41
C MET F 26 -15.11 26.38 44.54
N TYR F 27 -15.51 26.70 45.78
CA TYR F 27 -16.66 27.58 45.98
C TYR F 27 -16.44 28.94 45.34
N ALA F 28 -15.23 29.49 45.46
CA ALA F 28 -14.94 30.76 44.82
C ALA F 28 -15.12 30.65 43.31
N TRP F 29 -14.60 29.58 42.71
CA TRP F 29 -14.74 29.40 41.27
C TRP F 29 -16.20 29.25 40.86
N PHE F 30 -16.98 28.51 41.64
CA PHE F 30 -18.41 28.40 41.33
C PHE F 30 -19.13 29.73 41.50
N GLY F 31 -18.73 30.54 42.49
CA GLY F 31 -19.29 31.87 42.60
C GLY F 31 -19.05 32.71 41.36
N LEU F 32 -17.85 32.62 40.79
CA LEU F 32 -17.58 33.28 39.52
C LEU F 32 -18.47 32.74 38.42
N VAL F 33 -18.74 31.42 38.43
CA VAL F 33 -19.54 30.82 37.36
C VAL F 33 -20.98 31.33 37.41
N VAL F 34 -21.58 31.39 38.60
CA VAL F 34 -22.97 31.87 38.69
C VAL F 34 -23.05 33.34 38.27
N ILE F 35 -22.07 34.15 38.67
CA ILE F 35 -22.06 35.56 38.30
C ILE F 35 -22.00 35.71 36.79
N ALA F 36 -21.15 34.92 36.13
CA ALA F 36 -21.10 34.98 34.67
C ALA F 36 -22.41 34.54 34.04
N HIS F 37 -23.04 33.49 34.59
CA HIS F 37 -24.32 33.04 34.06
C HIS F 37 -25.45 34.00 34.41
N LEU F 38 -25.29 34.80 35.46
CA LEU F 38 -26.25 35.86 35.75
C LEU F 38 -26.15 36.96 34.70
N LEU F 39 -24.93 37.44 34.43
CA LEU F 39 -24.73 38.47 33.42
C LEU F 39 -25.22 37.99 32.06
N ALA F 40 -24.94 36.73 31.73
CA ALA F 40 -25.33 36.19 30.43
C ALA F 40 -26.83 35.97 30.34
N TRP F 41 -27.48 35.60 31.45
CA TRP F 41 -28.94 35.51 31.44
C TRP F 41 -29.58 36.88 31.25
N LEU F 42 -29.01 37.90 31.89
CA LEU F 42 -29.53 39.26 31.77
C LEU F 42 -29.29 39.82 30.37
N TYR F 43 -28.16 39.47 29.75
CA TYR F 43 -27.83 39.99 28.43
C TYR F 43 -28.49 39.22 27.31
N ARG F 44 -28.67 37.92 27.48
CA ARG F 44 -29.14 37.09 26.39
C ARG F 44 -29.78 35.83 26.98
N PRO F 45 -30.99 35.93 27.54
CA PRO F 45 -31.64 34.73 28.06
C PRO F 45 -31.82 33.71 26.95
N TRP F 46 -31.58 32.44 27.29
CA TRP F 46 -31.53 31.38 26.29
C TRP F 46 -32.61 30.33 26.48
N LEU F 47 -33.46 30.49 27.48
CA LEU F 47 -34.57 29.58 27.72
C LEU F 47 -35.86 30.39 27.84
N ASN G 5 -29.43 -5.39 51.22
CA ASN G 5 -28.73 -6.41 52.00
C ASN G 5 -27.78 -5.78 53.00
N ALA G 6 -27.47 -6.52 54.08
CA ALA G 6 -26.69 -6.00 55.20
C ALA G 6 -25.19 -6.08 54.97
N ASN G 7 -24.69 -7.19 54.42
CA ASN G 7 -23.27 -7.34 54.15
C ASN G 7 -22.87 -6.74 52.80
N LEU G 8 -23.69 -5.86 52.23
CA LEU G 8 -23.37 -5.25 50.95
C LEU G 8 -22.13 -4.37 51.02
N TYR G 9 -21.74 -3.92 52.21
CA TYR G 9 -20.52 -3.12 52.34
C TYR G 9 -19.29 -3.91 51.92
N LYS G 10 -19.34 -5.24 52.05
CA LYS G 10 -18.20 -6.11 51.74
C LYS G 10 -17.87 -6.08 50.25
N ILE G 11 -18.63 -5.35 49.44
CA ILE G 11 -18.28 -5.21 48.03
C ILE G 11 -16.98 -4.43 47.89
N TRP G 12 -16.68 -3.56 48.84
CA TRP G 12 -15.43 -2.82 48.84
C TRP G 12 -14.25 -3.64 49.35
N LEU G 13 -14.50 -4.87 49.78
CA LEU G 13 -13.46 -5.87 49.91
C LEU G 13 -13.22 -6.64 48.61
N ILE G 14 -14.14 -6.50 47.65
CA ILE G 14 -14.07 -7.21 46.37
C ILE G 14 -13.61 -6.30 45.24
N LEU G 15 -14.19 -5.10 45.15
CA LEU G 15 -13.87 -4.14 44.11
C LEU G 15 -13.12 -2.97 44.72
N ASP G 16 -12.06 -2.54 44.05
CA ASP G 16 -11.16 -1.52 44.61
C ASP G 16 -11.89 -0.19 44.69
N PRO G 17 -12.08 0.38 45.89
CA PRO G 17 -12.86 1.64 45.98
C PRO G 17 -12.26 2.76 45.17
N ARG G 18 -10.92 2.86 45.14
CA ARG G 18 -10.26 3.92 44.39
C ARG G 18 -10.55 3.80 42.90
N ARG G 19 -10.37 2.60 42.34
CA ARG G 19 -10.63 2.42 40.92
C ARG G 19 -12.10 2.63 40.58
N VAL G 20 -13.00 2.16 41.44
CA VAL G 20 -14.44 2.30 41.18
C VAL G 20 -14.83 3.77 41.11
N LEU G 21 -14.36 4.56 42.09
CA LEU G 21 -14.64 5.99 42.08
C LEU G 21 -14.22 6.64 40.77
N VAL G 22 -12.97 6.41 40.36
CA VAL G 22 -12.44 7.03 39.15
C VAL G 22 -13.24 6.57 37.93
N SER G 23 -13.69 5.32 37.94
CA SER G 23 -14.49 4.84 36.81
C SER G 23 -15.85 5.52 36.78
N ILE G 24 -16.45 5.76 37.94
CA ILE G 24 -17.76 6.42 38.00
C ILE G 24 -17.65 7.84 37.47
N VAL G 25 -16.63 8.57 37.91
CA VAL G 25 -16.45 9.94 37.47
C VAL G 25 -16.25 10.00 35.96
N ALA G 26 -15.38 9.14 35.43
CA ALA G 26 -15.11 9.19 33.99
C ALA G 26 -16.35 8.79 33.19
N PHE G 27 -17.05 7.74 33.61
CA PHE G 27 -18.25 7.32 32.88
C PHE G 27 -19.32 8.40 32.90
N GLN G 28 -19.54 9.01 34.06
CA GLN G 28 -20.61 10.00 34.18
C GLN G 28 -20.35 11.21 33.30
N ILE G 29 -19.10 11.69 33.25
CA ILE G 29 -18.80 12.84 32.41
C ILE G 29 -19.03 12.50 30.94
N VAL G 30 -18.53 11.35 30.49
CA VAL G 30 -18.73 10.95 29.09
C VAL G 30 -20.21 10.78 28.80
N LEU G 31 -20.95 10.17 29.74
CA LEU G 31 -22.38 10.00 29.56
C LEU G 31 -23.10 11.35 29.50
N GLY G 32 -22.69 12.30 30.33
CA GLY G 32 -23.31 13.61 30.31
C GLY G 32 -23.07 14.34 29.00
N LEU G 33 -21.85 14.24 28.47
CA LEU G 33 -21.58 14.85 27.17
C LEU G 33 -22.36 14.15 26.07
N LEU G 34 -22.44 12.82 26.13
CA LEU G 34 -23.19 12.07 25.11
C LEU G 34 -24.67 12.46 25.14
N ILE G 35 -25.27 12.54 26.34
CA ILE G 35 -26.71 12.78 26.39
C ILE G 35 -27.04 14.20 25.94
N HIS G 36 -26.27 15.21 26.37
CA HIS G 36 -26.47 16.56 25.87
C HIS G 36 -26.37 16.60 24.34
N MET G 37 -25.38 15.90 23.78
CA MET G 37 -25.19 15.93 22.33
C MET G 37 -26.33 15.23 21.59
N ILE G 38 -26.80 14.09 22.12
CA ILE G 38 -27.96 13.41 21.54
C ILE G 38 -29.18 14.33 21.58
N VAL G 39 -29.46 14.91 22.76
CA VAL G 39 -30.65 15.76 22.91
C VAL G 39 -30.59 16.96 21.97
N LEU G 40 -29.40 17.57 21.83
CA LEU G 40 -29.24 18.67 20.91
C LEU G 40 -29.45 18.27 19.45
N SER G 41 -29.33 16.98 19.13
CA SER G 41 -29.56 16.53 17.76
CA SER G 41 -29.56 16.51 17.77
C SER G 41 -31.03 16.29 17.46
N THR G 42 -31.93 16.55 18.41
CA THR G 42 -33.35 16.23 18.27
C THR G 42 -34.21 17.48 18.28
N ASP G 43 -35.53 17.25 18.26
CA ASP G 43 -36.49 18.34 18.39
C ASP G 43 -36.34 19.07 19.72
N LEU G 44 -35.77 18.43 20.74
CA LEU G 44 -35.67 19.02 22.06
C LEU G 44 -34.60 20.11 22.17
N ASN G 45 -33.86 20.36 21.09
CA ASN G 45 -32.75 21.31 21.09
C ASN G 45 -33.17 22.67 21.66
N TRP G 46 -32.49 23.09 22.74
CA TRP G 46 -32.84 24.31 23.45
C TRP G 46 -31.96 25.50 23.09
N LEU G 47 -30.98 25.32 22.20
CA LEU G 47 -30.04 26.38 21.85
C LEU G 47 -30.40 27.08 20.56
N ASP G 48 -30.91 26.34 19.56
CA ASP G 48 -31.28 26.91 18.27
C ASP G 48 -32.79 26.89 18.05
N ASP G 49 -33.57 26.94 19.12
CA ASP G 49 -35.02 26.91 18.98
C ASP G 49 -35.64 28.31 18.92
N ASN G 50 -34.81 29.34 18.78
CA ASN G 50 -35.24 30.75 18.75
C ASN G 50 -36.20 31.06 19.90
N ILE G 51 -35.93 30.48 21.05
CA ILE G 51 -36.68 30.73 22.27
C ILE G 51 -35.69 31.26 23.32
N PRO G 52 -35.99 32.36 24.02
CA PRO G 52 -37.23 33.15 23.96
C PRO G 52 -37.37 34.04 22.72
N VAL G 53 -36.27 34.24 22.00
CA VAL G 53 -36.27 35.08 20.81
C VAL G 53 -35.13 34.61 19.92
N SER G 54 -35.19 34.99 18.65
CA SER G 54 -34.06 34.79 17.74
C SER G 54 -33.11 35.97 17.87
N TYR G 55 -31.89 35.71 18.33
CA TYR G 55 -30.91 36.77 18.49
C TYR G 55 -30.28 37.20 17.17
N GLN G 56 -30.17 36.30 16.20
CA GLN G 56 -29.66 36.73 14.90
C GLN G 56 -30.67 37.62 14.18
N ALA G 57 -31.96 37.47 14.50
CA ALA G 57 -32.97 38.34 13.92
C ALA G 57 -32.85 39.76 14.45
N LEU G 58 -32.29 39.93 15.65
CA LEU G 58 -32.10 41.27 16.21
C LEU G 58 -31.11 42.10 15.40
N GLY G 59 -30.17 41.47 14.69
CA GLY G 59 -29.22 42.20 13.87
C GLY G 59 -29.79 42.71 12.56
N LEU H 10 -7.98 -3.22 52.20
CA LEU H 10 -8.67 -2.45 53.23
C LEU H 10 -9.39 -3.39 54.19
N THR H 11 -9.42 -3.01 55.46
CA THR H 11 -9.97 -3.88 56.50
C THR H 11 -11.50 -3.91 56.41
N ASP H 12 -12.10 -4.70 57.30
CA ASP H 12 -13.55 -4.84 57.32
C ASP H 12 -14.22 -3.55 57.79
N ASP H 13 -13.73 -2.96 58.87
CA ASP H 13 -14.31 -1.71 59.35
C ASP H 13 -14.06 -0.57 58.38
N GLU H 14 -12.94 -0.61 57.64
CA GLU H 14 -12.71 0.39 56.61
C GLU H 14 -13.71 0.26 55.46
N ALA H 15 -14.11 -0.98 55.14
CA ALA H 15 -15.13 -1.16 54.11
C ALA H 15 -16.48 -0.63 54.57
N LYS H 16 -16.81 -0.82 55.85
CA LYS H 16 -18.04 -0.25 56.39
C LYS H 16 -18.03 1.27 56.33
N GLU H 17 -16.89 1.89 56.67
CA GLU H 17 -16.81 3.35 56.63
C GLU H 17 -16.91 3.89 55.21
N PHE H 18 -16.21 3.27 54.27
CA PHE H 18 -16.33 3.71 52.89
C PHE H 18 -17.75 3.56 52.38
N HIS H 19 -18.39 2.42 52.68
CA HIS H 19 -19.72 2.15 52.13
C HIS H 19 -20.75 3.15 52.64
N ALA H 20 -20.69 3.51 53.93
CA ALA H 20 -21.65 4.47 54.45
C ALA H 20 -21.49 5.83 53.77
N ILE H 21 -20.25 6.27 53.57
CA ILE H 21 -20.01 7.56 52.94
C ILE H 21 -20.29 7.49 51.44
N PHE H 22 -20.05 6.34 50.82
CA PHE H 22 -20.32 6.19 49.40
C PHE H 22 -21.81 6.25 49.10
N MET H 23 -22.64 5.64 49.95
CA MET H 23 -24.06 5.59 49.68
C MET H 23 -24.71 6.96 49.85
N GLN H 24 -24.34 7.70 50.91
CA GLN H 24 -24.88 9.05 51.09
C GLN H 24 -24.47 9.96 49.93
N SER H 25 -23.24 9.80 49.44
CA SER H 25 -22.78 10.64 48.34
C SER H 25 -23.55 10.34 47.05
N MET H 26 -23.86 9.06 46.81
CA MET H 26 -24.54 8.70 45.57
C MET H 26 -25.99 9.16 45.58
N TYR H 27 -26.69 8.96 46.70
CA TYR H 27 -28.09 9.38 46.77
C TYR H 27 -28.22 10.89 46.63
N ALA H 28 -27.28 11.63 47.24
CA ALA H 28 -27.24 13.08 47.03
C ALA H 28 -27.07 13.41 45.54
N TRP H 29 -26.15 12.71 44.86
CA TRP H 29 -25.99 12.90 43.43
C TRP H 29 -27.29 12.59 42.70
N PHE H 30 -27.94 11.48 43.07
CA PHE H 30 -29.22 11.15 42.45
C PHE H 30 -30.26 12.21 42.79
N GLY H 31 -30.17 12.82 43.96
CA GLY H 31 -31.09 13.90 44.31
C GLY H 31 -30.95 15.09 43.38
N LEU H 32 -29.72 15.48 43.05
CA LEU H 32 -29.52 16.55 42.08
C LEU H 32 -30.06 16.16 40.72
N VAL H 33 -29.88 14.90 40.32
CA VAL H 33 -30.37 14.44 39.01
C VAL H 33 -31.88 14.58 38.94
N VAL H 34 -32.58 14.21 40.02
CA VAL H 34 -34.03 14.30 40.04
C VAL H 34 -34.47 15.76 39.95
N ILE H 35 -33.81 16.65 40.70
CA ILE H 35 -34.14 18.06 40.65
C ILE H 35 -33.88 18.63 39.26
N ALA H 36 -32.74 18.27 38.67
CA ALA H 36 -32.45 18.72 37.31
C ALA H 36 -33.51 18.22 36.34
N HIS H 37 -33.97 16.97 36.53
CA HIS H 37 -34.95 16.38 35.62
C HIS H 37 -36.36 16.89 35.89
N LEU H 38 -36.67 17.22 37.14
CA LEU H 38 -37.94 17.86 37.45
C LEU H 38 -38.01 19.25 36.85
N LEU H 39 -36.90 19.99 36.90
CA LEU H 39 -36.86 21.30 36.24
C LEU H 39 -37.01 21.14 34.73
N ALA H 40 -36.36 20.14 34.14
CA ALA H 40 -36.41 19.93 32.70
C ALA H 40 -37.81 19.50 32.25
N TRP H 41 -38.49 18.68 33.05
CA TRP H 41 -39.85 18.29 32.72
C TRP H 41 -40.80 19.50 32.76
N LEU H 42 -40.63 20.39 33.75
CA LEU H 42 -41.50 21.55 33.83
C LEU H 42 -41.23 22.52 32.70
N TYR H 43 -39.97 22.65 32.26
CA TYR H 43 -39.67 23.57 31.17
C TYR H 43 -40.00 22.97 29.82
N ARG H 44 -39.70 21.69 29.62
CA ARG H 44 -39.78 21.07 28.30
C ARG H 44 -40.12 19.59 28.45
N PRO H 45 -41.37 19.27 28.77
CA PRO H 45 -41.75 17.85 28.86
C PRO H 45 -41.51 17.16 27.53
N TRP H 46 -40.98 15.94 27.61
CA TRP H 46 -40.51 15.22 26.44
C TRP H 46 -41.28 13.93 26.18
N LEU H 47 -42.22 13.57 27.05
CA LEU H 47 -43.04 12.39 26.83
C LEU H 47 -44.52 12.74 26.84
N ASN I 5 -30.70 -25.69 41.37
CA ASN I 5 -29.74 -26.54 42.05
C ASN I 5 -29.30 -25.92 43.38
N ALA I 6 -29.02 -26.78 44.36
CA ALA I 6 -28.71 -26.30 45.71
C ALA I 6 -27.25 -25.95 45.90
N ASN I 7 -26.36 -26.48 45.05
CA ASN I 7 -24.93 -26.20 45.14
C ASN I 7 -24.44 -25.28 44.03
N LEU I 8 -25.36 -24.59 43.36
CA LEU I 8 -24.99 -23.63 42.32
C LEU I 8 -24.01 -22.58 42.83
N TYR I 9 -23.99 -22.33 44.14
CA TYR I 9 -23.05 -21.36 44.71
C TYR I 9 -21.61 -21.72 44.39
N LYS I 10 -21.32 -23.01 44.17
CA LYS I 10 -19.96 -23.43 43.89
C LYS I 10 -19.44 -22.88 42.56
N ILE I 11 -20.27 -22.19 41.78
CA ILE I 11 -19.81 -21.51 40.57
C ILE I 11 -18.75 -20.47 40.90
N TRP I 12 -18.71 -19.99 42.14
CA TRP I 12 -17.74 -19.02 42.59
C TRP I 12 -16.44 -19.66 43.06
N LEU I 13 -16.33 -20.98 42.96
CA LEU I 13 -15.07 -21.68 43.15
C LEU I 13 -14.30 -21.89 41.85
N ILE I 14 -14.91 -21.58 40.70
CA ILE I 14 -14.28 -21.78 39.40
C ILE I 14 -14.19 -20.46 38.64
N LEU I 15 -15.13 -19.55 38.89
CA LEU I 15 -15.15 -18.25 38.24
C LEU I 15 -14.85 -17.16 39.27
N ASP I 16 -13.97 -16.22 38.89
CA ASP I 16 -13.55 -15.16 39.80
C ASP I 16 -14.69 -14.16 40.01
N PRO I 17 -15.20 -13.98 41.24
CA PRO I 17 -16.31 -13.04 41.44
C PRO I 17 -15.98 -11.62 41.02
N ARG I 18 -14.75 -11.18 41.24
CA ARG I 18 -14.36 -9.83 40.82
C ARG I 18 -14.47 -9.69 39.30
N ARG I 19 -14.01 -10.70 38.57
CA ARG I 19 -14.04 -10.61 37.11
C ARG I 19 -15.47 -10.70 36.57
N VAL I 20 -16.30 -11.54 37.20
CA VAL I 20 -17.68 -11.70 36.73
C VAL I 20 -18.49 -10.44 37.00
N LEU I 21 -18.31 -9.83 38.17
CA LEU I 21 -19.04 -8.60 38.48
C LEU I 21 -18.70 -7.50 37.49
N VAL I 22 -17.41 -7.24 37.29
CA VAL I 22 -17.01 -6.17 36.36
C VAL I 22 -17.47 -6.49 34.95
N SER I 23 -17.44 -7.77 34.56
CA SER I 23 -17.85 -8.13 33.22
C SER I 23 -19.36 -7.94 33.03
N ILE I 24 -20.15 -8.33 34.02
CA ILE I 24 -21.59 -8.08 33.98
C ILE I 24 -21.87 -6.59 33.85
N VAL I 25 -21.23 -5.79 34.70
CA VAL I 25 -21.43 -4.34 34.65
C VAL I 25 -21.09 -3.80 33.27
N ALA I 26 -19.93 -4.22 32.74
CA ALA I 26 -19.52 -3.76 31.42
C ALA I 26 -20.52 -4.20 30.36
N PHE I 27 -20.98 -5.44 30.43
CA PHE I 27 -21.95 -5.94 29.47
C PHE I 27 -23.27 -5.17 29.56
N GLN I 28 -23.77 -4.93 30.78
CA GLN I 28 -25.06 -4.28 30.93
C GLN I 28 -25.02 -2.84 30.43
N ILE I 29 -23.95 -2.12 30.69
CA ILE I 29 -23.85 -0.74 30.21
C ILE I 29 -23.88 -0.72 28.68
N VAL I 30 -23.07 -1.56 28.04
CA VAL I 30 -23.06 -1.62 26.58
C VAL I 30 -24.44 -1.99 26.05
N LEU I 31 -25.06 -3.01 26.64
CA LEU I 31 -26.38 -3.44 26.18
C LEU I 31 -27.40 -2.30 26.29
N GLY I 32 -27.37 -1.56 27.40
CA GLY I 32 -28.32 -0.47 27.59
C GLY I 32 -28.16 0.64 26.56
N LEU I 33 -26.91 1.04 26.30
CA LEU I 33 -26.67 2.01 25.23
C LEU I 33 -27.12 1.46 23.89
N LEU I 34 -26.82 0.18 23.63
CA LEU I 34 -27.19 -0.43 22.36
C LEU I 34 -28.70 -0.46 22.18
N ILE I 35 -29.43 -0.88 23.21
CA ILE I 35 -30.88 -1.00 23.07
C ILE I 35 -31.52 0.38 22.88
N HIS I 36 -31.10 1.38 23.68
CA HIS I 36 -31.68 2.72 23.50
C HIS I 36 -31.48 3.20 22.08
N MET I 37 -30.28 3.01 21.52
CA MET I 37 -30.01 3.50 20.18
C MET I 37 -30.79 2.73 19.14
N ILE I 38 -31.03 1.44 19.37
CA ILE I 38 -31.84 0.65 18.44
C ILE I 38 -33.27 1.19 18.41
N VAL I 39 -33.87 1.37 19.59
CA VAL I 39 -35.24 1.86 19.69
C VAL I 39 -35.36 3.27 19.13
N LEU I 40 -34.31 4.08 19.27
CA LEU I 40 -34.33 5.42 18.67
C LEU I 40 -34.33 5.37 17.15
N SER I 41 -33.92 4.26 16.55
CA SER I 41 -33.87 4.12 15.10
CA SER I 41 -33.87 4.11 15.10
C SER I 41 -35.11 3.42 14.54
N THR I 42 -36.21 3.39 15.28
CA THR I 42 -37.47 2.78 14.84
C THR I 42 -38.61 3.75 15.10
N ASP I 43 -39.83 3.28 14.82
CA ASP I 43 -41.03 4.07 15.08
C ASP I 43 -41.19 4.44 16.54
N LEU I 44 -40.52 3.72 17.44
CA LEU I 44 -40.69 3.94 18.87
C LEU I 44 -39.91 5.15 19.39
N ASN I 45 -39.15 5.84 18.54
CA ASN I 45 -38.37 7.01 18.93
C ASN I 45 -39.23 8.00 19.72
N TRP I 46 -38.80 8.30 20.95
CA TRP I 46 -39.55 9.14 21.87
C TRP I 46 -38.99 10.55 21.98
N LEU I 47 -37.93 10.88 21.24
CA LEU I 47 -37.28 12.17 21.32
C LEU I 47 -37.67 13.09 20.16
N ASP I 48 -37.79 12.55 18.96
CA ASP I 48 -38.12 13.31 17.76
C ASP I 48 -39.54 13.03 17.28
N ASP I 49 -40.41 12.57 18.18
CA ASP I 49 -41.79 12.27 17.82
C ASP I 49 -42.70 13.49 17.92
N ASN I 50 -42.16 14.66 18.25
CA ASN I 50 -42.96 15.89 18.43
C ASN I 50 -44.11 15.68 19.40
N ILE I 51 -43.94 14.75 20.34
CA ILE I 51 -44.89 14.52 21.42
C ILE I 51 -44.22 14.91 22.72
N PRO I 52 -44.85 15.74 23.57
CA PRO I 52 -46.23 16.23 23.43
C PRO I 52 -46.40 17.28 22.33
N VAL I 53 -45.34 18.03 22.05
CA VAL I 53 -45.34 19.09 21.06
C VAL I 53 -43.99 19.08 20.35
N SER I 54 -43.94 19.76 19.20
CA SER I 54 -42.69 20.04 18.52
C SER I 54 -42.14 21.35 19.05
N TYR I 55 -40.93 21.31 19.62
CA TYR I 55 -40.36 22.51 20.22
C TYR I 55 -39.69 23.40 19.19
N GLN I 56 -39.34 22.86 18.06
CA GLN I 56 -38.76 23.69 17.05
C GLN I 56 -39.84 24.50 16.36
N ALA I 57 -41.10 24.12 16.56
CA ALA I 57 -42.27 24.77 16.02
C ALA I 57 -42.39 26.15 16.58
N LEU I 58 -42.29 26.26 17.88
CA LEU I 58 -42.33 27.58 18.47
C LEU I 58 -41.05 28.29 18.03
N GLY I 59 -41.15 29.12 17.01
CA GLY I 59 -40.03 29.87 16.50
C GLY I 59 -40.30 30.33 15.09
N SER J 6 -12.14 -22.94 45.39
CA SER J 6 -11.01 -23.84 45.42
C SER J 6 -10.03 -23.51 44.30
N LEU J 7 -10.57 -23.38 43.08
CA LEU J 7 -9.76 -22.94 41.94
C LEU J 7 -9.64 -21.43 41.88
N THR J 8 -10.57 -20.69 42.49
CA THR J 8 -10.50 -19.24 42.53
C THR J 8 -9.76 -18.72 43.75
N GLY J 9 -9.80 -19.46 44.86
CA GLY J 9 -9.27 -18.99 46.12
C GLY J 9 -10.31 -18.77 47.20
N LEU J 10 -11.59 -18.76 46.85
CA LEU J 10 -12.63 -18.64 47.86
C LEU J 10 -12.84 -19.98 48.55
N THR J 11 -13.18 -19.92 49.83
CA THR J 11 -13.51 -21.13 50.57
C THR J 11 -14.92 -21.58 50.20
N ASP J 12 -15.33 -22.74 50.74
CA ASP J 12 -16.67 -23.23 50.48
C ASP J 12 -17.72 -22.35 51.15
N ASP J 13 -17.38 -21.73 52.28
CA ASP J 13 -18.32 -20.81 52.92
C ASP J 13 -18.33 -19.46 52.22
N GLU J 14 -17.16 -18.98 51.79
CA GLU J 14 -17.11 -17.69 51.10
C GLU J 14 -17.91 -17.72 49.80
N ALA J 15 -17.91 -18.86 49.11
CA ALA J 15 -18.73 -18.99 47.90
C ALA J 15 -20.21 -19.01 48.22
N LYS J 16 -20.60 -19.61 49.35
CA LYS J 16 -22.00 -19.56 49.78
C LYS J 16 -22.42 -18.13 50.13
N GLU J 17 -21.51 -17.33 50.68
CA GLU J 17 -21.86 -15.98 51.08
C GLU J 17 -21.94 -15.04 49.89
N PHE J 18 -21.00 -15.13 48.95
CA PHE J 18 -21.07 -14.29 47.76
C PHE J 18 -22.28 -14.62 46.92
N HIS J 19 -22.66 -15.91 46.86
CA HIS J 19 -23.84 -16.28 46.09
C HIS J 19 -25.10 -15.65 46.67
N ALA J 20 -25.22 -15.63 47.99
CA ALA J 20 -26.42 -15.08 48.63
C ALA J 20 -26.60 -13.60 48.29
N ILE J 21 -25.52 -12.83 48.39
CA ILE J 21 -25.62 -11.40 48.13
C ILE J 21 -25.78 -11.14 46.64
N PHE J 22 -25.07 -11.91 45.81
CA PHE J 22 -25.18 -11.76 44.36
C PHE J 22 -26.60 -12.01 43.87
N MET J 23 -27.25 -13.06 44.39
CA MET J 23 -28.60 -13.39 43.94
C MET J 23 -29.60 -12.33 44.39
N GLN J 24 -29.53 -11.90 45.66
CA GLN J 24 -30.39 -10.82 46.12
C GLN J 24 -30.13 -9.54 45.33
N SER J 25 -28.87 -9.27 45.01
CA SER J 25 -28.56 -8.10 44.20
C SER J 25 -29.15 -8.22 42.80
N MET J 26 -28.99 -9.39 42.17
CA MET J 26 -29.45 -9.55 40.80
C MET J 26 -30.97 -9.55 40.71
N TYR J 27 -31.64 -10.16 41.70
CA TYR J 27 -33.11 -10.10 41.72
C TYR J 27 -33.59 -8.68 41.92
N ALA J 28 -32.88 -7.89 42.73
CA ALA J 28 -33.23 -6.48 42.89
C ALA J 28 -33.09 -5.74 41.57
N TRP J 29 -32.00 -5.98 40.84
CA TRP J 29 -31.81 -5.33 39.55
C TRP J 29 -32.89 -5.75 38.57
N PHE J 30 -33.24 -7.03 38.55
CA PHE J 30 -34.32 -7.48 37.69
C PHE J 30 -35.65 -6.84 38.07
N GLY J 31 -35.85 -6.58 39.36
CA GLY J 31 -37.05 -5.86 39.77
C GLY J 31 -37.12 -4.47 39.20
N LEU J 32 -35.99 -3.75 39.22
CA LEU J 32 -35.95 -2.43 38.59
C LEU J 32 -36.25 -2.53 37.10
N VAL J 33 -35.77 -3.59 36.45
CA VAL J 33 -36.00 -3.77 35.02
C VAL J 33 -37.48 -4.01 34.74
N VAL J 34 -38.13 -4.84 35.56
CA VAL J 34 -39.54 -5.14 35.37
C VAL J 34 -40.39 -3.89 35.57
N ILE J 35 -40.09 -3.11 36.62
CA ILE J 35 -40.81 -1.86 36.85
C ILE J 35 -40.65 -0.92 35.67
N ALA J 36 -39.43 -0.83 35.12
CA ALA J 36 -39.18 0.07 33.99
C ALA J 36 -39.94 -0.37 32.75
N HIS J 37 -40.01 -1.68 32.52
CA HIS J 37 -40.74 -2.18 31.34
C HIS J 37 -42.25 -2.07 31.54
N LEU J 38 -42.73 -2.18 32.78
CA LEU J 38 -44.14 -1.90 33.03
C LEU J 38 -44.48 -0.46 32.70
N LEU J 39 -43.64 0.47 33.16
CA LEU J 39 -43.86 1.89 32.86
C LEU J 39 -43.76 2.14 31.37
N ALA J 40 -42.85 1.44 30.68
CA ALA J 40 -42.71 1.60 29.24
C ALA J 40 -43.92 1.06 28.51
N TRP J 41 -44.44 -0.10 28.94
CA TRP J 41 -45.62 -0.66 28.30
C TRP J 41 -46.83 0.26 28.47
N LEU J 42 -46.95 0.90 29.63
CA LEU J 42 -48.09 1.81 29.86
C LEU J 42 -47.96 3.07 29.01
N TYR J 43 -46.74 3.54 28.77
CA TYR J 43 -46.54 4.77 28.01
C TYR J 43 -46.56 4.52 26.50
N ARG J 44 -46.00 3.41 26.06
CA ARG J 44 -45.81 3.15 24.62
C ARG J 44 -45.79 1.65 24.39
N PRO J 45 -46.96 1.01 24.37
CA PRO J 45 -47.01 -0.43 24.08
C PRO J 45 -46.40 -0.72 22.73
N TRP J 46 -45.46 -1.66 22.70
CA TRP J 46 -44.69 -1.91 21.49
C TRP J 46 -45.05 -3.22 20.81
N LEU J 47 -45.95 -4.01 21.38
CA LEU J 47 -46.41 -5.24 20.77
C LEU J 47 -47.92 -5.20 20.53
N THR K 3 -32.26 -42.58 26.87
CA THR K 3 -31.18 -42.82 25.91
C THR K 3 -29.97 -41.96 26.25
N MET K 4 -29.65 -41.90 27.54
CA MET K 4 -28.52 -41.12 28.05
C MET K 4 -27.46 -42.06 28.60
N ASN K 5 -26.20 -41.80 28.26
CA ASN K 5 -25.12 -42.63 28.76
C ASN K 5 -24.82 -42.30 30.22
N ALA K 6 -24.49 -43.34 30.99
CA ALA K 6 -24.26 -43.16 32.42
C ALA K 6 -22.89 -42.55 32.71
N ASN K 7 -21.90 -42.81 31.87
CA ASN K 7 -20.55 -42.30 32.07
C ASN K 7 -20.27 -41.03 31.26
N LEU K 8 -21.32 -40.39 30.74
CA LEU K 8 -21.13 -39.12 30.04
C LEU K 8 -20.55 -38.04 30.95
N TYR K 9 -20.74 -38.16 32.27
CA TYR K 9 -20.09 -37.24 33.19
C TYR K 9 -18.58 -37.25 32.99
N LYS K 10 -18.03 -38.34 32.47
CA LYS K 10 -16.60 -38.41 32.20
C LYS K 10 -16.17 -37.51 31.04
N ILE K 11 -17.09 -36.79 30.39
CA ILE K 11 -16.69 -35.79 29.41
C ILE K 11 -15.87 -34.70 30.09
N TRP K 12 -16.11 -34.48 31.38
CA TRP K 12 -15.40 -33.46 32.15
C TRP K 12 -14.04 -33.94 32.62
N LEU K 13 -13.69 -35.19 32.39
CA LEU K 13 -12.31 -35.64 32.49
C LEU K 13 -11.54 -35.38 31.20
N ILE K 14 -12.22 -35.08 30.10
CA ILE K 14 -11.61 -34.87 28.80
C ILE K 14 -11.52 -33.38 28.46
N LEU K 15 -12.64 -32.66 28.58
CA LEU K 15 -12.72 -31.25 28.24
C LEU K 15 -12.78 -30.40 29.50
N ASP K 16 -12.01 -29.32 29.51
CA ASP K 16 -11.96 -28.41 30.64
C ASP K 16 -13.36 -27.87 30.93
N PRO K 17 -13.91 -28.12 32.13
CA PRO K 17 -15.25 -27.62 32.44
C PRO K 17 -15.35 -26.10 32.47
N ARG K 18 -14.29 -25.41 32.88
CA ARG K 18 -14.35 -23.95 32.95
C ARG K 18 -14.36 -23.33 31.56
N ARG K 19 -13.47 -23.79 30.67
CA ARG K 19 -13.43 -23.23 29.33
C ARG K 19 -14.68 -23.55 28.55
N VAL K 20 -15.29 -24.72 28.79
CA VAL K 20 -16.53 -25.06 28.12
C VAL K 20 -17.64 -24.11 28.54
N LEU K 21 -17.76 -23.87 29.85
CA LEU K 21 -18.84 -23.00 30.34
C LEU K 21 -18.64 -21.57 29.86
N VAL K 22 -17.40 -21.08 29.87
CA VAL K 22 -17.11 -19.75 29.35
C VAL K 22 -17.50 -19.67 27.87
N SER K 23 -17.10 -20.68 27.09
CA SER K 23 -17.38 -20.66 25.67
C SER K 23 -18.88 -20.72 25.39
N ILE K 24 -19.61 -21.52 26.17
CA ILE K 24 -21.05 -21.62 25.99
C ILE K 24 -21.72 -20.26 26.18
N VAL K 25 -21.35 -19.56 27.25
CA VAL K 25 -21.96 -18.26 27.51
C VAL K 25 -21.65 -17.28 26.39
N ALA K 26 -20.38 -17.22 25.96
CA ALA K 26 -20.02 -16.33 24.87
C ALA K 26 -20.79 -16.67 23.59
N PHE K 27 -20.84 -17.96 23.24
CA PHE K 27 -21.51 -18.37 22.02
C PHE K 27 -23.00 -18.03 22.08
N GLN K 28 -23.64 -18.31 23.22
CA GLN K 28 -25.07 -18.02 23.33
C GLN K 28 -25.36 -16.53 23.22
N ILE K 29 -24.55 -15.68 23.88
CA ILE K 29 -24.77 -14.24 23.78
C ILE K 29 -24.63 -13.76 22.34
N VAL K 30 -23.60 -14.25 21.63
CA VAL K 30 -23.44 -13.83 20.23
C VAL K 30 -24.60 -14.37 19.38
N LEU K 31 -25.00 -15.63 19.61
CA LEU K 31 -26.11 -16.19 18.86
C LEU K 31 -27.41 -15.43 19.14
N GLY K 32 -27.64 -15.06 20.39
CA GLY K 32 -28.85 -14.32 20.73
C GLY K 32 -28.91 -12.97 20.06
N LEU K 33 -27.78 -12.24 20.07
CA LEU K 33 -27.71 -10.98 19.33
C LEU K 33 -27.94 -11.20 17.85
N LEU K 34 -27.27 -12.19 17.28
CA LEU K 34 -27.42 -12.49 15.85
C LEU K 34 -28.88 -12.78 15.49
N ILE K 35 -29.53 -13.67 16.22
CA ILE K 35 -30.87 -14.11 15.82
C ILE K 35 -31.88 -12.97 15.95
N HIS K 36 -31.75 -12.13 16.99
CA HIS K 36 -32.61 -10.97 17.09
C HIS K 36 -32.47 -10.08 15.85
N MET K 37 -31.24 -9.84 15.39
CA MET K 37 -31.05 -8.98 14.22
C MET K 37 -31.58 -9.63 12.95
N ILE K 38 -31.42 -10.96 12.81
CA ILE K 38 -31.96 -11.64 11.64
C ILE K 38 -33.47 -11.53 11.61
N VAL K 39 -34.12 -11.82 12.74
CA VAL K 39 -35.57 -11.75 12.83
C VAL K 39 -36.06 -10.33 12.59
N LEU K 40 -35.33 -9.35 13.13
CA LEU K 40 -35.67 -7.95 12.91
C LEU K 40 -35.61 -7.58 11.43
N SER K 41 -34.71 -8.21 10.69
CA SER K 41 -34.50 -7.89 9.29
CA SER K 41 -34.50 -7.90 9.29
C SER K 41 -35.47 -8.62 8.36
N THR K 42 -36.54 -9.21 8.90
CA THR K 42 -37.52 -9.95 8.11
C THR K 42 -38.91 -9.37 8.34
N ASP K 43 -39.89 -9.99 7.69
CA ASP K 43 -41.29 -9.65 7.89
C ASP K 43 -41.72 -9.72 9.35
N LEU K 44 -40.98 -10.46 10.18
CA LEU K 44 -41.39 -10.61 11.57
C LEU K 44 -41.02 -9.40 12.42
N ASN K 45 -40.33 -8.41 11.85
CA ASN K 45 -39.93 -7.20 12.55
C ASN K 45 -41.04 -6.68 13.45
N TRP K 46 -40.75 -6.60 14.75
CA TRP K 46 -41.72 -6.21 15.76
C TRP K 46 -41.52 -4.81 16.32
N LEU K 47 -40.40 -4.15 16.03
CA LEU K 47 -40.12 -2.83 16.58
C LEU K 47 -40.63 -1.72 15.66
N ASP K 48 -40.43 -1.87 14.37
CA ASP K 48 -40.72 -0.83 13.38
C ASP K 48 -41.89 -1.25 12.50
N ASP K 49 -42.90 -1.90 13.08
CA ASP K 49 -44.03 -2.43 12.33
C ASP K 49 -45.31 -1.63 12.52
N ASN K 50 -45.27 -0.52 13.26
CA ASN K 50 -46.46 0.29 13.53
C ASN K 50 -47.57 -0.53 14.17
N ILE K 51 -47.19 -1.59 14.87
CA ILE K 51 -48.10 -2.39 15.68
C ILE K 51 -47.67 -2.22 17.14
N PRO K 52 -48.57 -1.88 18.05
CA PRO K 52 -50.02 -1.64 17.87
C PRO K 52 -50.38 -0.37 17.13
N VAL K 53 -49.48 0.62 17.08
CA VAL K 53 -49.73 1.88 16.40
C VAL K 53 -48.41 2.43 15.90
N SER K 54 -48.49 3.39 14.98
CA SER K 54 -47.35 4.21 14.63
C SER K 54 -47.28 5.38 15.60
N TYR K 55 -46.16 5.50 16.32
CA TYR K 55 -46.04 6.61 17.26
C TYR K 55 -45.52 7.88 16.60
N GLN K 56 -44.88 7.78 15.44
CA GLN K 56 -44.46 8.97 14.72
C GLN K 56 -45.65 9.66 14.06
N ALA K 57 -46.62 8.89 13.57
CA ALA K 57 -47.81 9.48 12.97
C ALA K 57 -48.65 10.25 13.99
N LEU K 58 -48.47 9.99 15.28
CA LEU K 58 -49.22 10.71 16.31
C LEU K 58 -48.76 12.17 16.39
N GLY K 59 -47.46 12.38 16.59
CA GLY K 59 -46.95 13.73 16.79
C GLY K 59 -46.66 14.49 15.51
N SER L 6 -8.82 -36.99 34.46
CA SER L 6 -7.37 -37.07 34.56
C SER L 6 -6.70 -36.16 33.52
N LEU L 7 -7.33 -36.05 32.34
CA LEU L 7 -6.84 -35.15 31.32
C LEU L 7 -7.11 -33.68 31.66
N THR L 8 -8.08 -33.41 32.54
CA THR L 8 -8.41 -32.05 32.94
C THR L 8 -7.97 -31.71 34.35
N GLY L 9 -7.52 -32.69 35.13
CA GLY L 9 -7.15 -32.44 36.50
C GLY L 9 -8.26 -32.68 37.52
N LEU L 10 -9.47 -33.00 37.06
CA LEU L 10 -10.57 -33.30 37.97
C LEU L 10 -10.52 -34.76 38.40
N THR L 11 -10.94 -35.00 39.64
CA THR L 11 -11.16 -36.37 40.05
C THR L 11 -12.44 -36.90 39.41
N ASP L 12 -12.67 -38.20 39.56
CA ASP L 12 -13.88 -38.78 39.00
C ASP L 12 -15.13 -38.20 39.63
N ASP L 13 -15.12 -38.06 40.96
CA ASP L 13 -16.27 -37.50 41.66
C ASP L 13 -16.46 -36.02 41.35
N GLU L 14 -15.37 -35.29 41.11
CA GLU L 14 -15.48 -33.88 40.76
C GLU L 14 -16.15 -33.71 39.41
N ALA L 15 -15.88 -34.62 38.48
CA ALA L 15 -16.55 -34.58 37.18
C ALA L 15 -18.01 -34.96 37.30
N LYS L 16 -18.36 -35.83 38.26
CA LYS L 16 -19.76 -36.19 38.45
C LYS L 16 -20.53 -35.08 39.14
N GLU L 17 -19.87 -34.37 40.07
CA GLU L 17 -20.50 -33.23 40.74
C GLU L 17 -20.79 -32.11 39.76
N PHE L 18 -19.79 -31.78 38.92
CA PHE L 18 -19.98 -30.74 37.92
C PHE L 18 -21.06 -31.12 36.91
N HIS L 19 -21.03 -32.36 36.43
CA HIS L 19 -22.02 -32.80 35.44
C HIS L 19 -23.43 -32.70 35.98
N ALA L 20 -23.62 -33.03 37.25
CA ALA L 20 -24.96 -32.96 37.85
C ALA L 20 -25.49 -31.53 37.82
N ILE L 21 -24.67 -30.58 38.27
CA ILE L 21 -25.07 -29.18 38.27
C ILE L 21 -25.17 -28.65 36.84
N PHE L 22 -24.24 -29.06 35.97
CA PHE L 22 -24.27 -28.60 34.59
C PHE L 22 -25.53 -29.06 33.88
N MET L 23 -25.91 -30.32 34.06
CA MET L 23 -27.10 -30.83 33.38
C MET L 23 -28.36 -30.15 33.91
N GLN L 24 -28.47 -29.98 35.22
CA GLN L 24 -29.64 -29.30 35.78
C GLN L 24 -29.68 -27.84 35.35
N SER L 25 -28.52 -27.18 35.28
CA SER L 25 -28.49 -25.78 34.85
C SER L 25 -28.85 -25.66 33.38
N MET L 26 -28.30 -26.53 32.53
CA MET L 26 -28.64 -26.48 31.11
C MET L 26 -30.13 -26.72 30.88
N TYR L 27 -30.71 -27.67 31.63
CA TYR L 27 -32.12 -27.98 31.46
C TYR L 27 -33.00 -26.80 31.83
N ALA L 28 -32.62 -26.06 32.89
CA ALA L 28 -33.37 -24.87 33.26
C ALA L 28 -33.27 -23.80 32.19
N TRP L 29 -32.13 -23.69 31.53
CA TRP L 29 -31.99 -22.71 30.45
C TRP L 29 -32.86 -23.07 29.26
N PHE L 30 -32.89 -24.36 28.90
CA PHE L 30 -33.75 -24.77 27.79
C PHE L 30 -35.22 -24.61 28.14
N GLY L 31 -35.57 -24.77 29.41
CA GLY L 31 -36.94 -24.48 29.83
C GLY L 31 -37.30 -23.02 29.63
N LEU L 32 -36.39 -22.11 29.97
CA LEU L 32 -36.63 -20.70 29.70
C LEU L 32 -36.73 -20.44 28.21
N VAL L 33 -35.93 -21.12 27.40
CA VAL L 33 -36.00 -20.95 25.96
C VAL L 33 -37.35 -21.41 25.44
N VAL L 34 -37.88 -22.50 25.98
CA VAL L 34 -39.16 -23.04 25.53
C VAL L 34 -40.28 -22.07 25.86
N ILE L 35 -40.27 -21.49 27.08
CA ILE L 35 -41.29 -20.54 27.48
C ILE L 35 -41.28 -19.32 26.57
N ALA L 36 -40.09 -18.79 26.28
CA ALA L 36 -39.99 -17.64 25.38
C ALA L 36 -40.53 -17.96 24.00
N HIS L 37 -40.24 -19.15 23.48
CA HIS L 37 -40.74 -19.50 22.15
C HIS L 37 -42.23 -19.76 22.16
N LEU L 38 -42.76 -20.26 23.28
CA LEU L 38 -44.21 -20.39 23.42
C LEU L 38 -44.88 -19.03 23.45
N LEU L 39 -44.30 -18.08 24.18
CA LEU L 39 -44.83 -16.72 24.18
C LEU L 39 -44.76 -16.11 22.78
N ALA L 40 -43.62 -16.30 22.10
CA ALA L 40 -43.45 -15.73 20.76
C ALA L 40 -44.43 -16.37 19.78
N TRP L 41 -44.67 -17.68 19.91
CA TRP L 41 -45.61 -18.34 19.03
C TRP L 41 -47.02 -17.81 19.23
N LEU L 42 -47.40 -17.52 20.48
CA LEU L 42 -48.73 -17.00 20.74
C LEU L 42 -48.91 -15.61 20.14
N TYR L 43 -47.89 -14.77 20.22
CA TYR L 43 -48.01 -13.39 19.72
C TYR L 43 -47.83 -13.30 18.22
N ARG L 44 -46.86 -14.03 17.68
CA ARG L 44 -46.48 -13.89 16.27
C ARG L 44 -46.06 -15.26 15.73
N PRO L 45 -47.03 -16.11 15.41
CA PRO L 45 -46.69 -17.40 14.79
C PRO L 45 -45.98 -17.18 13.46
N TRP L 46 -44.88 -17.91 13.27
CA TRP L 46 -44.03 -17.71 12.11
C TRP L 46 -44.04 -18.88 11.14
N LEU L 47 -44.72 -19.96 11.46
CA LEU L 47 -44.83 -21.09 10.55
C LEU L 47 -46.29 -21.31 10.16
N THR M 3 -22.15 -54.93 10.56
CA THR M 3 -21.21 -54.63 9.49
C THR M 3 -20.03 -53.80 9.99
N MET M 4 -20.08 -53.41 11.26
CA MET M 4 -18.98 -52.69 11.90
C MET M 4 -18.01 -53.67 12.55
N ASN M 5 -16.73 -53.33 12.50
CA ASN M 5 -15.72 -54.23 13.02
C ASN M 5 -15.72 -54.22 14.55
N ALA M 6 -15.42 -55.38 15.13
CA ALA M 6 -15.36 -55.49 16.58
C ALA M 6 -14.18 -54.72 17.17
N ASN M 7 -13.09 -54.61 16.41
CA ASN M 7 -11.90 -53.90 16.87
C ASN M 7 -11.89 -52.43 16.46
N LEU M 8 -13.02 -51.90 15.95
CA LEU M 8 -13.05 -50.52 15.51
C LEU M 8 -12.78 -49.54 16.66
N TYR M 9 -13.06 -49.96 17.90
CA TYR M 9 -12.79 -49.11 19.06
C TYR M 9 -11.33 -48.69 19.09
N LYS M 10 -10.45 -49.47 18.45
CA LYS M 10 -9.02 -49.19 18.42
C LYS M 10 -8.71 -47.93 17.64
N ILE M 11 -9.73 -47.31 17.04
CA ILE M 11 -9.50 -46.05 16.32
C ILE M 11 -9.05 -44.98 17.30
N TRP M 12 -9.42 -45.10 18.57
CA TRP M 12 -8.98 -44.18 19.61
C TRP M 12 -7.59 -44.51 20.13
N LEU M 13 -6.98 -45.61 19.65
CA LEU M 13 -5.56 -45.80 19.79
C LEU M 13 -4.76 -45.08 18.71
N ILE M 14 -5.39 -44.73 17.61
CA ILE M 14 -4.75 -44.05 16.47
C ILE M 14 -5.02 -42.55 16.50
N LEU M 15 -6.27 -42.16 16.69
CA LEU M 15 -6.69 -40.77 16.60
C LEU M 15 -6.99 -40.22 17.99
N ASP M 16 -6.50 -39.01 18.25
CA ASP M 16 -6.73 -38.28 19.48
C ASP M 16 -8.23 -38.10 19.71
N PRO M 17 -8.79 -38.74 20.74
CA PRO M 17 -10.24 -38.60 20.98
C PRO M 17 -10.68 -37.17 21.26
N ARG M 18 -9.87 -36.40 21.97
CA ARG M 18 -10.26 -35.04 22.29
C ARG M 18 -10.28 -34.15 21.05
N ARG M 19 -9.26 -34.29 20.20
CA ARG M 19 -9.20 -33.44 18.99
C ARG M 19 -10.33 -33.79 18.02
N VAL M 20 -10.67 -35.08 17.91
CA VAL M 20 -11.79 -35.48 17.06
C VAL M 20 -13.10 -34.89 17.59
N LEU M 21 -13.26 -34.88 18.92
CA LEU M 21 -14.49 -34.38 19.52
C LEU M 21 -14.69 -32.89 19.24
N VAL M 22 -13.66 -32.08 19.45
CA VAL M 22 -13.79 -30.65 19.19
C VAL M 22 -13.95 -30.38 17.70
N SER M 23 -13.25 -31.14 16.86
CA SER M 23 -13.39 -30.98 15.42
C SER M 23 -14.82 -31.25 14.99
N ILE M 24 -15.47 -32.24 15.61
CA ILE M 24 -16.84 -32.56 15.25
C ILE M 24 -17.78 -31.44 15.64
N VAL M 25 -17.60 -30.88 16.85
CA VAL M 25 -18.44 -29.78 17.29
C VAL M 25 -18.27 -28.57 16.37
N ALA M 26 -17.02 -28.20 16.08
CA ALA M 26 -16.78 -27.07 15.20
C ALA M 26 -17.40 -27.29 13.82
N PHE M 27 -17.16 -28.47 13.23
CA PHE M 27 -17.70 -28.75 11.90
C PHE M 27 -19.22 -28.73 11.90
N GLN M 28 -19.83 -29.29 12.94
CA GLN M 28 -21.29 -29.35 12.98
C GLN M 28 -21.90 -27.96 13.15
N ILE M 29 -21.31 -27.10 13.98
CA ILE M 29 -21.88 -25.76 14.12
C ILE M 29 -21.77 -24.99 12.82
N VAL M 30 -20.61 -25.07 12.14
CA VAL M 30 -20.45 -24.34 10.89
C VAL M 30 -21.39 -24.88 9.82
N LEU M 31 -21.58 -26.20 9.77
CA LEU M 31 -22.50 -26.80 8.81
C LEU M 31 -23.93 -26.33 9.08
N GLY M 32 -24.35 -26.35 10.35
CA GLY M 32 -25.69 -25.89 10.68
C GLY M 32 -25.94 -24.45 10.24
N LEU M 33 -24.97 -23.56 10.46
CA LEU M 33 -25.11 -22.19 10.00
C LEU M 33 -25.21 -22.13 8.47
N LEU M 34 -24.35 -22.87 7.78
CA LEU M 34 -24.35 -22.85 6.30
C LEU M 34 -25.65 -23.39 5.73
N ILE M 35 -26.14 -24.52 6.25
CA ILE M 35 -27.33 -25.13 5.67
C ILE M 35 -28.54 -24.23 5.91
N HIS M 36 -28.65 -23.64 7.10
CA HIS M 36 -29.74 -22.69 7.33
C HIS M 36 -29.68 -21.53 6.32
N MET M 37 -28.46 -21.05 6.03
CA MET M 37 -28.31 -19.94 5.08
C MET M 37 -28.64 -20.37 3.67
N ILE M 38 -28.19 -21.56 3.26
CA ILE M 38 -28.56 -22.10 1.95
C ILE M 38 -30.08 -22.21 1.81
N VAL M 39 -30.73 -22.82 2.80
CA VAL M 39 -32.17 -23.03 2.70
C VAL M 39 -32.92 -21.70 2.68
N LEU M 40 -32.46 -20.75 3.49
CA LEU M 40 -33.07 -19.41 3.49
C LEU M 40 -32.87 -18.70 2.15
N SER M 41 -31.87 -19.10 1.36
CA SER M 41 -31.67 -18.53 0.04
C SER M 41 -32.56 -19.16 -1.04
N THR M 42 -33.48 -20.05 -0.69
CA THR M 42 -34.29 -20.75 -1.68
C THR M 42 -35.77 -20.53 -1.43
N ASP M 43 -36.58 -21.10 -2.33
CA ASP M 43 -38.04 -21.15 -2.19
C ASP M 43 -38.48 -21.68 -0.84
N LEU M 44 -37.64 -22.45 -0.15
CA LEU M 44 -37.98 -23.04 1.15
C LEU M 44 -37.94 -22.04 2.30
N ASN M 45 -37.54 -20.79 2.05
CA ASN M 45 -37.40 -19.78 3.09
C ASN M 45 -38.68 -19.66 3.91
N TRP M 46 -38.55 -19.78 5.22
CA TRP M 46 -39.69 -19.79 6.14
C TRP M 46 -39.86 -18.48 6.90
N LEU M 47 -38.93 -17.53 6.76
CA LEU M 47 -39.01 -16.29 7.52
C LEU M 47 -39.70 -15.20 6.74
N ASP M 48 -39.43 -15.10 5.44
CA ASP M 48 -39.97 -14.05 4.58
C ASP M 48 -41.02 -14.56 3.61
N ASP M 49 -41.71 -15.65 3.95
CA ASP M 49 -42.70 -16.23 3.06
C ASP M 49 -44.10 -15.73 3.33
N ASN M 50 -44.27 -14.80 4.27
CA ASN M 50 -45.59 -14.28 4.65
C ASN M 50 -46.55 -15.42 4.99
N ILE M 51 -46.01 -16.48 5.57
CA ILE M 51 -46.78 -17.61 6.08
C ILE M 51 -46.57 -17.65 7.59
N PRO M 52 -47.64 -17.66 8.41
CA PRO M 52 -49.06 -17.74 8.05
C PRO M 52 -49.66 -16.44 7.49
N VAL M 53 -49.13 -15.28 7.86
CA VAL M 53 -49.52 -14.00 7.29
C VAL M 53 -48.29 -13.11 7.18
N SER M 54 -48.45 -11.98 6.50
CA SER M 54 -47.44 -10.93 6.50
C SER M 54 -47.74 -9.96 7.64
N TYR M 55 -46.78 -9.78 8.54
CA TYR M 55 -47.04 -8.93 9.67
C TYR M 55 -46.79 -7.46 9.36
N GLN M 56 -45.91 -7.16 8.40
CA GLN M 56 -45.73 -5.78 7.96
C GLN M 56 -46.95 -5.26 7.23
N ALA M 57 -47.57 -6.09 6.38
CA ALA M 57 -48.82 -5.71 5.72
C ALA M 57 -49.99 -5.63 6.68
N LEU M 58 -49.85 -6.15 7.89
CA LEU M 58 -50.90 -6.01 8.89
C LEU M 58 -50.97 -4.58 9.43
N GLY M 59 -49.84 -3.89 9.51
CA GLY M 59 -49.81 -2.53 9.99
C GLY M 59 -48.93 -1.61 9.18
N SER N 6 0.39 -46.95 22.81
CA SER N 6 -0.55 -46.47 21.79
C SER N 6 -0.20 -45.06 21.35
N LEU N 7 -0.63 -44.71 20.13
CA LEU N 7 -0.30 -43.41 19.56
C LEU N 7 -0.99 -42.25 20.28
N THR N 8 -2.04 -42.53 21.05
CA THR N 8 -2.81 -41.47 21.68
C THR N 8 -2.71 -41.45 23.20
N GLY N 9 -2.05 -42.45 23.80
CA GLY N 9 -1.92 -42.56 25.23
C GLY N 9 -2.98 -43.41 25.89
N LEU N 10 -4.15 -43.54 25.27
CA LEU N 10 -5.20 -44.37 25.84
C LEU N 10 -4.76 -45.83 25.90
N THR N 11 -5.11 -46.49 26.99
CA THR N 11 -4.99 -47.94 27.03
C THR N 11 -6.06 -48.57 26.16
N ASP N 12 -5.96 -49.89 25.95
CA ASP N 12 -6.97 -50.56 25.14
C ASP N 12 -8.34 -50.46 25.78
N ASP N 13 -8.42 -50.65 27.10
CA ASP N 13 -9.70 -50.57 27.79
C ASP N 13 -10.24 -49.13 27.80
N GLU N 14 -9.36 -48.13 27.78
CA GLU N 14 -9.82 -46.75 27.68
C GLU N 14 -10.38 -46.45 26.29
N ALA N 15 -9.75 -47.01 25.25
CA ALA N 15 -10.32 -46.90 23.91
C ALA N 15 -11.69 -47.56 23.84
N LYS N 16 -11.85 -48.69 24.54
CA LYS N 16 -13.15 -49.35 24.58
C LYS N 16 -14.20 -48.48 25.29
N GLU N 17 -13.84 -47.92 26.44
CA GLU N 17 -14.79 -47.08 27.17
C GLU N 17 -15.14 -45.82 26.39
N PHE N 18 -14.14 -45.16 25.81
CA PHE N 18 -14.44 -43.96 25.02
C PHE N 18 -15.33 -44.30 23.84
N HIS N 19 -15.07 -45.44 23.18
CA HIS N 19 -15.82 -45.76 21.98
C HIS N 19 -17.28 -46.04 22.30
N ALA N 20 -17.55 -46.76 23.40
CA ALA N 20 -18.94 -47.03 23.77
C ALA N 20 -19.68 -45.74 24.08
N ILE N 21 -19.04 -44.80 24.77
CA ILE N 21 -19.67 -43.52 25.05
C ILE N 21 -19.84 -42.72 23.77
N PHE N 22 -18.82 -42.73 22.91
CA PHE N 22 -18.89 -41.97 21.66
C PHE N 22 -20.01 -42.45 20.77
N MET N 23 -20.15 -43.77 20.60
CA MET N 23 -21.14 -44.30 19.69
C MET N 23 -22.56 -44.04 20.18
N GLN N 24 -22.78 -44.13 21.49
CA GLN N 24 -24.11 -43.85 22.02
C GLN N 24 -24.44 -42.36 21.92
N SER N 25 -23.44 -41.50 22.14
CA SER N 25 -23.66 -40.07 22.02
C SER N 25 -23.94 -39.67 20.57
N MET N 26 -23.13 -40.17 19.64
CA MET N 26 -23.36 -39.88 18.23
C MET N 26 -24.72 -40.41 17.78
N TYR N 27 -25.07 -41.64 18.18
CA TYR N 27 -26.36 -42.19 17.79
C TYR N 27 -27.50 -41.36 18.34
N ALA N 28 -27.36 -40.84 19.56
CA ALA N 28 -28.39 -39.97 20.12
C ALA N 28 -28.54 -38.69 19.29
N TRP N 29 -27.42 -38.06 18.95
CA TRP N 29 -27.45 -36.86 18.13
C TRP N 29 -28.11 -37.13 16.78
N PHE N 30 -27.77 -38.25 16.15
CA PHE N 30 -28.41 -38.62 14.89
C PHE N 30 -29.91 -38.83 15.07
N GLY N 31 -30.34 -39.32 16.23
CA GLY N 31 -31.76 -39.43 16.49
C GLY N 31 -32.45 -38.09 16.58
N LEU N 32 -31.79 -37.10 17.22
CA LEU N 32 -32.33 -35.74 17.24
C LEU N 32 -32.45 -35.18 15.83
N VAL N 33 -31.46 -35.45 14.98
CA VAL N 33 -31.47 -34.93 13.61
C VAL N 33 -32.61 -35.56 12.81
N VAL N 34 -32.89 -36.86 13.03
CA VAL N 34 -33.98 -37.51 12.33
C VAL N 34 -35.31 -36.89 12.73
N ILE N 35 -35.51 -36.68 14.04
CA ILE N 35 -36.74 -36.04 14.51
C ILE N 35 -36.89 -34.65 13.90
N ALA N 36 -35.78 -33.89 13.84
CA ALA N 36 -35.85 -32.56 13.24
C ALA N 36 -36.28 -32.65 11.78
N HIS N 37 -35.75 -33.62 11.03
CA HIS N 37 -36.06 -33.69 9.61
C HIS N 37 -37.47 -34.25 9.38
N LEU N 38 -37.93 -35.13 10.27
CA LEU N 38 -39.32 -35.58 10.20
C LEU N 38 -40.28 -34.43 10.42
N LEU N 39 -39.99 -33.56 11.39
CA LEU N 39 -40.84 -32.39 11.61
C LEU N 39 -40.82 -31.48 10.39
N ALA N 40 -39.64 -31.24 9.82
CA ALA N 40 -39.53 -30.39 8.65
C ALA N 40 -40.22 -31.02 7.44
N TRP N 41 -40.12 -32.33 7.29
CA TRP N 41 -40.78 -33.00 6.17
C TRP N 41 -42.30 -32.86 6.27
N LEU N 42 -42.84 -33.02 7.48
CA LEU N 42 -44.28 -32.85 7.65
C LEU N 42 -44.73 -31.43 7.37
N TYR N 43 -43.92 -30.43 7.77
CA TYR N 43 -44.33 -29.04 7.62
C TYR N 43 -44.11 -28.52 6.20
N ARG N 44 -42.99 -28.88 5.57
CA ARG N 44 -42.61 -28.31 4.27
C ARG N 44 -41.79 -29.35 3.53
N PRO N 45 -42.43 -30.40 3.03
CA PRO N 45 -41.69 -31.40 2.25
C PRO N 45 -40.99 -30.73 1.08
N TRP N 46 -39.76 -31.16 0.82
CA TRP N 46 -38.91 -30.47 -0.14
C TRP N 46 -38.57 -31.32 -1.35
N LEU N 47 -39.07 -32.54 -1.43
CA LEU N 47 -38.83 -33.42 -2.57
C LEU N 47 -40.14 -33.88 -3.15
N MET O 4 -7.04 -59.01 -6.08
CA MET O 4 -6.17 -58.16 -5.27
C MET O 4 -4.96 -58.95 -4.77
N ASN O 5 -3.89 -58.23 -4.44
CA ASN O 5 -2.65 -58.86 -4.01
C ASN O 5 -2.70 -59.17 -2.52
N ALA O 6 -2.16 -60.33 -2.15
CA ALA O 6 -2.20 -60.79 -0.77
C ALA O 6 -1.42 -59.91 0.19
N ASN O 7 -0.47 -59.12 -0.31
CA ASN O 7 0.38 -58.29 0.52
C ASN O 7 0.07 -56.80 0.39
N LEU O 8 -1.13 -56.46 -0.10
CA LEU O 8 -1.51 -55.06 -0.15
C LEU O 8 -1.51 -54.44 1.25
N TYR O 9 -1.72 -55.24 2.29
CA TYR O 9 -1.66 -54.74 3.66
C TYR O 9 -0.33 -54.07 3.97
N LYS O 10 0.73 -54.42 3.26
CA LYS O 10 2.04 -53.83 3.46
C LYS O 10 2.11 -52.36 3.05
N ILE O 11 1.04 -51.82 2.47
CA ILE O 11 1.02 -50.39 2.19
C ILE O 11 1.15 -49.58 3.48
N TRP O 12 0.69 -50.14 4.60
CA TRP O 12 0.71 -49.43 5.87
C TRP O 12 2.06 -49.53 6.58
N LEU O 13 3.02 -50.23 5.98
CA LEU O 13 4.42 -50.20 6.40
C LEU O 13 5.20 -49.06 5.77
N ILE O 14 4.65 -48.43 4.72
CA ILE O 14 5.33 -47.31 4.06
C ILE O 14 4.52 -46.02 4.09
N LEU O 15 3.19 -46.06 4.24
CA LEU O 15 2.37 -44.86 4.32
C LEU O 15 1.71 -44.80 5.70
N ASP O 16 1.93 -43.69 6.40
CA ASP O 16 1.43 -43.56 7.77
C ASP O 16 -0.08 -43.70 7.80
N PRO O 17 -0.59 -44.69 8.54
CA PRO O 17 -2.04 -44.91 8.52
C PRO O 17 -2.88 -43.73 9.00
N ARG O 18 -2.46 -43.06 10.06
CA ARG O 18 -3.24 -41.93 10.55
C ARG O 18 -3.30 -40.78 9.54
N ARG O 19 -2.19 -40.49 8.88
CA ARG O 19 -2.18 -39.43 7.89
C ARG O 19 -3.11 -39.74 6.73
N VAL O 20 -3.10 -40.98 6.26
CA VAL O 20 -3.95 -41.36 5.14
C VAL O 20 -5.42 -41.25 5.53
N LEU O 21 -5.76 -41.78 6.71
CA LEU O 21 -7.14 -41.73 7.18
C LEU O 21 -7.64 -40.30 7.26
N VAL O 22 -6.84 -39.41 7.86
CA VAL O 22 -7.28 -38.02 7.99
C VAL O 22 -7.41 -37.38 6.61
N SER O 23 -6.43 -37.63 5.73
CA SER O 23 -6.50 -37.05 4.39
C SER O 23 -7.66 -37.62 3.58
N ILE O 24 -8.08 -38.86 3.85
CA ILE O 24 -9.23 -39.39 3.13
C ILE O 24 -10.51 -38.70 3.59
N VAL O 25 -10.65 -38.50 4.91
CA VAL O 25 -11.86 -37.90 5.45
C VAL O 25 -12.04 -36.49 4.94
N ALA O 26 -10.97 -35.69 4.95
CA ALA O 26 -11.08 -34.31 4.47
C ALA O 26 -11.31 -34.27 2.97
N PHE O 27 -10.59 -35.10 2.21
CA PHE O 27 -10.84 -35.18 0.77
C PHE O 27 -12.31 -35.50 0.50
N GLN O 28 -12.87 -36.47 1.23
CA GLN O 28 -14.23 -36.89 0.96
C GLN O 28 -15.24 -35.82 1.35
N ILE O 29 -14.98 -35.09 2.43
CA ILE O 29 -15.93 -34.04 2.83
C ILE O 29 -15.94 -32.91 1.81
N VAL O 30 -14.77 -32.49 1.33
CA VAL O 30 -14.72 -31.44 0.31
C VAL O 30 -15.31 -31.97 -1.00
N LEU O 31 -15.04 -33.23 -1.35
CA LEU O 31 -15.63 -33.78 -2.56
C LEU O 31 -17.15 -33.74 -2.49
N GLY O 32 -17.71 -34.10 -1.34
CA GLY O 32 -19.16 -34.05 -1.17
C GLY O 32 -19.74 -32.66 -1.31
N LEU O 33 -19.08 -31.65 -0.72
CA LEU O 33 -19.55 -30.28 -0.90
C LEU O 33 -19.48 -29.87 -2.37
N LEU O 34 -18.38 -30.23 -3.05
CA LEU O 34 -18.21 -29.90 -4.47
C LEU O 34 -19.31 -30.50 -5.33
N ILE O 35 -19.64 -31.78 -5.11
CA ILE O 35 -20.61 -32.43 -5.98
C ILE O 35 -22.02 -31.92 -5.71
N HIS O 36 -22.40 -31.73 -4.44
CA HIS O 36 -23.67 -31.07 -4.15
C HIS O 36 -23.74 -29.71 -4.86
N MET O 37 -22.65 -28.95 -4.84
CA MET O 37 -22.66 -27.65 -5.52
CA MET O 37 -22.66 -27.64 -5.51
C MET O 37 -22.82 -27.80 -7.02
N ILE O 38 -22.11 -28.75 -7.63
CA ILE O 38 -22.23 -28.99 -9.06
C ILE O 38 -23.67 -29.32 -9.42
N VAL O 39 -24.30 -30.22 -8.65
CA VAL O 39 -25.64 -30.70 -9.00
C VAL O 39 -26.68 -29.59 -8.79
N LEU O 40 -26.49 -28.74 -7.78
CA LEU O 40 -27.39 -27.60 -7.61
C LEU O 40 -27.25 -26.59 -8.74
N SER O 41 -26.12 -26.58 -9.45
CA SER O 41 -25.94 -25.70 -10.60
C SER O 41 -26.57 -26.25 -11.88
N THR O 42 -27.21 -27.40 -11.84
CA THR O 42 -27.78 -28.02 -13.04
C THR O 42 -29.30 -28.13 -12.91
N ASP O 43 -29.90 -28.66 -13.98
CA ASP O 43 -31.31 -29.03 -14.05
C ASP O 43 -31.73 -29.96 -12.91
N LEU O 44 -30.78 -30.65 -12.28
CA LEU O 44 -31.13 -31.58 -11.21
C LEU O 44 -31.40 -30.88 -9.88
N ASN O 45 -31.18 -29.57 -9.79
CA ASN O 45 -31.40 -28.81 -8.56
C ASN O 45 -32.72 -29.19 -7.91
N TRP O 46 -32.65 -29.62 -6.66
CA TRP O 46 -33.82 -30.09 -5.93
C TRP O 46 -34.35 -29.09 -4.91
N LEU O 47 -33.66 -27.96 -4.70
CA LEU O 47 -34.08 -26.97 -3.72
C LEU O 47 -34.98 -25.91 -4.32
N ASP O 48 -34.67 -25.45 -5.53
CA ASP O 48 -35.42 -24.38 -6.16
C ASP O 48 -36.23 -24.88 -7.37
N ASP O 49 -36.59 -26.15 -7.38
CA ASP O 49 -37.39 -26.70 -8.48
C ASP O 49 -38.89 -26.53 -8.27
N ASN O 50 -39.32 -26.03 -7.11
CA ASN O 50 -40.74 -25.89 -6.79
C ASN O 50 -41.45 -27.24 -6.78
N ILE O 51 -40.70 -28.31 -6.51
CA ILE O 51 -41.25 -29.65 -6.33
C ILE O 51 -41.09 -30.01 -4.85
N PRO O 52 -42.16 -30.44 -4.18
CA PRO O 52 -43.50 -30.70 -4.71
C PRO O 52 -44.32 -29.44 -4.99
N VAL O 53 -43.91 -28.29 -4.47
CA VAL O 53 -44.68 -27.06 -4.61
C VAL O 53 -43.77 -25.88 -4.35
N SER O 54 -44.21 -24.70 -4.77
CA SER O 54 -43.51 -23.45 -4.46
C SER O 54 -44.06 -22.89 -3.16
N TYR O 55 -43.20 -22.70 -2.17
CA TYR O 55 -43.68 -22.20 -0.90
C TYR O 55 -43.70 -20.69 -0.82
N GLN O 56 -42.90 -20.00 -1.65
CA GLN O 56 -43.05 -18.57 -1.78
C GLN O 56 -44.33 -18.21 -2.55
N ALA O 57 -44.75 -19.08 -3.48
CA ALA O 57 -45.99 -18.84 -4.22
C ALA O 57 -47.23 -19.12 -3.39
N LEU O 58 -47.09 -19.61 -2.17
CA LEU O 58 -48.19 -19.77 -1.25
C LEU O 58 -48.37 -18.54 -0.35
N GLY O 59 -47.51 -17.53 -0.49
CA GLY O 59 -47.64 -16.30 0.27
C GLY O 59 -47.29 -15.07 -0.55
N SER P 6 10.37 -50.78 9.89
CA SER P 6 9.59 -50.32 8.76
C SER P 6 9.53 -48.80 8.70
N LEU P 7 9.00 -48.27 7.59
CA LEU P 7 9.01 -46.82 7.40
C LEU P 7 8.03 -46.12 8.35
N THR P 8 6.89 -46.73 8.61
CA THR P 8 5.85 -46.13 9.44
C THR P 8 5.95 -46.51 10.90
N GLY P 9 6.68 -47.56 11.23
CA GLY P 9 6.82 -48.05 12.57
C GLY P 9 5.94 -49.25 12.89
N LEU P 10 4.82 -49.40 12.18
CA LEU P 10 3.97 -50.57 12.36
C LEU P 10 4.77 -51.83 12.10
N THR P 11 4.49 -52.88 12.87
CA THR P 11 5.04 -54.19 12.55
C THR P 11 4.25 -54.80 11.40
N ASP P 12 4.61 -56.03 11.03
CA ASP P 12 3.88 -56.68 9.94
C ASP P 12 2.46 -57.04 10.36
N ASP P 13 2.29 -57.60 11.56
CA ASP P 13 0.95 -57.95 12.01
C ASP P 13 0.11 -56.72 12.29
N GLU P 14 0.74 -55.62 12.66
CA GLU P 14 -0.01 -54.38 12.87
C GLU P 14 -0.50 -53.81 11.55
N ALA P 15 0.28 -53.95 10.47
CA ALA P 15 -0.21 -53.56 9.16
C ALA P 15 -1.35 -54.46 8.71
N LYS P 16 -1.25 -55.76 9.02
CA LYS P 16 -2.31 -56.70 8.67
C LYS P 16 -3.60 -56.35 9.38
N GLU P 17 -3.54 -56.10 10.69
CA GLU P 17 -4.74 -55.75 11.45
C GLU P 17 -5.35 -54.44 10.94
N PHE P 18 -4.53 -53.41 10.73
CA PHE P 18 -5.07 -52.14 10.23
C PHE P 18 -5.75 -52.34 8.88
N HIS P 19 -5.14 -53.12 8.01
CA HIS P 19 -5.68 -53.30 6.66
C HIS P 19 -7.06 -53.96 6.70
N ALA P 20 -7.24 -54.93 7.59
CA ALA P 20 -8.51 -55.63 7.65
C ALA P 20 -9.62 -54.72 8.16
N ILE P 21 -9.32 -53.90 9.16
CA ILE P 21 -10.32 -52.96 9.67
C ILE P 21 -10.54 -51.85 8.66
N PHE P 22 -9.47 -51.43 7.95
CA PHE P 22 -9.60 -50.36 6.96
C PHE P 22 -10.47 -50.80 5.80
N MET P 23 -10.21 -52.01 5.26
CA MET P 23 -10.96 -52.48 4.09
C MET P 23 -12.42 -52.73 4.44
N GLN P 24 -12.69 -53.22 5.65
CA GLN P 24 -14.06 -53.46 6.08
C GLN P 24 -14.82 -52.15 6.22
N SER P 25 -14.18 -51.12 6.79
CA SER P 25 -14.81 -49.82 6.98
C SER P 25 -15.03 -49.12 5.65
N MET P 26 -14.07 -49.22 4.73
CA MET P 26 -14.22 -48.58 3.43
C MET P 26 -15.37 -49.20 2.64
N TYR P 27 -15.49 -50.54 2.71
CA TYR P 27 -16.59 -51.22 2.01
C TYR P 27 -17.94 -50.84 2.60
N ALA P 28 -18.02 -50.73 3.93
CA ALA P 28 -19.24 -50.26 4.57
C ALA P 28 -19.57 -48.84 4.14
N TRP P 29 -18.56 -47.98 4.03
CA TRP P 29 -18.80 -46.62 3.54
C TRP P 29 -19.32 -46.64 2.10
N PHE P 30 -18.68 -47.41 1.22
CA PHE P 30 -19.14 -47.51 -0.15
C PHE P 30 -20.55 -48.11 -0.24
N GLY P 31 -20.89 -49.01 0.68
CA GLY P 31 -22.24 -49.54 0.70
C GLY P 31 -23.27 -48.46 0.96
N LEU P 32 -22.98 -47.55 1.88
CA LEU P 32 -23.85 -46.41 2.10
C LEU P 32 -23.94 -45.54 0.86
N VAL P 33 -22.82 -45.31 0.18
CA VAL P 33 -22.83 -44.50 -1.05
C VAL P 33 -23.72 -45.14 -2.11
N VAL P 34 -23.74 -46.48 -2.16
CA VAL P 34 -24.57 -47.15 -3.15
C VAL P 34 -26.04 -46.99 -2.81
N ILE P 35 -26.40 -47.19 -1.54
CA ILE P 35 -27.78 -46.99 -1.11
C ILE P 35 -28.24 -45.58 -1.44
N ALA P 36 -27.41 -44.59 -1.14
CA ALA P 36 -27.77 -43.21 -1.43
C ALA P 36 -27.97 -42.99 -2.92
N HIS P 37 -27.12 -43.59 -3.77
CA HIS P 37 -27.27 -43.39 -5.19
C HIS P 37 -28.45 -44.19 -5.76
N LEU P 38 -28.79 -45.31 -5.14
CA LEU P 38 -29.99 -46.04 -5.54
C LEU P 38 -31.23 -45.23 -5.21
N LEU P 39 -31.28 -44.63 -4.02
CA LEU P 39 -32.39 -43.74 -3.68
C LEU P 39 -32.46 -42.57 -4.64
N ALA P 40 -31.31 -42.00 -4.98
CA ALA P 40 -31.29 -40.82 -5.86
C ALA P 40 -31.75 -41.17 -7.26
N TRP P 41 -31.32 -42.32 -7.79
CA TRP P 41 -31.77 -42.76 -9.11
C TRP P 41 -33.27 -43.01 -9.13
N LEU P 42 -33.81 -43.61 -8.07
CA LEU P 42 -35.24 -43.84 -8.02
C LEU P 42 -36.01 -42.52 -7.97
N TYR P 43 -35.46 -41.50 -7.29
CA TYR P 43 -36.19 -40.26 -7.16
C TYR P 43 -36.03 -39.36 -8.40
N ARG P 44 -34.85 -39.35 -9.00
CA ARG P 44 -34.48 -38.35 -10.01
C ARG P 44 -33.42 -38.94 -10.93
N PRO P 45 -33.80 -39.90 -11.78
CA PRO P 45 -32.79 -40.52 -12.65
C PRO P 45 -32.17 -39.49 -13.58
N TRP P 46 -30.85 -39.58 -13.75
CA TRP P 46 -30.09 -38.51 -14.40
C TRP P 46 -29.47 -38.90 -15.73
N LEU P 47 -29.52 -40.17 -16.12
CA LEU P 47 -29.06 -40.61 -17.44
C LEU P 47 -30.24 -41.15 -18.26
N THR Q 3 7.20 -54.13 -26.15
CA THR Q 3 7.88 -55.14 -25.35
C THR Q 3 8.38 -54.54 -24.04
N MET Q 4 8.00 -55.18 -22.93
CA MET Q 4 8.42 -54.75 -21.60
C MET Q 4 9.87 -55.20 -21.35
N ASN Q 5 10.36 -55.04 -20.12
CA ASN Q 5 11.72 -55.42 -19.79
C ASN Q 5 11.76 -56.23 -18.49
N ALA Q 6 12.59 -57.27 -18.48
CA ALA Q 6 12.64 -58.18 -17.34
C ALA Q 6 13.26 -57.53 -16.10
N ASN Q 7 14.13 -56.54 -16.28
CA ASN Q 7 14.72 -55.81 -15.16
C ASN Q 7 14.03 -54.47 -14.92
N LEU Q 8 12.79 -54.32 -15.40
CA LEU Q 8 12.06 -53.08 -15.15
C LEU Q 8 11.88 -52.85 -13.65
N TYR Q 9 11.76 -53.92 -12.86
CA TYR Q 9 11.59 -53.79 -11.41
C TYR Q 9 12.68 -52.91 -10.78
N LYS Q 10 13.82 -52.76 -11.44
CA LYS Q 10 14.93 -51.98 -10.91
C LYS Q 10 14.66 -50.49 -10.95
N ILE Q 11 13.51 -50.05 -11.51
CA ILE Q 11 13.16 -48.64 -11.45
C ILE Q 11 13.02 -48.19 -10.01
N TRP Q 12 12.63 -49.10 -9.11
CA TRP Q 12 12.44 -48.74 -7.71
C TRP Q 12 13.76 -48.69 -6.94
N LEU Q 13 14.86 -49.06 -7.59
CA LEU Q 13 16.20 -48.70 -7.15
C LEU Q 13 16.58 -47.29 -7.56
N ILE Q 14 15.82 -46.69 -8.50
CA ILE Q 14 16.12 -45.37 -9.06
C ILE Q 14 15.18 -44.31 -8.49
N LEU Q 15 13.87 -44.51 -8.65
CA LEU Q 15 12.85 -43.57 -8.19
C LEU Q 15 12.29 -44.02 -6.84
N ASP Q 16 12.11 -43.06 -5.94
CA ASP Q 16 11.60 -43.39 -4.61
C ASP Q 16 10.15 -43.86 -4.68
N PRO Q 17 9.83 -45.05 -4.17
CA PRO Q 17 8.44 -45.54 -4.29
C PRO Q 17 7.40 -44.66 -3.61
N ARG Q 18 7.71 -44.07 -2.45
CA ARG Q 18 6.73 -43.20 -1.79
C ARG Q 18 6.41 -41.97 -2.62
N ARG Q 19 7.43 -41.28 -3.12
CA ARG Q 19 7.14 -40.07 -3.88
C ARG Q 19 6.41 -40.38 -5.18
N VAL Q 20 6.76 -41.50 -5.83
CA VAL Q 20 6.05 -41.91 -7.05
C VAL Q 20 4.57 -42.12 -6.75
N LEU Q 21 4.27 -42.89 -5.70
CA LEU Q 21 2.87 -43.11 -5.34
C LEU Q 21 2.16 -41.81 -5.06
N VAL Q 22 2.79 -40.92 -4.29
CA VAL Q 22 2.15 -39.66 -3.93
C VAL Q 22 1.89 -38.82 -5.17
N SER Q 23 2.84 -38.80 -6.11
CA SER Q 23 2.70 -37.98 -7.29
C SER Q 23 1.65 -38.56 -8.25
N ILE Q 24 1.52 -39.90 -8.31
CA ILE Q 24 0.48 -40.50 -9.14
C ILE Q 24 -0.90 -40.17 -8.57
N VAL Q 25 -1.09 -40.39 -7.27
CA VAL Q 25 -2.38 -40.04 -6.64
C VAL Q 25 -2.74 -38.58 -6.92
N ALA Q 26 -1.80 -37.65 -6.68
CA ALA Q 26 -2.07 -36.23 -6.92
C ALA Q 26 -2.40 -35.94 -8.38
N PHE Q 27 -1.60 -36.46 -9.29
CA PHE Q 27 -1.81 -36.20 -10.71
C PHE Q 27 -3.17 -36.73 -11.18
N GLN Q 28 -3.57 -37.90 -10.71
CA GLN Q 28 -4.81 -38.51 -11.19
C GLN Q 28 -6.04 -37.81 -10.59
N ILE Q 29 -5.95 -37.31 -9.36
CA ILE Q 29 -7.05 -36.52 -8.81
C ILE Q 29 -7.29 -35.28 -9.67
N VAL Q 30 -6.21 -34.53 -9.96
CA VAL Q 30 -6.37 -33.32 -10.78
C VAL Q 30 -6.87 -33.67 -12.16
N LEU Q 31 -6.32 -34.73 -12.78
CA LEU Q 31 -6.75 -35.12 -14.12
C LEU Q 31 -8.22 -35.52 -14.13
N GLY Q 32 -8.65 -36.29 -13.13
CA GLY Q 32 -10.05 -36.69 -13.08
C GLY Q 32 -10.99 -35.52 -13.00
N LEU Q 33 -10.68 -34.56 -12.12
CA LEU Q 33 -11.50 -33.35 -12.01
C LEU Q 33 -11.44 -32.54 -13.30
N LEU Q 34 -10.24 -32.43 -13.91
CA LEU Q 34 -10.12 -31.64 -15.14
C LEU Q 34 -10.94 -32.23 -16.29
N ILE Q 35 -10.93 -33.56 -16.45
CA ILE Q 35 -11.62 -34.14 -17.59
C ILE Q 35 -13.12 -34.02 -17.40
N HIS Q 36 -13.63 -34.30 -16.19
CA HIS Q 36 -15.06 -34.13 -15.94
C HIS Q 36 -15.49 -32.70 -16.23
N MET Q 37 -14.70 -31.70 -15.80
CA MET Q 37 -15.09 -30.31 -16.04
C MET Q 37 -15.00 -29.95 -17.52
N ILE Q 38 -13.95 -30.41 -18.21
CA ILE Q 38 -13.86 -30.17 -19.65
C ILE Q 38 -15.08 -30.76 -20.38
N VAL Q 39 -15.46 -32.01 -20.06
CA VAL Q 39 -16.59 -32.63 -20.78
C VAL Q 39 -17.91 -31.97 -20.39
N LEU Q 40 -18.06 -31.53 -19.13
CA LEU Q 40 -19.26 -30.81 -18.73
C LEU Q 40 -19.39 -29.46 -19.43
N SER Q 41 -18.31 -28.93 -19.98
CA SER Q 41 -18.35 -27.67 -20.71
C SER Q 41 -18.62 -27.87 -22.19
N THR Q 42 -19.12 -29.04 -22.60
CA THR Q 42 -19.34 -29.32 -24.03
C THR Q 42 -20.70 -29.96 -24.24
N ASP Q 43 -20.96 -30.24 -25.51
CA ASP Q 43 -22.19 -30.92 -25.93
C ASP Q 43 -22.39 -32.24 -25.20
N LEU Q 44 -21.32 -32.86 -24.67
CA LEU Q 44 -21.46 -34.14 -24.01
C LEU Q 44 -22.02 -34.05 -22.58
N ASN Q 45 -22.25 -32.85 -22.06
CA ASN Q 45 -22.75 -32.66 -20.69
C ASN Q 45 -23.98 -33.52 -20.44
N TRP Q 46 -23.93 -34.32 -19.37
CA TRP Q 46 -24.99 -35.28 -19.03
C TRP Q 46 -25.88 -34.81 -17.89
N LEU Q 47 -25.59 -33.66 -17.29
CA LEU Q 47 -26.36 -33.14 -16.17
C LEU Q 47 -27.44 -32.15 -16.60
N ASP Q 48 -27.13 -31.31 -17.60
CA ASP Q 48 -28.02 -30.27 -18.09
C ASP Q 48 -28.59 -30.60 -19.46
N ASP Q 49 -28.63 -31.88 -19.84
CA ASP Q 49 -29.08 -32.29 -21.16
C ASP Q 49 -30.57 -32.60 -21.22
N ASN Q 50 -31.30 -32.47 -20.11
CA ASN Q 50 -32.74 -32.77 -20.06
C ASN Q 50 -33.02 -34.20 -20.51
N ILE Q 51 -32.11 -35.10 -20.20
CA ILE Q 51 -32.25 -36.54 -20.42
C ILE Q 51 -32.12 -37.21 -19.06
N PRO Q 52 -33.09 -38.02 -18.62
CA PRO Q 52 -34.25 -38.49 -19.37
C PRO Q 52 -35.39 -37.47 -19.48
N VAL Q 53 -35.47 -36.53 -18.53
CA VAL Q 53 -36.42 -35.41 -18.58
C VAL Q 53 -35.72 -34.15 -18.05
N SER Q 54 -36.39 -33.02 -18.21
CA SER Q 54 -36.01 -31.79 -17.52
C SER Q 54 -36.72 -31.72 -16.19
N TYR Q 55 -35.97 -31.65 -15.09
CA TYR Q 55 -36.63 -31.55 -13.79
C TYR Q 55 -37.00 -30.12 -13.43
N GLN Q 56 -36.37 -29.12 -14.05
CA GLN Q 56 -36.82 -27.75 -13.82
C GLN Q 56 -38.15 -27.46 -14.53
N ALA Q 57 -38.52 -28.25 -15.53
CA ALA Q 57 -39.80 -28.04 -16.20
C ALA Q 57 -40.98 -28.68 -15.47
N LEU Q 58 -40.72 -29.67 -14.60
CA LEU Q 58 -41.80 -30.32 -13.86
C LEU Q 58 -42.47 -29.37 -12.87
N GLY Q 59 -41.74 -28.38 -12.36
CA GLY Q 59 -42.30 -27.48 -11.37
C GLY Q 59 -42.61 -26.11 -11.94
N LEU R 7 19.99 -43.73 -5.98
CA LEU R 7 19.52 -44.95 -5.36
C LEU R 7 18.60 -44.60 -4.19
N THR R 8 17.74 -45.56 -3.82
CA THR R 8 16.59 -45.32 -2.97
C THR R 8 16.66 -45.95 -1.59
N GLY R 9 17.59 -46.89 -1.36
CA GLY R 9 17.64 -47.62 -0.11
C GLY R 9 16.94 -48.97 -0.13
N LEU R 10 16.09 -49.23 -1.12
CA LEU R 10 15.52 -50.57 -1.26
C LEU R 10 16.59 -51.56 -1.67
N THR R 11 16.47 -52.79 -1.16
CA THR R 11 17.30 -53.88 -1.67
C THR R 11 16.75 -54.35 -3.01
N ASP R 12 17.53 -55.18 -3.69
CA ASP R 12 17.09 -55.69 -4.98
C ASP R 12 15.80 -56.49 -4.82
N ASP R 13 15.72 -57.31 -3.78
CA ASP R 13 14.53 -58.13 -3.55
C ASP R 13 13.32 -57.29 -3.13
N GLU R 14 13.55 -56.21 -2.36
CA GLU R 14 12.45 -55.31 -2.01
C GLU R 14 11.91 -54.62 -3.25
N ALA R 15 12.79 -54.23 -4.18
CA ALA R 15 12.35 -53.61 -5.42
C ALA R 15 11.54 -54.60 -6.26
N LYS R 16 11.89 -55.89 -6.21
CA LYS R 16 11.09 -56.90 -6.89
C LYS R 16 9.69 -56.98 -6.30
N GLU R 17 9.59 -57.01 -4.97
CA GLU R 17 8.29 -57.18 -4.33
C GLU R 17 7.40 -55.96 -4.55
N PHE R 18 7.95 -54.76 -4.35
CA PHE R 18 7.16 -53.56 -4.60
C PHE R 18 6.67 -53.54 -6.03
N HIS R 19 7.53 -53.90 -6.99
CA HIS R 19 7.13 -53.87 -8.40
C HIS R 19 5.95 -54.79 -8.66
N ALA R 20 5.97 -56.01 -8.10
CA ALA R 20 4.87 -56.94 -8.34
C ALA R 20 3.55 -56.40 -7.81
N ILE R 21 3.57 -55.80 -6.61
CA ILE R 21 2.33 -55.25 -6.09
C ILE R 21 1.95 -53.98 -6.85
N PHE R 22 2.93 -53.14 -7.20
CA PHE R 22 2.63 -51.93 -7.97
C PHE R 22 1.97 -52.27 -9.29
N MET R 23 2.54 -53.24 -10.03
CA MET R 23 2.01 -53.55 -11.36
C MET R 23 0.62 -54.18 -11.29
N GLN R 24 0.40 -55.08 -10.32
CA GLN R 24 -0.91 -55.69 -10.17
C GLN R 24 -1.97 -54.66 -9.81
N SER R 25 -1.61 -53.67 -8.98
CA SER R 25 -2.55 -52.63 -8.57
C SER R 25 -2.83 -51.65 -9.71
N MET R 26 -1.79 -51.25 -10.45
CA MET R 26 -1.98 -50.34 -11.57
C MET R 26 -2.83 -50.98 -12.66
N TYR R 27 -2.56 -52.24 -12.99
CA TYR R 27 -3.36 -52.92 -14.00
C TYR R 27 -4.81 -53.04 -13.56
N ALA R 28 -5.05 -53.29 -12.27
CA ALA R 28 -6.43 -53.33 -11.79
C ALA R 28 -7.10 -51.97 -11.95
N TRP R 29 -6.38 -50.90 -11.60
CA TRP R 29 -6.90 -49.55 -11.82
C TRP R 29 -7.19 -49.30 -13.29
N PHE R 30 -6.28 -49.69 -14.18
CA PHE R 30 -6.50 -49.51 -15.62
C PHE R 30 -7.70 -50.31 -16.09
N GLY R 31 -7.94 -51.48 -15.49
CA GLY R 31 -9.10 -52.27 -15.86
C GLY R 31 -10.41 -51.60 -15.47
N LEU R 32 -10.43 -50.92 -14.32
CA LEU R 32 -11.60 -50.10 -13.98
C LEU R 32 -11.78 -48.97 -14.98
N VAL R 33 -10.69 -48.30 -15.34
CA VAL R 33 -10.78 -47.22 -16.32
C VAL R 33 -11.36 -47.73 -17.63
N VAL R 34 -10.95 -48.93 -18.05
CA VAL R 34 -11.42 -49.49 -19.31
C VAL R 34 -12.91 -49.76 -19.25
N ILE R 35 -13.37 -50.40 -18.16
CA ILE R 35 -14.80 -50.66 -17.97
C ILE R 35 -15.58 -49.36 -17.97
N ALA R 36 -15.07 -48.34 -17.28
CA ALA R 36 -15.75 -47.05 -17.27
C ALA R 36 -15.91 -46.50 -18.67
N HIS R 37 -14.87 -46.63 -19.52
CA HIS R 37 -14.98 -46.03 -20.83
C HIS R 37 -15.86 -46.86 -21.76
N LEU R 38 -15.95 -48.17 -21.49
CA LEU R 38 -16.88 -49.01 -22.24
C LEU R 38 -18.33 -48.64 -21.93
N LEU R 39 -18.65 -48.41 -20.67
CA LEU R 39 -19.99 -47.97 -20.31
C LEU R 39 -20.28 -46.58 -20.86
N ALA R 40 -19.30 -45.69 -20.85
CA ALA R 40 -19.53 -44.35 -21.37
C ALA R 40 -19.73 -44.36 -22.88
N TRP R 41 -18.95 -45.18 -23.59
CA TRP R 41 -19.05 -45.26 -25.04
C TRP R 41 -20.40 -45.85 -25.48
N LEU R 42 -20.89 -46.86 -24.76
CA LEU R 42 -22.21 -47.43 -25.06
C LEU R 42 -23.31 -46.43 -24.76
N TYR R 43 -23.13 -45.59 -23.74
CA TYR R 43 -24.18 -44.66 -23.37
C TYR R 43 -24.18 -43.44 -24.26
N ARG R 44 -22.99 -42.96 -24.63
CA ARG R 44 -22.83 -41.67 -25.29
C ARG R 44 -21.55 -41.67 -26.11
N PRO R 45 -21.52 -42.41 -27.23
CA PRO R 45 -20.31 -42.43 -28.05
C PRO R 45 -19.95 -41.03 -28.53
N TRP R 46 -18.67 -40.66 -28.42
CA TRP R 46 -18.24 -39.29 -28.61
C TRP R 46 -17.38 -39.08 -29.85
N LEU R 47 -17.07 -40.12 -30.61
CA LEU R 47 -16.44 -39.99 -31.93
C LEU R 47 -17.39 -40.52 -33.02
N THR S 3 22.26 -41.98 -38.37
CA THR S 3 23.55 -42.49 -37.93
C THR S 3 23.75 -42.24 -36.44
N MET S 4 24.04 -43.30 -35.68
CA MET S 4 24.16 -43.24 -34.23
C MET S 4 25.60 -43.57 -33.81
N ASN S 5 25.86 -43.40 -32.51
CA ASN S 5 27.19 -43.57 -31.95
C ASN S 5 27.20 -44.72 -30.96
N ALA S 6 28.34 -45.40 -30.86
CA ALA S 6 28.44 -46.64 -30.10
C ALA S 6 28.64 -46.39 -28.60
N ASN S 7 29.13 -45.21 -28.22
CA ASN S 7 29.38 -44.89 -26.82
C ASN S 7 28.31 -43.95 -26.27
N LEU S 8 27.11 -43.97 -26.87
CA LEU S 8 26.04 -43.07 -26.47
C LEU S 8 25.54 -43.40 -25.07
N TYR S 9 25.72 -44.65 -24.62
CA TYR S 9 25.31 -45.03 -23.28
C TYR S 9 26.09 -44.26 -22.22
N LYS S 10 27.29 -43.77 -22.56
CA LYS S 10 28.09 -43.01 -21.61
C LYS S 10 27.44 -41.69 -21.19
N ILE S 11 26.32 -41.30 -21.81
CA ILE S 11 25.63 -40.08 -21.41
C ILE S 11 25.15 -40.18 -19.97
N TRP S 12 24.86 -41.40 -19.51
CA TRP S 12 24.42 -41.59 -18.14
C TRP S 12 25.57 -41.54 -17.14
N LEU S 13 26.81 -41.50 -17.61
CA LEU S 13 27.96 -41.07 -16.82
C LEU S 13 28.03 -39.55 -16.70
N ILE S 14 27.20 -38.83 -17.47
CA ILE S 14 27.23 -37.37 -17.54
C ILE S 14 25.94 -36.78 -16.96
N LEU S 15 24.80 -37.27 -17.41
CA LEU S 15 23.50 -36.79 -16.97
C LEU S 15 22.87 -37.81 -16.03
N ASP S 16 22.43 -37.32 -14.87
CA ASP S 16 21.82 -38.14 -13.83
C ASP S 16 20.59 -38.88 -14.35
N PRO S 17 20.53 -40.21 -14.26
CA PRO S 17 19.33 -40.90 -14.76
C PRO S 17 18.04 -40.49 -14.07
N ARG S 18 18.08 -40.25 -12.76
CA ARG S 18 16.85 -39.93 -12.03
C ARG S 18 16.25 -38.60 -12.49
N ARG S 19 17.07 -37.55 -12.51
CA ARG S 19 16.55 -36.24 -12.92
C ARG S 19 16.12 -36.24 -14.39
N VAL S 20 16.78 -37.03 -15.22
CA VAL S 20 16.42 -37.09 -16.63
C VAL S 20 15.06 -37.76 -16.81
N LEU S 21 14.85 -38.91 -16.14
CA LEU S 21 13.57 -39.59 -16.22
C LEU S 21 12.44 -38.71 -15.69
N VAL S 22 12.65 -38.05 -14.55
CA VAL S 22 11.60 -37.21 -13.97
C VAL S 22 11.25 -36.08 -14.93
N SER S 23 12.28 -35.43 -15.48
CA SER S 23 12.06 -34.30 -16.40
C SER S 23 11.31 -34.73 -17.64
N ILE S 24 11.62 -35.92 -18.15
CA ILE S 24 10.95 -36.42 -19.35
C ILE S 24 9.46 -36.58 -19.09
N VAL S 25 9.09 -37.26 -18.00
CA VAL S 25 7.67 -37.50 -17.81
C VAL S 25 6.94 -36.21 -17.44
N ALA S 26 7.59 -35.27 -16.74
CA ALA S 26 6.91 -34.00 -16.48
C ALA S 26 6.71 -33.21 -17.76
N PHE S 27 7.73 -33.18 -18.63
CA PHE S 27 7.60 -32.45 -19.89
C PHE S 27 6.55 -33.09 -20.80
N GLN S 28 6.54 -34.42 -20.90
CA GLN S 28 5.60 -35.08 -21.80
C GLN S 28 4.17 -34.90 -21.33
N ILE S 29 3.93 -34.97 -20.01
CA ILE S 29 2.56 -34.76 -19.52
C ILE S 29 2.07 -33.34 -19.81
N VAL S 30 2.93 -32.34 -19.60
CA VAL S 30 2.56 -30.95 -19.85
CA VAL S 30 2.47 -30.98 -19.85
C VAL S 30 2.35 -30.70 -21.34
N LEU S 31 3.25 -31.25 -22.16
CA LEU S 31 3.11 -31.12 -23.62
C LEU S 31 1.82 -31.75 -24.12
N GLY S 32 1.42 -32.89 -23.53
CA GLY S 32 0.19 -33.54 -23.96
C GLY S 32 -1.03 -32.75 -23.54
N LEU S 33 -1.01 -32.19 -22.33
CA LEU S 33 -2.06 -31.24 -21.96
C LEU S 33 -2.10 -30.08 -22.94
N LEU S 34 -0.94 -29.52 -23.27
CA LEU S 34 -0.92 -28.37 -24.18
C LEU S 34 -1.49 -28.74 -25.55
N ILE S 35 -1.06 -29.86 -26.13
CA ILE S 35 -1.50 -30.19 -27.48
C ILE S 35 -3.01 -30.44 -27.52
N HIS S 36 -3.55 -31.17 -26.53
CA HIS S 36 -5.02 -31.34 -26.52
C HIS S 36 -5.72 -29.99 -26.42
N MET S 37 -5.17 -29.04 -25.65
CA MET S 37 -5.79 -27.71 -25.52
CA MET S 37 -5.86 -27.76 -25.54
C MET S 37 -5.79 -26.97 -26.85
N ILE S 38 -4.65 -27.02 -27.55
CA ILE S 38 -4.58 -26.37 -28.85
C ILE S 38 -5.60 -26.99 -29.81
N VAL S 39 -5.67 -28.32 -29.85
CA VAL S 39 -6.55 -28.97 -30.82
C VAL S 39 -8.00 -28.69 -30.48
N LEU S 40 -8.34 -28.72 -29.19
CA LEU S 40 -9.70 -28.38 -28.75
C LEU S 40 -10.10 -26.96 -29.11
N SER S 41 -9.13 -26.05 -29.24
N SER S 41 -9.14 -26.05 -29.22
CA SER S 41 -9.41 -24.66 -29.55
CA SER S 41 -9.45 -24.65 -29.53
C SER S 41 -9.55 -24.40 -31.04
C SER S 41 -9.57 -24.40 -31.03
N THR S 42 -9.43 -25.43 -31.87
CA THR S 42 -9.45 -25.26 -33.32
C THR S 42 -10.60 -26.05 -33.96
N ASP S 43 -10.61 -26.07 -35.29
CA ASP S 43 -11.65 -26.80 -36.04
C ASP S 43 -11.60 -28.30 -35.77
N LEU S 44 -10.49 -28.81 -35.24
CA LEU S 44 -10.32 -30.23 -35.01
C LEU S 44 -10.99 -30.71 -33.72
N ASN S 45 -11.60 -29.80 -32.96
CA ASN S 45 -12.27 -30.14 -31.71
C ASN S 45 -13.24 -31.31 -31.90
N TRP S 46 -13.05 -32.35 -31.09
CA TRP S 46 -13.79 -33.61 -31.18
C TRP S 46 -14.82 -33.78 -30.07
N LEU S 47 -14.89 -32.84 -29.15
CA LEU S 47 -15.86 -32.88 -28.06
C LEU S 47 -17.13 -32.09 -28.35
N ASP S 48 -16.98 -30.89 -28.92
CA ASP S 48 -18.14 -30.03 -29.17
C ASP S 48 -18.53 -30.03 -30.64
N ASP S 49 -18.16 -31.06 -31.39
CA ASP S 49 -18.39 -31.07 -32.82
C ASP S 49 -19.74 -31.67 -33.19
N ASN S 50 -20.53 -32.10 -32.20
CA ASN S 50 -21.83 -32.72 -32.41
C ASN S 50 -21.73 -33.97 -33.27
N ILE S 51 -20.58 -34.63 -33.21
CA ILE S 51 -20.34 -35.87 -33.92
C ILE S 51 -20.19 -36.99 -32.88
N PRO S 52 -20.90 -38.11 -33.01
CA PRO S 52 -21.79 -38.53 -34.10
C PRO S 52 -23.16 -37.82 -34.15
N VAL S 53 -23.61 -37.31 -33.01
CA VAL S 53 -24.85 -36.55 -32.88
C VAL S 53 -24.62 -35.45 -31.84
N SER S 54 -25.51 -34.46 -31.82
CA SER S 54 -25.54 -33.55 -30.68
C SER S 54 -26.31 -34.24 -29.55
N TYR S 55 -25.81 -34.16 -28.33
CA TYR S 55 -26.53 -34.82 -27.24
C TYR S 55 -27.39 -33.88 -26.42
N GLN S 56 -27.40 -32.59 -26.72
CA GLN S 56 -28.20 -31.63 -25.96
C GLN S 56 -29.61 -31.58 -26.54
N ALA S 57 -30.57 -32.17 -25.82
CA ALA S 57 -31.97 -32.19 -26.25
C ALA S 57 -32.68 -30.93 -25.77
N LEU S 58 -33.69 -30.52 -26.54
CA LEU S 58 -34.51 -29.36 -26.17
C LEU S 58 -35.52 -29.73 -25.10
N LYS T 5 34.64 -41.69 -9.86
CA LYS T 5 35.14 -41.66 -11.24
C LYS T 5 34.23 -40.82 -12.16
N SER T 6 33.05 -41.34 -12.45
CA SER T 6 32.14 -40.68 -13.38
C SER T 6 31.44 -39.49 -12.71
N LEU T 7 30.82 -38.65 -13.54
CA LEU T 7 30.15 -37.45 -13.01
C LEU T 7 28.88 -37.82 -12.26
N THR T 8 28.20 -38.88 -12.67
CA THR T 8 26.96 -39.29 -12.03
C THR T 8 27.14 -40.33 -10.94
N GLY T 9 28.29 -41.02 -10.92
CA GLY T 9 28.50 -42.12 -10.00
C GLY T 9 28.13 -43.48 -10.54
N LEU T 10 27.38 -43.53 -11.65
CA LEU T 10 27.17 -44.81 -12.31
C LEU T 10 28.49 -45.36 -12.79
N THR T 11 28.63 -46.69 -12.73
CA THR T 11 29.79 -47.30 -13.36
C THR T 11 29.54 -47.41 -14.85
N ASP T 12 30.58 -47.86 -15.58
CA ASP T 12 30.42 -48.02 -17.01
C ASP T 12 29.35 -49.06 -17.32
N ASP T 13 29.35 -50.17 -16.58
CA ASP T 13 28.38 -51.23 -16.78
C ASP T 13 26.98 -50.77 -16.40
N GLU T 14 26.87 -49.98 -15.34
CA GLU T 14 25.57 -49.46 -14.92
C GLU T 14 24.96 -48.55 -15.98
N ALA T 15 25.79 -47.70 -16.60
CA ALA T 15 25.29 -46.81 -17.63
C ALA T 15 24.83 -47.58 -18.87
N LYS T 16 25.55 -48.66 -19.21
CA LYS T 16 25.13 -49.56 -20.29
C LYS T 16 23.80 -50.22 -19.98
N GLU T 17 23.63 -50.69 -18.74
CA GLU T 17 22.38 -51.36 -18.38
C GLU T 17 21.22 -50.37 -18.38
N PHE T 18 21.41 -49.18 -17.79
CA PHE T 18 20.34 -48.18 -17.82
C PHE T 18 20.01 -47.80 -19.25
N HIS T 19 21.03 -47.64 -20.09
CA HIS T 19 20.80 -47.27 -21.49
C HIS T 19 19.94 -48.30 -22.20
N ALA T 20 20.20 -49.58 -21.95
CA ALA T 20 19.46 -50.64 -22.63
C ALA T 20 17.98 -50.57 -22.29
N ILE T 21 17.66 -50.48 -21.01
CA ILE T 21 16.27 -50.39 -20.59
C ILE T 21 15.65 -49.07 -21.04
N PHE T 22 16.41 -47.97 -20.94
CA PHE T 22 15.87 -46.66 -21.33
C PHE T 22 15.52 -46.62 -22.81
N MET T 23 16.39 -47.17 -23.66
CA MET T 23 16.12 -47.13 -25.10
C MET T 23 14.95 -48.03 -25.47
N GLN T 24 14.83 -49.18 -24.80
CA GLN T 24 13.71 -50.07 -25.08
C GLN T 24 12.39 -49.45 -24.64
N SER T 25 12.37 -48.84 -23.45
CA SER T 25 11.16 -48.20 -22.95
C SER T 25 10.76 -47.00 -23.81
N MET T 26 11.75 -46.21 -24.24
CA MET T 26 11.46 -45.04 -25.06
C MET T 26 10.92 -45.44 -26.42
N TYR T 27 11.49 -46.47 -27.03
CA TYR T 27 11.00 -46.95 -28.33
C TYR T 27 9.60 -47.53 -28.20
N ALA T 28 9.29 -48.19 -27.09
CA ALA T 28 7.93 -48.66 -26.87
C ALA T 28 6.98 -47.47 -26.76
N TRP T 29 7.43 -46.39 -26.12
CA TRP T 29 6.63 -45.18 -26.03
C TRP T 29 6.39 -44.57 -27.40
N PHE T 30 7.47 -44.39 -28.19
CA PHE T 30 7.31 -43.82 -29.51
C PHE T 30 6.40 -44.68 -30.38
N GLY T 31 6.44 -46.01 -30.19
CA GLY T 31 5.56 -46.88 -30.95
C GLY T 31 4.09 -46.64 -30.66
N LEU T 32 3.76 -46.39 -29.38
CA LEU T 32 2.39 -46.04 -29.04
C LEU T 32 1.98 -44.70 -29.65
N VAL T 33 2.87 -43.70 -29.58
CA VAL T 33 2.63 -42.41 -30.22
C VAL T 33 2.32 -42.60 -31.70
N VAL T 34 3.09 -43.44 -32.40
CA VAL T 34 2.86 -43.67 -33.83
C VAL T 34 1.49 -44.29 -34.06
N ILE T 35 1.13 -45.31 -33.26
CA ILE T 35 -0.18 -45.94 -33.38
C ILE T 35 -1.29 -44.93 -33.11
N ALA T 36 -1.16 -44.13 -32.05
CA ALA T 36 -2.15 -43.11 -31.76
C ALA T 36 -2.32 -42.15 -32.92
N HIS T 37 -1.22 -41.75 -33.57
CA HIS T 37 -1.34 -40.81 -34.68
C HIS T 37 -1.82 -41.47 -35.95
N LEU T 38 -1.56 -42.77 -36.12
CA LEU T 38 -2.15 -43.48 -37.24
C LEU T 38 -3.67 -43.57 -37.09
N LEU T 39 -4.14 -43.90 -35.89
CA LEU T 39 -5.56 -43.86 -35.60
C LEU T 39 -6.14 -42.46 -35.83
N ALA T 40 -5.45 -41.43 -35.34
CA ALA T 40 -5.96 -40.08 -35.47
C ALA T 40 -6.01 -39.63 -36.93
N TRP T 41 -4.99 -40.02 -37.71
CA TRP T 41 -4.98 -39.66 -39.13
C TRP T 41 -6.13 -40.34 -39.86
N LEU T 42 -6.42 -41.60 -39.51
CA LEU T 42 -7.53 -42.27 -40.17
C LEU T 42 -8.87 -41.69 -39.73
N TYR T 43 -8.99 -41.22 -38.48
CA TYR T 43 -10.26 -40.67 -38.03
C TYR T 43 -10.44 -39.22 -38.48
N ARG T 44 -9.38 -38.40 -38.43
CA ARG T 44 -9.49 -36.97 -38.64
C ARG T 44 -8.21 -36.43 -39.26
N PRO T 45 -7.98 -36.70 -40.54
CA PRO T 45 -6.75 -36.22 -41.19
C PRO T 45 -6.72 -34.71 -41.21
N TRP T 46 -5.57 -34.14 -40.83
CA TRP T 46 -5.51 -32.71 -40.54
C TRP T 46 -4.68 -31.90 -41.53
N LEU T 47 -4.11 -32.55 -42.54
CA LEU T 47 -3.30 -31.85 -43.53
C LEU T 47 -3.81 -32.16 -44.94
N THR U 3 35.47 -23.73 -42.22
CA THR U 3 36.65 -24.46 -41.77
C THR U 3 36.93 -24.19 -40.30
N MET U 4 36.58 -25.17 -39.46
CA MET U 4 36.77 -25.03 -38.02
C MET U 4 38.18 -25.48 -37.61
N ASN U 5 38.54 -25.13 -36.37
CA ASN U 5 39.86 -25.41 -35.86
C ASN U 5 39.99 -26.86 -35.41
N ALA U 6 41.24 -27.34 -35.38
CA ALA U 6 41.50 -28.71 -34.97
C ALA U 6 41.38 -28.89 -33.46
N ASN U 7 41.76 -27.88 -32.68
CA ASN U 7 41.67 -27.94 -31.23
C ASN U 7 40.35 -27.45 -30.69
N LEU U 8 39.29 -27.46 -31.51
CA LEU U 8 37.99 -26.95 -31.06
C LEU U 8 37.40 -27.82 -29.96
N TYR U 9 37.72 -29.12 -29.95
CA TYR U 9 37.27 -30.00 -28.88
C TYR U 9 37.66 -29.46 -27.51
N LYS U 10 38.74 -28.69 -27.43
CA LYS U 10 39.19 -28.12 -26.15
C LYS U 10 38.17 -27.17 -25.56
N ILE U 11 37.06 -26.93 -26.28
CA ILE U 11 35.98 -26.13 -25.73
C ILE U 11 35.38 -26.82 -24.51
N TRP U 12 35.46 -28.15 -24.46
CA TRP U 12 34.93 -28.89 -23.33
C TRP U 12 35.90 -28.93 -22.15
N LEU U 13 37.07 -28.28 -22.28
CA LEU U 13 37.89 -27.96 -21.13
C LEU U 13 37.46 -26.65 -20.48
N ILE U 14 36.72 -25.82 -21.21
CA ILE U 14 36.33 -24.49 -20.76
C ILE U 14 34.87 -24.47 -20.30
N LEU U 15 33.96 -24.92 -21.15
CA LEU U 15 32.53 -24.92 -20.86
C LEU U 15 32.10 -26.30 -20.37
N ASP U 16 31.27 -26.32 -19.34
CA ASP U 16 30.83 -27.58 -18.74
C ASP U 16 29.96 -28.36 -19.72
N PRO U 17 30.34 -29.58 -20.12
CA PRO U 17 29.49 -30.35 -21.04
C PRO U 17 28.09 -30.59 -20.51
N ARG U 18 27.93 -30.78 -19.19
CA ARG U 18 26.60 -30.99 -18.61
C ARG U 18 25.73 -29.77 -18.76
N ARG U 19 26.22 -28.60 -18.31
CA ARG U 19 25.39 -27.41 -18.40
C ARG U 19 25.08 -27.05 -19.84
N VAL U 20 26.01 -27.31 -20.76
CA VAL U 20 25.79 -27.05 -22.18
C VAL U 20 24.69 -27.93 -22.73
N LEU U 21 24.74 -29.23 -22.44
CA LEU U 21 23.73 -30.15 -22.96
C LEU U 21 22.35 -29.80 -22.43
N VAL U 22 22.27 -29.51 -21.13
CA VAL U 22 21.01 -29.12 -20.51
C VAL U 22 20.48 -27.82 -21.11
N SER U 23 21.37 -26.86 -21.34
CA SER U 23 20.96 -25.57 -21.90
C SER U 23 20.45 -25.73 -23.32
N ILE U 24 21.17 -26.49 -24.15
CA ILE U 24 20.73 -26.74 -25.52
C ILE U 24 19.37 -27.42 -25.55
N VAL U 25 19.20 -28.44 -24.71
CA VAL U 25 17.91 -29.13 -24.65
C VAL U 25 16.80 -28.16 -24.24
N ALA U 26 17.03 -27.41 -23.15
CA ALA U 26 16.02 -26.45 -22.71
C ALA U 26 15.74 -25.39 -23.76
N PHE U 27 16.80 -24.82 -24.34
CA PHE U 27 16.63 -23.78 -25.35
C PHE U 27 15.88 -24.31 -26.56
N GLN U 28 16.22 -25.51 -27.01
CA GLN U 28 15.61 -26.03 -28.24
C GLN U 28 14.13 -26.31 -28.06
N ILE U 29 13.73 -26.81 -26.88
CA ILE U 29 12.33 -27.09 -26.62
C ILE U 29 11.52 -25.79 -26.66
N VAL U 30 11.99 -24.77 -25.96
CA VAL U 30 11.31 -23.48 -25.92
C VAL U 30 11.23 -22.88 -27.31
N LEU U 31 12.34 -22.94 -28.06
CA LEU U 31 12.33 -22.42 -29.42
C LEU U 31 11.33 -23.17 -30.27
N GLY U 32 11.27 -24.50 -30.12
CA GLY U 32 10.31 -25.28 -30.87
C GLY U 32 8.89 -24.85 -30.57
N LEU U 33 8.57 -24.66 -29.29
CA LEU U 33 7.24 -24.21 -28.93
C LEU U 33 6.96 -22.83 -29.51
N LEU U 34 7.97 -21.96 -29.50
CA LEU U 34 7.80 -20.58 -29.96
C LEU U 34 7.53 -20.54 -31.46
N ILE U 35 8.33 -21.27 -32.24
CA ILE U 35 8.18 -21.20 -33.70
C ILE U 35 6.84 -21.80 -34.13
N HIS U 36 6.42 -22.91 -33.52
CA HIS U 36 5.10 -23.45 -33.83
C HIS U 36 4.01 -22.43 -33.58
N MET U 37 4.11 -21.68 -32.47
CA MET U 37 3.09 -20.68 -32.17
C MET U 37 3.14 -19.52 -33.17
N ILE U 38 4.34 -19.02 -33.46
CA ILE U 38 4.48 -17.96 -34.46
C ILE U 38 3.87 -18.39 -35.80
N VAL U 39 4.15 -19.62 -36.23
CA VAL U 39 3.62 -20.10 -37.51
C VAL U 39 2.10 -20.23 -37.43
N LEU U 40 1.57 -20.71 -36.30
CA LEU U 40 0.11 -20.82 -36.16
C LEU U 40 -0.58 -19.46 -36.16
N SER U 41 0.14 -18.40 -35.84
CA SER U 41 -0.47 -17.07 -35.76
C SER U 41 -0.64 -16.43 -37.13
N THR U 42 -0.12 -17.05 -38.19
CA THR U 42 -0.06 -16.48 -39.52
C THR U 42 -0.95 -17.24 -40.49
N ASP U 43 -0.91 -16.80 -41.75
CA ASP U 43 -1.58 -17.50 -42.84
C ASP U 43 -1.15 -18.97 -42.97
N LEU U 44 0.02 -19.33 -42.44
CA LEU U 44 0.52 -20.69 -42.59
C LEU U 44 -0.19 -21.70 -41.68
N ASN U 45 -1.02 -21.23 -40.74
CA ASN U 45 -1.77 -22.07 -39.81
C ASN U 45 -2.35 -23.30 -40.50
N TRP U 46 -1.99 -24.48 -40.00
CA TRP U 46 -2.39 -25.75 -40.59
C TRP U 46 -3.49 -26.44 -39.80
N LEU U 47 -3.99 -25.83 -38.73
CA LEU U 47 -5.01 -26.43 -37.88
C LEU U 47 -6.40 -25.85 -38.14
N ASP U 48 -6.49 -24.53 -38.23
CA ASP U 48 -7.75 -23.85 -38.46
C ASP U 48 -7.93 -23.44 -39.92
N ASP U 49 -7.21 -24.08 -40.84
CA ASP U 49 -7.31 -23.76 -42.26
C ASP U 49 -8.42 -24.56 -42.94
N ASN U 50 -9.08 -25.47 -42.22
CA ASN U 50 -10.17 -26.30 -42.76
C ASN U 50 -9.71 -27.10 -43.96
N ILE U 51 -8.44 -27.47 -43.97
CA ILE U 51 -7.84 -28.36 -44.95
C ILE U 51 -7.44 -29.64 -44.21
N PRO U 52 -7.86 -30.83 -44.68
CA PRO U 52 -8.59 -31.08 -45.93
C PRO U 52 -10.06 -30.63 -45.92
N VAL U 53 -10.73 -30.71 -44.78
CA VAL U 53 -12.14 -30.34 -44.64
C VAL U 53 -12.32 -29.61 -43.32
N SER U 54 -13.49 -28.98 -43.15
CA SER U 54 -13.87 -28.38 -41.88
C SER U 54 -14.64 -29.42 -41.07
N TYR U 55 -14.09 -29.83 -39.93
CA TYR U 55 -14.75 -30.89 -39.16
C TYR U 55 -15.90 -30.35 -38.34
N GLN U 56 -15.93 -29.03 -38.08
CA GLN U 56 -17.09 -28.47 -37.41
C GLN U 56 -18.28 -28.32 -38.37
N ALA U 57 -18.02 -28.08 -39.66
CA ALA U 57 -19.11 -27.97 -40.63
C ALA U 57 -19.93 -29.25 -40.70
N LEU U 58 -19.25 -30.41 -40.68
CA LEU U 58 -19.91 -31.70 -40.60
C LEU U 58 -21.04 -31.72 -39.58
N GLY U 59 -20.84 -31.11 -38.41
CA GLY U 59 -21.81 -31.19 -37.33
C GLY U 59 -22.70 -29.98 -37.14
N LYS U 60 -22.52 -28.92 -37.92
CA LYS U 60 -23.29 -27.70 -37.71
C LYS U 60 -23.99 -27.29 -39.01
N SER V 6 42.60 -27.90 -17.04
CA SER V 6 41.23 -28.34 -17.28
C SER V 6 40.26 -27.72 -16.28
N LEU V 7 39.61 -26.64 -16.69
CA LEU V 7 38.64 -25.96 -15.84
C LEU V 7 37.42 -26.82 -15.51
N THR V 8 36.94 -27.56 -16.51
CA THR V 8 35.76 -28.39 -16.34
C THR V 8 36.05 -29.72 -15.65
N GLY V 9 37.33 -30.06 -15.52
CA GLY V 9 37.71 -31.32 -14.93
C GLY V 9 37.99 -32.42 -15.92
N LEU V 10 37.55 -32.28 -17.16
CA LEU V 10 37.83 -33.30 -18.17
C LEU V 10 39.30 -33.28 -18.55
N THR V 11 39.84 -34.46 -18.83
CA THR V 11 41.18 -34.58 -19.40
C THR V 11 41.12 -34.21 -20.88
N ASP V 12 42.28 -34.24 -21.53
CA ASP V 12 42.33 -33.89 -22.95
C ASP V 12 41.71 -34.97 -23.81
N ASP V 13 41.85 -36.24 -23.42
CA ASP V 13 41.26 -37.33 -24.19
C ASP V 13 39.74 -37.39 -23.99
N GLU V 14 39.27 -37.10 -22.78
CA GLU V 14 37.83 -37.07 -22.54
C GLU V 14 37.17 -35.95 -23.32
N ALA V 15 37.79 -34.77 -23.35
CA ALA V 15 37.27 -33.68 -24.17
C ALA V 15 37.28 -34.04 -25.65
N LYS V 16 38.24 -34.86 -26.08
CA LYS V 16 38.24 -35.33 -27.46
C LYS V 16 37.13 -36.35 -27.70
N GLU V 17 36.93 -37.24 -26.74
CA GLU V 17 35.88 -38.25 -26.89
C GLU V 17 34.49 -37.61 -26.84
N PHE V 18 34.28 -36.66 -25.93
CA PHE V 18 32.98 -36.01 -25.85
C PHE V 18 32.66 -35.24 -27.13
N HIS V 19 33.65 -34.51 -27.65
CA HIS V 19 33.44 -33.72 -28.87
C HIS V 19 32.95 -34.60 -30.01
N ALA V 20 33.61 -35.75 -30.23
CA ALA V 20 33.22 -36.65 -31.31
C ALA V 20 31.75 -37.04 -31.20
N ILE V 21 31.30 -37.40 -29.99
CA ILE V 21 29.93 -37.87 -29.83
C ILE V 21 28.94 -36.71 -29.90
N PHE V 22 29.35 -35.55 -29.38
CA PHE V 22 28.54 -34.34 -29.47
C PHE V 22 28.36 -33.90 -30.93
N MET V 23 29.48 -33.77 -31.66
CA MET V 23 29.41 -33.34 -33.05
C MET V 23 28.58 -34.29 -33.88
N GLN V 24 28.71 -35.60 -33.64
CA GLN V 24 27.94 -36.59 -34.37
C GLN V 24 26.46 -36.48 -34.06
N SER V 25 26.10 -36.30 -32.78
CA SER V 25 24.69 -36.17 -32.42
C SER V 25 24.09 -34.88 -32.95
N MET V 26 24.85 -33.79 -32.86
CA MET V 26 24.36 -32.52 -33.37
C MET V 26 24.05 -32.61 -34.86
N TYR V 27 24.94 -33.23 -35.64
CA TYR V 27 24.72 -33.36 -37.08
C TYR V 27 23.49 -34.21 -37.37
N ALA V 28 23.30 -35.29 -36.61
CA ALA V 28 22.11 -36.12 -36.80
C ALA V 28 20.83 -35.35 -36.47
N TRP V 29 20.87 -34.55 -35.41
CA TRP V 29 19.74 -33.67 -35.11
C TRP V 29 19.50 -32.69 -36.26
N PHE V 30 20.57 -32.02 -36.72
CA PHE V 30 20.42 -31.10 -37.83
C PHE V 30 19.94 -31.81 -39.09
N GLY V 31 20.33 -33.07 -39.27
CA GLY V 31 19.78 -33.85 -40.38
C GLY V 31 18.28 -33.99 -40.30
N LEU V 32 17.75 -34.31 -39.11
CA LEU V 32 16.31 -34.42 -38.93
C LEU V 32 15.62 -33.09 -39.25
N VAL V 33 16.23 -31.98 -38.84
CA VAL V 33 15.64 -30.65 -39.06
C VAL V 33 15.57 -30.35 -40.55
N VAL V 34 16.61 -30.72 -41.30
CA VAL V 34 16.60 -30.50 -42.74
C VAL V 34 15.50 -31.31 -43.41
N ILE V 35 15.34 -32.57 -43.01
CA ILE V 35 14.29 -33.41 -43.58
C ILE V 35 12.91 -32.83 -43.27
N ALA V 36 12.72 -32.34 -42.04
CA ALA V 36 11.45 -31.72 -41.67
C ALA V 36 11.14 -30.51 -42.55
N HIS V 37 12.14 -29.67 -42.81
CA HIS V 37 11.88 -28.47 -43.59
C HIS V 37 11.69 -28.79 -45.07
N LEU V 38 12.29 -29.88 -45.56
CA LEU V 38 11.99 -30.35 -46.92
C LEU V 38 10.52 -30.71 -47.05
N LEU V 39 10.00 -31.47 -46.08
CA LEU V 39 8.58 -31.85 -46.12
C LEU V 39 7.67 -30.63 -46.01
N ALA V 40 7.99 -29.68 -45.12
CA ALA V 40 7.17 -28.48 -44.99
C ALA V 40 7.22 -27.64 -46.26
N TRP V 41 8.39 -27.54 -46.90
CA TRP V 41 8.47 -26.79 -48.16
C TRP V 41 7.64 -27.46 -49.25
N LEU V 42 7.66 -28.79 -49.30
CA LEU V 42 6.86 -29.49 -50.29
C LEU V 42 5.38 -29.36 -49.97
N TYR V 43 5.01 -29.41 -48.69
CA TYR V 43 3.61 -29.34 -48.32
C TYR V 43 3.06 -27.92 -48.42
N ARG V 44 3.83 -26.93 -47.97
CA ARG V 44 3.32 -25.56 -47.80
C ARG V 44 4.47 -24.57 -47.93
N PRO V 45 4.94 -24.34 -49.16
CA PRO V 45 6.08 -23.42 -49.34
C PRO V 45 5.71 -22.02 -48.85
N TRP V 46 6.67 -21.37 -48.18
CA TRP V 46 6.38 -20.14 -47.47
C TRP V 46 7.12 -18.91 -48.01
N LEU V 47 7.94 -19.07 -49.04
CA LEU V 47 8.69 -17.94 -49.58
C LEU V 47 8.42 -17.82 -51.06
N ASN W 5 45.15 -6.02 -34.03
CA ASN W 5 46.41 -5.61 -33.44
C ASN W 5 47.22 -6.83 -32.96
N ALA W 6 48.53 -6.65 -32.85
CA ALA W 6 49.42 -7.77 -32.57
C ALA W 6 49.31 -8.25 -31.13
N ASN W 7 48.99 -7.36 -30.19
CA ASN W 7 48.86 -7.72 -28.79
C ASN W 7 47.41 -7.84 -28.34
N LEU W 8 46.47 -7.91 -29.29
CA LEU W 8 45.06 -7.99 -28.92
C LEU W 8 44.76 -9.27 -28.15
N TYR W 9 45.53 -10.33 -28.39
CA TYR W 9 45.32 -11.62 -27.72
C TYR W 9 45.39 -11.50 -26.20
N LYS W 10 46.09 -10.49 -25.66
CA LYS W 10 46.20 -10.33 -24.22
C LYS W 10 44.89 -9.99 -23.55
N ILE W 11 43.82 -9.71 -24.30
CA ILE W 11 42.53 -9.39 -23.68
C ILE W 11 42.06 -10.55 -22.81
N TRP W 12 42.48 -11.77 -23.13
CA TRP W 12 42.07 -12.92 -22.33
C TRP W 12 42.80 -13.02 -21.02
N LEU W 13 43.83 -12.18 -20.80
CA LEU W 13 44.42 -11.98 -19.49
C LEU W 13 43.60 -11.06 -18.61
N ILE W 14 42.66 -10.32 -19.20
CA ILE W 14 41.85 -9.35 -18.48
C ILE W 14 40.41 -9.83 -18.30
N LEU W 15 39.81 -10.42 -19.32
CA LEU W 15 38.40 -10.79 -19.31
C LEU W 15 38.25 -12.31 -19.35
N ASP W 16 37.45 -12.85 -18.44
CA ASP W 16 37.28 -14.29 -18.32
C ASP W 16 36.79 -14.88 -19.64
N PRO W 17 37.58 -15.74 -20.29
CA PRO W 17 37.16 -16.31 -21.58
C PRO W 17 35.83 -17.03 -21.51
N ARG W 18 35.54 -17.68 -20.38
CA ARG W 18 34.33 -18.47 -20.24
C ARG W 18 33.09 -17.58 -20.20
N ARG W 19 33.18 -16.49 -19.42
CA ARG W 19 32.05 -15.60 -19.27
C ARG W 19 31.80 -14.80 -20.54
N VAL W 20 32.87 -14.42 -21.25
CA VAL W 20 32.70 -13.74 -22.52
C VAL W 20 32.00 -14.63 -23.53
N LEU W 21 32.38 -15.91 -23.60
CA LEU W 21 31.72 -16.85 -24.51
C LEU W 21 30.23 -16.98 -24.18
N VAL W 22 29.91 -17.25 -22.91
CA VAL W 22 28.51 -17.40 -22.51
C VAL W 22 27.72 -16.13 -22.78
N SER W 23 28.33 -14.98 -22.48
CA SER W 23 27.66 -13.71 -22.70
C SER W 23 27.45 -13.46 -24.19
N ILE W 24 28.43 -13.84 -25.01
CA ILE W 24 28.28 -13.68 -26.45
C ILE W 24 27.15 -14.55 -26.95
N VAL W 25 27.08 -15.80 -26.47
CA VAL W 25 26.04 -16.73 -26.92
C VAL W 25 24.67 -16.22 -26.51
N ALA W 26 24.53 -15.78 -25.25
CA ALA W 26 23.26 -15.31 -24.74
C ALA W 26 22.80 -14.06 -25.48
N PHE W 27 23.72 -13.12 -25.70
CA PHE W 27 23.37 -11.87 -26.37
C PHE W 27 22.97 -12.13 -27.82
N GLN W 28 23.73 -12.98 -28.51
CA GLN W 28 23.43 -13.25 -29.92
C GLN W 28 22.09 -13.94 -30.10
N ILE W 29 21.73 -14.87 -29.21
CA ILE W 29 20.42 -15.51 -29.31
C ILE W 29 19.30 -14.51 -29.07
N VAL W 30 19.47 -13.63 -28.07
CA VAL W 30 18.44 -12.63 -27.80
C VAL W 30 18.33 -11.64 -28.95
N LEU W 31 19.47 -11.16 -29.46
CA LEU W 31 19.47 -10.26 -30.60
C LEU W 31 18.78 -10.90 -31.80
N GLY W 32 19.12 -12.15 -32.11
CA GLY W 32 18.47 -12.85 -33.20
C GLY W 32 16.97 -12.94 -33.04
N LEU W 33 16.52 -13.27 -31.83
CA LEU W 33 15.07 -13.25 -31.57
C LEU W 33 14.50 -11.84 -31.76
N LEU W 34 15.21 -10.82 -31.26
CA LEU W 34 14.71 -9.45 -31.34
C LEU W 34 14.57 -8.97 -32.76
N ILE W 35 15.57 -9.24 -33.61
CA ILE W 35 15.57 -8.72 -34.97
C ILE W 35 14.49 -9.40 -35.81
N HIS W 36 14.33 -10.72 -35.67
CA HIS W 36 13.21 -11.40 -36.34
C HIS W 36 11.88 -10.80 -35.90
N MET W 37 11.71 -10.58 -34.59
CA MET W 37 10.49 -9.97 -34.09
C MET W 37 10.27 -8.58 -34.70
N ILE W 38 11.30 -7.74 -34.68
CA ILE W 38 11.20 -6.41 -35.26
C ILE W 38 10.85 -6.49 -36.75
N VAL W 39 11.58 -7.31 -37.51
CA VAL W 39 11.33 -7.37 -38.95
C VAL W 39 9.93 -7.88 -39.23
N LEU W 40 9.44 -8.84 -38.43
CA LEU W 40 8.09 -9.36 -38.62
C LEU W 40 7.01 -8.34 -38.27
N SER W 41 7.34 -7.31 -37.50
CA SER W 41 6.32 -6.31 -37.18
C SER W 41 6.09 -5.35 -38.34
N THR W 42 6.80 -5.49 -39.47
CA THR W 42 6.78 -4.49 -40.53
C THR W 42 6.34 -5.09 -41.88
N ASP W 43 6.40 -4.22 -42.90
CA ASP W 43 6.10 -4.60 -44.27
C ASP W 43 6.96 -5.75 -44.79
N LEU W 44 8.16 -5.94 -44.22
CA LEU W 44 9.04 -7.00 -44.71
C LEU W 44 8.59 -8.39 -44.26
N ASN W 45 7.57 -8.49 -43.43
CA ASN W 45 7.05 -9.75 -42.91
C ASN W 45 6.84 -10.77 -44.03
N TRP W 46 7.51 -11.91 -43.91
CA TRP W 46 7.51 -12.97 -44.93
C TRP W 46 6.61 -14.15 -44.56
N LEU W 47 6.08 -14.20 -43.33
CA LEU W 47 5.24 -15.31 -42.91
C LEU W 47 3.77 -15.07 -43.20
N ASP W 48 3.29 -13.84 -42.95
CA ASP W 48 1.88 -13.51 -43.08
C ASP W 48 1.58 -12.71 -44.36
N ASP W 49 2.47 -12.78 -45.36
CA ASP W 49 2.37 -11.94 -46.54
C ASP W 49 1.63 -12.60 -47.71
N ASN W 50 1.04 -13.78 -47.49
CA ASN W 50 0.30 -14.52 -48.53
C ASN W 50 1.14 -14.80 -49.76
N ILE W 51 2.44 -14.99 -49.57
CA ILE W 51 3.38 -15.30 -50.64
C ILE W 51 4.03 -16.64 -50.29
N PRO W 52 4.02 -17.64 -51.20
CA PRO W 52 3.57 -17.55 -52.59
C PRO W 52 2.06 -17.46 -52.76
N VAL W 53 1.30 -17.90 -51.75
CA VAL W 53 -0.15 -17.96 -51.85
C VAL W 53 -0.72 -17.88 -50.44
N SER W 54 -2.00 -17.52 -50.35
CA SER W 54 -2.69 -17.58 -49.06
C SER W 54 -3.23 -18.99 -48.85
N TYR W 55 -2.77 -19.65 -47.79
CA TYR W 55 -3.26 -20.98 -47.45
C TYR W 55 -4.61 -20.95 -46.76
N GLN W 56 -4.95 -19.84 -46.10
CA GLN W 56 -6.30 -19.71 -45.58
C GLN W 56 -7.32 -19.54 -46.71
N ALA W 57 -6.95 -18.80 -47.77
CA ALA W 57 -7.81 -18.70 -48.94
C ALA W 57 -8.02 -20.06 -49.60
N LEU W 58 -6.96 -20.87 -49.68
CA LEU W 58 -7.07 -22.22 -50.20
C LEU W 58 -8.16 -23.01 -49.48
N GLY W 59 -8.23 -22.89 -48.17
CA GLY W 59 -9.21 -23.64 -47.41
C GLY W 59 -10.64 -23.16 -47.55
N LYS W 60 -10.83 -21.94 -48.05
CA LYS W 60 -12.17 -21.39 -48.24
C LYS W 60 -12.80 -21.92 -49.53
N LEU X 7 45.99 -12.78 -14.19
CA LEU X 7 44.83 -12.04 -13.65
C LEU X 7 43.55 -12.86 -13.79
N THR X 8 43.34 -13.44 -14.97
CA THR X 8 42.27 -14.42 -15.12
C THR X 8 42.71 -15.82 -14.71
N GLY X 9 44.02 -16.07 -14.68
CA GLY X 9 44.56 -17.40 -14.52
C GLY X 9 45.19 -17.95 -15.78
N LEU X 10 44.88 -17.38 -16.94
CA LEU X 10 45.49 -17.85 -18.18
C LEU X 10 46.95 -17.43 -18.24
N THR X 11 47.80 -18.35 -18.66
CA THR X 11 49.17 -18.01 -18.97
C THR X 11 49.23 -17.32 -20.33
N ASP X 12 50.39 -16.77 -20.66
CA ASP X 12 50.50 -16.02 -21.90
C ASP X 12 50.25 -16.91 -23.11
N ASP X 13 50.86 -18.11 -23.11
CA ASP X 13 50.66 -19.04 -24.21
C ASP X 13 49.21 -19.46 -24.34
N GLU X 14 48.54 -19.68 -23.20
CA GLU X 14 47.14 -20.07 -23.23
C GLU X 14 46.29 -18.97 -23.87
N ALA X 15 46.55 -17.71 -23.52
CA ALA X 15 45.82 -16.60 -24.12
C ALA X 15 46.05 -16.52 -25.62
N LYS X 16 47.22 -16.96 -26.09
CA LYS X 16 47.47 -17.01 -27.52
C LYS X 16 46.61 -18.07 -28.19
N GLU X 17 46.56 -19.27 -27.61
CA GLU X 17 45.82 -20.36 -28.23
C GLU X 17 44.32 -20.08 -28.23
N PHE X 18 43.80 -19.54 -27.13
CA PHE X 18 42.39 -19.21 -27.08
C PHE X 18 42.04 -18.12 -28.08
N HIS X 19 42.94 -17.15 -28.28
CA HIS X 19 42.63 -16.05 -29.19
C HIS X 19 42.63 -16.54 -30.64
N ALA X 20 43.57 -17.41 -30.99
CA ALA X 20 43.59 -17.94 -32.35
C ALA X 20 42.29 -18.67 -32.69
N ILE X 21 41.80 -19.50 -31.76
CA ILE X 21 40.56 -20.22 -32.00
C ILE X 21 39.37 -19.28 -31.94
N PHE X 22 39.37 -18.35 -30.97
CA PHE X 22 38.27 -17.40 -30.86
C PHE X 22 38.10 -16.60 -32.14
N MET X 23 39.20 -16.03 -32.65
CA MET X 23 39.12 -15.23 -33.87
C MET X 23 38.71 -16.09 -35.06
N GLN X 24 39.29 -17.29 -35.18
CA GLN X 24 38.92 -18.19 -36.27
C GLN X 24 37.44 -18.57 -36.21
N SER X 25 36.91 -18.80 -35.01
CA SER X 25 35.51 -19.17 -34.87
C SER X 25 34.59 -17.98 -35.14
N MET X 26 34.92 -16.82 -34.56
CA MET X 26 34.10 -15.63 -34.77
C MET X 26 34.07 -15.23 -36.23
N TYR X 27 35.19 -15.38 -36.93
CA TYR X 27 35.20 -15.10 -38.36
C TYR X 27 34.32 -16.08 -39.13
N ALA X 28 34.29 -17.34 -38.70
CA ALA X 28 33.40 -18.32 -39.34
C ALA X 28 31.93 -17.93 -39.15
N TRP X 29 31.57 -17.46 -37.96
CA TRP X 29 30.19 -17.05 -37.69
C TRP X 29 29.82 -15.83 -38.52
N PHE X 30 30.71 -14.82 -38.56
CA PHE X 30 30.46 -13.64 -39.38
C PHE X 30 30.31 -13.98 -40.85
N GLY X 31 31.01 -15.01 -41.33
CA GLY X 31 30.87 -15.41 -42.72
C GLY X 31 29.46 -15.87 -43.05
N LEU X 32 28.89 -16.71 -42.18
CA LEU X 32 27.52 -17.16 -42.36
C LEU X 32 26.54 -15.99 -42.37
N VAL X 33 26.75 -15.00 -41.49
CA VAL X 33 25.85 -13.85 -41.44
C VAL X 33 25.85 -13.12 -42.78
N VAL X 34 27.04 -12.92 -43.36
CA VAL X 34 27.12 -12.27 -44.67
C VAL X 34 26.35 -13.07 -45.72
N ILE X 35 26.50 -14.40 -45.71
CA ILE X 35 25.80 -15.24 -46.68
C ILE X 35 24.29 -15.13 -46.49
N ALA X 36 23.83 -15.21 -45.26
CA ALA X 36 22.40 -15.13 -45.00
C ALA X 36 21.86 -13.78 -45.44
N HIS X 37 22.61 -12.73 -45.16
CA HIS X 37 22.21 -11.39 -45.56
C HIS X 37 22.18 -11.23 -47.07
N LEU X 38 23.13 -11.85 -47.75
CA LEU X 38 23.16 -11.79 -49.20
C LEU X 38 21.91 -12.45 -49.77
N LEU X 39 21.54 -13.60 -49.21
CA LEU X 39 20.34 -14.29 -49.65
C LEU X 39 19.12 -13.44 -49.37
N ALA X 40 19.08 -12.82 -48.19
CA ALA X 40 17.96 -11.98 -47.82
C ALA X 40 17.82 -10.80 -48.76
N TRP X 41 18.94 -10.18 -49.15
CA TRP X 41 18.88 -9.05 -50.06
C TRP X 41 18.43 -9.48 -51.45
N LEU X 42 18.90 -10.64 -51.92
CA LEU X 42 18.44 -11.15 -53.20
C LEU X 42 16.96 -11.47 -53.15
N TYR X 43 16.47 -12.02 -52.04
CA TYR X 43 15.06 -12.38 -51.96
C TYR X 43 14.17 -11.18 -51.65
N ARG X 44 14.57 -10.31 -50.73
CA ARG X 44 13.70 -9.23 -50.26
C ARG X 44 14.55 -8.01 -49.92
N PRO X 45 15.02 -7.28 -50.94
CA PRO X 45 15.84 -6.10 -50.67
C PRO X 45 15.06 -5.07 -49.88
N TRP X 46 15.70 -4.52 -48.85
CA TRP X 46 15.01 -3.71 -47.85
C TRP X 46 15.43 -2.24 -47.84
N LEU X 47 16.36 -1.84 -48.70
CA LEU X 47 16.77 -0.44 -48.78
C LEU X 47 16.65 0.10 -50.21
N THR Y 3 45.27 17.17 -29.29
CA THR Y 3 46.46 17.33 -28.47
C THR Y 3 46.30 16.63 -27.12
N MET Y 4 46.50 15.31 -27.11
CA MET Y 4 46.38 14.54 -25.89
C MET Y 4 47.61 14.77 -25.00
N ASN Y 5 47.48 14.39 -23.73
CA ASN Y 5 48.57 14.52 -22.77
C ASN Y 5 49.45 13.28 -22.79
N ALA Y 6 50.75 13.49 -22.53
CA ALA Y 6 51.72 12.41 -22.62
C ALA Y 6 51.53 11.36 -21.53
N ASN Y 7 51.07 11.78 -20.35
CA ASN Y 7 50.87 10.86 -19.23
C ASN Y 7 49.41 10.49 -19.04
N LEU Y 8 48.58 10.64 -20.07
CA LEU Y 8 47.19 10.22 -19.97
C LEU Y 8 47.06 8.72 -19.71
N TYR Y 9 48.09 7.93 -20.06
CA TYR Y 9 48.04 6.50 -19.81
C TYR Y 9 47.91 6.19 -18.33
N LYS Y 10 48.36 7.10 -17.46
CA LYS Y 10 48.24 6.90 -16.01
C LYS Y 10 46.79 6.90 -15.53
N ILE Y 11 45.82 7.12 -16.44
CA ILE Y 11 44.42 7.04 -16.05
C ILE Y 11 44.08 5.62 -15.59
N TRP Y 12 44.81 4.62 -16.08
CA TRP Y 12 44.55 3.24 -15.72
C TRP Y 12 45.17 2.86 -14.39
N LEU Y 13 46.05 3.71 -13.85
CA LEU Y 13 46.45 3.61 -12.46
C LEU Y 13 45.36 4.12 -11.51
N ILE Y 14 44.32 4.75 -12.04
CA ILE Y 14 43.22 5.31 -11.26
C ILE Y 14 41.94 4.49 -11.44
N LEU Y 15 41.57 4.23 -12.68
CA LEU Y 15 40.33 3.53 -13.00
C LEU Y 15 40.62 2.09 -13.40
N ASP Y 16 39.81 1.17 -12.89
CA ASP Y 16 39.95 -0.25 -13.23
C ASP Y 16 39.81 -0.44 -14.73
N PRO Y 17 40.84 -0.94 -15.42
CA PRO Y 17 40.70 -1.16 -16.87
C PRO Y 17 39.66 -2.21 -17.22
N ARG Y 18 39.37 -3.12 -16.30
CA ARG Y 18 38.39 -4.17 -16.56
C ARG Y 18 36.98 -3.64 -16.45
N ARG Y 19 36.71 -2.84 -15.41
CA ARG Y 19 35.37 -2.32 -15.21
C ARG Y 19 35.01 -1.27 -16.26
N VAL Y 20 35.98 -0.46 -16.69
CA VAL Y 20 35.71 0.49 -17.77
C VAL Y 20 35.38 -0.27 -19.05
N LEU Y 21 36.16 -1.31 -19.37
CA LEU Y 21 35.92 -2.08 -20.58
C LEU Y 21 34.53 -2.69 -20.59
N VAL Y 22 34.16 -3.38 -19.50
CA VAL Y 22 32.86 -4.01 -19.44
C VAL Y 22 31.75 -2.97 -19.40
N SER Y 23 32.01 -1.82 -18.79
CA SER Y 23 31.01 -0.74 -18.80
C SER Y 23 30.85 -0.14 -20.19
N ILE Y 24 31.97 0.05 -20.90
CA ILE Y 24 31.91 0.57 -22.26
C ILE Y 24 31.09 -0.34 -23.15
N VAL Y 25 31.37 -1.65 -23.12
CA VAL Y 25 30.62 -2.58 -23.97
C VAL Y 25 29.13 -2.55 -23.63
N ALA Y 26 28.81 -2.51 -22.33
CA ALA Y 26 27.41 -2.52 -21.92
C ALA Y 26 26.69 -1.25 -22.35
N PHE Y 27 27.30 -0.09 -22.09
CA PHE Y 27 26.71 1.18 -22.48
C PHE Y 27 26.52 1.27 -23.99
N GLN Y 28 27.51 0.84 -24.76
CA GLN Y 28 27.43 0.98 -26.20
C GLN Y 28 26.33 0.10 -26.79
N ILE Y 29 26.19 -1.12 -26.26
CA ILE Y 29 25.14 -2.00 -26.75
C ILE Y 29 23.77 -1.43 -26.44
N VAL Y 30 23.56 -0.98 -25.19
CA VAL Y 30 22.30 -0.35 -24.81
C VAL Y 30 22.06 0.90 -25.66
N LEU Y 31 23.12 1.70 -25.89
CA LEU Y 31 22.98 2.89 -26.72
C LEU Y 31 22.59 2.53 -28.15
N GLY Y 32 23.21 1.50 -28.72
CA GLY Y 32 22.92 1.13 -30.10
C GLY Y 32 21.50 0.61 -30.25
N LEU Y 33 21.04 -0.20 -29.31
CA LEU Y 33 19.65 -0.62 -29.31
C LEU Y 33 18.72 0.60 -29.18
N LEU Y 34 19.04 1.52 -28.27
CA LEU Y 34 18.19 2.68 -28.04
C LEU Y 34 18.13 3.57 -29.27
N ILE Y 35 19.29 3.85 -29.88
CA ILE Y 35 19.31 4.73 -31.04
C ILE Y 35 18.54 4.12 -32.21
N HIS Y 36 18.74 2.81 -32.48
CA HIS Y 36 17.97 2.18 -33.55
C HIS Y 36 16.47 2.32 -33.30
N MET Y 37 16.04 2.09 -32.05
CA MET Y 37 14.62 2.20 -31.73
C MET Y 37 14.11 3.64 -31.88
N ILE Y 38 14.91 4.63 -31.46
CA ILE Y 38 14.53 6.03 -31.64
C ILE Y 38 14.34 6.35 -33.11
N VAL Y 39 15.31 5.99 -33.95
CA VAL Y 39 15.23 6.30 -35.38
C VAL Y 39 14.05 5.57 -36.01
N LEU Y 40 13.84 4.29 -35.66
CA LEU Y 40 12.68 3.55 -36.18
C LEU Y 40 11.37 4.20 -35.76
N SER Y 41 11.37 5.00 -34.69
CA SER Y 41 10.17 5.66 -34.23
C SER Y 41 9.95 7.01 -34.90
N THR Y 42 10.76 7.39 -35.88
CA THR Y 42 10.62 8.66 -36.58
C THR Y 42 10.40 8.43 -38.08
N ASP Y 43 10.35 9.56 -38.80
CA ASP Y 43 10.28 9.58 -40.25
C ASP Y 43 11.42 8.82 -40.92
N LEU Y 44 12.54 8.64 -40.23
CA LEU Y 44 13.69 8.01 -40.86
C LEU Y 44 13.58 6.49 -40.94
N ASN Y 45 12.58 5.89 -40.28
CA ASN Y 45 12.32 4.45 -40.31
C ASN Y 45 12.53 3.87 -41.69
N TRP Y 46 13.44 2.89 -41.78
CA TRP Y 46 13.88 2.32 -43.05
C TRP Y 46 13.30 0.93 -43.31
N LEU Y 47 12.48 0.41 -42.41
CA LEU Y 47 11.90 -0.92 -42.52
C LEU Y 47 10.46 -0.88 -43.03
N ASP Y 48 9.66 0.03 -42.48
CA ASP Y 48 8.25 0.15 -42.80
C ASP Y 48 7.96 1.29 -43.77
N ASP Y 49 8.95 1.70 -44.56
CA ASP Y 49 8.80 2.81 -45.49
C ASP Y 49 8.38 2.37 -46.89
N ASN Y 50 8.17 1.06 -47.11
CA ASN Y 50 7.82 0.50 -48.41
C ASN Y 50 8.83 0.86 -49.49
N ILE Y 51 10.07 1.10 -49.08
CA ILE Y 51 11.18 1.33 -50.01
C ILE Y 51 12.10 0.11 -49.93
N PRO Y 52 12.45 -0.53 -51.07
CA PRO Y 52 12.12 -0.13 -52.44
C PRO Y 52 10.67 -0.39 -52.85
N VAL Y 53 10.02 -1.40 -52.25
CA VAL Y 53 8.64 -1.71 -52.55
C VAL Y 53 7.93 -2.13 -51.27
N SER Y 54 6.59 -2.08 -51.31
CA SER Y 54 5.76 -2.68 -50.27
C SER Y 54 5.64 -4.16 -50.57
N TYR Y 55 6.15 -5.00 -49.67
CA TYR Y 55 6.11 -6.43 -49.91
C TYR Y 55 4.78 -7.05 -49.48
N GLN Y 56 4.01 -6.34 -48.65
CA GLN Y 56 2.65 -6.80 -48.39
C GLN Y 56 1.75 -6.55 -49.59
N ALA Y 57 2.04 -5.51 -50.37
CA ALA Y 57 1.25 -5.21 -51.57
C ALA Y 57 1.43 -6.26 -52.65
N LEU Y 58 2.48 -7.07 -52.58
CA LEU Y 58 2.62 -8.19 -53.51
C LEU Y 58 1.56 -9.25 -53.28
N GLY Y 59 1.13 -9.44 -52.04
CA GLY Y 59 0.09 -10.40 -51.73
C GLY Y 59 -1.31 -9.80 -51.78
N THR Z 8 44.84 0.27 -8.50
CA THR Z 8 44.39 -0.75 -9.45
C THR Z 8 45.26 -1.99 -9.41
N GLY Z 9 46.54 -1.80 -9.06
CA GLY Z 9 47.52 -2.84 -9.08
C GLY Z 9 48.38 -2.86 -10.32
N LEU Z 10 47.97 -2.17 -11.38
CA LEU Z 10 48.78 -2.06 -12.59
C LEU Z 10 50.08 -1.33 -12.28
N THR Z 11 51.17 -1.83 -12.84
CA THR Z 11 52.40 -1.05 -12.80
C THR Z 11 52.29 0.10 -13.81
N ASP Z 12 53.30 0.98 -13.78
CA ASP Z 12 53.30 2.13 -14.68
C ASP Z 12 53.41 1.69 -16.14
N ASP Z 13 54.19 0.64 -16.41
CA ASP Z 13 54.31 0.12 -17.76
C ASP Z 13 53.06 -0.63 -18.19
N GLU Z 14 52.40 -1.32 -17.25
CA GLU Z 14 51.16 -2.01 -17.59
C GLU Z 14 50.06 -1.03 -17.97
N ALA Z 15 50.14 0.21 -17.47
CA ALA Z 15 49.20 1.23 -17.92
C ALA Z 15 49.57 1.73 -19.31
N LYS Z 16 50.87 1.93 -19.57
CA LYS Z 16 51.30 2.30 -20.91
C LYS Z 16 50.85 1.28 -21.95
N GLU Z 17 51.00 0.00 -21.62
CA GLU Z 17 50.66 -1.04 -22.59
C GLU Z 17 49.15 -1.10 -22.81
N PHE Z 18 48.37 -1.14 -21.74
CA PHE Z 18 46.92 -1.15 -21.88
C PHE Z 18 46.44 0.09 -22.63
N HIS Z 19 46.97 1.26 -22.27
CA HIS Z 19 46.54 2.50 -22.92
C HIS Z 19 46.82 2.45 -24.41
N ALA Z 20 47.96 1.87 -24.81
CA ALA Z 20 48.28 1.75 -26.23
C ALA Z 20 47.23 0.92 -26.97
N ILE Z 21 46.90 -0.24 -26.41
CA ILE Z 21 45.95 -1.12 -27.09
C ILE Z 21 44.54 -0.54 -26.99
N PHE Z 22 44.21 0.11 -25.86
CA PHE Z 22 42.90 0.72 -25.70
C PHE Z 22 42.67 1.81 -26.73
N MET Z 23 43.63 2.73 -26.87
CA MET Z 23 43.45 3.86 -27.77
C MET Z 23 43.36 3.41 -29.23
N GLN Z 24 44.22 2.47 -29.64
CA GLN Z 24 44.10 1.93 -30.99
C GLN Z 24 42.76 1.24 -31.18
N SER Z 25 42.31 0.49 -30.17
CA SER Z 25 41.03 -0.20 -30.27
C SER Z 25 39.88 0.79 -30.37
N MET Z 26 39.86 1.80 -29.50
CA MET Z 26 38.80 2.80 -29.53
C MET Z 26 38.81 3.58 -30.84
N TYR Z 27 39.99 4.01 -31.28
CA TYR Z 27 40.09 4.69 -32.57
C TYR Z 27 39.60 3.79 -33.69
N ALA Z 28 39.93 2.50 -33.64
CA ALA Z 28 39.44 1.55 -34.62
C ALA Z 28 37.92 1.50 -34.60
N TRP Z 29 37.32 1.40 -33.41
CA TRP Z 29 35.87 1.42 -33.29
C TRP Z 29 35.30 2.71 -33.84
N PHE Z 30 35.95 3.84 -33.55
CA PHE Z 30 35.45 5.13 -34.01
C PHE Z 30 35.52 5.25 -35.53
N GLY Z 31 36.48 4.58 -36.17
CA GLY Z 31 36.55 4.61 -37.63
C GLY Z 31 35.39 3.89 -38.28
N LEU Z 32 34.93 2.80 -37.65
CA LEU Z 32 33.74 2.10 -38.15
C LEU Z 32 32.50 2.97 -38.04
N VAL Z 33 32.36 3.69 -36.92
CA VAL Z 33 31.19 4.55 -36.74
C VAL Z 33 31.14 5.63 -37.81
N VAL Z 34 32.30 6.19 -38.16
CA VAL Z 34 32.35 7.19 -39.22
C VAL Z 34 31.92 6.60 -40.55
N ILE Z 35 32.39 5.39 -40.88
CA ILE Z 35 32.03 4.78 -42.17
C ILE Z 35 30.54 4.48 -42.21
N ALA Z 36 29.99 3.96 -41.11
CA ALA Z 36 28.56 3.67 -41.08
C ALA Z 36 27.75 4.96 -41.21
N HIS Z 37 28.24 6.05 -40.64
CA HIS Z 37 27.50 7.30 -40.73
C HIS Z 37 27.66 7.96 -42.10
N LEU Z 38 28.81 7.76 -42.76
CA LEU Z 38 28.95 8.20 -44.15
C LEU Z 38 28.00 7.44 -45.06
N LEU Z 39 27.98 6.11 -44.93
CA LEU Z 39 27.02 5.31 -45.68
C LEU Z 39 25.59 5.76 -45.41
N ALA Z 40 25.26 6.01 -44.14
CA ALA Z 40 23.90 6.42 -43.79
C ALA Z 40 23.56 7.80 -44.34
N TRP Z 41 24.52 8.74 -44.27
CA TRP Z 41 24.24 10.07 -44.81
C TRP Z 41 23.98 10.01 -46.31
N LEU Z 42 24.74 9.19 -47.03
CA LEU Z 42 24.53 9.07 -48.47
C LEU Z 42 23.18 8.43 -48.78
N TYR Z 43 22.76 7.46 -47.97
CA TYR Z 43 21.50 6.77 -48.26
C TYR Z 43 20.30 7.60 -47.82
N ARG Z 44 20.36 8.22 -46.65
CA ARG Z 44 19.20 8.88 -46.05
C ARG Z 44 19.69 10.05 -45.22
N PRO Z 45 20.13 11.14 -45.87
CA PRO Z 45 20.61 12.30 -45.12
C PRO Z 45 19.51 12.85 -44.23
N TRP Z 46 19.82 13.09 -42.96
CA TRP Z 46 18.84 13.43 -41.95
C TRP Z 46 18.87 14.89 -41.53
N LEU Z 47 19.81 15.67 -42.07
CA LEU Z 47 19.88 17.09 -41.78
C LEU Z 47 19.82 17.89 -43.08
N MET AA 4 44.24 31.86 -13.37
CA MET AA 4 43.78 31.37 -12.08
C MET AA 4 44.83 31.62 -11.00
N ASN AA 5 44.94 30.68 -10.06
CA ASN AA 5 45.91 30.75 -8.98
C ASN AA 5 46.98 29.69 -9.17
N ALA AA 6 48.20 29.99 -8.70
CA ALA AA 6 49.32 29.10 -8.90
C ALA AA 6 49.18 27.81 -8.10
N ASN AA 7 48.48 27.85 -6.96
CA ASN AA 7 48.35 26.69 -6.09
C ASN AA 7 46.97 26.05 -6.17
N LEU AA 8 46.23 26.26 -7.26
CA LEU AA 8 44.93 25.60 -7.40
C LEU AA 8 45.05 24.09 -7.39
N TYR AA 9 46.22 23.55 -7.78
CA TYR AA 9 46.40 22.10 -7.83
C TYR AA 9 46.13 21.44 -6.49
N LYS AA 10 46.36 22.16 -5.39
CA LYS AA 10 46.18 21.60 -4.06
C LYS AA 10 44.75 21.16 -3.78
N ILE AA 11 43.79 21.50 -4.64
CA ILE AA 11 42.43 21.00 -4.49
C ILE AA 11 42.42 19.48 -4.45
N TRP AA 12 43.38 18.83 -5.09
CA TRP AA 12 43.43 17.37 -5.09
C TRP AA 12 44.01 16.81 -3.80
N LEU AA 13 44.61 17.66 -2.96
CA LEU AA 13 44.85 17.30 -1.58
C LEU AA 13 43.57 17.32 -0.74
N ILE AA 14 42.53 17.97 -1.24
CA ILE AA 14 41.26 18.11 -0.51
C ILE AA 14 40.19 17.17 -1.05
N LEU AA 15 39.97 17.18 -2.36
CA LEU AA 15 38.95 16.33 -2.99
C LEU AA 15 39.59 15.08 -3.57
N ASP AA 16 38.90 13.95 -3.42
CA ASP AA 16 39.38 12.68 -3.95
C ASP AA 16 39.40 12.71 -5.47
N PRO AA 17 40.57 12.61 -6.11
CA PRO AA 17 40.60 12.68 -7.59
C PRO AA 17 39.71 11.67 -8.30
N ARG AA 18 39.70 10.42 -7.86
CA ARG AA 18 38.99 9.38 -8.61
C ARG AA 18 37.48 9.57 -8.54
N ARG AA 19 36.97 9.77 -7.35
CA ARG AA 19 35.57 9.95 -7.18
C ARG AA 19 35.14 11.11 -8.00
N VAL AA 20 35.96 12.15 -8.01
CA VAL AA 20 35.63 13.32 -8.77
C VAL AA 20 35.53 12.99 -10.24
N LEU AA 21 36.47 12.22 -10.73
CA LEU AA 21 36.50 11.81 -12.09
C LEU AA 21 35.23 11.09 -12.41
N VAL AA 22 34.92 10.08 -11.62
CA VAL AA 22 33.76 9.27 -11.85
C VAL AA 22 32.47 10.05 -11.82
N SER AA 23 32.36 11.02 -10.93
CA SER AA 23 31.19 11.82 -10.87
C SER AA 23 31.01 12.66 -12.10
N ILE AA 24 32.08 13.11 -12.70
CA ILE AA 24 31.96 13.90 -13.88
C ILE AA 24 31.43 13.07 -15.03
N VAL AA 25 32.01 11.91 -15.26
CA VAL AA 25 31.54 11.05 -16.35
C VAL AA 25 30.05 10.75 -16.20
N ALA AA 26 29.60 10.50 -14.97
CA ALA AA 26 28.20 10.16 -14.76
C ALA AA 26 27.30 11.36 -15.03
N PHE AA 27 27.67 12.52 -14.49
CA PHE AA 27 26.91 13.74 -14.74
C PHE AA 27 26.83 14.06 -16.22
N GLN AA 28 27.96 13.95 -16.94
CA GLN AA 28 27.99 14.32 -18.36
C GLN AA 28 27.13 13.38 -19.19
N ILE AA 29 27.20 12.07 -18.96
CA ILE AA 29 26.39 11.14 -19.74
C ILE AA 29 24.90 11.41 -19.51
N VAL AA 30 24.53 11.65 -18.24
CA VAL AA 30 23.13 11.92 -17.93
C VAL AA 30 22.70 13.27 -18.50
N LEU AA 31 23.55 14.29 -18.36
CA LEU AA 31 23.24 15.59 -18.94
C LEU AA 31 23.06 15.47 -20.46
N GLY AA 32 23.91 14.68 -21.12
CA GLY AA 32 23.81 14.57 -22.57
C GLY AA 32 22.54 13.87 -23.01
N LEU AA 33 22.15 12.80 -22.32
CA LEU AA 33 20.87 12.17 -22.60
C LEU AA 33 19.72 13.12 -22.31
N LEU AA 34 19.82 13.88 -21.22
CA LEU AA 34 18.75 14.79 -20.83
C LEU AA 34 18.59 15.93 -21.85
N ILE AA 35 19.70 16.55 -22.26
CA ILE AA 35 19.63 17.71 -23.14
C ILE AA 35 19.11 17.30 -24.53
N HIS AA 36 19.57 16.16 -25.05
CA HIS AA 36 19.05 15.69 -26.33
C HIS AA 36 17.54 15.46 -26.25
N MET AA 37 17.07 14.85 -25.16
CA MET AA 37 15.64 14.63 -25.00
C MET AA 37 14.89 15.96 -24.92
N ILE AA 38 15.42 16.90 -24.16
CA ILE AA 38 14.77 18.20 -24.02
C ILE AA 38 14.68 18.90 -25.37
N VAL AA 39 15.78 18.92 -26.12
CA VAL AA 39 15.78 19.54 -27.44
C VAL AA 39 14.84 18.82 -28.39
N LEU AA 40 14.78 17.48 -28.30
CA LEU AA 40 13.89 16.73 -29.19
C LEU AA 40 12.42 17.01 -28.92
N SER AA 41 12.08 17.54 -27.74
CA SER AA 41 10.70 17.87 -27.44
C SER AA 41 10.36 19.33 -27.70
N THR AA 42 11.27 20.08 -28.31
CA THR AA 42 11.02 21.47 -28.68
C THR AA 42 10.96 21.59 -30.20
N ASP AA 43 10.74 22.83 -30.64
CA ASP AA 43 10.69 23.16 -32.07
C ASP AA 43 12.01 22.86 -32.78
N LEU AA 44 13.10 22.71 -32.05
CA LEU AA 44 14.41 22.42 -32.64
C LEU AA 44 14.56 20.96 -33.06
N ASN AA 45 13.56 20.11 -32.83
CA ASN AA 45 13.60 18.70 -33.17
C ASN AA 45 14.09 18.47 -34.61
N TRP AA 46 15.20 17.74 -34.74
CA TRP AA 46 15.84 17.50 -36.04
C TRP AA 46 15.51 16.15 -36.64
N LEU AA 47 14.78 15.28 -35.93
CA LEU AA 47 14.48 13.95 -36.45
C LEU AA 47 13.15 13.88 -37.19
N ASP AA 48 12.10 14.46 -36.61
CA ASP AA 48 10.77 14.44 -37.19
C ASP AA 48 10.38 15.79 -37.81
N ASP AA 49 11.37 16.51 -38.35
CA ASP AA 49 11.11 17.80 -38.99
C ASP AA 49 10.98 17.70 -40.50
N ASN AA 50 11.10 16.49 -41.06
CA ASN AA 50 11.00 16.28 -42.51
C ASN AA 50 12.02 17.10 -43.27
N ILE AA 51 13.18 17.31 -42.68
CA ILE AA 51 14.30 17.99 -43.31
C ILE AA 51 15.42 16.98 -43.47
N PRO AA 52 16.03 16.83 -44.67
CA PRO AA 52 15.77 17.62 -45.88
C PRO AA 52 14.49 17.22 -46.63
N VAL AA 53 14.01 15.99 -46.41
CA VAL AA 53 12.78 15.50 -47.01
C VAL AA 53 12.03 14.67 -45.97
N SER AA 54 10.79 14.35 -46.30
CA SER AA 54 10.03 13.33 -45.58
C SER AA 54 10.25 12.00 -46.28
N TYR AA 55 10.82 11.04 -45.56
CA TYR AA 55 11.12 9.75 -46.18
C TYR AA 55 9.93 8.81 -46.16
N GLN AA 56 8.94 9.07 -45.32
CA GLN AA 56 7.70 8.30 -45.36
C GLN AA 56 6.76 8.78 -46.46
N ALA AA 57 6.88 10.04 -46.89
CA ALA AA 57 6.15 10.50 -48.06
C ALA AA 57 6.64 9.84 -49.34
N LEU AA 58 7.83 9.23 -49.31
CA LEU AA 58 8.32 8.51 -50.49
C LEU AA 58 7.56 7.21 -50.71
N GLY AA 59 7.00 6.62 -49.66
CA GLY AA 59 6.29 5.36 -49.78
C GLY AA 59 4.99 5.47 -50.55
N LEU BA 7 45.72 14.59 2.86
CA LEU BA 7 44.33 14.49 3.31
C LEU BA 7 43.53 13.61 2.36
N THR BA 8 43.97 13.57 1.10
CA THR BA 8 43.46 12.63 0.12
C THR BA 8 44.41 11.49 -0.17
N GLY BA 9 45.51 11.44 0.60
CA GLY BA 9 46.53 10.42 0.42
C GLY BA 9 47.40 10.72 -0.77
N LEU BA 10 47.33 11.96 -1.25
CA LEU BA 10 48.08 12.37 -2.42
C LEU BA 10 49.21 13.34 -2.08
N THR BA 11 50.41 13.03 -2.59
CA THR BA 11 51.60 13.83 -2.37
C THR BA 11 51.49 15.15 -3.12
N ASP BA 12 52.16 16.18 -2.64
CA ASP BA 12 52.06 17.49 -3.30
C ASP BA 12 52.45 17.40 -4.77
N ASP BA 13 53.41 16.53 -5.10
CA ASP BA 13 53.80 16.36 -6.50
C ASP BA 13 52.76 15.58 -7.28
N GLU BA 14 52.09 14.62 -6.63
CA GLU BA 14 51.04 13.87 -7.30
C GLU BA 14 49.85 14.78 -7.61
N ALA BA 15 49.43 15.61 -6.66
CA ALA BA 15 48.33 16.53 -6.90
C ALA BA 15 48.67 17.54 -7.99
N LYS BA 16 49.94 17.88 -8.13
CA LYS BA 16 50.35 18.79 -9.19
C LYS BA 16 50.28 18.12 -10.55
N GLU BA 17 50.65 16.83 -10.62
CA GLU BA 17 50.63 16.14 -11.90
C GLU BA 17 49.21 15.81 -12.32
N PHE BA 18 48.39 15.33 -11.38
CA PHE BA 18 46.99 15.06 -11.69
C PHE BA 18 46.28 16.32 -12.14
N HIS BA 19 46.63 17.46 -11.57
CA HIS BA 19 45.99 18.72 -11.97
C HIS BA 19 46.36 19.08 -13.40
N ALA BA 20 47.63 18.89 -13.77
CA ALA BA 20 48.05 19.21 -15.13
C ALA BA 20 47.31 18.37 -16.16
N ILE BA 21 47.17 17.07 -15.89
CA ILE BA 21 46.49 16.17 -16.81
C ILE BA 21 44.99 16.43 -16.79
N PHE BA 22 44.44 16.77 -15.61
CA PHE BA 22 43.02 17.08 -15.50
C PHE BA 22 42.64 18.31 -16.32
N MET BA 23 43.43 19.37 -16.20
CA MET BA 23 43.12 20.63 -16.89
C MET BA 23 43.26 20.49 -18.40
N GLN BA 24 44.31 19.81 -18.87
CA GLN BA 24 44.49 19.60 -20.29
C GLN BA 24 43.36 18.76 -20.87
N SER BA 25 42.83 17.81 -20.09
CA SER BA 25 41.74 16.97 -20.55
C SER BA 25 40.41 17.71 -20.50
N MET BA 26 40.16 18.46 -19.42
CA MET BA 26 38.93 19.25 -19.33
C MET BA 26 38.92 20.34 -20.39
N TYR BA 27 40.07 20.95 -20.67
CA TYR BA 27 40.13 21.95 -21.73
C TYR BA 27 39.87 21.32 -23.08
N ALA BA 28 40.36 20.10 -23.30
CA ALA BA 28 40.15 19.43 -24.58
C ALA BA 28 38.70 19.00 -24.75
N TRP BA 29 38.05 18.55 -23.67
CA TRP BA 29 36.63 18.23 -23.76
C TRP BA 29 35.81 19.48 -24.04
N PHE BA 30 36.13 20.58 -23.37
CA PHE BA 30 35.45 21.85 -23.65
C PHE BA 30 35.65 22.27 -25.10
N GLY BA 31 36.83 22.00 -25.66
CA GLY BA 31 37.07 22.33 -27.06
C GLY BA 31 36.13 21.61 -28.00
N LEU BA 32 35.92 20.31 -27.77
CA LEU BA 32 34.98 19.55 -28.60
C LEU BA 32 33.56 20.08 -28.45
N VAL BA 33 33.19 20.48 -27.24
CA VAL BA 33 31.87 21.08 -27.01
C VAL BA 33 31.69 22.34 -27.85
N VAL BA 34 32.74 23.16 -27.93
CA VAL BA 34 32.64 24.38 -28.72
C VAL BA 34 32.54 24.06 -30.20
N ILE BA 35 33.33 23.10 -30.69
CA ILE BA 35 33.22 22.65 -32.08
C ILE BA 35 31.81 22.15 -32.36
N ALA BA 36 31.27 21.32 -31.47
CA ALA BA 36 29.95 20.77 -31.69
C ALA BA 36 28.89 21.87 -31.66
N HIS BA 37 29.03 22.82 -30.74
CA HIS BA 37 28.07 23.91 -30.68
C HIS BA 37 28.26 24.89 -31.85
N LEU BA 38 29.49 25.03 -32.33
CA LEU BA 38 29.72 25.78 -33.57
C LEU BA 38 28.99 25.11 -34.73
N LEU BA 39 29.24 23.81 -34.94
CA LEU BA 39 28.53 23.08 -35.98
C LEU BA 39 27.02 23.21 -35.84
N ALA BA 40 26.51 23.09 -34.60
CA ALA BA 40 25.07 23.16 -34.39
C ALA BA 40 24.53 24.56 -34.65
N TRP BA 41 25.32 25.60 -34.32
CA TRP BA 41 24.85 26.96 -34.54
C TRP BA 41 24.75 27.29 -36.02
N LEU BA 42 25.74 26.84 -36.81
CA LEU BA 42 25.69 27.05 -38.25
C LEU BA 42 24.45 26.40 -38.87
N TYR BA 43 24.12 25.18 -38.44
CA TYR BA 43 23.05 24.45 -39.09
C TYR BA 43 21.67 24.89 -38.59
N ARG BA 44 21.54 25.19 -37.30
CA ARG BA 44 20.25 25.46 -36.69
C ARG BA 44 20.42 26.48 -35.56
N PRO BA 45 20.60 27.75 -35.91
CA PRO BA 45 20.72 28.78 -34.87
C PRO BA 45 19.45 28.82 -34.02
N TRP BA 46 19.64 28.77 -32.70
CA TRP BA 46 18.52 28.64 -31.77
C TRP BA 46 18.20 29.93 -31.03
N LEU BA 47 19.02 30.96 -31.19
CA LEU BA 47 18.78 32.26 -30.57
C LEU BA 47 18.62 33.36 -31.62
N MET CA 4 36.02 44.34 4.11
CA MET CA 4 36.17 43.01 4.68
C MET CA 4 37.25 43.00 5.77
N ASN CA 5 36.99 42.25 6.84
CA ASN CA 5 37.88 42.21 7.99
C ASN CA 5 39.22 41.58 7.63
N ALA CA 6 40.27 42.07 8.30
CA ALA CA 6 41.62 41.60 7.99
C ALA CA 6 41.81 40.12 8.31
N ASN CA 7 41.16 39.62 9.37
CA ASN CA 7 41.38 38.24 9.82
C ASN CA 7 40.26 37.31 9.38
N LEU CA 8 39.61 37.60 8.25
CA LEU CA 8 38.52 36.76 7.78
C LEU CA 8 38.98 35.34 7.49
N TYR CA 9 40.26 35.14 7.15
CA TYR CA 9 40.81 33.82 6.94
C TYR CA 9 40.63 32.90 8.15
N LYS CA 10 40.48 33.46 9.36
CA LYS CA 10 40.21 32.62 10.53
C LYS CA 10 38.86 31.88 10.44
N ILE CA 11 38.06 32.10 9.40
CA ILE CA 11 36.84 31.30 9.26
C ILE CA 11 37.18 29.83 9.05
N TRP CA 12 38.32 29.52 8.44
CA TRP CA 12 38.70 28.14 8.18
C TRP CA 12 39.38 27.48 9.37
N LEU CA 13 39.60 28.22 10.45
CA LEU CA 13 39.92 27.60 11.73
C LEU CA 13 38.67 27.13 12.45
N ILE CA 14 37.49 27.54 12.00
CA ILE CA 14 36.24 27.15 12.64
C ILE CA 14 35.25 26.47 11.70
N LEU CA 15 35.40 26.56 10.38
CA LEU CA 15 34.52 25.88 9.43
C LEU CA 15 35.34 24.97 8.53
N ASP CA 16 34.90 23.72 8.39
CA ASP CA 16 35.59 22.74 7.59
C ASP CA 16 35.71 23.19 6.13
N PRO CA 17 36.93 23.41 5.61
CA PRO CA 17 37.07 23.79 4.20
C PRO CA 17 36.44 22.80 3.23
N ARG CA 18 36.64 21.49 3.46
CA ARG CA 18 36.13 20.50 2.51
C ARG CA 18 34.61 20.46 2.55
N ARG CA 19 34.02 20.60 3.73
CA ARG CA 19 32.57 20.59 3.83
C ARG CA 19 31.95 21.80 3.13
N VAL CA 20 32.57 22.96 3.26
CA VAL CA 20 32.04 24.17 2.61
C VAL CA 20 32.11 24.04 1.09
N LEU CA 21 33.23 23.53 0.57
CA LEU CA 21 33.39 23.43 -0.88
C LEU CA 21 32.34 22.49 -1.48
N VAL CA 22 32.17 21.32 -0.86
CA VAL CA 22 31.15 20.39 -1.32
C VAL CA 22 29.76 21.02 -1.21
N SER CA 23 29.51 21.75 -0.12
CA SER CA 23 28.20 22.37 0.06
C SER CA 23 27.93 23.43 -1.01
N ILE CA 24 28.93 24.25 -1.33
CA ILE CA 24 28.76 25.24 -2.39
C ILE CA 24 28.50 24.55 -3.72
N VAL CA 25 29.30 23.53 -4.04
CA VAL CA 25 29.14 22.84 -5.32
C VAL CA 25 27.75 22.25 -5.45
N ALA CA 26 27.30 21.53 -4.41
CA ALA CA 26 25.96 20.94 -4.47
C ALA CA 26 24.89 22.01 -4.63
N PHE CA 27 24.98 23.07 -3.82
CA PHE CA 27 24.00 24.17 -3.90
C PHE CA 27 23.95 24.77 -5.30
N GLN CA 28 25.10 25.00 -5.93
CA GLN CA 28 25.13 25.72 -7.20
C GLN CA 28 24.52 24.89 -8.33
N ILE CA 29 24.85 23.60 -8.41
CA ILE CA 29 24.29 22.76 -9.47
C ILE CA 29 22.78 22.68 -9.33
N VAL CA 30 22.28 22.58 -8.09
CA VAL CA 30 20.84 22.54 -7.90
C VAL CA 30 20.22 23.88 -8.29
N LEU CA 31 20.83 24.98 -7.86
CA LEU CA 31 20.31 26.31 -8.20
C LEU CA 31 20.31 26.53 -9.71
N GLY CA 32 21.42 26.17 -10.37
CA GLY CA 32 21.50 26.31 -11.82
C GLY CA 32 20.40 25.56 -12.54
N LEU CA 33 20.15 24.31 -12.15
CA LEU CA 33 19.04 23.56 -12.73
C LEU CA 33 17.70 24.20 -12.41
N LEU CA 34 17.54 24.71 -11.18
CA LEU CA 34 16.27 25.32 -10.79
C LEU CA 34 15.99 26.59 -11.60
N ILE CA 35 17.01 27.44 -11.77
CA ILE CA 35 16.79 28.72 -12.43
C ILE CA 35 16.52 28.52 -13.91
N HIS CA 36 17.23 27.58 -14.54
CA HIS CA 36 16.98 27.31 -15.96
C HIS CA 36 15.56 26.81 -16.19
N MET CA 37 15.05 25.95 -15.31
CA MET CA 37 13.69 25.47 -15.49
CA MET CA 37 13.68 25.46 -15.48
C MET CA 37 12.66 26.54 -15.15
N ILE CA 38 12.95 27.37 -14.16
CA ILE CA 38 12.07 28.50 -13.86
C ILE CA 38 11.99 29.42 -15.07
N VAL CA 39 13.15 29.85 -15.59
CA VAL CA 39 13.17 30.76 -16.73
C VAL CA 39 12.46 30.15 -17.94
N LEU CA 40 12.64 28.84 -18.17
CA LEU CA 40 11.96 28.20 -19.31
C LEU CA 40 10.45 28.13 -19.13
N SER CA 41 9.95 28.15 -17.90
CA SER CA 41 8.51 28.15 -17.65
C SER CA 41 7.86 29.52 -17.88
N THR CA 42 8.63 30.54 -18.27
CA THR CA 42 8.11 31.89 -18.43
C THR CA 42 8.29 32.37 -19.88
N ASP CA 43 7.85 33.61 -20.11
CA ASP CA 43 7.95 34.28 -21.40
C ASP CA 43 9.37 34.36 -21.92
N LEU CA 44 10.38 34.25 -21.05
CA LEU CA 44 11.76 34.34 -21.50
C LEU CA 44 12.23 33.08 -22.24
N ASN CA 45 11.45 31.99 -22.21
CA ASN CA 45 11.76 30.72 -22.85
C ASN CA 45 12.40 30.91 -24.24
N TRP CA 46 13.62 30.40 -24.38
CA TRP CA 46 14.40 30.55 -25.60
C TRP CA 46 14.40 29.29 -26.47
N LEU CA 47 13.84 28.19 -25.99
CA LEU CA 47 13.84 26.97 -26.81
C LEU CA 47 12.65 26.96 -27.76
N ASP CA 48 11.45 27.19 -27.24
CA ASP CA 48 10.22 27.08 -28.00
C ASP CA 48 9.64 28.43 -28.42
N ASP CA 49 10.50 29.45 -28.61
CA ASP CA 49 10.03 30.78 -28.96
C ASP CA 49 10.00 31.05 -30.46
N ASN CA 50 10.22 30.02 -31.29
CA ASN CA 50 10.23 30.14 -32.74
C ASN CA 50 11.15 31.26 -33.23
N ILE CA 51 12.16 31.60 -32.44
CA ILE CA 51 13.13 32.63 -32.78
C ILE CA 51 14.48 31.95 -32.91
N PRO CA 52 15.26 32.21 -33.97
CA PRO CA 52 15.05 33.18 -35.05
C PRO CA 52 13.98 32.77 -36.06
N VAL CA 53 13.68 31.47 -36.11
CA VAL CA 53 12.70 30.95 -37.05
C VAL CA 53 12.10 29.68 -36.44
N SER CA 54 10.90 29.33 -36.88
CA SER CA 54 10.29 28.06 -36.55
C SER CA 54 10.81 27.00 -37.50
N TYR CA 55 11.41 25.93 -36.96
CA TYR CA 55 12.00 24.89 -37.79
C TYR CA 55 11.03 23.77 -38.13
N GLN CA 56 9.93 23.62 -37.40
CA GLN CA 56 8.91 22.65 -37.77
C GLN CA 56 8.04 23.16 -38.91
N ALA CA 57 7.97 24.48 -39.12
CA ALA CA 57 7.26 25.01 -40.27
C ALA CA 57 7.96 24.69 -41.58
N LEU CA 58 9.22 24.28 -41.52
CA LEU CA 58 9.97 23.85 -42.71
C LEU CA 58 9.56 22.44 -43.12
N GLY CA 59 8.29 22.30 -43.48
CA GLY CA 59 7.76 21.01 -43.89
C GLY CA 59 7.05 20.27 -42.77
N SER DA 6 42.60 25.57 17.33
CA SER DA 6 42.00 25.35 16.03
C SER DA 6 40.93 24.26 16.09
N LEU DA 7 39.81 24.50 15.40
CA LEU DA 7 38.68 23.58 15.42
C LEU DA 7 38.61 22.67 14.20
N THR DA 8 39.32 23.00 13.13
CA THR DA 8 39.28 22.20 11.90
C THR DA 8 40.61 21.50 11.62
N GLY DA 9 41.57 21.59 12.55
CA GLY DA 9 42.86 20.97 12.36
C GLY DA 9 43.83 21.75 11.49
N LEU DA 10 43.39 22.85 10.89
CA LEU DA 10 44.27 23.65 10.07
C LEU DA 10 45.17 24.52 10.93
N THR DA 11 46.36 24.82 10.42
CA THR DA 11 47.20 25.78 11.09
C THR DA 11 46.85 27.19 10.62
N ASP DA 12 47.33 28.18 11.36
CA ASP DA 12 47.10 29.56 10.95
C ASP DA 12 47.66 29.83 9.57
N ASP DA 13 48.80 29.20 9.23
CA ASP DA 13 49.36 29.35 7.89
C ASP DA 13 48.52 28.65 6.84
N GLU DA 14 47.90 27.53 7.19
CA GLU DA 14 47.11 26.79 6.21
C GLU DA 14 45.79 27.50 5.93
N ALA DA 15 45.17 28.09 6.96
CA ALA DA 15 43.92 28.82 6.76
C ALA DA 15 44.15 30.08 5.93
N LYS DA 16 45.28 30.77 6.12
CA LYS DA 16 45.61 31.89 5.25
C LYS DA 16 45.72 31.44 3.79
N GLU DA 17 46.31 30.27 3.54
CA GLU DA 17 46.51 29.85 2.17
C GLU DA 17 45.19 29.44 1.52
N PHE DA 18 44.36 28.65 2.24
CA PHE DA 18 43.06 28.29 1.71
C PHE DA 18 42.24 29.53 1.37
N HIS DA 19 42.19 30.50 2.29
CA HIS DA 19 41.40 31.70 2.06
C HIS DA 19 41.82 32.41 0.78
N ALA DA 20 43.14 32.54 0.56
CA ALA DA 20 43.64 33.21 -0.64
C ALA DA 20 43.15 32.51 -1.91
N ILE DA 21 43.28 31.19 -1.97
CA ILE DA 21 42.85 30.47 -3.16
C ILE DA 21 41.33 30.47 -3.27
N PHE DA 22 40.64 30.24 -2.16
CA PHE DA 22 39.18 30.29 -2.15
C PHE DA 22 38.67 31.62 -2.69
N MET DA 23 39.25 32.73 -2.21
CA MET DA 23 38.76 34.04 -2.64
C MET DA 23 39.02 34.28 -4.12
N GLN DA 24 40.18 33.87 -4.62
CA GLN DA 24 40.48 34.05 -6.04
C GLN DA 24 39.58 33.16 -6.90
N SER DA 25 39.37 31.92 -6.48
CA SER DA 25 38.53 31.02 -7.25
C SER DA 25 37.07 31.48 -7.24
N MET DA 26 36.59 31.95 -6.08
CA MET DA 26 35.22 32.46 -6.03
C MET DA 26 35.07 33.71 -6.88
N TYR DA 27 36.03 34.64 -6.81
CA TYR DA 27 35.97 35.83 -7.64
C TYR DA 27 35.98 35.47 -9.12
N ALA DA 28 36.77 34.45 -9.50
CA ALA DA 28 36.80 34.03 -10.89
C ALA DA 28 35.47 33.42 -11.31
N TRP DA 29 34.89 32.58 -10.45
CA TRP DA 29 33.55 32.06 -10.74
C TRP DA 29 32.54 33.19 -10.82
N PHE DA 30 32.62 34.16 -9.90
CA PHE DA 30 31.68 35.28 -9.98
C PHE DA 30 31.88 36.05 -11.28
N GLY DA 31 33.13 36.14 -11.75
CA GLY DA 31 33.39 36.78 -13.03
C GLY DA 31 32.65 36.11 -14.18
N LEU DA 32 32.75 34.78 -14.27
CA LEU DA 32 32.05 34.08 -15.34
C LEU DA 32 30.54 34.28 -15.25
N VAL DA 33 30.01 34.38 -14.03
CA VAL DA 33 28.58 34.62 -13.84
C VAL DA 33 28.19 35.98 -14.40
N VAL DA 34 29.01 37.01 -14.15
CA VAL DA 34 28.69 38.34 -14.66
C VAL DA 34 28.76 38.38 -16.18
N ILE DA 35 29.78 37.74 -16.76
CA ILE DA 35 29.90 37.65 -18.22
C ILE DA 35 28.66 37.04 -18.83
N ALA DA 36 28.14 35.96 -18.23
CA ALA DA 36 26.98 35.28 -18.81
C ALA DA 36 25.72 36.12 -18.69
N HIS DA 37 25.58 36.85 -17.58
CA HIS DA 37 24.42 37.72 -17.44
C HIS DA 37 24.50 38.92 -18.39
N LEU DA 38 25.72 39.39 -18.69
CA LEU DA 38 25.86 40.46 -19.67
C LEU DA 38 25.41 39.99 -21.05
N LEU DA 39 25.94 38.86 -21.51
CA LEU DA 39 25.49 38.28 -22.78
C LEU DA 39 23.98 38.08 -22.77
N ALA DA 40 23.46 37.48 -21.69
CA ALA DA 40 22.01 37.29 -21.60
C ALA DA 40 21.28 38.62 -21.68
N TRP DA 41 21.76 39.61 -20.93
CA TRP DA 41 21.12 40.92 -20.95
C TRP DA 41 21.14 41.53 -22.35
N LEU DA 42 22.27 41.45 -23.04
CA LEU DA 42 22.38 42.02 -24.38
C LEU DA 42 21.48 41.30 -25.38
N TYR DA 43 21.30 39.98 -25.22
CA TYR DA 43 20.46 39.24 -26.14
C TYR DA 43 18.98 39.28 -25.76
N ARG DA 44 18.67 39.19 -24.46
CA ARG DA 44 17.28 39.10 -24.01
C ARG DA 44 17.15 39.84 -22.68
N PRO DA 45 17.16 41.17 -22.72
CA PRO DA 45 17.01 41.93 -21.47
C PRO DA 45 15.66 41.63 -20.84
N TRP DA 46 15.67 41.39 -19.53
CA TRP DA 46 14.48 40.90 -18.85
C TRP DA 46 13.84 41.95 -17.95
N LEU DA 47 14.48 43.10 -17.80
CA LEU DA 47 13.96 44.19 -16.96
C LEU DA 47 13.70 45.43 -17.81
N ALA EA 6 27.00 47.10 25.70
CA ALA EA 6 28.45 47.21 25.82
C ALA EA 6 29.09 45.83 26.02
N ASN EA 7 28.33 44.90 26.58
CA ASN EA 7 28.81 43.54 26.84
C ASN EA 7 28.19 42.53 25.88
N LEU EA 8 27.88 42.94 24.65
CA LEU EA 8 27.18 42.06 23.72
C LEU EA 8 28.08 40.94 23.21
N TYR EA 9 29.40 41.15 23.20
CA TYR EA 9 30.34 40.11 22.79
C TYR EA 9 30.25 38.86 23.65
N LYS EA 10 29.77 38.99 24.89
CA LYS EA 10 29.58 37.83 25.76
C LYS EA 10 28.51 36.88 25.25
N ILE EA 11 27.76 37.25 24.20
CA ILE EA 11 26.85 36.29 23.59
C ILE EA 11 27.60 35.06 23.15
N TRP EA 12 28.84 35.21 22.70
CA TRP EA 12 29.63 34.08 22.23
C TRP EA 12 30.28 33.33 23.38
N LEU EA 13 30.09 33.79 24.62
CA LEU EA 13 30.42 33.01 25.81
C LEU EA 13 29.31 32.06 26.22
N ILE EA 14 28.11 32.21 25.66
CA ILE EA 14 26.97 31.38 26.02
C ILE EA 14 26.33 30.69 24.83
N LEU EA 15 26.58 31.13 23.60
CA LEU EA 15 26.06 30.50 22.39
C LEU EA 15 27.22 30.19 21.44
N ASP EA 16 27.23 28.97 20.90
CA ASP EA 16 28.33 28.51 20.06
C ASP EA 16 28.47 29.36 18.82
N PRO EA 17 29.60 30.04 18.62
CA PRO EA 17 29.75 30.91 17.43
C PRO EA 17 29.50 30.20 16.11
N ARG EA 18 30.00 28.97 15.96
CA ARG EA 18 29.92 28.30 14.66
C ARG EA 18 28.49 27.90 14.32
N ARG EA 19 27.72 27.44 15.30
CA ARG EA 19 26.37 26.98 15.00
C ARG EA 19 25.39 28.13 14.85
N VAL EA 20 25.69 29.27 15.47
CA VAL EA 20 24.94 30.49 15.17
C VAL EA 20 25.14 30.87 13.70
N LEU EA 21 26.41 30.87 13.25
CA LEU EA 21 26.72 31.19 11.86
C LEU EA 21 25.96 30.30 10.90
N VAL EA 22 26.02 28.98 11.11
CA VAL EA 22 25.45 28.04 10.13
C VAL EA 22 23.94 28.14 10.11
N SER EA 23 23.32 28.35 11.27
CA SER EA 23 21.90 28.67 11.34
C SER EA 23 21.57 29.88 10.48
N ILE EA 24 22.36 30.94 10.60
CA ILE EA 24 22.14 32.17 9.84
C ILE EA 24 22.18 31.87 8.35
N VAL EA 25 23.18 31.10 7.90
CA VAL EA 25 23.32 30.79 6.47
C VAL EA 25 22.12 29.99 5.99
N ALA EA 26 21.74 28.95 6.74
CA ALA EA 26 20.62 28.14 6.31
C ALA EA 26 19.32 28.94 6.32
N PHE EA 27 19.14 29.79 7.33
CA PHE EA 27 17.93 30.59 7.42
C PHE EA 27 17.84 31.59 6.28
N GLN EA 28 18.95 32.28 5.98
CA GLN EA 28 18.95 33.31 4.96
C GLN EA 28 18.61 32.74 3.58
N ILE EA 29 19.19 31.60 3.22
CA ILE EA 29 18.93 31.03 1.90
C ILE EA 29 17.46 30.65 1.76
N VAL EA 30 16.90 29.96 2.77
CA VAL EA 30 15.49 29.60 2.73
C VAL EA 30 14.62 30.84 2.60
N LEU EA 31 14.88 31.84 3.43
CA LEU EA 31 14.16 33.11 3.39
C LEU EA 31 14.26 33.76 2.01
N GLY EA 32 15.44 33.71 1.40
CA GLY EA 32 15.61 34.29 0.07
C GLY EA 32 14.72 33.62 -0.96
N LEU EA 33 14.69 32.29 -0.97
CA LEU EA 33 13.80 31.57 -1.88
C LEU EA 33 12.35 31.89 -1.60
N LEU EA 34 11.97 31.93 -0.31
CA LEU EA 34 10.60 32.26 0.06
C LEU EA 34 10.19 33.63 -0.47
N ILE EA 35 11.03 34.65 -0.23
CA ILE EA 35 10.65 36.01 -0.62
C ILE EA 35 10.60 36.13 -2.15
N HIS EA 36 11.57 35.56 -2.86
CA HIS EA 36 11.46 35.57 -4.31
C HIS EA 36 10.18 34.88 -4.76
N MET EA 37 9.85 33.74 -4.14
CA MET EA 37 8.59 33.06 -4.49
C MET EA 37 7.39 33.95 -4.22
N ILE EA 38 7.40 34.65 -3.08
CA ILE EA 38 6.25 35.50 -2.74
C ILE EA 38 6.10 36.63 -3.74
N VAL EA 39 7.17 37.39 -3.98
CA VAL EA 39 7.12 38.51 -4.92
C VAL EA 39 6.64 38.02 -6.30
N LEU EA 40 7.20 36.90 -6.77
CA LEU EA 40 6.85 36.36 -8.08
C LEU EA 40 5.37 35.98 -8.19
N SER EA 41 4.72 35.67 -7.08
CA SER EA 41 3.33 35.28 -7.12
C SER EA 41 2.37 36.47 -7.07
N THR EA 42 2.90 37.68 -7.12
CA THR EA 42 2.13 38.91 -7.00
C THR EA 42 2.28 39.74 -8.28
N ASP EA 43 1.63 40.90 -8.25
CA ASP EA 43 1.71 41.89 -9.33
C ASP EA 43 3.14 42.36 -9.59
N LEU EA 44 4.06 42.19 -8.63
CA LEU EA 44 5.43 42.65 -8.83
C LEU EA 44 6.28 41.67 -9.64
N ASN EA 45 5.76 40.48 -9.95
CA ASN EA 45 6.44 39.52 -10.82
C ASN EA 45 7.12 40.22 -11.98
N TRP EA 46 8.42 39.95 -12.14
CA TRP EA 46 9.25 40.60 -13.14
C TRP EA 46 9.64 39.67 -14.27
N LEU EA 47 9.30 38.38 -14.20
CA LEU EA 47 9.66 37.42 -15.24
C LEU EA 47 8.60 37.34 -16.32
N ASP EA 48 7.32 37.31 -15.94
CA ASP EA 48 6.21 37.16 -16.88
C ASP EA 48 5.41 38.44 -17.05
N ASP EA 49 6.01 39.60 -16.81
CA ASP EA 49 5.32 40.86 -16.98
C ASP EA 49 5.46 41.42 -18.39
N ASN EA 50 6.16 40.70 -19.28
CA ASN EA 50 6.39 41.13 -20.67
C ASN EA 50 7.01 42.52 -20.73
N ILE EA 51 7.89 42.81 -19.77
CA ILE EA 51 8.71 44.01 -19.77
C ILE EA 51 10.16 43.57 -19.85
N PRO EA 52 10.97 44.10 -20.78
CA PRO EA 52 10.65 45.22 -21.68
C PRO EA 52 9.78 44.83 -22.88
N VAL EA 53 9.61 43.53 -23.14
CA VAL EA 53 8.86 43.06 -24.29
C VAL EA 53 8.47 41.61 -24.05
N SER EA 54 7.44 41.15 -24.78
CA SER EA 54 7.07 39.74 -24.80
C SER EA 54 7.89 39.04 -25.88
N TYR EA 55 8.77 38.13 -25.46
CA TYR EA 55 9.61 37.42 -26.41
C TYR EA 55 8.86 36.31 -27.14
N GLN EA 56 7.79 35.79 -26.56
CA GLN EA 56 7.00 34.76 -27.23
C GLN EA 56 6.14 35.36 -28.34
N ALA EA 57 5.37 36.40 -28.02
CA ALA EA 57 4.60 37.10 -29.03
C ALA EA 57 5.47 37.64 -30.15
N LEU EA 58 6.77 37.77 -29.91
CA LEU EA 58 7.74 38.16 -30.92
C LEU EA 58 7.92 37.11 -32.01
N GLY EA 59 7.49 35.87 -31.77
CA GLY EA 59 7.55 34.82 -32.76
C GLY EA 59 6.19 34.30 -33.19
N SER FA 6 34.40 29.00 30.14
CA SER FA 6 33.04 29.47 29.91
C SER FA 6 32.17 28.39 29.26
N LEU FA 7 30.90 28.73 29.06
CA LEU FA 7 29.92 27.75 28.57
C LEU FA 7 30.23 27.29 27.15
N THR FA 8 30.77 28.18 26.31
CA THR FA 8 31.07 27.84 24.93
C THR FA 8 32.49 27.32 24.72
N GLY FA 9 33.41 27.62 25.62
CA GLY FA 9 34.80 27.26 25.42
C GLY FA 9 35.65 28.35 24.81
N LEU FA 10 35.26 29.61 24.97
CA LEU FA 10 36.00 30.74 24.43
C LEU FA 10 36.49 31.62 25.56
N THR FA 11 37.73 32.07 25.46
CA THR FA 11 38.20 33.07 26.40
C THR FA 11 37.46 34.38 26.16
N ASP FA 12 37.50 35.26 27.16
CA ASP FA 12 36.81 36.54 27.01
C ASP FA 12 37.37 37.33 25.83
N ASP FA 13 38.71 37.30 25.66
CA ASP FA 13 39.33 37.93 24.50
C ASP FA 13 38.91 37.25 23.20
N GLU FA 14 38.73 35.93 23.20
CA GLU FA 14 38.36 35.23 21.97
C GLU FA 14 36.94 35.58 21.54
N ALA FA 15 36.03 35.77 22.51
CA ALA FA 15 34.68 36.22 22.19
C ALA FA 15 34.69 37.68 21.74
N LYS FA 16 35.67 38.46 22.19
CA LYS FA 16 35.81 39.82 21.68
C LYS FA 16 36.30 39.82 20.24
N GLU FA 17 37.16 38.87 19.89
CA GLU FA 17 37.70 38.85 18.53
C GLU FA 17 36.63 38.36 17.55
N PHE FA 18 35.96 37.27 17.89
CA PHE FA 18 34.91 36.77 17.03
C PHE FA 18 33.81 37.82 16.82
N HIS FA 19 33.43 38.52 17.89
CA HIS FA 19 32.38 39.53 17.78
C HIS FA 19 32.77 40.61 16.80
N ALA FA 20 33.98 41.17 16.92
CA ALA FA 20 34.46 42.18 15.98
C ALA FA 20 34.35 41.70 14.53
N ILE FA 21 34.77 40.47 14.23
CA ILE FA 21 34.75 40.00 12.85
C ILE FA 21 33.33 39.68 12.43
N PHE FA 22 32.55 39.06 13.32
CA PHE FA 22 31.16 38.79 13.06
C PHE FA 22 30.38 40.07 12.76
N MET FA 23 30.64 41.13 13.54
CA MET FA 23 29.85 42.35 13.41
C MET FA 23 30.21 43.13 12.16
N GLN FA 24 31.50 43.23 11.84
CA GLN FA 24 31.91 43.82 10.56
C GLN FA 24 31.33 43.03 9.39
N SER FA 25 31.32 41.70 9.48
CA SER FA 25 30.83 40.89 8.38
C SER FA 25 29.33 41.03 8.20
N MET FA 26 28.58 41.10 9.31
CA MET FA 26 27.13 41.23 9.21
C MET FA 26 26.72 42.61 8.74
N TYR FA 27 27.44 43.64 9.16
CA TYR FA 27 27.16 44.98 8.68
C TYR FA 27 27.42 45.10 7.18
N ALA FA 28 28.40 44.36 6.67
CA ALA FA 28 28.66 44.40 5.24
C ALA FA 28 27.56 43.69 4.45
N TRP FA 29 27.13 42.52 4.94
CA TRP FA 29 25.97 41.84 4.37
C TRP FA 29 24.74 42.74 4.40
N PHE FA 30 24.53 43.45 5.52
CA PHE FA 30 23.40 44.36 5.59
C PHE FA 30 23.56 45.53 4.62
N GLY FA 31 24.80 46.01 4.43
CA GLY FA 31 25.05 46.99 3.39
C GLY FA 31 24.70 46.46 2.00
N LEU FA 32 25.01 45.18 1.74
CA LEU FA 32 24.69 44.61 0.43
C LEU FA 32 23.19 44.52 0.21
N VAL FA 33 22.43 44.23 1.28
CA VAL FA 33 20.98 44.14 1.19
C VAL FA 33 20.37 45.51 0.88
N VAL FA 34 20.95 46.58 1.45
CA VAL FA 34 20.41 47.92 1.23
C VAL FA 34 20.65 48.36 -0.21
N ILE FA 35 21.80 48.00 -0.77
CA ILE FA 35 22.08 48.37 -2.15
C ILE FA 35 21.11 47.66 -3.09
N ALA FA 36 20.86 46.37 -2.86
CA ALA FA 36 19.93 45.64 -3.70
C ALA FA 36 18.53 46.22 -3.61
N HIS FA 37 18.12 46.64 -2.40
CA HIS FA 37 16.81 47.26 -2.22
C HIS FA 37 16.76 48.69 -2.74
N LEU FA 38 17.90 49.39 -2.80
CA LEU FA 38 17.91 50.68 -3.49
C LEU FA 38 17.68 50.50 -4.98
N LEU FA 39 18.38 49.54 -5.60
CA LEU FA 39 18.15 49.24 -7.00
C LEU FA 39 16.71 48.84 -7.25
N ALA FA 40 16.15 48.03 -6.36
CA ALA FA 40 14.78 47.55 -6.53
C ALA FA 40 13.77 48.67 -6.43
N TRP FA 41 13.95 49.57 -5.46
CA TRP FA 41 13.02 50.69 -5.31
C TRP FA 41 13.09 51.64 -6.50
N LEU FA 42 14.30 51.89 -7.01
CA LEU FA 42 14.43 52.73 -8.20
C LEU FA 42 13.79 52.07 -9.41
N TYR FA 43 13.85 50.75 -9.51
CA TYR FA 43 13.31 50.08 -10.69
C TYR FA 43 11.82 49.81 -10.57
N ARG FA 44 11.36 49.35 -9.41
CA ARG FA 44 9.97 48.91 -9.24
C ARG FA 44 9.51 49.29 -7.83
N PRO FA 45 9.28 50.57 -7.59
CA PRO FA 45 8.81 50.97 -6.24
C PRO FA 45 7.51 50.25 -5.91
N TRP FA 46 7.43 49.72 -4.69
CA TRP FA 46 6.35 48.84 -4.28
C TRP FA 46 5.45 49.45 -3.21
N LEU FA 47 5.76 50.65 -2.74
CA LEU FA 47 4.92 51.33 -1.76
C LEU FA 47 4.47 52.66 -2.34
N THR GA 3 5.91 49.28 37.25
CA THR GA 3 5.25 48.52 38.29
C THR GA 3 5.64 47.04 38.25
N MET GA 4 6.95 46.77 38.22
CA MET GA 4 7.47 45.41 38.15
C MET GA 4 8.01 44.98 39.50
N ASN GA 5 8.70 43.84 39.53
CA ASN GA 5 9.25 43.25 40.74
C ASN GA 5 10.77 43.35 40.72
N ALA GA 6 11.35 43.73 41.86
CA ALA GA 6 12.79 43.98 41.92
C ALA GA 6 13.60 42.68 41.91
N ASN GA 7 12.98 41.55 42.24
CA ASN GA 7 13.62 40.25 42.10
C ASN GA 7 13.09 39.48 40.90
N LEU GA 8 12.69 40.18 39.85
CA LEU GA 8 12.33 39.51 38.62
C LEU GA 8 13.53 38.84 37.97
N TYR GA 9 14.76 39.29 38.30
CA TYR GA 9 15.95 38.68 37.73
C TYR GA 9 16.14 37.23 38.21
N LYS GA 10 15.49 36.84 39.30
CA LYS GA 10 15.64 35.48 39.82
C LYS GA 10 15.02 34.47 38.86
N ILE GA 11 14.34 34.94 37.81
CA ILE GA 11 13.80 34.00 36.82
C ILE GA 11 14.93 33.24 36.16
N TRP GA 12 16.12 33.82 36.10
CA TRP GA 12 17.28 33.17 35.51
C TRP GA 12 17.88 32.11 36.43
N LEU GA 13 17.40 31.99 37.66
CA LEU GA 13 17.75 30.86 38.50
C LEU GA 13 16.83 29.66 38.28
N ILE GA 14 15.80 29.83 37.44
CA ILE GA 14 14.82 28.78 37.18
C ILE GA 14 14.84 28.35 35.72
N LEU GA 15 14.97 29.30 34.80
CA LEU GA 15 15.05 29.03 33.37
C LEU GA 15 16.47 29.33 32.89
N ASP GA 16 17.03 28.44 32.07
CA ASP GA 16 18.41 28.59 31.63
C ASP GA 16 18.49 29.72 30.61
N PRO GA 17 19.21 30.81 30.91
CA PRO GA 17 19.06 32.04 30.10
C PRO GA 17 19.50 31.91 28.66
N ARG GA 18 20.61 31.21 28.39
CA ARG GA 18 21.02 31.01 27.00
C ARG GA 18 20.00 30.18 26.23
N ARG GA 19 19.28 29.30 26.91
CA ARG GA 19 18.29 28.50 26.21
C ARG GA 19 17.03 29.30 25.93
N VAL GA 20 16.69 30.22 26.84
CA VAL GA 20 15.54 31.08 26.62
C VAL GA 20 15.77 31.99 25.42
N LEU GA 21 17.01 32.44 25.23
CA LEU GA 21 17.34 33.31 24.11
C LEU GA 21 17.01 32.65 22.77
N VAL GA 22 17.38 31.37 22.61
CA VAL GA 22 17.16 30.68 21.35
C VAL GA 22 15.66 30.50 21.09
N SER GA 23 14.91 30.20 22.14
CA SER GA 23 13.48 29.98 22.03
C SER GA 23 12.74 31.26 21.65
N ILE GA 24 13.15 32.39 22.20
CA ILE GA 24 12.52 33.66 21.88
C ILE GA 24 12.74 34.01 20.42
N VAL GA 25 13.98 33.90 19.96
CA VAL GA 25 14.35 34.29 18.60
C VAL GA 25 13.60 33.45 17.59
N ALA GA 26 13.50 32.14 17.81
CA ALA GA 26 12.85 31.34 16.80
C ALA GA 26 11.34 31.49 16.87
N PHE GA 27 10.77 31.73 18.06
CA PHE GA 27 9.36 32.10 18.15
C PHE GA 27 9.06 33.40 17.41
N GLN GA 28 9.90 34.42 17.61
CA GLN GA 28 9.65 35.72 17.00
C GLN GA 28 9.74 35.67 15.48
N ILE GA 29 10.68 34.90 14.94
CA ILE GA 29 10.77 34.73 13.49
C ILE GA 29 9.50 34.09 12.95
N VAL GA 30 9.08 32.99 13.58
CA VAL GA 30 7.86 32.30 13.15
C VAL GA 30 6.64 33.20 13.28
N LEU GA 31 6.54 33.94 14.39
CA LEU GA 31 5.42 34.87 14.54
C LEU GA 31 5.45 35.94 13.46
N GLY GA 32 6.66 36.44 13.15
CA GLY GA 32 6.77 37.45 12.10
C GLY GA 32 6.34 36.93 10.74
N LEU GA 33 6.72 35.68 10.43
CA LEU GA 33 6.26 35.04 9.21
C LEU GA 33 4.74 34.95 9.17
N LEU GA 34 4.12 34.54 10.28
CA LEU GA 34 2.66 34.42 10.32
C LEU GA 34 1.99 35.77 10.13
N ILE GA 35 2.46 36.80 10.83
CA ILE GA 35 1.76 38.08 10.79
C ILE GA 35 1.82 38.69 9.40
N HIS GA 36 2.97 38.61 8.73
CA HIS GA 36 3.03 39.10 7.35
C HIS GA 36 2.01 38.37 6.47
N MET GA 37 1.88 37.04 6.64
CA MET GA 37 0.94 36.29 5.81
C MET GA 37 -0.51 36.72 6.08
N ILE GA 38 -0.89 36.81 7.36
CA ILE GA 38 -2.25 37.20 7.70
C ILE GA 38 -2.58 38.58 7.13
N VAL GA 39 -1.71 39.56 7.38
CA VAL GA 39 -1.94 40.91 6.83
C VAL GA 39 -2.03 40.85 5.30
N LEU GA 40 -1.21 40.03 4.65
CA LEU GA 40 -1.29 39.91 3.19
C LEU GA 40 -2.63 39.36 2.74
N SER GA 41 -3.31 38.58 3.57
CA SER GA 41 -4.60 37.99 3.21
C SER GA 41 -5.76 38.99 3.24
N THR GA 42 -5.53 40.25 3.59
CA THR GA 42 -6.56 41.23 3.84
C THR GA 42 -6.42 42.44 2.90
N ASP GA 43 -7.39 43.36 3.01
CA ASP GA 43 -7.38 44.63 2.27
C ASP GA 43 -6.11 45.44 2.49
N LEU GA 44 -5.36 45.19 3.56
CA LEU GA 44 -4.12 45.92 3.79
C LEU GA 44 -2.96 45.44 2.94
N ASN GA 45 -3.15 44.43 2.09
CA ASN GA 45 -2.09 43.87 1.25
C ASN GA 45 -1.33 44.96 0.50
N TRP GA 46 -0.01 45.01 0.70
CA TRP GA 46 0.81 46.03 0.08
C TRP GA 46 1.50 45.55 -1.19
N LEU GA 47 1.46 44.26 -1.48
CA LEU GA 47 2.10 43.71 -2.66
C LEU GA 47 1.18 43.68 -3.89
N ASP GA 48 -0.12 43.45 -3.70
CA ASP GA 48 -1.06 43.29 -4.80
C ASP GA 48 -2.04 44.45 -4.94
N ASP GA 49 -1.74 45.60 -4.35
CA ASP GA 49 -2.67 46.73 -4.34
C ASP GA 49 -2.47 47.68 -5.52
N ASN GA 50 -1.52 47.39 -6.41
CA ASN GA 50 -1.23 48.23 -7.58
C ASN GA 50 -0.81 49.64 -7.16
N ILE GA 51 -0.18 49.76 -6.00
CA ILE GA 51 0.32 51.03 -5.51
C ILE GA 51 1.84 50.92 -5.39
N PRO GA 52 2.61 51.82 -6.01
CA PRO GA 52 2.17 53.02 -6.73
C PRO GA 52 1.49 52.77 -8.07
N VAL GA 53 1.82 51.68 -8.77
CA VAL GA 53 1.19 51.34 -10.04
C VAL GA 53 1.02 49.83 -10.12
N SER GA 54 0.15 49.41 -11.04
CA SER GA 54 0.08 48.00 -11.43
C SER GA 54 1.17 47.73 -12.45
N TYR GA 55 2.11 46.85 -12.11
CA TYR GA 55 3.21 46.58 -13.02
C TYR GA 55 2.88 45.52 -14.05
N GLN GA 56 1.78 44.81 -13.90
CA GLN GA 56 1.33 43.90 -14.94
C GLN GA 56 0.61 44.64 -16.05
N ALA GA 57 -0.09 45.72 -15.72
CA ALA GA 57 -0.79 46.54 -16.70
C ALA GA 57 0.14 47.48 -17.46
N LEU GA 58 1.41 47.58 -17.06
CA LEU GA 58 2.38 48.36 -17.82
C LEU GA 58 2.81 47.67 -19.09
N GLY GA 59 2.63 46.36 -19.19
CA GLY GA 59 2.96 45.62 -20.39
C GLY GA 59 1.75 45.12 -21.14
N LEU HA 7 18.89 26.05 40.17
CA LEU HA 7 18.51 24.96 39.28
C LEU HA 7 19.23 25.10 37.93
N THR HA 8 19.37 26.35 37.47
CA THR HA 8 20.16 26.66 36.29
C THR HA 8 21.66 26.67 36.57
N GLY HA 9 22.06 26.54 37.84
CA GLY HA 9 23.46 26.60 38.20
C GLY HA 9 24.05 27.99 38.34
N LEU HA 10 23.35 29.03 37.87
CA LEU HA 10 23.90 30.38 37.97
C LEU HA 10 23.87 30.87 39.41
N THR HA 11 24.85 31.71 39.75
CA THR HA 11 24.81 32.38 41.04
C THR HA 11 23.88 33.58 40.97
N ASP HA 12 23.70 34.21 42.14
CA ASP HA 12 22.76 35.32 42.22
C ASP HA 12 23.25 36.53 41.43
N ASP HA 13 24.56 36.82 41.52
CA ASP HA 13 25.13 37.95 40.79
C ASP HA 13 25.12 37.69 39.29
N GLU HA 14 25.35 36.45 38.86
CA GLU HA 14 25.37 36.14 37.44
C GLU HA 14 24.01 36.41 36.81
N ALA HA 15 22.92 35.99 37.48
CA ALA HA 15 21.58 36.25 36.97
C ALA HA 15 21.32 37.75 36.85
N LYS HA 16 21.85 38.54 37.79
CA LYS HA 16 21.69 39.98 37.67
C LYS HA 16 22.43 40.52 36.44
N GLU HA 17 23.69 40.10 36.23
CA GLU HA 17 24.40 40.55 35.04
C GLU HA 17 23.65 40.15 33.77
N PHE HA 18 23.18 38.89 33.69
CA PHE HA 18 22.42 38.51 32.50
C PHE HA 18 21.15 39.33 32.38
N HIS HA 19 20.43 39.52 33.49
CA HIS HA 19 19.14 40.19 33.40
C HIS HA 19 19.30 41.61 32.88
N ALA HA 20 20.35 42.32 33.33
CA ALA HA 20 20.58 43.69 32.87
C ALA HA 20 20.76 43.74 31.35
N ILE HA 21 21.62 42.89 30.81
CA ILE HA 21 21.79 42.86 29.36
C ILE HA 21 20.48 42.45 28.68
N PHE HA 22 19.82 41.40 29.19
CA PHE HA 22 18.57 40.92 28.56
C PHE HA 22 17.54 42.04 28.49
N MET HA 23 17.33 42.76 29.60
CA MET HA 23 16.33 43.81 29.65
C MET HA 23 16.65 44.93 28.67
N GLN HA 24 17.91 45.38 28.66
CA GLN HA 24 18.33 46.41 27.71
C GLN HA 24 18.16 45.95 26.27
N SER HA 25 18.40 44.66 26.00
CA SER HA 25 18.28 44.17 24.65
C SER HA 25 16.84 43.98 24.23
N MET HA 26 15.99 43.49 25.16
CA MET HA 26 14.57 43.35 24.86
C MET HA 26 13.92 44.70 24.64
N TYR HA 27 14.29 45.69 25.45
CA TYR HA 27 13.73 47.03 25.28
C TYR HA 27 14.17 47.64 23.96
N ALA HA 28 15.43 47.44 23.58
CA ALA HA 28 15.89 47.95 22.28
C ALA HA 28 15.08 47.32 21.15
N TRP HA 29 14.84 46.01 21.24
CA TRP HA 29 14.04 45.31 20.23
C TRP HA 29 12.63 45.89 20.16
N PHE HA 30 11.96 46.02 21.30
CA PHE HA 30 10.62 46.59 21.30
C PHE HA 30 10.61 48.01 20.74
N GLY HA 31 11.70 48.76 20.95
CA GLY HA 31 11.77 50.11 20.38
C GLY HA 31 11.82 50.09 18.87
N LEU HA 32 12.59 49.15 18.29
CA LEU HA 32 12.60 48.99 16.84
C LEU HA 32 11.23 48.60 16.33
N VAL HA 33 10.51 47.78 17.10
CA VAL HA 33 9.15 47.36 16.73
C VAL HA 33 8.22 48.57 16.71
N VAL HA 34 8.37 49.45 17.71
CA VAL HA 34 7.55 50.65 17.79
C VAL HA 34 7.78 51.52 16.55
N ILE HA 35 9.05 51.74 16.20
CA ILE HA 35 9.38 52.53 15.01
C ILE HA 35 8.72 51.94 13.77
N ALA HA 36 8.74 50.60 13.65
CA ALA HA 36 8.12 49.97 12.49
C ALA HA 36 6.63 50.28 12.44
N HIS HA 37 5.95 50.16 13.59
CA HIS HA 37 4.52 50.41 13.64
C HIS HA 37 4.18 51.88 13.45
N LEU HA 38 5.05 52.78 13.93
CA LEU HA 38 4.88 54.19 13.62
C LEU HA 38 4.94 54.42 12.12
N LEU HA 39 5.95 53.84 11.46
CA LEU HA 39 6.07 53.96 10.01
C LEU HA 39 4.89 53.31 9.30
N ALA HA 40 4.47 52.12 9.76
CA ALA HA 40 3.33 51.47 9.13
C ALA HA 40 2.05 52.28 9.28
N TRP HA 41 1.86 52.92 10.45
CA TRP HA 41 0.67 53.73 10.68
C TRP HA 41 0.68 55.00 9.84
N LEU HA 42 1.86 55.60 9.66
CA LEU HA 42 1.95 56.78 8.79
C LEU HA 42 1.62 56.44 7.35
N TYR HA 43 2.08 55.27 6.88
CA TYR HA 43 1.83 54.87 5.49
C TYR HA 43 0.42 54.34 5.30
N ARG HA 44 -0.06 53.51 6.22
CA ARG HA 44 -1.28 52.73 6.01
C ARG HA 44 -1.98 52.51 7.34
N PRO HA 45 -2.62 53.55 7.89
CA PRO HA 45 -3.33 53.38 9.17
C PRO HA 45 -4.46 52.37 9.01
N TRP HA 46 -4.62 51.52 10.02
CA TRP HA 46 -5.46 50.34 9.90
C TRP HA 46 -6.65 50.31 10.83
N LEU HA 47 -6.73 51.21 11.80
CA LEU HA 47 -7.91 51.35 12.64
C LEU HA 47 -8.59 52.69 12.40
N THR IA 3 -10.91 36.65 48.75
CA THR IA 3 -10.93 35.66 49.82
C THR IA 3 -9.92 34.54 49.56
N MET IA 4 -8.71 34.93 49.16
CA MET IA 4 -7.66 33.93 48.90
C MET IA 4 -7.15 33.34 50.21
N ASN IA 5 -6.98 32.02 50.21
CA ASN IA 5 -6.51 31.33 51.40
C ASN IA 5 -5.08 31.75 51.75
N ALA IA 6 -4.79 31.79 53.05
CA ALA IA 6 -3.47 32.21 53.50
C ALA IA 6 -2.41 31.18 53.12
N ASN IA 7 -2.77 29.91 53.01
CA ASN IA 7 -1.85 28.86 52.64
C ASN IA 7 -1.99 28.43 51.19
N LEU IA 8 -2.52 29.30 50.34
CA LEU IA 8 -2.59 28.98 48.92
C LEU IA 8 -1.21 28.86 48.30
N TYR IA 9 -0.20 29.50 48.91
CA TYR IA 9 1.17 29.39 48.41
C TYR IA 9 1.68 27.96 48.44
N LYS IA 10 1.10 27.11 49.28
CA LYS IA 10 1.56 25.74 49.37
C LYS IA 10 1.31 24.94 48.10
N ILE IA 11 0.59 25.50 47.12
CA ILE IA 11 0.38 24.80 45.86
C ILE IA 11 1.70 24.53 45.17
N TRP IA 12 2.71 25.39 45.37
CA TRP IA 12 4.02 25.18 44.77
C TRP IA 12 4.81 24.09 45.48
N LEU IA 13 4.29 23.55 46.58
CA LEU IA 13 4.81 22.33 47.16
C LEU IA 13 4.25 21.10 46.47
N ILE IA 14 3.22 21.27 45.64
CA ILE IA 14 2.57 20.18 44.93
C ILE IA 14 2.80 20.28 43.43
N LEU IA 15 2.82 21.50 42.90
CA LEU IA 15 2.96 21.74 41.47
C LEU IA 15 4.29 22.44 41.21
N ASP IA 16 5.06 21.86 40.32
CA ASP IA 16 6.42 22.31 40.08
C ASP IA 16 6.42 23.65 39.34
N PRO IA 17 7.18 24.64 39.82
CA PRO IA 17 7.22 25.95 39.14
C PRO IA 17 7.58 25.88 37.66
N ARG IA 18 8.68 25.22 37.29
CA ARG IA 18 9.13 25.28 35.90
C ARG IA 18 8.07 24.74 34.93
N ARG IA 19 7.48 23.59 35.24
CA ARG IA 19 6.51 22.98 34.33
C ARG IA 19 5.21 23.77 34.26
N VAL IA 20 4.79 24.37 35.38
CA VAL IA 20 3.60 25.22 35.35
C VAL IA 20 3.84 26.45 34.49
N LEU IA 21 5.00 27.10 34.68
CA LEU IA 21 5.36 28.27 33.88
C LEU IA 21 5.39 27.95 32.39
N VAL IA 22 6.02 26.83 32.01
CA VAL IA 22 6.04 26.42 30.60
C VAL IA 22 4.63 26.16 30.11
N SER IA 23 3.83 25.46 30.92
CA SER IA 23 2.46 25.14 30.53
C SER IA 23 1.65 26.40 30.27
N ILE IA 24 1.80 27.42 31.14
CA ILE IA 24 1.03 28.65 31.01
C ILE IA 24 1.46 29.42 29.75
N VAL IA 25 2.77 29.53 29.53
CA VAL IA 25 3.22 30.28 28.37
C VAL IA 25 2.73 29.61 27.08
N ALA IA 26 2.84 28.28 27.01
CA ALA IA 26 2.39 27.59 25.79
C ALA IA 26 0.89 27.77 25.59
N PHE IA 27 0.11 27.56 26.65
CA PHE IA 27 -1.35 27.67 26.52
C PHE IA 27 -1.77 29.09 26.14
N GLN IA 28 -1.17 30.10 26.77
CA GLN IA 28 -1.56 31.49 26.51
C GLN IA 28 -1.20 31.90 25.09
N ILE IA 29 -0.05 31.44 24.59
CA ILE IA 29 0.32 31.71 23.20
C ILE IA 29 -0.70 31.11 22.25
N VAL IA 30 -1.11 29.86 22.49
CA VAL IA 30 -2.11 29.23 21.63
C VAL IA 30 -3.43 29.99 21.72
N LEU IA 31 -3.81 30.37 22.93
CA LEU IA 31 -5.12 30.97 23.14
C LEU IA 31 -5.20 32.35 22.50
N GLY IA 32 -4.14 33.13 22.60
CA GLY IA 32 -4.13 34.43 21.94
C GLY IA 32 -4.13 34.32 20.43
N LEU IA 33 -3.41 33.32 19.89
CA LEU IA 33 -3.46 33.11 18.45
C LEU IA 33 -4.86 32.68 18.00
N LEU IA 34 -5.49 31.80 18.79
CA LEU IA 34 -6.84 31.34 18.47
C LEU IA 34 -7.85 32.49 18.51
N ILE IA 35 -7.85 33.28 19.59
CA ILE IA 35 -8.84 34.35 19.72
C ILE IA 35 -8.70 35.35 18.58
N HIS IA 36 -7.47 35.73 18.22
CA HIS IA 36 -7.30 36.66 17.10
C HIS IA 36 -7.89 36.08 15.82
N MET IA 37 -7.67 34.79 15.58
CA MET IA 37 -8.18 34.22 14.33
C MET IA 37 -9.69 34.02 14.37
N ILE IA 38 -10.26 33.69 15.53
CA ILE IA 38 -11.72 33.63 15.66
C ILE IA 38 -12.33 35.01 15.35
N VAL IA 39 -11.85 36.06 16.01
CA VAL IA 39 -12.41 37.39 15.82
C VAL IA 39 -12.25 37.83 14.38
N LEU IA 40 -11.09 37.55 13.78
CA LEU IA 40 -10.85 37.90 12.38
C LEU IA 40 -11.82 37.22 11.43
N SER IA 41 -12.38 36.07 11.79
CA SER IA 41 -13.32 35.45 10.86
C SER IA 41 -14.77 35.90 11.07
N THR IA 42 -15.00 36.98 11.82
CA THR IA 42 -16.35 37.50 12.06
C THR IA 42 -16.47 38.94 11.55
N ASP IA 43 -17.63 39.52 11.84
CA ASP IA 43 -17.92 40.90 11.48
C ASP IA 43 -17.05 41.89 12.26
N LEU IA 44 -16.44 41.44 13.37
CA LEU IA 44 -15.53 42.26 14.16
C LEU IA 44 -14.16 42.42 13.52
N ASN IA 45 -13.87 41.68 12.44
CA ASN IA 45 -12.64 41.78 11.67
C ASN IA 45 -12.24 43.23 11.44
N TRP IA 46 -11.03 43.56 11.91
CA TRP IA 46 -10.54 44.94 11.88
C TRP IA 46 -9.51 45.19 10.78
N LEU IA 47 -9.09 44.15 10.07
CA LEU IA 47 -8.13 44.24 8.98
C LEU IA 47 -8.80 44.37 7.61
N ASP IA 48 -9.98 43.77 7.45
CA ASP IA 48 -10.67 43.74 6.16
C ASP IA 48 -11.90 44.64 6.12
N ASP IA 49 -12.07 45.54 7.09
CA ASP IA 49 -13.30 46.33 7.19
C ASP IA 49 -13.22 47.66 6.43
N ASN IA 50 -12.20 47.86 5.59
CA ASN IA 50 -12.04 49.10 4.81
C ASN IA 50 -12.09 50.35 5.70
N ILE IA 51 -11.74 50.20 6.98
CA ILE IA 51 -11.73 51.30 7.94
C ILE IA 51 -10.28 51.55 8.35
N PRO IA 52 -9.77 52.78 8.25
CA PRO IA 52 -10.45 54.02 7.85
C PRO IA 52 -10.70 54.13 6.34
N VAL IA 53 -10.00 53.33 5.54
CA VAL IA 53 -10.18 53.34 4.10
C VAL IA 53 -9.85 51.95 3.57
N SER IA 54 -10.37 51.65 2.38
CA SER IA 54 -9.97 50.47 1.63
C SER IA 54 -8.72 50.80 0.82
N TYR IA 55 -7.68 49.99 0.98
CA TYR IA 55 -6.42 50.28 0.31
C TYR IA 55 -6.29 49.57 -1.03
N GLN IA 56 -7.11 48.54 -1.29
CA GLN IA 56 -7.25 48.03 -2.64
C GLN IA 56 -8.16 48.90 -3.49
N ALA IA 57 -9.02 49.72 -2.86
CA ALA IA 57 -9.88 50.63 -3.60
C ALA IA 57 -9.11 51.85 -4.07
N LEU IA 58 -8.30 52.44 -3.18
CA LEU IA 58 -7.41 53.54 -3.56
C LEU IA 58 -6.22 52.98 -4.34
N GLY IA 59 -6.50 52.11 -5.31
CA GLY IA 59 -5.46 51.44 -6.07
C GLY IA 59 -5.94 50.15 -6.69
N LYS JA 5 10.06 17.42 53.10
CA LYS JA 5 10.29 16.60 51.92
C LYS JA 5 9.13 16.75 50.94
N SER JA 6 9.04 17.93 50.32
CA SER JA 6 7.91 18.22 49.45
C SER JA 6 8.04 17.51 48.11
N LEU JA 7 6.93 17.46 47.38
CA LEU JA 7 6.94 16.79 46.09
C LEU JA 7 7.79 17.56 45.08
N THR JA 8 7.79 18.89 45.14
CA THR JA 8 8.50 19.69 44.15
C THR JA 8 9.95 19.94 44.51
N GLY JA 9 10.35 19.73 45.77
CA GLY JA 9 11.65 20.11 46.26
C GLY JA 9 11.71 21.48 46.90
N LEU JA 10 10.66 22.27 46.79
CA LEU JA 10 10.65 23.59 47.41
C LEU JA 10 10.35 23.46 48.91
N THR JA 11 11.09 24.20 49.71
CA THR JA 11 10.73 24.37 51.12
C THR JA 11 9.51 25.26 51.23
N ASP JA 12 8.96 25.35 52.45
CA ASP JA 12 7.81 26.21 52.67
C ASP JA 12 8.15 27.67 52.37
N ASP JA 13 9.33 28.13 52.81
CA ASP JA 13 9.74 29.50 52.57
C ASP JA 13 9.91 29.77 51.08
N GLU JA 14 10.40 28.80 50.32
CA GLU JA 14 10.57 28.98 48.87
C GLU JA 14 9.22 29.07 48.17
N ALA JA 15 8.25 28.26 48.59
CA ALA JA 15 6.92 28.33 48.02
C ALA JA 15 6.29 29.70 48.26
N LYS JA 16 6.36 30.19 49.50
CA LYS JA 16 5.90 31.54 49.81
C LYS JA 16 6.57 32.58 48.92
N GLU JA 17 7.89 32.47 48.75
CA GLU JA 17 8.64 33.43 47.93
C GLU JA 17 8.24 33.32 46.47
N PHE JA 18 8.13 32.10 45.94
CA PHE JA 18 7.69 31.97 44.55
C PHE JA 18 6.25 32.44 44.39
N HIS JA 19 5.37 32.10 45.34
CA HIS JA 19 3.97 32.48 45.22
C HIS JA 19 3.79 33.98 45.13
N ALA JA 20 4.57 34.75 45.90
CA ALA JA 20 4.41 36.20 45.88
C ALA JA 20 4.90 36.79 44.56
N ILE JA 21 5.97 36.23 43.99
CA ILE JA 21 6.42 36.73 42.71
C ILE JA 21 5.49 36.26 41.59
N PHE JA 22 4.91 35.07 41.71
CA PHE JA 22 3.99 34.58 40.69
C PHE JA 22 2.71 35.40 40.70
N MET JA 23 2.19 35.72 41.90
CA MET JA 23 0.93 36.44 41.98
C MET JA 23 1.07 37.87 41.45
N GLN JA 24 2.14 38.57 41.82
CA GLN JA 24 2.35 39.92 41.30
C GLN JA 24 2.47 39.93 39.78
N SER JA 25 3.20 38.95 39.23
CA SER JA 25 3.43 38.90 37.79
C SER JA 25 2.15 38.58 37.04
N MET JA 26 1.33 37.69 37.58
CA MET JA 26 0.05 37.35 36.94
C MET JA 26 -0.93 38.51 37.04
N TYR JA 27 -0.94 39.23 38.17
CA TYR JA 27 -1.81 40.39 38.29
C TYR JA 27 -1.42 41.47 37.27
N ALA JA 28 -0.12 41.74 37.14
CA ALA JA 28 0.33 42.67 36.11
C ALA JA 28 -0.11 42.24 34.72
N TRP JA 29 0.01 40.94 34.42
CA TRP JA 29 -0.42 40.45 33.12
C TRP JA 29 -1.92 40.65 32.93
N PHE JA 30 -2.72 40.26 33.93
CA PHE JA 30 -4.16 40.50 33.84
C PHE JA 30 -4.46 41.98 33.73
N GLY JA 31 -3.66 42.83 34.36
CA GLY JA 31 -3.88 44.26 34.26
C GLY JA 31 -3.74 44.78 32.84
N LEU JA 32 -2.69 44.33 32.15
CA LEU JA 32 -2.57 44.69 30.73
C LEU JA 32 -3.75 44.17 29.92
N VAL JA 33 -4.24 42.98 30.26
CA VAL JA 33 -5.37 42.39 29.54
C VAL JA 33 -6.62 43.24 29.72
N VAL JA 34 -6.86 43.73 30.95
CA VAL JA 34 -8.01 44.61 31.18
C VAL JA 34 -7.87 45.90 30.39
N ILE JA 35 -6.68 46.49 30.39
CA ILE JA 35 -6.46 47.71 29.59
C ILE JA 35 -6.70 47.43 28.12
N ALA JA 36 -6.17 46.30 27.62
CA ALA JA 36 -6.39 45.94 26.22
C ALA JA 36 -7.89 45.86 25.91
N HIS JA 37 -8.67 45.23 26.80
CA HIS JA 37 -10.10 45.09 26.54
C HIS JA 37 -10.86 46.40 26.71
N LEU JA 38 -10.46 47.27 27.63
CA LEU JA 38 -11.10 48.57 27.71
C LEU JA 38 -10.91 49.35 26.40
N LEU JA 39 -9.67 49.32 25.86
CA LEU JA 39 -9.41 49.98 24.59
C LEU JA 39 -10.22 49.35 23.46
N ALA JA 40 -10.25 48.01 23.41
CA ALA JA 40 -11.03 47.34 22.38
C ALA JA 40 -12.51 47.70 22.49
N TRP JA 41 -13.02 47.78 23.71
CA TRP JA 41 -14.44 48.13 23.91
C TRP JA 41 -14.74 49.56 23.49
N LEU JA 42 -13.81 50.49 23.70
CA LEU JA 42 -14.02 51.86 23.25
C LEU JA 42 -13.98 51.97 21.73
N TYR JA 43 -13.14 51.16 21.08
CA TYR JA 43 -13.03 51.26 19.62
C TYR JA 43 -14.14 50.49 18.91
N ARG JA 44 -14.52 49.33 19.44
CA ARG JA 44 -15.37 48.39 18.72
C ARG JA 44 -16.12 47.53 19.73
N PRO JA 45 -17.05 48.12 20.47
CA PRO JA 45 -17.86 47.34 21.40
C PRO JA 45 -18.61 46.24 20.67
N TRP JA 46 -18.64 45.06 21.28
CA TRP JA 46 -19.02 43.84 20.58
C TRP JA 46 -20.25 43.17 21.15
N LEU JA 47 -20.82 43.72 22.22
CA LEU JA 47 -22.08 43.25 22.76
C LEU JA 47 -23.12 44.36 22.75
#